data_3CXH
#
_entry.id   3CXH
#
_cell.length_a   145.540
_cell.length_b   162.970
_cell.length_c   194.230
_cell.angle_alpha   90.00
_cell.angle_beta   104.39
_cell.angle_gamma   90.00
#
_symmetry.space_group_name_H-M   'P 1 21 1'
#
loop_
_entity.id
_entity.type
_entity.pdbx_description
1 polymer 'Cytochrome b-c1 complex subunit 1, mitochondrial'
2 polymer 'Cytochrome b-c1 complex subunit 2, mitochondrial'
3 polymer 'Cytochrome b'
4 polymer 'Cytochrome c1, heme protein, mitochondrial'
5 polymer 'Cytochrome b-c1 complex subunit Rieske, mitochondrial'
6 polymer 'Cytochrome b-c1 complex subunit 6'
7 polymer 'Cytochrome b-c1 complex subunit 7'
8 polymer 'Cytochrome b-c1 complex subunit 8'
9 polymer 'Cytochrome b-c1 complex subunit 9'
10 polymer 'HEAVY CHAIN (VH) OF FV-FRAGMENT'
11 polymer 'LIGHT CHAIN (VL) OF FV-FRAGMENT'
12 polymer 'Cytochrome c iso-2'
13 branched beta-D-fructofuranose-(2-1)-alpha-D-glucopyranose
14 non-polymer UNDECYL-MALTOSIDE
15 non-polymer 'PROTOPORPHYRIN IX CONTAINING FE'
16 non-polymer 'STIGMATELLIN A'
17 non-polymer '(2R)-3-{[(S)-(2-aminoethoxy)(hydroxy)phosphoryl]oxy}-2-(tetradecanoyloxy)propyl octadecanoate'
18 non-polymer '(2R,5R,11S,14R)-2-(butanoyloxy)-5,8,11-trihydroxy-5,11-dioxido-16-oxo-14-[(propanoyloxy)methyl]-4,6,10,12,15-pentaoxa-5,11-diphosphanonadec-1-yl undecanoate'
19 non-polymer '(1R)-2-{[(S)-(2-aminoethoxy)(hydroxy)phosphoryl]oxy}-1-[(heptanoyloxy)methyl]ethyl octadecanoate'
20 non-polymer '(1R)-2-(dodecanoyloxy)-1-[(phosphonooxy)methyl]ethyl tetradecanoate'
21 non-polymer 'FE2/S2 (INORGANIC) CLUSTER'
22 non-polymer '(1R)-2-(phosphonooxy)-1-[(tridecanoyloxy)methyl]ethyl pentadecanoate'
23 water water
#
loop_
_entity_poly.entity_id
_entity_poly.type
_entity_poly.pdbx_seq_one_letter_code
_entity_poly.pdbx_strand_id
1 'polypeptide(L)'
;AEVTQLSNGIVVATEHNPSAHTASVGVVFGSGAANENPYNNGVSNLWKNIFLSKENSAVAAKEGLALSSNISRDFQSYIV
SSLPGSTDKSLDFLNQSFIQQKANLLSSSNFEATKKSVLKQVQDFEDNDHPNRVLEHLHSTAFQNTPLSLPTRGTLESLE
NLVVADLESFANNHFLNSNAVVVGTGNIKHEDLVNSIESKNLSLQTGTKPVLKKKAAFLGSEVRLRDDTLPKAWISLAVE
GEPVNSPNYFVAKLAAQIFGSYNAFEPASRLQGIKLLDNIQEYQLCDNFNHFSLSYKDSGLWGFSTATRNVTMIDDLIHF
TLKQWNRLTISVTDTEVERAKSLLKLQLGQLYESGNPVNDANLLGAEVLIKGSKLSLGEAFKKIDAITVKDVKAWAGKRL
WDQDIAIAGTGQIEGLLDYMRIRSDMSMMRW
;
A,L
2 'polypeptide(L)'
;LTVSARDAPTKISTLAVKVHGGSRYATKDGVAHLLNRFNFQNTNTRSALKLVRESELLGGTFKSTLDREYITLKATFLKD
DLPYYVNALADVLYKTAFKPHELTESVLPAARYDYAVAEQCPVKSAEDQLYAITFRKGLGNPLLYDGVERVSLQDIKDFA
DKVYTKENLEVSGENVVEADLKRFVDESLLSTLPAGKSLVSKSEPKFFLGEENRVRFIGDSVAAIGIPVNKASLAQYEVL
ANYLTSALSELSGLISSAKLDKFTDGGLFTLFVRDQDSAVVSSNIKKIVADLKKGKDLSPAINYTKLKNAVQNESVSSPI
ELNFDAVKDFKLGKFNYVAVGDVSNLPYLDEL
;
B,M
3 'polypeptide(L)'
;MAFRKSNVYLSLVNSYIIDSPQPSSINYWWNMGSLLGLCLVIQIVTGIFMAMHYSSNIELAFSSVEHIMRDVHNGYILRY
LHANGASFFFMVMFMHMAKGLYYGSYRSPRVTLWNVGVIIFILTIATAFLGYCCVYGQMSHWGATVITNLFSAIPFVGND
IVSWLWGGFSVSNPTIQRFFALHYLVPFIIAAMVIMHLMALHIHGSSNPLGITGNLDRIPMHSYFIFKDLVTVFLFMLIL
ALFVFYSPNTLGHPDNYIPGNPLVTPASIVPEWYLLPFYAILRSIPDKLLGVITMFAAILVLLVLPFTDRSVVRGNTFKV
LSKFFFFIFVFNFVLLGQIGACHVEVPYVLMGQIATFIYFAYFLIIVPVISTIENVLFYIGRVNK
;
C,N
4 'polypeptide(L)'
;MTAAEHGLHAPAYAWSHNGPFETFDHASIRRGYQVYREVCAACHSLDRVAWRTLVGVSHTNEEVRNMAEEFEYDDEPDEQ
GNPKKRPGKLSDYIPGPYPNEQAARAANQGALPPDLSLIVKARHGGCDYIFSLLTGYPDEPPAGVALPPGSNYNPYFPGG
SIAMARVLFDDMVEYEDGTPATTSQMAKDVTTFLNWCAEPEHDERKRLGLKTVIILSSLYLLSIWVKKFKWAGIKTRKFV
FNPPKPRK
;
D,O
5 'polypeptide(L)'
;KSTYRTPNFDDVLKENNDADKGRSYAYFMVGAMGLLSSAGAKSTVETFISSMTATADVLAMAKVEVNLAAIPLGKNVVVK
WQGKPVFIRHRTPHEIQEANSVDMSALKDPQTDADRVKDPQWLIMLGICTHLGCVPIGEAGDFGGWFCPCHGSHYDISGR
IRKGPAPLNLEIPAYEFDGDKVIVG
;
E,P
6 'polypeptide(L)'
;GMLELVGEYWEQLKITVVPVVAAAEDDDNEQHEEKAAEGEEKEEENGDEDEDEDEDEDDDDDDDEDEEEEEEVTDQLEDL
REHFKNTEEGKALVHHYEECAERVKIQQQQPGYADLEHKEDCVEEFFHLQHYLDTATAPRLFDKLK
;
F,Q
7 'polypeptide(L)'
;PQSFTSIARIGDYILKSPVLSKLCVPVANQFINLAGYKKLGLKFDDLIAEENPIMQTALRRLPEDESYARAYRIIRAHQT
ELTHHLLPRNEWIKAQEDVPYLLPYILEAEAAAKEKDELDNIEVSK
;
G,R
8 'polypeptide(L)'
;GPPSGKTYMGWWGHMGGPKQKGITSYAVSPYAQKPLQGIFHNAVFNSFRRFKSQFLYVLIPAGIYWYWWKNGNEYNEFLY
SKAGREELERVNV
;
H,S
9 'polypeptide(L)' SFSSLYKTFFKRNAVFVGTIFAGAFVFQTVFDTAITSWYENHNKGKLWKDVKARIAAGDGDDDDE I,T
10 'polypeptide(L)'
;EVKLQESGAGLVQPSQSLSLTCSVTGYSITSGYYWNWIRLFPGNKLEWVGYISNVGDNNYNPSLKDRLSITRDTSKNQFF
LKLNSVTTEDTATYYCARSEYYSVTGYAMDYWGQGTTVTVSSAWRHP
;
J,U
11 'polypeptide(L)'
;DIELTQTPVSLAASLGDRVTISCRASQDINNFLNWYQQKPDGTIKLLIYYTSRLHAGVPSRFSGSGSGTDYSLTISNLEP
EDIATYFCQHHIKFPWTFGAGTKLEIK
;
K,V
12 'polypeptide(L)'
;AKESTGFKPGSAKKGATLFKTRCQQCHTIEEGGPNKVGPNLHGIFGRHSGQVKGYSYTDANINKNVKWDEDSMSEYLTNP
(M3L)KYIPGTKMAFAGLKKEKDRNDLITYMTKAAK
;
W
#
# COMPACT_ATOMS: atom_id res chain seq x y z
N ALA A 1 -65.76 -27.31 4.71
CA ALA A 1 -66.02 -25.85 4.86
C ALA A 1 -67.40 -25.45 4.32
N GLU A 2 -68.46 -25.93 4.98
CA GLU A 2 -69.84 -25.63 4.61
C GLU A 2 -70.30 -24.30 5.20
N VAL A 3 -70.59 -23.33 4.33
CA VAL A 3 -71.02 -22.00 4.77
C VAL A 3 -72.51 -21.93 5.13
N THR A 4 -72.81 -22.05 6.42
CA THR A 4 -74.18 -21.97 6.92
C THR A 4 -74.34 -20.75 7.82
N GLN A 5 -75.21 -19.83 7.42
CA GLN A 5 -75.43 -18.59 8.16
C GLN A 5 -76.90 -18.15 8.20
N LEU A 6 -77.35 -17.71 9.38
CA LEU A 6 -78.73 -17.25 9.58
C LEU A 6 -78.80 -16.07 10.56
N SER A 7 -79.70 -15.11 10.28
CA SER A 7 -79.86 -13.93 11.12
C SER A 7 -81.33 -13.70 11.54
N ASN A 8 -81.53 -13.34 12.81
CA ASN A 8 -82.86 -13.09 13.39
C ASN A 8 -82.69 -12.13 14.57
N GLY A 9 -81.54 -11.46 14.57
CA GLY A 9 -81.15 -10.52 15.62
C GLY A 9 -79.70 -10.91 15.86
N ILE A 10 -79.52 -12.16 16.29
CA ILE A 10 -78.21 -12.75 16.55
C ILE A 10 -77.77 -13.44 15.26
N VAL A 11 -76.51 -13.28 14.87
CA VAL A 11 -76.01 -13.93 13.66
C VAL A 11 -75.31 -15.25 14.01
N VAL A 12 -75.95 -16.35 13.63
CA VAL A 12 -75.43 -17.68 13.89
C VAL A 12 -74.62 -18.21 12.72
N ALA A 13 -73.48 -18.82 13.02
CA ALA A 13 -72.59 -19.39 12.01
C ALA A 13 -72.09 -20.75 12.44
N THR A 14 -72.24 -21.74 11.56
CA THR A 14 -71.79 -23.09 11.85
C THR A 14 -71.03 -23.71 10.69
N GLU A 15 -70.38 -24.82 10.97
CA GLU A 15 -69.60 -25.54 9.97
C GLU A 15 -69.51 -27.00 10.42
N HIS A 16 -70.30 -27.84 9.76
CA HIS A 16 -70.36 -29.26 10.10
C HIS A 16 -69.15 -30.05 9.62
N ASN A 17 -68.68 -30.96 10.46
CA ASN A 17 -67.53 -31.81 10.16
C ASN A 17 -67.85 -33.25 10.60
N PRO A 18 -68.22 -34.12 9.64
CA PRO A 18 -68.57 -35.53 9.90
C PRO A 18 -67.56 -36.21 10.82
N SER A 19 -66.30 -36.18 10.41
CA SER A 19 -65.22 -36.75 11.20
C SER A 19 -64.82 -35.67 12.20
N ALA A 20 -65.09 -35.89 13.48
CA ALA A 20 -64.76 -34.90 14.49
C ALA A 20 -64.62 -35.44 15.90
N HIS A 21 -65.70 -36.00 16.44
CA HIS A 21 -65.76 -36.56 17.79
C HIS A 21 -66.08 -35.54 18.89
N THR A 22 -65.89 -34.25 18.60
CA THR A 22 -66.20 -33.18 19.55
C THR A 22 -66.85 -32.01 18.83
N ALA A 23 -67.28 -31.03 19.62
CA ALA A 23 -67.92 -29.85 19.08
C ALA A 23 -67.49 -28.64 19.88
N SER A 24 -67.53 -27.49 19.23
CA SER A 24 -67.15 -26.24 19.87
C SER A 24 -68.16 -25.16 19.52
N VAL A 25 -68.64 -24.47 20.56
CA VAL A 25 -69.59 -23.39 20.39
C VAL A 25 -69.06 -22.20 21.18
N GLY A 26 -69.24 -21.00 20.63
CA GLY A 26 -68.76 -19.81 21.30
C GLY A 26 -69.16 -18.55 20.58
N VAL A 27 -68.73 -17.41 21.13
CA VAL A 27 -69.03 -16.12 20.53
C VAL A 27 -67.75 -15.36 20.15
N VAL A 28 -67.76 -14.79 18.95
CA VAL A 28 -66.63 -14.02 18.45
C VAL A 28 -67.07 -12.57 18.22
N PHE A 29 -66.41 -11.63 18.89
CA PHE A 29 -66.71 -10.21 18.77
C PHE A 29 -65.74 -9.50 17.83
N GLY A 30 -66.27 -8.61 16.99
CA GLY A 30 -65.45 -7.88 16.03
C GLY A 30 -64.61 -6.76 16.61
N SER A 31 -64.09 -6.98 17.81
CA SER A 31 -63.24 -5.98 18.46
C SER A 31 -62.06 -6.68 19.09
N GLY A 32 -60.91 -6.02 19.08
CA GLY A 32 -59.71 -6.60 19.66
C GLY A 32 -58.83 -5.54 20.29
N ALA A 33 -57.53 -5.82 20.37
CA ALA A 33 -56.58 -4.89 20.96
C ALA A 33 -56.52 -3.57 20.20
N ALA A 34 -56.96 -3.58 18.95
CA ALA A 34 -56.96 -2.37 18.12
C ALA A 34 -58.10 -1.42 18.49
N ASN A 35 -59.11 -1.95 19.19
CA ASN A 35 -60.24 -1.13 19.60
C ASN A 35 -60.05 -0.56 21.00
N GLU A 36 -58.81 -0.63 21.48
CA GLU A 36 -58.49 -0.12 22.80
C GLU A 36 -57.71 1.18 22.65
N ASN A 37 -57.34 1.77 23.78
CA ASN A 37 -56.55 3.00 23.79
C ASN A 37 -55.29 2.71 24.63
N PRO A 38 -54.29 3.60 24.58
CA PRO A 38 -53.04 3.42 25.34
C PRO A 38 -53.22 3.12 26.82
N TYR A 39 -54.34 3.58 27.38
CA TYR A 39 -54.56 3.44 28.82
C TYR A 39 -55.35 2.25 29.35
N ASN A 40 -56.23 1.69 28.52
CA ASN A 40 -57.00 0.52 28.91
C ASN A 40 -56.44 -0.70 28.16
N ASN A 41 -55.31 -0.47 27.49
CA ASN A 41 -54.62 -1.50 26.71
C ASN A 41 -54.36 -2.70 27.60
N GLY A 42 -54.93 -3.84 27.22
CA GLY A 42 -54.77 -5.06 28.00
C GLY A 42 -56.09 -5.46 28.63
N VAL A 43 -57.11 -4.66 28.38
CA VAL A 43 -58.43 -4.91 28.91
C VAL A 43 -59.01 -6.19 28.31
N SER A 44 -58.84 -6.36 27.01
CA SER A 44 -59.35 -7.56 26.34
C SER A 44 -58.64 -8.81 26.87
N ASN A 45 -57.32 -8.72 26.99
CA ASN A 45 -56.53 -9.83 27.51
C ASN A 45 -57.03 -10.16 28.92
N LEU A 46 -57.42 -9.12 29.64
CA LEU A 46 -57.93 -9.25 31.00
C LEU A 46 -59.25 -10.03 30.98
N TRP A 47 -60.15 -9.66 30.09
CA TRP A 47 -61.43 -10.34 29.96
C TRP A 47 -61.19 -11.82 29.62
N LYS A 48 -60.25 -12.08 28.74
CA LYS A 48 -59.90 -13.44 28.34
C LYS A 48 -59.52 -14.26 29.56
N ASN A 49 -58.68 -13.69 30.41
CA ASN A 49 -58.23 -14.40 31.59
C ASN A 49 -59.23 -14.57 32.72
N ILE A 50 -60.22 -13.69 32.83
CA ILE A 50 -61.21 -13.86 33.88
C ILE A 50 -62.23 -14.90 33.44
N PHE A 51 -62.39 -15.04 32.12
CA PHE A 51 -63.29 -16.02 31.53
C PHE A 51 -62.69 -17.42 31.71
N LEU A 52 -61.37 -17.47 31.93
CA LEU A 52 -60.64 -18.72 32.12
C LEU A 52 -60.22 -18.91 33.59
N SER A 53 -60.78 -18.09 34.48
CA SER A 53 -60.47 -18.17 35.90
C SER A 53 -60.87 -19.53 36.49
N LYS A 54 -60.13 -20.01 37.47
CA LYS A 54 -60.40 -21.32 38.09
C LYS A 54 -61.86 -21.52 38.49
N GLU A 55 -62.45 -20.49 39.08
CA GLU A 55 -63.84 -20.54 39.51
C GLU A 55 -64.79 -20.86 38.34
N ASN A 56 -64.73 -20.03 37.30
CA ASN A 56 -65.58 -20.21 36.13
C ASN A 56 -65.24 -21.46 35.32
N SER A 57 -64.11 -22.07 35.61
CA SER A 57 -63.69 -23.28 34.89
C SER A 57 -64.12 -24.55 35.60
N ALA A 58 -64.13 -24.50 36.93
CA ALA A 58 -64.56 -25.65 37.74
C ALA A 58 -66.01 -25.95 37.41
N VAL A 59 -66.79 -24.89 37.18
CA VAL A 59 -68.19 -25.01 36.83
C VAL A 59 -68.32 -25.77 35.51
N ALA A 60 -67.62 -25.28 34.48
CA ALA A 60 -67.63 -25.89 33.16
C ALA A 60 -67.08 -27.33 33.13
N ALA A 61 -66.15 -27.63 34.03
CA ALA A 61 -65.55 -28.95 34.10
C ALA A 61 -66.56 -30.03 34.52
N LYS A 62 -67.35 -29.72 35.55
CA LYS A 62 -68.37 -30.64 36.06
C LYS A 62 -69.39 -30.99 34.98
N GLU A 63 -69.62 -30.04 34.08
CA GLU A 63 -70.56 -30.20 32.98
C GLU A 63 -69.88 -30.88 31.77
N GLY A 64 -68.59 -31.19 31.92
CA GLY A 64 -67.84 -31.83 30.84
C GLY A 64 -67.54 -30.89 29.69
N LEU A 65 -67.17 -29.67 30.04
CA LEU A 65 -66.87 -28.61 29.08
C LEU A 65 -65.47 -28.04 29.27
N ALA A 66 -64.81 -27.69 28.16
CA ALA A 66 -63.46 -27.10 28.19
C ALA A 66 -63.57 -25.64 27.71
N LEU A 67 -62.81 -24.75 28.35
CA LEU A 67 -62.85 -23.32 28.01
C LEU A 67 -61.68 -22.78 27.17
N SER A 68 -62.01 -21.95 26.18
CA SER A 68 -61.02 -21.34 25.28
C SER A 68 -61.29 -19.87 25.01
N SER A 69 -60.22 -19.09 24.91
CA SER A 69 -60.35 -17.66 24.64
C SER A 69 -59.11 -17.13 23.92
N ASN A 70 -59.36 -16.38 22.84
CA ASN A 70 -58.31 -15.83 22.00
C ASN A 70 -58.46 -14.32 21.76
N ILE A 71 -57.46 -13.56 22.19
CA ILE A 71 -57.43 -12.10 22.01
C ILE A 71 -56.48 -11.73 20.88
N SER A 72 -57.06 -11.23 19.80
CA SER A 72 -56.32 -10.83 18.61
C SER A 72 -56.39 -9.31 18.44
N ARG A 73 -56.07 -8.81 17.25
CA ARG A 73 -56.10 -7.38 16.99
C ARG A 73 -57.45 -6.85 16.52
N ASP A 74 -58.11 -7.59 15.63
CA ASP A 74 -59.41 -7.17 15.12
C ASP A 74 -60.57 -7.92 15.73
N PHE A 75 -60.28 -8.88 16.61
CA PHE A 75 -61.34 -9.66 17.24
C PHE A 75 -60.99 -10.34 18.56
N GLN A 76 -61.99 -10.95 19.19
CA GLN A 76 -61.84 -11.66 20.45
C GLN A 76 -62.74 -12.87 20.41
N SER A 77 -62.37 -13.92 21.11
CA SER A 77 -63.21 -15.11 21.13
C SER A 77 -63.27 -15.76 22.50
N TYR A 78 -64.42 -16.38 22.76
CA TYR A 78 -64.71 -17.11 24.00
C TYR A 78 -65.45 -18.36 23.51
N ILE A 79 -64.77 -19.49 23.58
CA ILE A 79 -65.29 -20.76 23.09
C ILE A 79 -65.42 -21.85 24.15
N VAL A 80 -66.48 -22.64 24.00
CA VAL A 80 -66.77 -23.76 24.89
C VAL A 80 -66.79 -25.04 24.06
N SER A 81 -66.02 -26.03 24.50
CA SER A 81 -65.93 -27.31 23.81
C SER A 81 -66.60 -28.40 24.63
N SER A 82 -67.12 -29.40 23.93
CA SER A 82 -67.81 -30.52 24.58
C SER A 82 -67.96 -31.67 23.58
N LEU A 83 -68.67 -32.72 24.03
CA LEU A 83 -68.92 -33.87 23.18
C LEU A 83 -69.99 -33.47 22.16
N PRO A 84 -70.15 -34.24 21.08
CA PRO A 84 -71.14 -33.94 20.04
C PRO A 84 -72.59 -33.78 20.50
N GLY A 85 -72.93 -34.37 21.65
CA GLY A 85 -74.29 -34.29 22.16
C GLY A 85 -74.54 -33.16 23.15
N SER A 86 -73.55 -32.87 23.99
CA SER A 86 -73.66 -31.83 25.01
C SER A 86 -73.64 -30.39 24.50
N THR A 87 -73.90 -30.20 23.22
CA THR A 87 -73.92 -28.88 22.59
C THR A 87 -74.82 -27.89 23.34
N ASP A 88 -75.88 -28.41 23.94
CA ASP A 88 -76.82 -27.57 24.69
C ASP A 88 -76.23 -27.03 25.98
N LYS A 89 -75.41 -27.86 26.65
CA LYS A 89 -74.77 -27.46 27.90
C LYS A 89 -73.83 -26.29 27.62
N SER A 90 -73.25 -26.30 26.42
CA SER A 90 -72.33 -25.24 25.98
C SER A 90 -73.05 -23.91 25.94
N LEU A 91 -74.21 -23.89 25.30
CA LEU A 91 -75.03 -22.68 25.19
C LEU A 91 -75.47 -22.16 26.55
N ASP A 92 -75.74 -23.09 27.48
CA ASP A 92 -76.16 -22.71 28.82
C ASP A 92 -75.01 -21.96 29.50
N PHE A 93 -73.79 -22.34 29.15
CA PHE A 93 -72.60 -21.73 29.72
C PHE A 93 -72.33 -20.33 29.15
N LEU A 94 -72.50 -20.16 27.84
CA LEU A 94 -72.29 -18.86 27.22
C LEU A 94 -73.38 -17.91 27.71
N ASN A 95 -74.59 -18.44 27.83
CA ASN A 95 -75.76 -17.70 28.30
C ASN A 95 -75.55 -17.26 29.75
N GLN A 96 -74.74 -18.02 30.48
CA GLN A 96 -74.44 -17.75 31.88
C GLN A 96 -73.31 -16.72 32.06
N SER A 97 -72.16 -16.99 31.44
CA SER A 97 -71.00 -16.13 31.54
C SER A 97 -71.17 -14.71 31.02
N PHE A 98 -72.15 -14.49 30.15
CA PHE A 98 -72.38 -13.15 29.60
C PHE A 98 -73.76 -12.55 29.91
N ILE A 99 -74.50 -13.17 30.83
CA ILE A 99 -75.82 -12.68 31.23
C ILE A 99 -76.10 -12.96 32.71
N GLN A 100 -75.62 -14.10 33.21
CA GLN A 100 -75.82 -14.49 34.60
C GLN A 100 -74.63 -14.17 35.51
N GLN A 101 -73.60 -15.02 35.47
CA GLN A 101 -72.39 -14.85 36.29
C GLN A 101 -71.52 -13.65 35.92
N LYS A 102 -72.07 -12.72 35.14
CA LYS A 102 -71.35 -11.51 34.71
C LYS A 102 -70.70 -10.78 35.89
N ALA A 103 -71.34 -10.88 37.05
CA ALA A 103 -70.85 -10.23 38.27
C ALA A 103 -69.92 -11.14 39.08
N ASN A 104 -70.20 -12.43 39.11
CA ASN A 104 -69.39 -13.40 39.85
C ASN A 104 -67.94 -13.43 39.37
N LEU A 105 -67.76 -13.19 38.06
CA LEU A 105 -66.43 -13.17 37.47
C LEU A 105 -65.70 -11.88 37.81
N LEU A 106 -66.46 -10.82 38.03
CA LEU A 106 -65.90 -9.52 38.36
C LEU A 106 -65.85 -9.20 39.86
N SER A 107 -65.90 -10.25 40.69
CA SER A 107 -65.83 -10.04 42.14
C SER A 107 -64.44 -9.53 42.48
N SER A 108 -64.31 -8.82 43.60
CA SER A 108 -63.02 -8.29 44.01
C SER A 108 -61.97 -9.38 44.17
N SER A 109 -62.37 -10.51 44.74
CA SER A 109 -61.46 -11.64 44.94
C SER A 109 -60.96 -12.25 43.65
N ASN A 110 -61.85 -12.32 42.65
CA ASN A 110 -61.51 -12.90 41.35
C ASN A 110 -60.71 -11.92 40.49
N PHE A 111 -61.18 -10.69 40.39
CA PHE A 111 -60.50 -9.68 39.59
C PHE A 111 -59.05 -9.51 40.04
N GLU A 112 -58.86 -9.28 41.34
CA GLU A 112 -57.51 -9.09 41.87
C GLU A 112 -56.58 -10.27 41.59
N ALA A 113 -57.12 -11.50 41.65
CA ALA A 113 -56.32 -12.70 41.40
C ALA A 113 -55.94 -12.79 39.92
N THR A 114 -56.89 -12.47 39.05
CA THR A 114 -56.68 -12.53 37.60
C THR A 114 -55.72 -11.43 37.15
N LYS A 115 -55.90 -10.23 37.68
CA LYS A 115 -55.07 -9.09 37.34
C LYS A 115 -53.62 -9.37 37.71
N LYS A 116 -53.42 -10.05 38.83
CA LYS A 116 -52.08 -10.39 39.32
C LYS A 116 -51.41 -11.46 38.45
N SER A 117 -52.22 -12.32 37.84
CA SER A 117 -51.74 -13.39 36.98
C SER A 117 -51.32 -12.89 35.61
N VAL A 118 -52.17 -12.11 34.96
CA VAL A 118 -51.84 -11.58 33.63
C VAL A 118 -50.70 -10.58 33.73
N LEU A 119 -50.53 -10.02 34.93
CA LEU A 119 -49.48 -9.05 35.19
C LEU A 119 -48.16 -9.83 35.15
N LYS A 120 -48.16 -11.01 35.75
CA LYS A 120 -46.98 -11.87 35.78
C LYS A 120 -46.76 -12.52 34.41
N GLN A 121 -47.85 -12.75 33.68
CA GLN A 121 -47.80 -13.35 32.36
C GLN A 121 -47.07 -12.43 31.40
N VAL A 122 -47.60 -11.22 31.28
CA VAL A 122 -47.05 -10.21 30.41
C VAL A 122 -45.60 -9.86 30.77
N GLN A 123 -45.27 -9.95 32.05
CA GLN A 123 -43.91 -9.64 32.46
C GLN A 123 -42.91 -10.70 32.00
N ASP A 124 -43.29 -11.97 32.14
CA ASP A 124 -42.41 -13.06 31.73
C ASP A 124 -42.19 -13.01 30.22
N PHE A 125 -43.24 -12.60 29.51
CA PHE A 125 -43.21 -12.49 28.05
C PHE A 125 -42.25 -11.38 27.60
N GLU A 126 -42.30 -10.25 28.28
CA GLU A 126 -41.45 -9.11 27.95
C GLU A 126 -40.01 -9.35 28.36
N ASP A 127 -39.81 -10.28 29.28
CA ASP A 127 -38.51 -10.65 29.81
C ASP A 127 -37.87 -11.83 29.09
N ASN A 128 -38.70 -12.75 28.58
CA ASN A 128 -38.18 -13.96 27.95
C ASN A 128 -38.57 -14.31 26.51
N ASP A 129 -39.76 -13.92 26.08
CA ASP A 129 -40.21 -14.24 24.72
C ASP A 129 -39.73 -13.18 23.72
N HIS A 130 -38.44 -13.20 23.43
CA HIS A 130 -37.81 -12.25 22.53
C HIS A 130 -38.34 -12.18 21.11
N PRO A 131 -38.53 -13.33 20.43
CA PRO A 131 -39.04 -13.21 19.05
C PRO A 131 -40.44 -12.60 18.97
N ASN A 132 -41.35 -12.98 19.85
CA ASN A 132 -42.71 -12.42 19.82
C ASN A 132 -42.73 -10.98 20.35
N ARG A 133 -41.87 -10.73 21.33
CA ARG A 133 -41.73 -9.40 21.91
C ARG A 133 -41.29 -8.40 20.82
N VAL A 134 -40.34 -8.83 19.99
CA VAL A 134 -39.83 -8.01 18.91
C VAL A 134 -40.90 -7.85 17.84
N LEU A 135 -41.61 -8.93 17.52
CA LEU A 135 -42.66 -8.84 16.52
C LEU A 135 -43.73 -7.86 17.00
N GLU A 136 -43.96 -7.87 18.31
CA GLU A 136 -44.93 -6.96 18.88
C GLU A 136 -44.46 -5.51 18.72
N HIS A 137 -43.17 -5.26 18.92
CA HIS A 137 -42.62 -3.90 18.74
C HIS A 137 -42.60 -3.46 17.27
N LEU A 138 -42.62 -4.44 16.37
CA LEU A 138 -42.65 -4.11 14.94
C LEU A 138 -43.99 -3.44 14.69
N HIS A 139 -45.06 -3.99 15.26
CA HIS A 139 -46.40 -3.43 15.12
C HIS A 139 -46.45 -2.07 15.80
N SER A 140 -45.83 -1.99 16.97
CA SER A 140 -45.83 -0.77 17.77
C SER A 140 -45.21 0.45 17.07
N THR A 141 -44.14 0.24 16.32
CA THR A 141 -43.48 1.32 15.62
C THR A 141 -44.05 1.52 14.22
N ALA A 142 -44.36 0.42 13.54
CA ALA A 142 -44.89 0.50 12.18
C ALA A 142 -46.21 1.28 12.12
N PHE A 143 -47.01 1.12 13.16
CA PHE A 143 -48.33 1.76 13.23
C PHE A 143 -48.46 2.74 14.40
N GLN A 144 -47.36 3.25 14.92
CA GLN A 144 -47.39 4.17 16.04
C GLN A 144 -48.52 5.22 15.96
N ASN A 145 -49.12 5.53 17.11
CA ASN A 145 -50.22 6.51 17.23
C ASN A 145 -51.41 6.17 16.31
N THR A 146 -51.61 4.87 16.14
CA THR A 146 -52.66 4.31 15.31
C THR A 146 -53.08 3.03 16.05
N PRO A 147 -54.33 2.56 15.84
CA PRO A 147 -54.89 1.35 16.49
C PRO A 147 -54.05 0.09 16.54
N LEU A 148 -53.53 -0.33 15.39
CA LEU A 148 -52.72 -1.55 15.27
C LEU A 148 -51.41 -1.55 16.05
N SER A 149 -51.10 -0.43 16.72
CA SER A 149 -49.86 -0.31 17.47
C SER A 149 -49.88 -0.95 18.85
N LEU A 150 -51.07 -1.06 19.44
CA LEU A 150 -51.24 -1.62 20.77
C LEU A 150 -51.03 -3.13 20.83
N PRO A 151 -50.14 -3.58 21.73
CA PRO A 151 -49.87 -5.02 21.86
C PRO A 151 -51.15 -5.70 22.33
N THR A 152 -51.36 -6.93 21.86
CA THR A 152 -52.56 -7.67 22.24
C THR A 152 -52.59 -8.01 23.73
N ARG A 153 -51.43 -8.34 24.30
CA ARG A 153 -51.37 -8.68 25.74
C ARG A 153 -51.47 -7.45 26.62
N GLY A 154 -51.33 -6.27 26.01
CA GLY A 154 -51.36 -5.03 26.77
C GLY A 154 -50.00 -4.74 27.39
N THR A 155 -49.85 -3.56 27.99
CA THR A 155 -48.57 -3.19 28.61
C THR A 155 -48.68 -3.31 30.13
N LEU A 156 -47.53 -3.41 30.80
CA LEU A 156 -47.51 -3.51 32.26
C LEU A 156 -48.07 -2.27 32.93
N GLU A 157 -47.65 -1.12 32.41
CA GLU A 157 -48.06 0.19 32.94
C GLU A 157 -49.56 0.39 32.95
N SER A 158 -50.21 0.09 31.82
CA SER A 158 -51.66 0.23 31.70
C SER A 158 -52.39 -0.89 32.44
N LEU A 159 -51.80 -2.08 32.46
CA LEU A 159 -52.38 -3.23 33.12
C LEU A 159 -52.54 -3.05 34.63
N GLU A 160 -51.53 -2.49 35.29
CA GLU A 160 -51.62 -2.29 36.72
C GLU A 160 -52.47 -1.09 37.12
N ASN A 161 -53.02 -0.41 36.13
CA ASN A 161 -53.87 0.76 36.36
C ASN A 161 -55.33 0.41 36.05
N LEU A 162 -55.54 -0.80 35.53
CA LEU A 162 -56.88 -1.27 35.18
C LEU A 162 -57.70 -1.70 36.40
N VAL A 163 -58.98 -1.32 36.41
CA VAL A 163 -59.89 -1.68 37.49
C VAL A 163 -61.16 -2.31 36.90
N VAL A 164 -61.93 -2.99 37.76
CA VAL A 164 -63.17 -3.65 37.34
C VAL A 164 -64.02 -2.79 36.41
N ALA A 165 -64.10 -1.50 36.72
CA ALA A 165 -64.88 -0.57 35.92
C ALA A 165 -64.48 -0.61 34.44
N ASP A 166 -63.18 -0.63 34.17
CA ASP A 166 -62.65 -0.65 32.79
C ASP A 166 -63.20 -1.84 31.99
N LEU A 167 -63.28 -3.01 32.63
CA LEU A 167 -63.79 -4.22 31.99
C LEU A 167 -65.22 -3.98 31.52
N GLU A 168 -66.04 -3.48 32.45
CA GLU A 168 -67.45 -3.18 32.19
C GLU A 168 -67.58 -2.15 31.08
N SER A 169 -66.82 -1.05 31.22
CA SER A 169 -66.82 0.02 30.23
C SER A 169 -66.62 -0.57 28.84
N PHE A 170 -65.57 -1.39 28.72
CA PHE A 170 -65.22 -2.03 27.46
C PHE A 170 -66.33 -2.98 27.02
N ALA A 171 -66.77 -3.83 27.94
CA ALA A 171 -67.82 -4.80 27.69
C ALA A 171 -69.11 -4.17 27.17
N ASN A 172 -69.52 -3.06 27.78
CA ASN A 172 -70.74 -2.36 27.37
C ASN A 172 -70.59 -1.77 25.97
N ASN A 173 -69.37 -1.33 25.65
CA ASN A 173 -69.08 -0.74 24.34
C ASN A 173 -68.77 -1.77 23.25
N HIS A 174 -68.36 -2.98 23.61
CA HIS A 174 -67.97 -3.97 22.61
C HIS A 174 -68.65 -5.33 22.55
N PHE A 175 -68.96 -5.93 23.71
CA PHE A 175 -69.65 -7.22 23.75
C PHE A 175 -71.13 -6.95 23.42
N LEU A 176 -71.38 -6.61 22.16
CA LEU A 176 -72.72 -6.28 21.69
C LEU A 176 -73.14 -7.17 20.53
N ASN A 177 -74.45 -7.38 20.43
CA ASN A 177 -75.03 -8.21 19.39
C ASN A 177 -74.62 -7.83 17.96
N SER A 178 -74.52 -6.53 17.69
CA SER A 178 -74.14 -6.03 16.36
C SER A 178 -72.66 -6.24 16.03
N ASN A 179 -71.87 -6.51 17.07
CA ASN A 179 -70.45 -6.74 16.95
C ASN A 179 -70.17 -8.17 17.43
N ALA A 180 -71.06 -9.08 17.09
CA ALA A 180 -70.92 -10.47 17.52
C ALA A 180 -71.45 -11.47 16.53
N VAL A 181 -70.91 -12.68 16.61
CA VAL A 181 -71.31 -13.79 15.76
C VAL A 181 -71.13 -15.04 16.60
N VAL A 182 -72.23 -15.77 16.82
CA VAL A 182 -72.16 -17.00 17.60
C VAL A 182 -71.68 -18.08 16.64
N VAL A 183 -70.58 -18.72 17.01
CA VAL A 183 -69.97 -19.74 16.18
C VAL A 183 -70.16 -21.16 16.72
N GLY A 184 -70.31 -22.10 15.79
CA GLY A 184 -70.47 -23.49 16.14
C GLY A 184 -69.70 -24.37 15.18
N THR A 185 -68.68 -25.05 15.69
CA THR A 185 -67.84 -25.93 14.88
C THR A 185 -67.77 -27.33 15.48
N GLY A 186 -67.34 -28.28 14.66
CA GLY A 186 -67.26 -29.66 15.10
C GLY A 186 -68.26 -30.42 14.26
N ASN A 187 -69.08 -31.26 14.89
CA ASN A 187 -70.07 -32.03 14.14
C ASN A 187 -71.53 -31.63 14.38
N ILE A 188 -71.73 -30.51 15.07
CA ILE A 188 -73.09 -30.05 15.34
C ILE A 188 -73.79 -29.49 14.10
N LYS A 189 -75.08 -29.80 13.96
CA LYS A 189 -75.86 -29.34 12.83
C LYS A 189 -76.31 -27.90 13.01
N HIS A 190 -76.57 -27.22 11.90
CA HIS A 190 -77.01 -25.82 11.91
C HIS A 190 -78.31 -25.65 12.69
N GLU A 191 -79.33 -26.40 12.31
CA GLU A 191 -80.64 -26.33 12.96
C GLU A 191 -80.61 -26.72 14.43
N ASP A 192 -79.79 -27.71 14.75
CA ASP A 192 -79.66 -28.17 16.13
C ASP A 192 -79.22 -27.02 17.05
N LEU A 193 -78.34 -26.16 16.54
CA LEU A 193 -77.85 -25.02 17.32
C LEU A 193 -78.80 -23.83 17.27
N VAL A 194 -79.24 -23.47 16.07
CA VAL A 194 -80.14 -22.33 15.88
C VAL A 194 -81.43 -22.43 16.72
N ASN A 195 -81.87 -23.66 17.00
CA ASN A 195 -83.07 -23.89 17.81
C ASN A 195 -82.77 -23.82 19.29
N SER A 196 -81.57 -24.28 19.67
CA SER A 196 -81.16 -24.27 21.07
C SER A 196 -80.90 -22.84 21.53
N ILE A 197 -80.59 -21.96 20.59
CA ILE A 197 -80.34 -20.55 20.87
C ILE A 197 -81.70 -19.84 20.87
N GLU A 198 -82.51 -20.17 19.88
CA GLU A 198 -83.84 -19.57 19.72
C GLU A 198 -84.73 -19.93 20.91
N SER A 199 -84.34 -20.97 21.66
CA SER A 199 -85.07 -21.41 22.84
C SER A 199 -85.11 -20.24 23.83
N LYS A 200 -83.94 -19.70 24.16
CA LYS A 200 -83.84 -18.57 25.06
C LYS A 200 -84.07 -17.30 24.23
N ASN A 201 -84.37 -16.18 24.90
CA ASN A 201 -84.62 -14.93 24.19
C ASN A 201 -83.85 -13.75 24.79
N LEU A 202 -84.58 -12.82 25.39
CA LEU A 202 -84.03 -11.61 26.02
C LEU A 202 -83.18 -10.78 25.04
N SER A 203 -82.29 -9.94 25.58
CA SER A 203 -81.42 -9.10 24.76
C SER A 203 -80.14 -8.66 25.48
N LEU A 204 -80.29 -7.98 26.61
CA LEU A 204 -79.18 -7.47 27.43
C LEU A 204 -78.21 -6.57 26.63
N GLN A 205 -78.57 -5.29 26.54
CA GLN A 205 -77.78 -4.28 25.82
C GLN A 205 -77.75 -4.50 24.30
N THR A 206 -78.94 -4.65 23.71
CA THR A 206 -79.04 -4.90 22.26
C THR A 206 -79.38 -3.62 21.48
N GLY A 207 -79.14 -3.66 20.18
CA GLY A 207 -79.42 -2.53 19.31
C GLY A 207 -78.39 -1.41 19.39
N THR A 208 -77.26 -1.68 20.05
CA THR A 208 -76.20 -0.68 20.20
C THR A 208 -75.14 -0.87 19.10
N LYS A 209 -74.17 0.04 19.06
CA LYS A 209 -73.09 -0.01 18.07
C LYS A 209 -71.76 0.32 18.74
N PRO A 210 -70.65 -0.27 18.25
CA PRO A 210 -69.31 -0.02 18.81
C PRO A 210 -68.81 1.36 18.40
N VAL A 211 -67.95 1.94 19.23
CA VAL A 211 -67.39 3.26 18.97
C VAL A 211 -66.47 3.27 17.74
N LEU A 212 -66.25 4.47 17.18
CA LEU A 212 -65.38 4.66 16.01
C LEU A 212 -64.13 5.44 16.40
N LYS A 213 -63.12 5.46 15.52
CA LYS A 213 -61.87 6.17 15.81
C LYS A 213 -61.04 6.66 14.61
N LYS A 214 -59.71 6.62 14.76
CA LYS A 214 -58.74 7.03 13.73
C LYS A 214 -58.30 5.85 12.85
N LYS A 215 -58.06 6.12 11.57
CA LYS A 215 -57.65 5.12 10.58
C LYS A 215 -56.18 4.68 10.66
N ALA A 216 -55.96 3.37 10.70
CA ALA A 216 -54.62 2.79 10.80
C ALA A 216 -53.65 3.25 9.71
N ALA A 217 -52.42 3.58 10.10
CA ALA A 217 -51.42 4.05 9.16
C ALA A 217 -50.03 3.50 9.41
N PHE A 218 -49.32 3.19 8.31
CA PHE A 218 -47.96 2.68 8.37
C PHE A 218 -46.96 3.83 8.31
N LEU A 219 -46.02 3.84 9.24
CA LEU A 219 -44.99 4.88 9.26
C LEU A 219 -43.60 4.25 9.24
N GLY A 220 -42.83 4.56 8.19
CA GLY A 220 -41.48 4.03 8.07
C GLY A 220 -40.70 4.48 9.29
N SER A 221 -40.32 3.52 10.12
CA SER A 221 -39.60 3.81 11.35
C SER A 221 -38.94 2.57 11.94
N GLU A 222 -38.38 2.71 13.14
CA GLU A 222 -37.72 1.62 13.82
C GLU A 222 -37.68 1.83 15.33
N VAL A 223 -37.53 0.74 16.06
CA VAL A 223 -37.42 0.77 17.51
C VAL A 223 -36.35 -0.27 17.87
N ARG A 224 -35.32 0.17 18.59
CA ARG A 224 -34.21 -0.71 18.96
C ARG A 224 -34.09 -0.94 20.45
N LEU A 225 -34.32 -2.20 20.87
CA LEU A 225 -34.23 -2.61 22.27
C LEU A 225 -32.91 -3.35 22.48
N ARG A 226 -31.78 -2.65 22.33
CA ARG A 226 -30.48 -3.31 22.49
C ARG A 226 -30.25 -3.83 23.90
N ASP A 227 -29.85 -5.10 23.99
CA ASP A 227 -29.54 -5.75 25.25
C ASP A 227 -28.32 -6.64 24.99
N ASP A 228 -27.15 -6.16 25.37
CA ASP A 228 -25.92 -6.92 25.15
C ASP A 228 -25.75 -8.19 25.99
N THR A 229 -26.60 -8.39 27.00
CA THR A 229 -26.51 -9.59 27.83
C THR A 229 -27.22 -10.81 27.26
N LEU A 230 -28.01 -10.63 26.19
CA LEU A 230 -28.71 -11.74 25.56
C LEU A 230 -27.77 -12.43 24.56
N PRO A 231 -27.92 -13.75 24.36
CA PRO A 231 -27.05 -14.50 23.44
C PRO A 231 -27.28 -14.31 21.94
N LYS A 232 -28.42 -13.73 21.56
CA LYS A 232 -28.71 -13.56 20.15
C LYS A 232 -29.13 -12.15 19.81
N ALA A 233 -29.52 -12.00 18.55
CA ALA A 233 -30.04 -10.75 18.01
C ALA A 233 -31.33 -11.19 17.32
N TRP A 234 -32.46 -10.66 17.78
CA TRP A 234 -33.75 -10.99 17.19
C TRP A 234 -34.26 -9.75 16.48
N ILE A 235 -34.63 -9.89 15.23
CA ILE A 235 -35.12 -8.75 14.49
C ILE A 235 -36.25 -9.07 13.53
N SER A 236 -37.14 -8.08 13.36
CA SER A 236 -38.27 -8.20 12.46
C SER A 236 -38.25 -6.94 11.62
N LEU A 237 -38.43 -7.09 10.31
CA LEU A 237 -38.42 -5.97 9.42
C LEU A 237 -39.53 -6.17 8.40
N ALA A 238 -40.25 -5.08 8.09
CA ALA A 238 -41.33 -5.21 7.15
C ALA A 238 -41.77 -3.92 6.45
N VAL A 239 -42.52 -4.08 5.37
CA VAL A 239 -43.07 -2.94 4.64
C VAL A 239 -44.59 -3.01 4.84
N GLU A 240 -45.30 -1.95 4.44
CA GLU A 240 -46.76 -1.93 4.56
C GLU A 240 -47.30 -3.05 3.68
N GLY A 241 -48.06 -3.96 4.30
CA GLY A 241 -48.62 -5.09 3.60
C GLY A 241 -50.03 -4.92 3.05
N GLU A 242 -50.79 -6.02 3.07
CA GLU A 242 -52.15 -6.02 2.55
C GLU A 242 -53.22 -6.24 3.61
N PRO A 243 -54.26 -5.41 3.61
CA PRO A 243 -55.35 -5.57 4.60
C PRO A 243 -56.19 -6.78 4.19
N VAL A 244 -56.80 -7.46 5.15
CA VAL A 244 -57.62 -8.63 4.86
C VAL A 244 -58.61 -8.30 3.74
N ASN A 245 -58.80 -9.25 2.82
CA ASN A 245 -59.70 -9.03 1.69
C ASN A 245 -59.25 -7.77 0.95
N SER A 246 -58.20 -7.96 0.16
CA SER A 246 -57.57 -6.95 -0.67
C SER A 246 -57.33 -7.67 -1.99
N PRO A 247 -57.25 -6.93 -3.11
CA PRO A 247 -57.01 -7.55 -4.42
C PRO A 247 -55.72 -8.38 -4.47
N ASN A 248 -54.72 -7.95 -3.69
CA ASN A 248 -53.42 -8.64 -3.65
C ASN A 248 -53.20 -9.44 -2.37
N TYR A 249 -54.28 -9.89 -1.74
CA TYR A 249 -54.16 -10.66 -0.52
C TYR A 249 -53.31 -11.91 -0.73
N PHE A 250 -53.67 -12.70 -1.73
CA PHE A 250 -52.96 -13.93 -2.04
C PHE A 250 -51.59 -13.75 -2.68
N VAL A 251 -51.46 -12.77 -3.57
CA VAL A 251 -50.17 -12.51 -4.20
C VAL A 251 -49.11 -12.21 -3.11
N ALA A 252 -49.53 -11.46 -2.09
CA ALA A 252 -48.67 -11.09 -0.98
C ALA A 252 -48.26 -12.33 -0.17
N LYS A 253 -49.21 -13.22 0.08
CA LYS A 253 -48.92 -14.44 0.83
C LYS A 253 -48.05 -15.38 0.00
N LEU A 254 -48.24 -15.38 -1.31
CA LEU A 254 -47.45 -16.21 -2.21
C LEU A 254 -46.01 -15.68 -2.16
N ALA A 255 -45.87 -14.36 -2.30
CA ALA A 255 -44.56 -13.71 -2.26
C ALA A 255 -43.78 -14.11 -1.01
N ALA A 256 -44.46 -14.15 0.13
CA ALA A 256 -43.81 -14.52 1.38
C ALA A 256 -43.41 -16.00 1.41
N GLN A 257 -44.15 -16.84 0.69
CA GLN A 257 -43.87 -18.28 0.65
C GLN A 257 -42.60 -18.57 -0.15
N ILE A 258 -42.31 -17.70 -1.13
CA ILE A 258 -41.12 -17.81 -1.97
C ILE A 258 -39.85 -17.79 -1.12
N PHE A 259 -39.78 -16.89 -0.15
CA PHE A 259 -38.60 -16.81 0.72
C PHE A 259 -38.76 -17.68 1.97
N GLY A 260 -40.01 -18.07 2.21
CA GLY A 260 -40.37 -18.94 3.31
C GLY A 260 -39.75 -18.77 4.68
N SER A 261 -39.65 -19.89 5.38
CA SER A 261 -39.06 -19.91 6.72
C SER A 261 -37.96 -20.94 6.72
N TYR A 262 -37.03 -20.80 7.66
CA TYR A 262 -35.86 -21.65 7.74
C TYR A 262 -35.42 -21.88 9.17
N ASN A 263 -34.81 -23.05 9.39
CA ASN A 263 -34.33 -23.45 10.70
C ASN A 263 -33.01 -24.16 10.44
N ALA A 264 -31.92 -23.42 10.66
CA ALA A 264 -30.56 -23.91 10.44
C ALA A 264 -30.23 -25.28 11.00
N PHE A 265 -30.86 -25.66 12.10
CA PHE A 265 -30.58 -26.94 12.74
C PHE A 265 -31.28 -28.18 12.18
N GLU A 266 -32.33 -27.99 11.38
CA GLU A 266 -33.10 -29.08 10.78
C GLU A 266 -32.66 -29.37 9.33
N PRO A 267 -32.05 -30.55 9.09
CA PRO A 267 -31.55 -30.99 7.79
C PRO A 267 -32.42 -30.65 6.58
N ALA A 268 -33.69 -31.05 6.61
CA ALA A 268 -34.59 -30.79 5.48
C ALA A 268 -34.81 -29.31 5.22
N SER A 269 -34.78 -28.50 6.28
CA SER A 269 -34.97 -27.06 6.14
C SER A 269 -33.83 -26.46 5.32
N ARG A 270 -32.62 -27.00 5.51
CA ARG A 270 -31.43 -26.54 4.80
C ARG A 270 -31.44 -26.85 3.30
N LEU A 271 -32.31 -27.77 2.89
CA LEU A 271 -32.40 -28.18 1.49
C LEU A 271 -33.50 -27.52 0.65
N GLN A 272 -34.31 -26.66 1.26
CA GLN A 272 -35.41 -26.01 0.55
C GLN A 272 -34.96 -25.26 -0.70
N GLY A 273 -35.85 -25.21 -1.68
CA GLY A 273 -35.57 -24.53 -2.93
C GLY A 273 -35.76 -23.02 -2.80
N ILE A 274 -34.97 -22.42 -1.91
CA ILE A 274 -35.00 -20.97 -1.68
C ILE A 274 -33.62 -20.42 -2.01
N LYS A 275 -33.57 -19.53 -3.00
CA LYS A 275 -32.32 -18.92 -3.46
C LYS A 275 -31.51 -18.31 -2.30
N LEU A 276 -32.18 -17.56 -1.44
CA LEU A 276 -31.56 -16.91 -0.30
C LEU A 276 -30.72 -17.86 0.54
N LEU A 277 -31.08 -19.14 0.55
CA LEU A 277 -30.33 -20.11 1.34
C LEU A 277 -28.90 -20.35 0.87
N ASP A 278 -28.63 -20.09 -0.41
CA ASP A 278 -27.28 -20.24 -0.94
C ASP A 278 -26.35 -19.20 -0.32
N ASN A 279 -26.87 -17.99 -0.13
CA ASN A 279 -26.13 -16.89 0.44
C ASN A 279 -25.93 -16.90 1.95
N ILE A 280 -26.89 -17.40 2.70
CA ILE A 280 -26.74 -17.35 4.15
C ILE A 280 -26.14 -18.55 4.85
N GLN A 281 -26.10 -19.71 4.18
CA GLN A 281 -25.55 -20.89 4.80
C GLN A 281 -24.02 -21.01 4.86
N GLU A 282 -23.30 -20.38 3.93
CA GLU A 282 -21.85 -20.47 3.94
C GLU A 282 -21.25 -20.03 5.27
N TYR A 283 -21.48 -18.77 5.66
CA TYR A 283 -20.97 -18.24 6.93
C TYR A 283 -21.99 -18.36 8.05
N GLN A 284 -23.05 -19.13 7.81
CA GLN A 284 -24.16 -19.34 8.75
C GLN A 284 -24.59 -18.04 9.39
N LEU A 285 -25.27 -17.23 8.58
CA LEU A 285 -25.74 -15.91 8.96
C LEU A 285 -26.85 -15.85 10.03
N CYS A 286 -27.57 -16.95 10.24
CA CYS A 286 -28.61 -16.95 11.27
C CYS A 286 -29.04 -18.36 11.67
N ASP A 287 -29.69 -18.48 12.83
CA ASP A 287 -30.18 -19.76 13.30
C ASP A 287 -31.54 -20.07 12.69
N ASN A 288 -32.30 -19.02 12.36
CA ASN A 288 -33.60 -19.20 11.74
C ASN A 288 -34.20 -17.91 11.22
N PHE A 289 -35.17 -18.06 10.32
CA PHE A 289 -35.88 -16.91 9.78
C PHE A 289 -37.26 -17.36 9.34
N ASN A 290 -38.19 -16.42 9.29
CA ASN A 290 -39.54 -16.74 8.86
C ASN A 290 -40.21 -15.53 8.24
N HIS A 291 -40.59 -15.69 6.98
CA HIS A 291 -41.26 -14.63 6.26
C HIS A 291 -42.75 -14.69 6.59
N PHE A 292 -43.41 -13.55 6.48
CA PHE A 292 -44.83 -13.46 6.78
C PHE A 292 -45.53 -12.37 5.99
N SER A 293 -46.85 -12.52 5.90
CA SER A 293 -47.71 -11.54 5.24
C SER A 293 -48.92 -11.45 6.16
N LEU A 294 -48.77 -10.60 7.17
CA LEU A 294 -49.79 -10.35 8.18
C LEU A 294 -50.88 -9.45 7.60
N SER A 295 -52.13 -9.84 7.77
CA SER A 295 -53.24 -9.03 7.26
C SER A 295 -54.28 -8.67 8.32
N TYR A 296 -54.66 -7.40 8.32
CA TYR A 296 -55.65 -6.90 9.26
C TYR A 296 -56.73 -6.14 8.51
N LYS A 297 -57.67 -5.54 9.24
CA LYS A 297 -58.78 -4.80 8.65
C LYS A 297 -58.37 -3.59 7.81
N ASP A 298 -57.52 -2.74 8.37
CA ASP A 298 -57.09 -1.52 7.68
C ASP A 298 -55.74 -1.58 6.98
N SER A 299 -54.84 -2.44 7.48
CA SER A 299 -53.53 -2.56 6.87
C SER A 299 -52.93 -3.94 7.06
N GLY A 300 -51.63 -4.04 6.80
CA GLY A 300 -50.94 -5.30 6.95
C GLY A 300 -49.44 -5.10 6.97
N LEU A 301 -48.71 -6.15 7.28
CA LEU A 301 -47.25 -6.08 7.31
C LEU A 301 -46.66 -7.22 6.53
N TRP A 302 -45.73 -6.89 5.64
CA TRP A 302 -45.06 -7.90 4.83
C TRP A 302 -43.56 -7.81 5.11
N GLY A 303 -42.98 -8.91 5.53
CA GLY A 303 -41.55 -8.91 5.83
C GLY A 303 -41.09 -10.23 6.41
N PHE A 304 -40.17 -10.17 7.36
CA PHE A 304 -39.65 -11.39 7.97
C PHE A 304 -39.06 -11.15 9.34
N SER A 305 -38.91 -12.25 10.09
CA SER A 305 -38.31 -12.25 11.42
C SER A 305 -37.12 -13.18 11.36
N THR A 306 -36.15 -12.97 12.24
CA THR A 306 -34.97 -13.81 12.25
C THR A 306 -34.20 -13.75 13.58
N ALA A 307 -33.45 -14.80 13.88
CA ALA A 307 -32.66 -14.86 15.11
C ALA A 307 -31.27 -15.35 14.73
N THR A 308 -30.25 -14.73 15.33
CA THR A 308 -28.89 -15.13 15.02
C THR A 308 -27.87 -14.91 16.12
N ARG A 309 -26.85 -15.76 16.12
CA ARG A 309 -25.74 -15.70 17.07
C ARG A 309 -24.54 -15.13 16.34
N ASN A 310 -24.72 -14.88 15.04
CA ASN A 310 -23.67 -14.32 14.19
C ASN A 310 -23.74 -12.79 14.27
N VAL A 311 -23.42 -12.28 15.44
CA VAL A 311 -23.47 -10.86 15.74
C VAL A 311 -22.53 -9.95 14.98
N THR A 312 -21.55 -10.50 14.27
CA THR A 312 -20.62 -9.68 13.50
C THR A 312 -20.96 -9.63 12.02
N MET A 313 -21.97 -10.40 11.61
CA MET A 313 -22.34 -10.41 10.19
C MET A 313 -23.81 -10.16 9.92
N ILE A 314 -24.47 -9.49 10.87
CA ILE A 314 -25.89 -9.16 10.75
C ILE A 314 -26.11 -8.31 9.49
N ASP A 315 -25.17 -7.43 9.16
CA ASP A 315 -25.35 -6.60 7.99
C ASP A 315 -25.47 -7.45 6.71
N ASP A 316 -24.75 -8.58 6.66
CA ASP A 316 -24.82 -9.47 5.50
C ASP A 316 -26.15 -10.22 5.47
N LEU A 317 -26.65 -10.57 6.65
CA LEU A 317 -27.92 -11.27 6.78
C LEU A 317 -29.03 -10.40 6.16
N ILE A 318 -29.07 -9.15 6.60
CA ILE A 318 -30.06 -8.18 6.15
C ILE A 318 -29.87 -7.82 4.68
N HIS A 319 -28.61 -7.66 4.29
CA HIS A 319 -28.28 -7.32 2.91
C HIS A 319 -28.77 -8.36 1.91
N PHE A 320 -28.46 -9.63 2.15
CA PHE A 320 -28.86 -10.70 1.25
C PHE A 320 -30.36 -10.92 1.18
N THR A 321 -31.02 -10.80 2.32
CA THR A 321 -32.46 -10.95 2.40
C THR A 321 -33.18 -9.88 1.59
N LEU A 322 -32.87 -8.61 1.87
CA LEU A 322 -33.50 -7.51 1.13
C LEU A 322 -33.11 -7.53 -0.34
N LYS A 323 -31.92 -8.05 -0.62
CA LYS A 323 -31.45 -8.13 -1.99
C LYS A 323 -32.30 -9.15 -2.74
N GLN A 324 -32.72 -10.22 -2.06
CA GLN A 324 -33.60 -11.21 -2.68
C GLN A 324 -34.98 -10.59 -2.94
N TRP A 325 -35.47 -9.79 -2.01
CA TRP A 325 -36.78 -9.13 -2.16
C TRP A 325 -36.83 -8.28 -3.42
N ASN A 326 -35.73 -7.57 -3.72
CA ASN A 326 -35.63 -6.74 -4.91
C ASN A 326 -36.00 -7.60 -6.11
N ARG A 327 -35.55 -8.86 -6.09
CA ARG A 327 -35.82 -9.79 -7.17
C ARG A 327 -37.30 -9.96 -7.55
N LEU A 328 -38.19 -9.85 -6.57
CA LEU A 328 -39.62 -10.00 -6.83
C LEU A 328 -40.12 -8.96 -7.83
N THR A 329 -39.46 -7.81 -7.87
CA THR A 329 -39.84 -6.74 -8.77
C THR A 329 -39.24 -6.90 -10.16
N ILE A 330 -37.99 -7.33 -10.20
CA ILE A 330 -37.30 -7.42 -11.47
C ILE A 330 -36.97 -8.80 -12.05
N SER A 331 -36.90 -9.85 -11.23
CA SER A 331 -36.53 -11.14 -11.79
C SER A 331 -37.01 -12.45 -11.17
N VAL A 332 -38.12 -12.41 -10.44
CA VAL A 332 -38.64 -13.64 -9.86
C VAL A 332 -38.93 -14.64 -10.98
N THR A 333 -38.45 -15.87 -10.84
CA THR A 333 -38.66 -16.89 -11.88
C THR A 333 -39.99 -17.60 -11.78
N ASP A 334 -40.39 -18.13 -12.92
CA ASP A 334 -41.62 -18.87 -13.07
C ASP A 334 -41.71 -20.04 -12.09
N THR A 335 -40.62 -20.79 -11.98
CA THR A 335 -40.60 -21.94 -11.08
C THR A 335 -40.58 -21.57 -9.59
N GLU A 336 -40.20 -20.34 -9.26
CA GLU A 336 -40.21 -19.88 -7.87
C GLU A 336 -41.67 -19.62 -7.51
N VAL A 337 -42.39 -19.05 -8.48
CA VAL A 337 -43.80 -18.75 -8.33
C VAL A 337 -44.61 -20.05 -8.22
N GLU A 338 -44.26 -21.05 -9.02
CA GLU A 338 -44.96 -22.33 -8.98
C GLU A 338 -44.72 -23.08 -7.67
N ARG A 339 -43.50 -23.01 -7.15
CA ARG A 339 -43.16 -23.69 -5.90
C ARG A 339 -43.95 -23.06 -4.76
N ALA A 340 -44.12 -21.74 -4.83
CA ALA A 340 -44.85 -20.99 -3.82
C ALA A 340 -46.33 -21.33 -3.85
N LYS A 341 -46.89 -21.49 -5.06
CA LYS A 341 -48.29 -21.84 -5.23
C LYS A 341 -48.59 -23.13 -4.50
N SER A 342 -47.78 -24.15 -4.76
CA SER A 342 -47.95 -25.45 -4.12
C SER A 342 -47.87 -25.32 -2.61
N LEU A 343 -46.75 -24.77 -2.13
CA LEU A 343 -46.52 -24.61 -0.71
C LEU A 343 -47.53 -23.72 0.00
N LEU A 344 -48.08 -22.75 -0.73
CA LEU A 344 -49.09 -21.85 -0.15
C LEU A 344 -50.35 -22.67 0.09
N LYS A 345 -50.77 -23.43 -0.94
CA LYS A 345 -51.96 -24.28 -0.83
C LYS A 345 -51.85 -25.19 0.37
N LEU A 346 -50.73 -25.89 0.47
CA LEU A 346 -50.47 -26.79 1.58
C LEU A 346 -50.64 -26.09 2.94
N GLN A 347 -50.10 -24.87 3.06
CA GLN A 347 -50.20 -24.13 4.32
C GLN A 347 -51.64 -23.71 4.64
N LEU A 348 -52.34 -23.17 3.64
CA LEU A 348 -53.72 -22.75 3.83
C LEU A 348 -54.57 -23.97 4.20
N GLY A 349 -54.19 -25.12 3.65
CA GLY A 349 -54.87 -26.35 3.97
C GLY A 349 -54.67 -26.68 5.43
N GLN A 350 -53.42 -26.70 5.88
CA GLN A 350 -53.11 -27.02 7.27
C GLN A 350 -53.72 -26.05 8.29
N LEU A 351 -54.13 -24.89 7.82
CA LEU A 351 -54.71 -23.86 8.67
C LEU A 351 -56.21 -24.09 8.79
N TYR A 352 -56.88 -24.09 7.64
CA TYR A 352 -58.32 -24.26 7.56
C TYR A 352 -58.82 -25.69 7.73
N GLU A 353 -58.02 -26.66 7.29
CA GLU A 353 -58.39 -28.06 7.41
C GLU A 353 -57.71 -28.73 8.57
N SER A 354 -57.65 -28.00 9.67
CA SER A 354 -57.07 -28.50 10.91
C SER A 354 -58.14 -29.42 11.53
N GLY A 355 -57.70 -30.41 12.29
CA GLY A 355 -58.69 -31.31 12.89
C GLY A 355 -59.41 -30.67 14.06
N ASN A 356 -58.81 -29.62 14.62
CA ASN A 356 -59.34 -28.91 15.78
C ASN A 356 -60.44 -27.88 15.54
N PRO A 357 -61.61 -28.08 16.18
CA PRO A 357 -62.79 -27.22 16.10
C PRO A 357 -62.64 -25.82 16.67
N VAL A 358 -61.86 -25.65 17.75
CA VAL A 358 -61.67 -24.32 18.33
C VAL A 358 -60.98 -23.40 17.32
N ASN A 359 -60.07 -23.97 16.53
CA ASN A 359 -59.36 -23.20 15.50
C ASN A 359 -60.37 -22.72 14.47
N ASP A 360 -61.19 -23.65 13.99
CA ASP A 360 -62.22 -23.35 12.99
C ASP A 360 -63.22 -22.32 13.49
N ALA A 361 -63.48 -22.34 14.79
CA ALA A 361 -64.41 -21.39 15.39
C ALA A 361 -63.85 -19.97 15.25
N ASN A 362 -62.58 -19.81 15.60
CA ASN A 362 -61.90 -18.53 15.52
C ASN A 362 -61.81 -18.07 14.07
N LEU A 363 -61.51 -19.01 13.18
CA LEU A 363 -61.41 -18.70 11.76
C LEU A 363 -62.77 -18.30 11.21
N LEU A 364 -63.80 -19.06 11.58
CA LEU A 364 -65.16 -18.80 11.12
C LEU A 364 -65.68 -17.46 11.62
N GLY A 365 -65.65 -17.27 12.93
CA GLY A 365 -66.13 -16.03 13.52
C GLY A 365 -65.48 -14.81 12.93
N ALA A 366 -64.16 -14.78 12.96
CA ALA A 366 -63.38 -13.66 12.44
C ALA A 366 -63.71 -13.32 11.00
N GLU A 367 -63.81 -14.35 10.16
CA GLU A 367 -64.08 -14.16 8.75
C GLU A 367 -65.47 -13.63 8.41
N VAL A 368 -66.51 -14.11 9.11
CA VAL A 368 -67.87 -13.63 8.84
C VAL A 368 -68.11 -12.24 9.40
N LEU A 369 -67.32 -11.85 10.41
CA LEU A 369 -67.43 -10.53 11.01
C LEU A 369 -66.97 -9.46 10.00
N ILE A 370 -66.05 -9.85 9.13
CA ILE A 370 -65.50 -8.96 8.12
C ILE A 370 -66.21 -9.04 6.77
N LYS A 371 -66.09 -10.19 6.10
CA LYS A 371 -66.70 -10.38 4.79
C LYS A 371 -68.07 -11.06 4.80
N GLY A 372 -68.66 -11.20 5.99
CA GLY A 372 -69.97 -11.82 6.11
C GLY A 372 -69.97 -13.34 5.95
N SER A 373 -68.98 -13.86 5.22
CA SER A 373 -68.89 -15.30 5.00
C SER A 373 -67.45 -15.78 5.09
N LYS A 374 -67.27 -17.09 5.17
CA LYS A 374 -65.94 -17.67 5.25
C LYS A 374 -65.46 -18.06 3.85
N LEU A 375 -64.18 -17.76 3.58
CA LEU A 375 -63.56 -18.05 2.30
C LEU A 375 -63.42 -19.56 2.06
N SER A 376 -64.01 -20.05 0.97
CA SER A 376 -63.93 -21.46 0.63
C SER A 376 -62.55 -21.79 0.09
N LEU A 377 -61.96 -22.84 0.64
CA LEU A 377 -60.62 -23.27 0.25
C LEU A 377 -60.48 -23.52 -1.24
N GLY A 378 -61.53 -24.03 -1.87
CA GLY A 378 -61.50 -24.29 -3.30
C GLY A 378 -61.37 -23.04 -4.12
N GLU A 379 -61.95 -21.94 -3.64
CA GLU A 379 -61.88 -20.66 -4.34
C GLU A 379 -60.53 -19.99 -4.12
N ALA A 380 -59.91 -20.29 -2.98
CA ALA A 380 -58.60 -19.75 -2.66
C ALA A 380 -57.58 -20.41 -3.57
N PHE A 381 -57.66 -21.72 -3.70
CA PHE A 381 -56.75 -22.47 -4.56
C PHE A 381 -56.80 -22.01 -6.02
N LYS A 382 -57.99 -21.62 -6.49
CA LYS A 382 -58.14 -21.15 -7.87
C LYS A 382 -57.51 -19.79 -8.07
N LYS A 383 -57.62 -18.92 -7.06
CA LYS A 383 -57.02 -17.59 -7.13
C LYS A 383 -55.49 -17.71 -7.08
N ILE A 384 -55.00 -18.65 -6.27
CA ILE A 384 -53.56 -18.90 -6.13
C ILE A 384 -52.96 -19.40 -7.43
N ASP A 385 -53.67 -20.29 -8.12
CA ASP A 385 -53.20 -20.83 -9.40
C ASP A 385 -53.22 -19.76 -10.48
N ALA A 386 -54.16 -18.83 -10.37
CA ALA A 386 -54.30 -17.77 -11.35
C ALA A 386 -53.15 -16.76 -11.33
N ILE A 387 -52.39 -16.75 -10.23
CA ILE A 387 -51.28 -15.84 -10.07
C ILE A 387 -50.13 -16.10 -11.05
N THR A 388 -49.63 -15.04 -11.65
CA THR A 388 -48.54 -15.13 -12.62
C THR A 388 -47.31 -14.34 -12.15
N VAL A 389 -46.22 -14.47 -12.90
CA VAL A 389 -45.00 -13.76 -12.58
C VAL A 389 -45.25 -12.24 -12.67
N LYS A 390 -46.00 -11.83 -13.68
CA LYS A 390 -46.33 -10.41 -13.87
C LYS A 390 -47.07 -9.88 -12.65
N ASP A 391 -48.00 -10.66 -12.13
CA ASP A 391 -48.76 -10.27 -10.96
C ASP A 391 -47.82 -9.96 -9.81
N VAL A 392 -46.90 -10.89 -9.55
CA VAL A 392 -45.93 -10.75 -8.48
C VAL A 392 -45.05 -9.51 -8.64
N LYS A 393 -44.53 -9.29 -9.85
CA LYS A 393 -43.68 -8.14 -10.14
C LYS A 393 -44.41 -6.83 -9.95
N ALA A 394 -45.69 -6.81 -10.33
CA ALA A 394 -46.51 -5.61 -10.20
C ALA A 394 -46.73 -5.29 -8.73
N TRP A 395 -46.98 -6.33 -7.94
CA TRP A 395 -47.19 -6.16 -6.51
C TRP A 395 -45.94 -5.65 -5.80
N ALA A 396 -44.79 -6.28 -6.07
CA ALA A 396 -43.53 -5.88 -5.44
C ALA A 396 -43.10 -4.47 -5.84
N GLY A 397 -43.38 -4.09 -7.08
CA GLY A 397 -43.02 -2.76 -7.53
C GLY A 397 -43.77 -1.68 -6.75
N LYS A 398 -44.94 -2.05 -6.25
CA LYS A 398 -45.80 -1.16 -5.49
C LYS A 398 -45.51 -1.18 -3.99
N ARG A 399 -45.48 -2.37 -3.42
CA ARG A 399 -45.28 -2.56 -1.98
C ARG A 399 -43.85 -2.72 -1.48
N LEU A 400 -42.96 -3.24 -2.33
CA LEU A 400 -41.58 -3.52 -1.93
C LEU A 400 -40.48 -2.61 -2.46
N TRP A 401 -40.43 -2.43 -3.77
CA TRP A 401 -39.40 -1.61 -4.40
C TRP A 401 -39.27 -0.17 -3.91
N ASP A 402 -38.16 0.13 -3.26
CA ASP A 402 -37.88 1.47 -2.77
C ASP A 402 -39.02 2.04 -1.92
N GLN A 403 -39.44 1.26 -0.93
CA GLN A 403 -40.50 1.67 0.00
C GLN A 403 -39.97 1.71 1.43
N ASP A 404 -40.61 2.52 2.27
CA ASP A 404 -40.22 2.65 3.67
C ASP A 404 -40.40 1.33 4.39
N ILE A 405 -39.59 1.12 5.42
CA ILE A 405 -39.67 -0.11 6.21
C ILE A 405 -39.83 0.21 7.68
N ALA A 406 -40.23 -0.81 8.43
CA ALA A 406 -40.41 -0.70 9.86
C ALA A 406 -39.44 -1.74 10.41
N ILE A 407 -38.64 -1.35 11.40
CA ILE A 407 -37.67 -2.26 11.98
C ILE A 407 -37.80 -2.32 13.50
N ALA A 408 -37.57 -3.50 14.05
CA ALA A 408 -37.61 -3.72 15.49
C ALA A 408 -36.59 -4.80 15.80
N GLY A 409 -35.94 -4.70 16.94
CA GLY A 409 -34.96 -5.69 17.31
C GLY A 409 -34.49 -5.60 18.74
N THR A 410 -34.03 -6.71 19.28
CA THR A 410 -33.53 -6.73 20.65
C THR A 410 -32.33 -7.65 20.74
N GLY A 411 -31.56 -7.47 21.81
CA GLY A 411 -30.37 -8.29 22.01
C GLY A 411 -29.13 -7.64 21.44
N GLN A 412 -28.19 -8.48 21.02
CA GLN A 412 -26.92 -8.01 20.46
C GLN A 412 -27.07 -7.45 19.07
N ILE A 413 -27.73 -6.29 18.99
CA ILE A 413 -27.98 -5.66 17.70
C ILE A 413 -27.03 -4.53 17.31
N GLU A 414 -25.84 -4.53 17.90
CA GLU A 414 -24.87 -3.48 17.57
C GLU A 414 -24.52 -3.54 16.10
N GLY A 415 -24.54 -4.74 15.54
CA GLY A 415 -24.22 -4.94 14.15
C GLY A 415 -25.32 -4.60 13.15
N LEU A 416 -26.52 -4.26 13.63
CA LEU A 416 -27.62 -3.89 12.75
C LEU A 416 -27.42 -2.42 12.38
N LEU A 417 -27.00 -2.19 11.14
CA LEU A 417 -26.74 -0.84 10.65
C LEU A 417 -27.92 0.12 10.75
N ASP A 418 -27.62 1.41 10.63
CA ASP A 418 -28.63 2.48 10.69
C ASP A 418 -29.80 2.25 9.71
N TYR A 419 -30.89 2.95 9.98
CA TYR A 419 -32.11 2.85 9.17
C TYR A 419 -31.84 3.05 7.69
N MET A 420 -31.21 4.17 7.34
CA MET A 420 -30.90 4.50 5.95
C MET A 420 -30.11 3.46 5.17
N ARG A 421 -29.22 2.74 5.83
CA ARG A 421 -28.46 1.70 5.15
C ARG A 421 -29.38 0.57 4.77
N ILE A 422 -30.19 0.14 5.75
CA ILE A 422 -31.15 -0.94 5.52
C ILE A 422 -32.13 -0.48 4.44
N ARG A 423 -32.63 0.75 4.61
CA ARG A 423 -33.58 1.36 3.69
C ARG A 423 -33.07 1.40 2.24
N SER A 424 -31.79 1.70 2.04
CA SER A 424 -31.21 1.75 0.71
C SER A 424 -31.27 0.42 -0.03
N ASP A 425 -31.26 -0.68 0.72
CA ASP A 425 -31.33 -2.00 0.11
C ASP A 425 -32.71 -2.36 -0.43
N MET A 426 -33.67 -1.44 -0.37
CA MET A 426 -35.01 -1.73 -0.88
C MET A 426 -35.08 -1.61 -2.40
N SER A 427 -33.96 -1.26 -3.02
CA SER A 427 -33.90 -1.13 -4.47
C SER A 427 -32.48 -1.37 -4.97
N MET A 428 -32.34 -1.47 -6.28
CA MET A 428 -31.05 -1.67 -6.92
C MET A 428 -30.74 -0.53 -7.88
N MET A 429 -29.45 -0.30 -8.12
CA MET A 429 -29.01 0.72 -9.07
C MET A 429 -29.24 0.18 -10.46
N ARG A 430 -29.33 1.07 -11.44
CA ARG A 430 -29.50 0.68 -12.83
C ARG A 430 -29.33 1.84 -13.79
N TRP A 431 -29.23 1.52 -15.08
CA TRP A 431 -29.04 2.50 -16.13
C TRP A 431 -30.36 3.15 -16.58
N LEU B 1 -49.23 -56.52 8.49
CA LEU B 1 -49.20 -55.26 7.67
C LEU B 1 -50.57 -54.59 7.77
N THR B 2 -50.74 -53.79 8.82
CA THR B 2 -51.99 -53.06 9.06
C THR B 2 -52.09 -51.82 8.18
N VAL B 3 -53.29 -51.54 7.66
CA VAL B 3 -53.54 -50.37 6.83
C VAL B 3 -54.95 -49.84 7.03
N SER B 4 -55.06 -48.68 7.71
CA SER B 4 -56.36 -48.05 7.96
C SER B 4 -56.42 -46.65 7.35
N ALA B 5 -57.64 -46.10 7.22
CA ALA B 5 -57.83 -44.77 6.66
C ALA B 5 -59.25 -44.22 6.80
N ARG B 6 -59.35 -42.96 7.21
CA ARG B 6 -60.62 -42.27 7.37
C ARG B 6 -60.67 -41.14 6.33
N ASP B 7 -61.58 -41.25 5.37
CA ASP B 7 -61.72 -40.27 4.30
C ASP B 7 -62.57 -39.04 4.66
N ALA B 8 -62.49 -38.03 3.80
CA ALA B 8 -63.22 -36.75 3.92
C ALA B 8 -62.97 -35.96 2.63
N PRO B 9 -63.89 -35.04 2.26
CA PRO B 9 -63.76 -34.24 1.05
C PRO B 9 -62.85 -33.01 1.17
N THR B 10 -61.73 -33.17 1.87
CA THR B 10 -60.77 -32.09 2.08
C THR B 10 -59.76 -31.95 0.94
N LYS B 11 -58.92 -30.92 1.05
CA LYS B 11 -57.88 -30.65 0.06
C LYS B 11 -56.54 -31.27 0.47
N ILE B 12 -56.37 -31.46 1.78
CA ILE B 12 -55.16 -32.02 2.35
C ILE B 12 -55.38 -33.38 2.98
N SER B 13 -54.34 -34.22 2.96
CA SER B 13 -54.36 -35.56 3.53
C SER B 13 -53.09 -35.72 4.37
N THR B 14 -53.00 -36.81 5.12
CA THR B 14 -51.82 -37.05 5.95
C THR B 14 -51.52 -38.52 6.19
N LEU B 15 -50.50 -39.02 5.49
CA LEU B 15 -50.04 -40.39 5.58
C LEU B 15 -49.14 -40.57 6.79
N ALA B 16 -49.21 -41.73 7.43
CA ALA B 16 -48.38 -42.01 8.59
C ALA B 16 -47.95 -43.48 8.61
N VAL B 17 -46.71 -43.74 9.02
CA VAL B 17 -46.18 -45.09 9.10
C VAL B 17 -45.60 -45.32 10.49
N LYS B 18 -46.45 -45.84 11.38
CA LYS B 18 -46.09 -46.14 12.76
C LYS B 18 -45.24 -47.40 12.84
N VAL B 19 -43.99 -47.25 13.25
CA VAL B 19 -43.07 -48.37 13.39
C VAL B 19 -42.77 -48.57 14.86
N HIS B 20 -42.95 -49.79 15.35
CA HIS B 20 -42.68 -50.07 16.76
C HIS B 20 -41.18 -50.15 17.01
N GLY B 21 -40.54 -49.00 17.07
CA GLY B 21 -39.11 -48.93 17.28
C GLY B 21 -38.63 -47.73 18.05
N GLY B 22 -39.46 -47.26 18.98
CA GLY B 22 -39.12 -46.12 19.80
C GLY B 22 -38.03 -46.49 20.80
N SER B 23 -37.75 -45.56 21.70
CA SER B 23 -36.71 -45.74 22.72
C SER B 23 -36.79 -47.04 23.52
N ARG B 24 -38.01 -47.56 23.68
CA ARG B 24 -38.24 -48.80 24.43
C ARG B 24 -37.59 -50.02 23.77
N TYR B 25 -37.39 -49.95 22.47
CA TYR B 25 -36.80 -51.05 21.70
C TYR B 25 -35.32 -50.88 21.37
N ALA B 26 -34.76 -49.71 21.69
CA ALA B 26 -33.36 -49.39 21.41
C ALA B 26 -32.34 -50.33 22.05
N THR B 27 -31.59 -51.05 21.21
CA THR B 27 -30.59 -52.00 21.70
C THR B 27 -29.43 -51.26 22.36
N LYS B 28 -29.23 -50.01 21.98
CA LYS B 28 -28.18 -49.16 22.52
C LYS B 28 -28.76 -47.78 22.74
N ASP B 29 -28.34 -47.13 23.83
CA ASP B 29 -28.82 -45.80 24.18
C ASP B 29 -28.76 -44.80 23.03
N GLY B 30 -29.93 -44.26 22.68
CA GLY B 30 -30.01 -43.28 21.60
C GLY B 30 -30.05 -43.81 20.18
N VAL B 31 -29.94 -45.12 20.00
CA VAL B 31 -29.96 -45.68 18.66
C VAL B 31 -31.30 -45.45 17.94
N ALA B 32 -32.39 -45.32 18.71
CA ALA B 32 -33.70 -45.07 18.12
C ALA B 32 -33.76 -43.63 17.62
N HIS B 33 -33.16 -42.74 18.40
CA HIS B 33 -33.09 -41.32 18.10
C HIS B 33 -32.32 -41.12 16.79
N LEU B 34 -31.14 -41.71 16.70
CA LEU B 34 -30.31 -41.59 15.49
C LEU B 34 -30.99 -42.12 14.24
N LEU B 35 -31.72 -43.24 14.35
CA LEU B 35 -32.41 -43.79 13.18
C LEU B 35 -33.52 -42.84 12.76
N ASN B 36 -34.25 -42.32 13.75
CA ASN B 36 -35.34 -41.38 13.48
C ASN B 36 -34.78 -40.14 12.78
N ARG B 37 -33.58 -39.76 13.19
CA ARG B 37 -32.88 -38.60 12.64
C ARG B 37 -32.31 -38.92 11.25
N PHE B 38 -32.13 -40.21 10.97
CA PHE B 38 -31.60 -40.65 9.67
C PHE B 38 -32.71 -40.70 8.62
N ASN B 39 -33.95 -40.85 9.07
CA ASN B 39 -35.07 -40.89 8.13
C ASN B 39 -35.12 -39.65 7.27
N PHE B 40 -35.44 -39.85 6.00
CA PHE B 40 -35.56 -38.80 4.98
C PHE B 40 -34.24 -38.29 4.42
N GLN B 41 -33.16 -38.94 4.82
CA GLN B 41 -31.84 -38.64 4.31
C GLN B 41 -31.81 -39.38 2.97
N ASN B 42 -30.65 -39.48 2.35
CA ASN B 42 -30.56 -40.16 1.06
C ASN B 42 -31.03 -41.60 1.07
N THR B 43 -31.72 -41.97 0.00
CA THR B 43 -32.15 -43.35 -0.22
C THR B 43 -31.28 -43.72 -1.42
N ASN B 44 -31.20 -45.01 -1.74
CA ASN B 44 -30.37 -45.43 -2.86
C ASN B 44 -30.73 -44.89 -4.23
N THR B 45 -31.97 -44.44 -4.42
CA THR B 45 -32.37 -43.92 -5.73
C THR B 45 -32.83 -42.46 -5.76
N ARG B 46 -33.04 -41.88 -4.59
CA ARG B 46 -33.49 -40.50 -4.49
C ARG B 46 -32.76 -39.80 -3.34
N SER B 47 -32.21 -38.63 -3.61
CA SER B 47 -31.47 -37.89 -2.59
C SER B 47 -32.39 -37.02 -1.73
N ALA B 48 -31.94 -36.74 -0.52
CA ALA B 48 -32.68 -35.91 0.42
C ALA B 48 -33.03 -34.59 -0.28
N LEU B 49 -32.08 -34.07 -1.05
CA LEU B 49 -32.29 -32.81 -1.76
C LEU B 49 -33.37 -32.97 -2.81
N LYS B 50 -33.28 -34.03 -3.61
CA LYS B 50 -34.26 -34.29 -4.65
C LYS B 50 -35.65 -34.45 -4.04
N LEU B 51 -35.72 -35.22 -2.95
CA LEU B 51 -36.99 -35.44 -2.26
C LEU B 51 -37.65 -34.13 -1.85
N VAL B 52 -36.90 -33.28 -1.15
CA VAL B 52 -37.42 -31.99 -0.70
C VAL B 52 -37.89 -31.08 -1.85
N ARG B 53 -37.04 -30.90 -2.86
CA ARG B 53 -37.37 -30.04 -3.98
C ARG B 53 -38.57 -30.54 -4.78
N GLU B 54 -38.65 -31.86 -4.94
CA GLU B 54 -39.73 -32.50 -5.67
C GLU B 54 -41.03 -32.38 -4.89
N SER B 55 -41.00 -32.75 -3.60
CA SER B 55 -42.19 -32.67 -2.78
C SER B 55 -42.70 -31.24 -2.61
N GLU B 56 -41.80 -30.28 -2.68
CA GLU B 56 -42.18 -28.87 -2.57
C GLU B 56 -42.99 -28.44 -3.79
N LEU B 57 -42.55 -28.88 -4.97
CA LEU B 57 -43.26 -28.54 -6.21
C LEU B 57 -44.64 -29.21 -6.24
N LEU B 58 -44.78 -30.32 -5.51
CA LEU B 58 -46.04 -31.04 -5.45
C LEU B 58 -46.96 -30.37 -4.44
N GLY B 59 -46.38 -30.02 -3.30
CA GLY B 59 -47.13 -29.39 -2.23
C GLY B 59 -47.24 -30.33 -1.04
N GLY B 60 -46.11 -30.80 -0.54
CA GLY B 60 -46.11 -31.68 0.60
C GLY B 60 -44.81 -31.62 1.38
N THR B 61 -44.85 -32.02 2.65
CA THR B 61 -43.67 -32.04 3.53
C THR B 61 -43.61 -33.34 4.32
N PHE B 62 -42.41 -33.70 4.78
CA PHE B 62 -42.20 -34.93 5.54
C PHE B 62 -41.74 -34.61 6.95
N LYS B 63 -41.67 -35.64 7.78
CA LYS B 63 -41.23 -35.51 9.16
C LYS B 63 -41.20 -36.89 9.81
N SER B 64 -40.27 -37.09 10.73
CA SER B 64 -40.14 -38.36 11.42
C SER B 64 -40.01 -38.10 12.91
N THR B 65 -41.09 -38.37 13.65
CA THR B 65 -41.14 -38.15 15.09
C THR B 65 -40.73 -39.40 15.86
N LEU B 66 -40.05 -39.21 16.97
CA LEU B 66 -39.63 -40.30 17.83
C LEU B 66 -40.49 -40.24 19.11
N ASP B 67 -40.96 -41.40 19.55
CA ASP B 67 -41.76 -41.54 20.77
C ASP B 67 -41.01 -42.50 21.66
N ARG B 68 -41.63 -42.82 22.79
CA ARG B 68 -41.06 -43.76 23.73
C ARG B 68 -41.44 -45.14 23.18
N GLU B 69 -42.42 -45.16 22.28
CA GLU B 69 -42.90 -46.40 21.69
C GLU B 69 -42.74 -46.48 20.18
N TYR B 70 -43.04 -45.39 19.50
CA TYR B 70 -42.95 -45.35 18.04
C TYR B 70 -41.86 -44.48 17.42
N ILE B 71 -41.72 -44.68 16.11
CA ILE B 71 -40.86 -43.93 15.23
C ILE B 71 -41.90 -43.79 14.13
N THR B 72 -42.43 -42.58 13.96
CA THR B 72 -43.47 -42.32 12.98
C THR B 72 -43.03 -41.47 11.81
N LEU B 73 -43.13 -42.02 10.62
CA LEU B 73 -42.79 -41.30 9.40
C LEU B 73 -44.13 -40.73 8.96
N LYS B 74 -44.23 -39.42 8.87
CA LYS B 74 -45.50 -38.80 8.49
C LYS B 74 -45.37 -37.84 7.32
N ALA B 75 -46.43 -37.78 6.50
CA ALA B 75 -46.46 -36.91 5.34
C ALA B 75 -47.79 -36.15 5.24
N THR B 76 -47.69 -34.87 4.92
CA THR B 76 -48.86 -34.00 4.77
C THR B 76 -48.75 -33.50 3.35
N PHE B 77 -49.82 -33.62 2.56
CA PHE B 77 -49.77 -33.25 1.15
C PHE B 77 -51.15 -33.04 0.53
N LEU B 78 -51.15 -32.60 -0.73
CA LEU B 78 -52.40 -32.39 -1.47
C LEU B 78 -52.94 -33.78 -1.83
N LYS B 79 -54.13 -34.08 -1.32
CA LYS B 79 -54.83 -35.36 -1.47
C LYS B 79 -54.58 -36.23 -2.70
N ASP B 80 -54.72 -35.67 -3.89
CA ASP B 80 -54.53 -36.40 -5.14
C ASP B 80 -53.14 -36.95 -5.47
N ASP B 81 -52.15 -36.62 -4.65
CA ASP B 81 -50.77 -37.09 -4.90
C ASP B 81 -50.36 -38.28 -4.03
N LEU B 82 -51.36 -38.90 -3.40
CA LEU B 82 -51.19 -40.04 -2.50
C LEU B 82 -50.11 -41.10 -2.82
N PRO B 83 -50.11 -41.68 -4.04
CA PRO B 83 -49.09 -42.69 -4.34
C PRO B 83 -47.64 -42.23 -4.20
N TYR B 84 -47.36 -40.98 -4.57
CA TYR B 84 -46.01 -40.43 -4.46
C TYR B 84 -45.51 -40.55 -3.03
N TYR B 85 -46.30 -40.07 -2.08
CA TYR B 85 -45.92 -40.12 -0.68
C TYR B 85 -45.92 -41.53 -0.08
N VAL B 86 -46.77 -42.41 -0.63
CA VAL B 86 -46.81 -43.78 -0.15
C VAL B 86 -45.45 -44.41 -0.49
N ASN B 87 -44.99 -44.17 -1.71
CA ASN B 87 -43.71 -44.69 -2.17
C ASN B 87 -42.50 -44.03 -1.49
N ALA B 88 -42.56 -42.71 -1.33
CA ALA B 88 -41.47 -41.98 -0.69
C ALA B 88 -41.19 -42.58 0.69
N LEU B 89 -42.25 -42.74 1.50
CA LEU B 89 -42.10 -43.32 2.83
C LEU B 89 -41.67 -44.78 2.73
N ALA B 90 -42.13 -45.46 1.69
CA ALA B 90 -41.77 -46.85 1.47
C ALA B 90 -40.26 -46.96 1.24
N ASP B 91 -39.75 -46.09 0.35
CA ASP B 91 -38.33 -46.05 0.02
C ASP B 91 -37.45 -45.80 1.23
N VAL B 92 -37.97 -45.03 2.18
CA VAL B 92 -37.22 -44.72 3.39
C VAL B 92 -36.97 -46.01 4.19
N LEU B 93 -38.02 -46.80 4.38
CA LEU B 93 -37.90 -48.05 5.12
C LEU B 93 -37.10 -49.13 4.39
N TYR B 94 -37.29 -49.21 3.07
CA TYR B 94 -36.63 -50.23 2.26
C TYR B 94 -35.20 -49.99 1.81
N LYS B 95 -34.87 -48.75 1.45
CA LYS B 95 -33.52 -48.47 0.97
C LYS B 95 -32.87 -47.14 1.36
N THR B 96 -32.77 -46.86 2.65
CA THR B 96 -32.10 -45.65 3.13
C THR B 96 -30.62 -45.96 2.93
N ALA B 97 -29.90 -45.01 2.33
CA ALA B 97 -28.47 -45.13 2.03
C ALA B 97 -27.52 -45.34 3.20
N PHE B 98 -27.75 -44.63 4.29
CA PHE B 98 -26.90 -44.73 5.47
C PHE B 98 -25.42 -44.49 5.13
N LYS B 99 -25.14 -43.41 4.40
CA LYS B 99 -23.78 -43.06 4.02
C LYS B 99 -23.06 -42.49 5.25
N PRO B 100 -21.79 -42.88 5.44
CA PRO B 100 -21.00 -42.42 6.58
C PRO B 100 -20.98 -40.89 6.73
N HIS B 101 -20.93 -40.18 5.61
CA HIS B 101 -20.88 -38.72 5.68
C HIS B 101 -22.19 -38.08 6.15
N GLU B 102 -23.30 -38.70 5.81
CA GLU B 102 -24.60 -38.20 6.25
C GLU B 102 -24.68 -38.28 7.77
N LEU B 103 -24.08 -39.33 8.34
CA LEU B 103 -24.09 -39.49 9.78
C LEU B 103 -23.33 -38.36 10.47
N THR B 104 -22.17 -37.99 9.94
CA THR B 104 -21.38 -36.95 10.57
C THR B 104 -21.78 -35.53 10.15
N GLU B 105 -22.27 -35.39 8.93
CA GLU B 105 -22.66 -34.09 8.43
C GLU B 105 -24.08 -33.63 8.76
N SER B 106 -25.05 -34.56 8.84
CA SER B 106 -26.43 -34.17 9.12
C SER B 106 -27.07 -34.77 10.37
N VAL B 107 -27.00 -36.09 10.47
CA VAL B 107 -27.60 -36.85 11.57
C VAL B 107 -27.04 -36.55 12.96
N LEU B 108 -25.74 -36.75 13.17
CA LEU B 108 -25.17 -36.48 14.48
C LEU B 108 -25.46 -35.05 14.96
N PRO B 109 -25.27 -34.04 14.09
CA PRO B 109 -25.54 -32.66 14.52
C PRO B 109 -27.01 -32.44 14.90
N ALA B 110 -27.93 -33.02 14.13
CA ALA B 110 -29.37 -32.87 14.41
C ALA B 110 -29.70 -33.48 15.78
N ALA B 111 -29.15 -34.66 16.04
CA ALA B 111 -29.38 -35.32 17.32
C ALA B 111 -28.72 -34.49 18.42
N ARG B 112 -27.57 -33.90 18.12
CA ARG B 112 -26.85 -33.06 19.09
C ARG B 112 -27.75 -31.88 19.47
N TYR B 113 -28.47 -31.37 18.48
CA TYR B 113 -29.38 -30.24 18.63
C TYR B 113 -30.60 -30.65 19.47
N ASP B 114 -31.20 -31.78 19.12
CA ASP B 114 -32.36 -32.31 19.84
C ASP B 114 -32.03 -32.43 21.31
N TYR B 115 -30.87 -33.02 21.59
CA TYR B 115 -30.42 -33.19 22.94
C TYR B 115 -30.20 -31.86 23.63
N ALA B 116 -29.53 -30.93 22.93
CA ALA B 116 -29.24 -29.60 23.48
C ALA B 116 -30.50 -28.86 23.93
N VAL B 117 -31.55 -28.92 23.12
CA VAL B 117 -32.83 -28.29 23.44
C VAL B 117 -33.43 -28.89 24.71
N ALA B 118 -33.53 -30.23 24.71
CA ALA B 118 -34.11 -30.98 25.83
C ALA B 118 -33.31 -30.90 27.13
N GLU B 119 -31.98 -30.78 27.01
CA GLU B 119 -31.09 -30.71 28.17
C GLU B 119 -31.36 -29.49 29.05
N GLN B 120 -31.97 -28.47 28.47
CA GLN B 120 -32.27 -27.24 29.18
C GLN B 120 -33.64 -27.24 29.86
N CYS B 121 -34.43 -28.28 29.58
CA CYS B 121 -35.76 -28.43 30.17
C CYS B 121 -35.71 -29.54 31.21
N PRO B 122 -35.67 -29.18 32.51
CA PRO B 122 -35.60 -30.14 33.61
C PRO B 122 -36.74 -31.16 33.73
N VAL B 123 -37.94 -30.81 33.26
CA VAL B 123 -39.08 -31.75 33.34
C VAL B 123 -38.85 -32.95 32.42
N LYS B 124 -38.05 -32.76 31.37
CA LYS B 124 -37.74 -33.85 30.46
C LYS B 124 -36.64 -34.73 31.04
N SER B 125 -35.75 -34.15 31.84
CA SER B 125 -34.70 -34.90 32.49
C SER B 125 -35.36 -35.76 33.57
N ALA B 126 -36.43 -35.22 34.16
CA ALA B 126 -37.18 -35.91 35.19
C ALA B 126 -38.01 -37.04 34.59
N GLU B 127 -38.62 -36.77 33.44
CA GLU B 127 -39.44 -37.77 32.75
C GLU B 127 -38.57 -38.96 32.36
N ASP B 128 -37.34 -38.69 31.93
CA ASP B 128 -36.41 -39.74 31.56
C ASP B 128 -36.02 -40.51 32.81
N GLN B 129 -35.74 -39.76 33.88
CA GLN B 129 -35.38 -40.33 35.16
C GLN B 129 -36.48 -41.24 35.69
N LEU B 130 -37.73 -40.77 35.59
CA LEU B 130 -38.87 -41.55 36.06
C LEU B 130 -38.91 -42.89 35.36
N TYR B 131 -38.97 -42.87 34.03
CA TYR B 131 -38.99 -44.10 33.25
C TYR B 131 -37.84 -45.03 33.61
N ALA B 132 -36.65 -44.47 33.74
CA ALA B 132 -35.48 -45.27 34.07
C ALA B 132 -35.60 -46.02 35.40
N ILE B 133 -36.03 -45.33 36.45
CA ILE B 133 -36.17 -45.96 37.76
C ILE B 133 -37.32 -46.97 37.94
N THR B 134 -38.41 -46.80 37.18
CA THR B 134 -39.53 -47.74 37.26
C THR B 134 -39.47 -48.90 36.26
N PHE B 135 -38.78 -48.73 35.13
CA PHE B 135 -38.64 -49.79 34.12
C PHE B 135 -37.16 -49.90 33.72
N ARG B 136 -36.33 -50.41 34.64
CA ARG B 136 -34.89 -50.53 34.46
C ARG B 136 -34.16 -50.93 33.15
N LYS B 137 -34.85 -50.85 32.02
CA LYS B 137 -34.29 -51.14 30.69
C LYS B 137 -35.39 -51.42 29.69
N GLY B 138 -36.64 -51.49 30.15
CA GLY B 138 -37.74 -51.71 29.23
C GLY B 138 -37.99 -50.38 28.52
N LEU B 139 -39.05 -49.69 28.94
CA LEU B 139 -39.38 -48.38 28.38
C LEU B 139 -38.49 -47.40 29.13
N GLY B 140 -37.73 -47.91 30.08
CA GLY B 140 -36.85 -47.07 30.88
C GLY B 140 -35.59 -46.60 30.19
N ASN B 141 -35.48 -46.86 28.89
CA ASN B 141 -34.33 -46.43 28.08
C ASN B 141 -34.37 -44.92 27.86
N PRO B 142 -33.19 -44.28 27.75
CA PRO B 142 -33.13 -42.83 27.52
C PRO B 142 -33.79 -42.56 26.18
N LEU B 143 -34.61 -41.52 26.13
CA LEU B 143 -35.31 -41.19 24.90
C LEU B 143 -34.37 -40.76 23.77
N LEU B 144 -33.44 -39.86 24.09
CA LEU B 144 -32.49 -39.33 23.11
C LEU B 144 -31.08 -39.88 23.21
N TYR B 145 -30.29 -39.64 22.17
CA TYR B 145 -28.89 -40.06 22.10
C TYR B 145 -28.01 -39.02 22.81
N ASP B 146 -27.20 -39.46 23.76
CA ASP B 146 -26.34 -38.52 24.48
C ASP B 146 -24.85 -38.84 24.44
N GLY B 147 -24.49 -39.90 23.73
CA GLY B 147 -23.10 -40.28 23.61
C GLY B 147 -22.46 -41.02 24.77
N VAL B 148 -23.21 -41.32 25.82
CA VAL B 148 -22.63 -42.06 26.95
C VAL B 148 -22.35 -43.49 26.49
N GLU B 149 -23.10 -43.93 25.49
CA GLU B 149 -22.92 -45.25 24.92
C GLU B 149 -22.81 -44.97 23.43
N ARG B 150 -21.62 -45.24 22.89
CA ARG B 150 -21.33 -44.98 21.49
C ARG B 150 -22.14 -45.84 20.51
N VAL B 151 -22.74 -45.20 19.53
CA VAL B 151 -23.52 -45.87 18.52
C VAL B 151 -22.83 -45.68 17.17
N SER B 152 -22.36 -46.76 16.58
CA SER B 152 -21.68 -46.70 15.29
C SER B 152 -22.69 -46.65 14.16
N LEU B 153 -22.22 -46.43 12.94
CA LEU B 153 -23.09 -46.38 11.78
C LEU B 153 -23.76 -47.74 11.64
N GLN B 154 -23.00 -48.80 11.95
CA GLN B 154 -23.50 -50.16 11.85
C GLN B 154 -24.62 -50.46 12.86
N ASP B 155 -24.48 -49.95 14.08
CA ASP B 155 -25.50 -50.13 15.10
C ASP B 155 -26.84 -49.56 14.64
N ILE B 156 -26.79 -48.45 13.92
CA ILE B 156 -27.99 -47.80 13.40
C ILE B 156 -28.62 -48.64 12.29
N LYS B 157 -27.78 -49.22 11.43
CA LYS B 157 -28.27 -50.06 10.34
C LYS B 157 -28.85 -51.34 10.92
N ASP B 158 -28.20 -51.89 11.94
CA ASP B 158 -28.67 -53.11 12.57
C ASP B 158 -30.06 -52.88 13.13
N PHE B 159 -30.22 -51.76 13.83
CA PHE B 159 -31.49 -51.39 14.44
C PHE B 159 -32.56 -51.16 13.36
N ALA B 160 -32.13 -50.73 12.19
CA ALA B 160 -33.07 -50.50 11.10
C ALA B 160 -33.64 -51.84 10.63
N ASP B 161 -32.79 -52.86 10.58
CA ASP B 161 -33.21 -54.20 10.16
C ASP B 161 -34.14 -54.85 11.18
N LYS B 162 -33.83 -54.62 12.45
CA LYS B 162 -34.59 -55.16 13.56
C LYS B 162 -36.00 -54.57 13.66
N VAL B 163 -36.14 -53.30 13.30
CA VAL B 163 -37.40 -52.61 13.42
C VAL B 163 -38.19 -52.38 12.14
N TYR B 164 -37.52 -52.17 11.02
CA TYR B 164 -38.22 -51.94 9.76
C TYR B 164 -38.68 -53.23 9.07
N THR B 165 -39.69 -53.86 9.66
CA THR B 165 -40.26 -55.10 9.12
C THR B 165 -41.77 -54.99 9.04
N LYS B 166 -42.38 -55.73 8.09
CA LYS B 166 -43.82 -55.70 7.88
C LYS B 166 -44.71 -55.92 9.09
N GLU B 167 -44.42 -56.97 9.87
CA GLU B 167 -45.22 -57.29 11.05
C GLU B 167 -44.99 -56.34 12.22
N ASN B 168 -44.13 -55.34 12.01
CA ASN B 168 -43.82 -54.39 13.08
C ASN B 168 -44.28 -52.96 12.83
N LEU B 169 -45.07 -52.74 11.79
CA LEU B 169 -45.53 -51.39 11.50
C LEU B 169 -47.00 -51.28 11.13
N GLU B 170 -47.55 -50.07 11.28
CA GLU B 170 -48.94 -49.80 10.96
C GLU B 170 -49.06 -48.56 10.09
N VAL B 171 -49.55 -48.74 8.86
CA VAL B 171 -49.74 -47.64 7.93
C VAL B 171 -51.09 -46.98 8.22
N SER B 172 -51.10 -45.66 8.36
CA SER B 172 -52.31 -44.93 8.68
C SER B 172 -52.58 -43.73 7.77
N GLY B 173 -53.85 -43.55 7.40
CA GLY B 173 -54.24 -42.44 6.53
C GLY B 173 -55.33 -41.56 7.12
N GLU B 174 -55.32 -40.28 6.77
CA GLU B 174 -56.30 -39.33 7.24
C GLU B 174 -56.67 -38.44 6.06
N ASN B 175 -57.97 -38.40 5.75
CA ASN B 175 -58.51 -37.67 4.60
C ASN B 175 -58.04 -38.42 3.35
N VAL B 176 -57.91 -39.73 3.50
CA VAL B 176 -57.45 -40.65 2.46
C VAL B 176 -58.46 -41.78 2.22
N VAL B 177 -58.64 -42.16 0.95
CA VAL B 177 -59.55 -43.24 0.59
C VAL B 177 -58.84 -44.57 0.86
N GLU B 178 -59.36 -45.32 1.83
CA GLU B 178 -58.77 -46.60 2.24
C GLU B 178 -58.55 -47.63 1.13
N ALA B 179 -59.41 -47.62 0.12
CA ALA B 179 -59.29 -48.56 -1.00
C ALA B 179 -57.98 -48.37 -1.77
N ASP B 180 -57.71 -47.14 -2.16
CA ASP B 180 -56.49 -46.81 -2.90
C ASP B 180 -55.25 -46.93 -2.01
N LEU B 181 -55.39 -46.56 -0.75
CA LEU B 181 -54.29 -46.63 0.20
C LEU B 181 -53.74 -48.04 0.31
N LYS B 182 -54.63 -49.01 0.55
CA LYS B 182 -54.23 -50.41 0.65
C LYS B 182 -53.62 -50.87 -0.68
N ARG B 183 -54.24 -50.43 -1.76
CA ARG B 183 -53.79 -50.77 -3.11
C ARG B 183 -52.37 -50.24 -3.34
N PHE B 184 -52.16 -48.96 -3.04
CA PHE B 184 -50.85 -48.33 -3.20
C PHE B 184 -49.78 -48.93 -2.27
N VAL B 185 -50.19 -49.28 -1.06
CA VAL B 185 -49.28 -49.87 -0.07
C VAL B 185 -48.77 -51.23 -0.54
N ASP B 186 -49.69 -52.08 -1.00
CA ASP B 186 -49.33 -53.41 -1.50
C ASP B 186 -48.46 -53.26 -2.76
N GLU B 187 -48.77 -52.23 -3.52
CA GLU B 187 -48.08 -51.91 -4.77
C GLU B 187 -46.69 -51.30 -4.52
N SER B 188 -46.40 -50.92 -3.28
CA SER B 188 -45.13 -50.28 -2.93
C SER B 188 -44.09 -51.22 -2.34
N LEU B 189 -42.94 -50.65 -1.97
CA LEU B 189 -41.84 -51.40 -1.38
C LEU B 189 -42.11 -51.81 0.05
N LEU B 190 -43.29 -51.48 0.55
CA LEU B 190 -43.68 -51.87 1.91
C LEU B 190 -43.81 -53.39 1.92
N SER B 191 -44.58 -53.92 0.96
CA SER B 191 -44.83 -55.35 0.85
C SER B 191 -43.57 -56.18 0.62
N THR B 192 -42.53 -55.53 0.10
CA THR B 192 -41.26 -56.20 -0.19
C THR B 192 -40.36 -56.27 1.04
N LEU B 193 -40.70 -55.48 2.07
CA LEU B 193 -39.93 -55.45 3.31
C LEU B 193 -40.00 -56.81 3.97
N PRO B 194 -38.88 -57.27 4.56
CA PRO B 194 -38.94 -58.58 5.21
C PRO B 194 -39.89 -58.48 6.40
N ALA B 195 -40.80 -59.45 6.53
CA ALA B 195 -41.74 -59.46 7.63
C ALA B 195 -41.10 -60.19 8.81
N GLY B 196 -40.53 -59.42 9.73
CA GLY B 196 -39.89 -60.01 10.89
C GLY B 196 -40.93 -60.39 11.92
N LYS B 197 -40.66 -60.05 13.18
CA LYS B 197 -41.57 -60.35 14.26
C LYS B 197 -42.43 -59.12 14.59
N SER B 198 -42.35 -58.67 15.83
CA SER B 198 -43.11 -57.53 16.32
C SER B 198 -42.82 -57.55 17.81
N LEU B 199 -41.89 -56.71 18.28
CA LEU B 199 -41.55 -56.71 19.70
C LEU B 199 -42.64 -56.10 20.56
N VAL B 200 -43.81 -55.84 19.96
CA VAL B 200 -44.93 -55.29 20.70
C VAL B 200 -45.30 -56.36 21.71
N SER B 201 -44.96 -56.12 22.97
CA SER B 201 -45.22 -57.07 24.04
C SER B 201 -46.68 -57.04 24.52
N LYS B 202 -47.16 -58.20 24.95
CA LYS B 202 -48.53 -58.34 25.46
C LYS B 202 -48.48 -58.36 26.98
N SER B 203 -47.52 -59.12 27.51
CA SER B 203 -47.34 -59.23 28.96
C SER B 203 -46.90 -57.91 29.57
N GLU B 204 -47.44 -57.61 30.75
CA GLU B 204 -47.13 -56.38 31.44
C GLU B 204 -45.64 -56.36 31.81
N PRO B 205 -44.97 -55.23 31.56
CA PRO B 205 -43.53 -55.06 31.84
C PRO B 205 -43.22 -55.12 33.33
N LYS B 206 -42.01 -55.59 33.65
CA LYS B 206 -41.61 -55.64 35.05
C LYS B 206 -41.45 -54.19 35.51
N PHE B 207 -42.03 -53.88 36.67
CA PHE B 207 -41.93 -52.53 37.21
C PHE B 207 -41.27 -52.51 38.57
N PHE B 208 -40.96 -51.31 39.06
CA PHE B 208 -40.32 -51.13 40.36
C PHE B 208 -41.06 -50.01 41.10
N LEU B 209 -41.00 -50.06 42.43
CA LEU B 209 -41.64 -49.06 43.29
C LEU B 209 -40.77 -48.72 44.49
N GLY B 210 -40.91 -47.49 44.99
CA GLY B 210 -40.14 -47.04 46.13
C GLY B 210 -38.75 -46.54 45.74
N GLU B 211 -38.51 -46.45 44.43
CA GLU B 211 -37.22 -45.99 43.89
C GLU B 211 -37.14 -44.48 43.72
N GLU B 212 -35.93 -43.93 43.89
CA GLU B 212 -35.68 -42.50 43.72
C GLU B 212 -34.27 -42.19 43.18
N ASN B 213 -34.19 -41.13 42.39
CA ASN B 213 -32.93 -40.68 41.82
C ASN B 213 -32.89 -39.16 41.87
N ARG B 214 -31.70 -38.61 42.17
CA ARG B 214 -31.52 -37.16 42.27
C ARG B 214 -30.40 -36.67 41.35
N VAL B 215 -30.65 -35.60 40.61
CA VAL B 215 -29.67 -35.03 39.68
C VAL B 215 -29.46 -33.54 39.95
N ARG B 216 -28.21 -33.12 40.16
CA ARG B 216 -27.91 -31.72 40.39
C ARG B 216 -28.06 -31.02 39.05
N PHE B 217 -28.64 -29.82 39.05
CA PHE B 217 -28.88 -29.08 37.82
C PHE B 217 -28.96 -27.58 38.06
N ILE B 218 -28.47 -26.81 37.09
CA ILE B 218 -28.50 -25.35 37.19
C ILE B 218 -29.75 -24.86 36.47
N GLY B 219 -30.58 -24.13 37.19
CA GLY B 219 -31.81 -23.62 36.62
C GLY B 219 -32.95 -23.96 37.55
N ASP B 220 -34.16 -24.12 36.99
CA ASP B 220 -35.34 -24.45 37.78
C ASP B 220 -35.18 -25.78 38.48
N SER B 221 -35.81 -25.91 39.64
CA SER B 221 -35.78 -27.17 40.35
C SER B 221 -37.08 -27.87 40.03
N VAL B 222 -37.04 -29.20 39.99
CA VAL B 222 -38.24 -29.95 39.70
C VAL B 222 -38.32 -31.25 40.48
N ALA B 223 -39.49 -31.46 41.10
CA ALA B 223 -39.76 -32.67 41.87
C ALA B 223 -40.91 -33.36 41.16
N ALA B 224 -40.70 -34.62 40.80
CA ALA B 224 -41.72 -35.38 40.10
C ALA B 224 -41.89 -36.78 40.67
N ILE B 225 -43.06 -37.35 40.41
CA ILE B 225 -43.36 -38.69 40.87
C ILE B 225 -43.92 -39.53 39.72
N GLY B 226 -43.56 -40.81 39.72
CA GLY B 226 -44.02 -41.71 38.69
C GLY B 226 -44.73 -42.92 39.27
N ILE B 227 -45.76 -43.38 38.56
CA ILE B 227 -46.56 -44.51 38.98
C ILE B 227 -46.88 -45.44 37.82
N PRO B 228 -46.43 -46.71 37.89
CA PRO B 228 -46.66 -47.74 36.86
C PRO B 228 -48.14 -48.14 36.95
N VAL B 229 -48.83 -48.25 35.82
CA VAL B 229 -50.26 -48.60 35.83
C VAL B 229 -50.60 -49.83 34.97
N ASN B 230 -51.56 -50.63 35.44
CA ASN B 230 -52.03 -51.85 34.74
C ASN B 230 -52.70 -51.55 33.42
N LYS B 231 -52.91 -52.61 32.63
CA LYS B 231 -53.58 -52.51 31.34
C LYS B 231 -55.06 -52.23 31.56
N ALA B 232 -55.52 -52.41 32.81
CA ALA B 232 -56.92 -52.19 33.17
C ALA B 232 -57.08 -51.01 34.13
N SER B 233 -56.06 -50.82 34.96
CA SER B 233 -56.03 -49.75 35.95
C SER B 233 -55.78 -48.36 35.35
N LEU B 234 -55.44 -48.30 34.07
CA LEU B 234 -55.15 -47.02 33.42
C LEU B 234 -56.35 -46.12 33.13
N ALA B 235 -57.55 -46.58 33.46
CA ALA B 235 -58.74 -45.78 33.23
C ALA B 235 -58.87 -44.67 34.27
N GLN B 236 -58.65 -45.03 35.54
CA GLN B 236 -58.75 -44.06 36.62
C GLN B 236 -57.58 -43.09 36.63
N TYR B 237 -56.44 -43.52 36.10
CA TYR B 237 -55.28 -42.64 36.04
C TYR B 237 -55.46 -41.59 34.94
N GLU B 238 -56.25 -41.92 33.92
CA GLU B 238 -56.51 -40.97 32.83
C GLU B 238 -57.34 -39.82 33.36
N VAL B 239 -58.28 -40.10 34.25
CA VAL B 239 -59.12 -39.06 34.83
C VAL B 239 -58.33 -38.36 35.94
N LEU B 240 -57.48 -39.11 36.62
CA LEU B 240 -56.66 -38.55 37.70
C LEU B 240 -55.83 -37.40 37.14
N ALA B 241 -55.15 -37.67 36.02
CA ALA B 241 -54.31 -36.70 35.35
C ALA B 241 -55.10 -35.44 35.00
N ASN B 242 -56.25 -35.61 34.35
CA ASN B 242 -57.10 -34.47 33.98
C ASN B 242 -57.68 -33.75 35.19
N TYR B 243 -58.08 -34.51 36.21
CA TYR B 243 -58.63 -33.94 37.42
C TYR B 243 -57.62 -32.98 38.06
N LEU B 244 -56.36 -33.44 38.14
CA LEU B 244 -55.30 -32.65 38.74
C LEU B 244 -54.85 -31.46 37.87
N THR B 245 -55.17 -31.53 36.57
CA THR B 245 -54.81 -30.48 35.63
C THR B 245 -56.08 -29.74 35.18
N SER B 246 -56.97 -29.48 36.13
CA SER B 246 -58.23 -28.78 35.86
C SER B 246 -58.62 -27.97 37.08
N ALA B 247 -59.63 -27.12 36.93
CA ALA B 247 -60.10 -26.27 38.00
C ALA B 247 -60.83 -27.02 39.12
N LEU B 248 -61.11 -28.31 38.89
CA LEU B 248 -61.79 -29.15 39.86
C LEU B 248 -60.91 -29.50 41.06
N SER B 249 -59.59 -29.47 40.87
CA SER B 249 -58.67 -29.77 41.95
C SER B 249 -58.10 -28.48 42.53
N GLU B 250 -58.18 -28.39 43.86
CA GLU B 250 -57.67 -27.22 44.56
C GLU B 250 -56.15 -27.29 44.69
N LEU B 251 -55.53 -28.04 43.78
CA LEU B 251 -54.09 -28.15 43.75
C LEU B 251 -53.54 -28.31 42.32
N SER B 252 -54.33 -27.86 41.35
CA SER B 252 -53.94 -27.90 39.95
C SER B 252 -52.97 -26.76 39.70
N GLY B 253 -53.08 -25.71 40.51
CA GLY B 253 -52.20 -24.56 40.41
C GLY B 253 -50.92 -24.78 41.18
N LEU B 254 -50.78 -25.95 41.76
CA LEU B 254 -49.60 -26.29 42.54
C LEU B 254 -48.68 -27.21 41.72
N ILE B 255 -49.17 -27.67 40.58
CA ILE B 255 -48.42 -28.58 39.72
C ILE B 255 -48.28 -28.15 38.27
N SER B 256 -47.04 -28.19 37.78
CA SER B 256 -46.70 -27.79 36.42
C SER B 256 -47.35 -28.66 35.34
N SER B 257 -47.19 -29.97 35.46
CA SER B 257 -47.73 -30.90 34.48
C SER B 257 -48.06 -32.26 35.07
N ALA B 258 -49.08 -32.90 34.49
CA ALA B 258 -49.50 -34.23 34.91
C ALA B 258 -50.19 -34.91 33.72
N LYS B 259 -49.78 -36.15 33.44
CA LYS B 259 -50.34 -36.91 32.33
C LYS B 259 -50.20 -38.41 32.51
N LEU B 260 -50.86 -39.15 31.63
CA LEU B 260 -50.80 -40.60 31.63
C LEU B 260 -50.30 -41.08 30.28
N ASP B 261 -49.06 -41.57 30.25
CA ASP B 261 -48.48 -42.09 29.01
C ASP B 261 -49.03 -43.50 28.84
N LYS B 262 -49.79 -43.68 27.77
CA LYS B 262 -50.43 -44.97 27.48
C LYS B 262 -49.70 -45.84 26.48
N PHE B 263 -49.68 -47.14 26.77
CA PHE B 263 -49.05 -48.14 25.92
C PHE B 263 -50.03 -49.31 25.88
N THR B 264 -49.82 -50.26 24.99
CA THR B 264 -50.69 -51.43 24.87
C THR B 264 -50.55 -52.43 26.03
N ASP B 265 -49.40 -52.42 26.69
CA ASP B 265 -49.14 -53.33 27.80
C ASP B 265 -49.10 -52.62 29.15
N GLY B 266 -49.72 -51.44 29.22
CA GLY B 266 -49.72 -50.68 30.45
C GLY B 266 -49.51 -49.19 30.23
N GLY B 267 -48.96 -48.52 31.23
CA GLY B 267 -48.73 -47.10 31.13
C GLY B 267 -47.99 -46.51 32.32
N LEU B 268 -47.66 -45.23 32.23
CA LEU B 268 -46.97 -44.54 33.30
C LEU B 268 -47.60 -43.18 33.57
N PHE B 269 -47.97 -42.96 34.83
CA PHE B 269 -48.54 -41.71 35.26
C PHE B 269 -47.39 -40.87 35.77
N THR B 270 -47.32 -39.63 35.32
CA THR B 270 -46.26 -38.72 35.75
C THR B 270 -46.82 -37.35 36.14
N LEU B 271 -46.31 -36.83 37.26
CA LEU B 271 -46.73 -35.53 37.77
C LEU B 271 -45.46 -34.73 38.11
N PHE B 272 -45.40 -33.50 37.62
CA PHE B 272 -44.23 -32.66 37.84
C PHE B 272 -44.54 -31.32 38.50
N VAL B 273 -43.67 -30.93 39.43
CA VAL B 273 -43.76 -29.65 40.11
C VAL B 273 -42.46 -28.91 39.74
N ARG B 274 -42.59 -27.81 39.01
CA ARG B 274 -41.43 -27.04 38.58
C ARG B 274 -41.51 -25.55 38.94
N ASP B 275 -40.43 -25.03 39.51
CA ASP B 275 -40.37 -23.62 39.89
C ASP B 275 -38.92 -23.15 40.08
N GLN B 276 -38.72 -21.83 39.94
CA GLN B 276 -37.41 -21.19 40.06
C GLN B 276 -36.71 -21.53 41.38
N ASP B 277 -37.42 -21.45 42.50
CA ASP B 277 -36.80 -21.78 43.78
C ASP B 277 -37.31 -23.06 44.43
N SER B 278 -36.35 -23.81 44.95
CA SER B 278 -36.58 -25.10 45.59
C SER B 278 -37.59 -25.11 46.74
N ALA B 279 -37.65 -24.02 47.51
CA ALA B 279 -38.59 -23.91 48.62
C ALA B 279 -40.04 -24.05 48.13
N VAL B 280 -40.37 -23.37 47.04
CA VAL B 280 -41.72 -23.44 46.48
C VAL B 280 -42.00 -24.87 45.99
N VAL B 281 -41.03 -25.46 45.32
CA VAL B 281 -41.17 -26.82 44.81
C VAL B 281 -41.44 -27.77 45.97
N SER B 282 -40.62 -27.68 47.01
CA SER B 282 -40.76 -28.54 48.17
C SER B 282 -42.16 -28.48 48.81
N SER B 283 -42.64 -27.27 49.09
CA SER B 283 -43.96 -27.11 49.68
C SER B 283 -45.03 -27.81 48.86
N ASN B 284 -45.03 -27.55 47.56
CA ASN B 284 -46.02 -28.16 46.65
C ASN B 284 -45.99 -29.67 46.62
N ILE B 285 -44.83 -30.25 46.36
CA ILE B 285 -44.70 -31.70 46.29
C ILE B 285 -45.17 -32.39 47.58
N LYS B 286 -44.93 -31.74 48.72
CA LYS B 286 -45.37 -32.28 50.01
C LYS B 286 -46.90 -32.22 50.16
N LYS B 287 -47.46 -31.06 49.83
CA LYS B 287 -48.90 -30.83 49.89
C LYS B 287 -49.64 -31.73 48.88
N ILE B 288 -49.01 -32.00 47.74
CA ILE B 288 -49.61 -32.87 46.72
C ILE B 288 -49.67 -34.31 47.23
N VAL B 289 -48.54 -34.80 47.74
CA VAL B 289 -48.46 -36.16 48.26
C VAL B 289 -49.42 -36.42 49.42
N ALA B 290 -49.40 -35.53 50.42
CA ALA B 290 -50.25 -35.67 51.59
C ALA B 290 -51.75 -35.74 51.22
N ASP B 291 -52.18 -34.87 50.31
CA ASP B 291 -53.58 -34.83 49.88
C ASP B 291 -53.99 -36.02 49.02
N LEU B 292 -53.02 -36.67 48.40
CA LEU B 292 -53.30 -37.83 47.57
C LEU B 292 -53.20 -39.12 48.40
N LYS B 293 -52.36 -39.09 49.43
CA LYS B 293 -52.20 -40.23 50.32
C LYS B 293 -53.49 -40.38 51.14
N LYS B 294 -54.10 -39.23 51.39
CA LYS B 294 -55.38 -39.11 52.10
C LYS B 294 -56.38 -39.12 50.94
N GLY B 295 -56.14 -40.02 49.99
CA GLY B 295 -56.95 -40.18 48.78
C GLY B 295 -58.37 -39.67 48.69
N LYS B 296 -58.73 -39.16 47.51
CA LYS B 296 -60.06 -38.64 47.26
C LYS B 296 -60.29 -38.37 45.78
N ASP B 297 -61.50 -38.62 45.29
CA ASP B 297 -61.82 -38.38 43.89
C ASP B 297 -63.32 -38.24 43.69
N LEU B 298 -64.02 -39.39 43.70
CA LEU B 298 -65.47 -39.48 43.53
C LEU B 298 -65.97 -39.14 42.11
N SER B 299 -65.03 -39.08 41.17
CA SER B 299 -65.28 -38.81 39.75
C SER B 299 -66.08 -37.59 39.27
N PRO B 300 -65.94 -36.43 39.93
CA PRO B 300 -66.69 -35.26 39.45
C PRO B 300 -66.09 -34.81 38.11
N ALA B 301 -64.98 -35.44 37.75
CA ALA B 301 -64.25 -35.14 36.52
C ALA B 301 -64.27 -36.32 35.56
N ILE B 302 -65.43 -36.97 35.43
CA ILE B 302 -65.55 -38.11 34.52
C ILE B 302 -65.97 -37.60 33.14
N ASN B 303 -66.82 -36.58 33.13
CA ASN B 303 -67.33 -35.99 31.89
C ASN B 303 -66.26 -35.13 31.24
N TYR B 304 -65.44 -34.50 32.08
CA TYR B 304 -64.36 -33.65 31.62
C TYR B 304 -63.30 -34.52 30.93
N THR B 305 -62.79 -35.51 31.65
CA THR B 305 -61.77 -36.41 31.12
C THR B 305 -62.28 -37.18 29.89
N LYS B 306 -63.60 -37.24 29.74
CA LYS B 306 -64.21 -37.93 28.61
C LYS B 306 -64.06 -37.06 27.37
N LEU B 307 -64.10 -35.74 27.58
CA LEU B 307 -63.97 -34.77 26.51
C LEU B 307 -62.51 -34.68 26.10
N LYS B 308 -61.63 -34.51 27.09
CA LYS B 308 -60.19 -34.40 26.87
C LYS B 308 -59.59 -35.63 26.19
N ASN B 309 -60.12 -36.81 26.47
CA ASN B 309 -59.61 -38.03 25.86
C ASN B 309 -60.05 -38.08 24.39
N ALA B 310 -61.18 -37.45 24.10
CA ALA B 310 -61.72 -37.42 22.75
C ALA B 310 -61.02 -36.41 21.85
N VAL B 311 -60.51 -35.32 22.43
CA VAL B 311 -59.79 -34.31 21.66
C VAL B 311 -58.40 -34.81 21.27
N GLN B 312 -58.33 -36.09 20.96
CA GLN B 312 -57.11 -36.75 20.53
C GLN B 312 -57.51 -37.74 19.44
N ASN B 313 -57.96 -37.15 18.32
CA ASN B 313 -58.42 -37.89 17.14
C ASN B 313 -57.33 -38.02 16.07
N GLU B 314 -56.36 -38.88 16.34
CA GLU B 314 -55.26 -39.13 15.42
C GLU B 314 -54.77 -40.56 15.53
N SER B 315 -54.86 -41.10 16.75
CA SER B 315 -54.46 -42.47 17.03
C SER B 315 -55.55 -43.41 16.50
N VAL B 316 -55.32 -43.99 15.32
CA VAL B 316 -56.28 -44.89 14.70
C VAL B 316 -56.34 -46.25 15.43
N SER B 317 -55.81 -46.28 16.65
CA SER B 317 -55.79 -47.47 17.49
C SER B 317 -55.42 -47.10 18.93
N SER B 318 -56.17 -46.18 19.52
CA SER B 318 -55.95 -45.74 20.89
C SER B 318 -56.56 -46.71 21.91
N PRO B 319 -56.02 -46.77 23.13
CA PRO B 319 -56.44 -47.64 24.25
C PRO B 319 -57.94 -47.70 24.61
N ILE B 320 -58.22 -48.21 25.81
CA ILE B 320 -59.59 -48.35 26.30
C ILE B 320 -60.35 -47.04 26.49
N GLU B 321 -61.50 -46.97 25.83
CA GLU B 321 -62.38 -45.80 25.85
C GLU B 321 -63.40 -45.80 26.99
N LEU B 322 -64.48 -46.58 26.84
CA LEU B 322 -65.56 -46.68 27.83
C LEU B 322 -65.18 -47.08 29.25
N ASN B 323 -63.89 -47.24 29.51
CA ASN B 323 -63.41 -47.63 30.83
C ASN B 323 -63.57 -46.52 31.87
N PHE B 324 -64.02 -45.36 31.43
CA PHE B 324 -64.22 -44.20 32.32
C PHE B 324 -65.43 -44.33 33.24
N ASP B 325 -66.52 -44.87 32.69
CA ASP B 325 -67.77 -45.06 33.43
C ASP B 325 -67.60 -45.90 34.69
N ALA B 326 -66.47 -46.59 34.80
CA ALA B 326 -66.17 -47.44 35.96
C ALA B 326 -65.58 -46.64 37.13
N VAL B 327 -64.66 -47.28 37.86
CA VAL B 327 -63.98 -46.70 39.05
C VAL B 327 -64.00 -45.18 39.22
N LYS B 328 -64.18 -44.75 40.47
CA LYS B 328 -64.27 -43.35 40.80
C LYS B 328 -63.40 -42.86 41.96
N ASP B 329 -63.03 -43.74 42.88
CA ASP B 329 -62.19 -43.34 44.01
C ASP B 329 -60.71 -43.56 43.69
N PHE B 330 -59.83 -42.92 44.47
CA PHE B 330 -58.38 -43.03 44.27
C PHE B 330 -57.56 -42.69 45.50
N LYS B 331 -56.55 -43.51 45.80
CA LYS B 331 -55.66 -43.25 46.92
C LYS B 331 -54.22 -43.55 46.51
N LEU B 332 -53.33 -42.61 46.78
CA LEU B 332 -51.92 -42.75 46.42
C LEU B 332 -51.18 -43.82 47.22
N GLY B 333 -50.91 -44.94 46.57
CA GLY B 333 -50.17 -46.02 47.22
C GLY B 333 -48.69 -45.75 47.10
N LYS B 334 -47.94 -46.74 46.60
CA LYS B 334 -46.50 -46.57 46.41
C LYS B 334 -46.23 -45.87 45.08
N PHE B 335 -45.09 -45.19 45.01
CA PHE B 335 -44.71 -44.48 43.79
C PHE B 335 -43.21 -44.27 43.71
N ASN B 336 -42.78 -43.70 42.58
CA ASN B 336 -41.37 -43.41 42.35
C ASN B 336 -41.17 -41.90 42.29
N TYR B 337 -40.04 -41.43 42.80
CA TYR B 337 -39.75 -39.99 42.86
C TYR B 337 -38.37 -39.55 42.40
N VAL B 338 -38.32 -38.39 41.74
CA VAL B 338 -37.06 -37.82 41.26
C VAL B 338 -36.95 -36.35 41.61
N ALA B 339 -35.73 -35.93 41.95
CA ALA B 339 -35.45 -34.55 42.29
C ALA B 339 -34.38 -34.03 41.34
N VAL B 340 -34.74 -32.99 40.58
CA VAL B 340 -33.83 -32.36 39.62
C VAL B 340 -33.66 -30.89 39.98
N GLY B 341 -32.42 -30.42 40.00
CA GLY B 341 -32.15 -29.04 40.32
C GLY B 341 -31.36 -28.81 41.59
N ASP B 342 -31.91 -27.97 42.48
CA ASP B 342 -31.28 -27.63 43.75
C ASP B 342 -31.47 -28.79 44.74
N VAL B 343 -30.99 -29.96 44.32
CA VAL B 343 -31.09 -31.20 45.08
C VAL B 343 -30.80 -31.13 46.58
N SER B 344 -29.76 -30.40 46.97
CA SER B 344 -29.40 -30.28 48.38
C SER B 344 -30.47 -29.57 49.22
N ASN B 345 -31.51 -29.06 48.56
CA ASN B 345 -32.60 -28.37 49.25
C ASN B 345 -33.96 -28.85 48.77
N LEU B 346 -34.02 -30.08 48.29
CA LEU B 346 -35.26 -30.67 47.82
C LEU B 346 -35.63 -31.86 48.71
N PRO B 347 -36.92 -32.21 48.77
CA PRO B 347 -37.36 -33.32 49.60
C PRO B 347 -36.86 -34.67 49.09
N TYR B 348 -36.58 -35.57 50.03
CA TYR B 348 -36.15 -36.93 49.69
C TYR B 348 -37.44 -37.75 49.76
N LEU B 349 -37.52 -38.85 49.02
CA LEU B 349 -38.72 -39.70 49.03
C LEU B 349 -39.03 -40.13 50.47
N ASP B 350 -37.96 -40.16 51.26
CA ASP B 350 -37.96 -40.51 52.67
C ASP B 350 -38.96 -39.67 53.48
N GLU B 351 -38.97 -38.36 53.25
CA GLU B 351 -39.86 -37.46 53.98
C GLU B 351 -41.22 -37.20 53.32
N LEU B 352 -41.55 -37.99 52.31
CA LEU B 352 -42.82 -37.83 51.63
C LEU B 352 -43.84 -38.90 52.08
N MET C 1 -21.06 -13.54 2.45
CA MET C 1 -20.47 -12.22 2.79
C MET C 1 -20.61 -11.41 1.54
N ALA C 2 -20.83 -10.10 1.71
CA ALA C 2 -20.98 -9.21 0.55
C ALA C 2 -19.65 -9.12 -0.22
N PHE C 3 -19.72 -9.03 -1.56
CA PHE C 3 -18.51 -8.96 -2.37
C PHE C 3 -17.59 -7.79 -1.97
N ARG C 4 -18.16 -6.69 -1.48
CA ARG C 4 -17.35 -5.54 -1.07
C ARG C 4 -16.48 -5.89 0.14
N LYS C 5 -16.90 -6.88 0.93
CA LYS C 5 -16.16 -7.30 2.10
C LYS C 5 -15.25 -8.48 1.82
N SER C 6 -15.64 -9.32 0.85
CA SER C 6 -14.87 -10.51 0.51
C SER C 6 -13.71 -10.30 -0.44
N ASN C 7 -13.89 -9.42 -1.42
CA ASN C 7 -12.81 -9.14 -2.39
C ASN C 7 -11.59 -8.51 -1.71
N VAL C 8 -10.39 -8.96 -2.11
CA VAL C 8 -9.14 -8.46 -1.55
C VAL C 8 -8.94 -6.93 -1.66
N TYR C 9 -9.34 -6.35 -2.79
CA TYR C 9 -9.17 -4.92 -3.00
C TYR C 9 -10.31 -4.07 -2.45
N LEU C 10 -11.55 -4.44 -2.78
CA LEU C 10 -12.72 -3.70 -2.31
C LEU C 10 -12.89 -3.70 -0.78
N SER C 11 -12.36 -4.72 -0.10
CA SER C 11 -12.48 -4.81 1.34
C SER C 11 -11.72 -3.68 2.03
N LEU C 12 -10.68 -3.18 1.36
CA LEU C 12 -9.92 -2.07 1.91
C LEU C 12 -10.74 -0.80 1.74
N VAL C 13 -11.38 -0.68 0.59
CA VAL C 13 -12.21 0.49 0.30
C VAL C 13 -13.38 0.50 1.28
N ASN C 14 -13.94 -0.69 1.51
CA ASN C 14 -15.07 -0.84 2.40
C ASN C 14 -14.75 -0.53 3.86
N SER C 15 -13.59 -0.95 4.33
CA SER C 15 -13.26 -0.69 5.73
C SER C 15 -12.85 0.76 6.00
N TYR C 16 -12.33 1.44 4.99
CA TYR C 16 -11.93 2.83 5.15
C TYR C 16 -12.96 3.86 4.69
N ILE C 17 -13.77 3.51 3.69
CA ILE C 17 -14.73 4.45 3.12
C ILE C 17 -16.20 4.06 3.19
N ILE C 18 -16.50 2.78 3.40
CA ILE C 18 -17.89 2.36 3.45
C ILE C 18 -18.47 1.97 4.82
N ASP C 19 -17.97 0.88 5.41
CA ASP C 19 -18.44 0.41 6.71
C ASP C 19 -17.66 0.94 7.90
N SER C 20 -16.70 1.83 7.64
CA SER C 20 -15.91 2.39 8.74
C SER C 20 -16.84 3.01 9.79
N PRO C 21 -16.74 2.55 11.04
CA PRO C 21 -17.60 3.08 12.12
C PRO C 21 -17.11 4.43 12.61
N GLN C 22 -17.85 5.47 12.26
CA GLN C 22 -17.51 6.82 12.66
C GLN C 22 -18.31 7.27 13.87
N PRO C 23 -17.69 8.07 14.76
CA PRO C 23 -18.41 8.55 15.94
C PRO C 23 -19.55 9.42 15.42
N SER C 24 -20.75 9.19 15.94
CA SER C 24 -21.96 9.90 15.51
C SER C 24 -21.92 11.41 15.62
N SER C 25 -21.11 11.91 16.55
CA SER C 25 -21.03 13.33 16.81
C SER C 25 -19.89 14.15 16.22
N ILE C 26 -19.07 13.58 15.34
CA ILE C 26 -17.99 14.40 14.79
C ILE C 26 -18.59 15.54 13.99
N ASN C 27 -18.01 16.72 14.15
CA ASN C 27 -18.50 17.91 13.44
C ASN C 27 -17.66 18.22 12.19
N TYR C 28 -18.04 19.27 11.46
CA TYR C 28 -17.37 19.68 10.22
C TYR C 28 -15.85 19.87 10.26
N TRP C 29 -15.30 20.05 11.46
CA TRP C 29 -13.86 20.21 11.60
C TRP C 29 -13.19 18.91 11.19
N TRP C 30 -13.92 17.80 11.31
CA TRP C 30 -13.41 16.47 10.94
C TRP C 30 -13.52 16.23 9.44
N ASN C 31 -13.80 17.29 8.68
CA ASN C 31 -13.91 17.20 7.22
C ASN C 31 -12.64 17.67 6.54
N MET C 32 -11.70 18.21 7.31
CA MET C 32 -10.45 18.71 6.76
C MET C 32 -9.59 17.62 6.14
N GLY C 33 -9.57 16.45 6.78
CA GLY C 33 -8.77 15.34 6.29
C GLY C 33 -9.07 15.01 4.84
N SER C 34 -10.33 14.71 4.55
CA SER C 34 -10.74 14.40 3.19
C SER C 34 -10.38 15.56 2.26
N LEU C 35 -10.50 16.78 2.77
CA LEU C 35 -10.18 17.98 1.98
C LEU C 35 -8.68 18.01 1.64
N LEU C 36 -7.85 17.48 2.55
CA LEU C 36 -6.41 17.45 2.33
C LEU C 36 -6.11 16.40 1.27
N GLY C 37 -6.90 15.33 1.25
CA GLY C 37 -6.72 14.30 0.25
C GLY C 37 -7.02 14.90 -1.12
N LEU C 38 -8.09 15.69 -1.19
CA LEU C 38 -8.51 16.38 -2.42
C LEU C 38 -7.39 17.29 -2.87
N CYS C 39 -6.79 18.00 -1.92
CA CYS C 39 -5.69 18.92 -2.24
C CYS C 39 -4.52 18.21 -2.88
N LEU C 40 -4.11 17.07 -2.32
CA LEU C 40 -3.01 16.29 -2.86
C LEU C 40 -3.32 15.87 -4.30
N VAL C 41 -4.50 15.34 -4.53
CA VAL C 41 -4.89 14.91 -5.89
C VAL C 41 -4.91 16.12 -6.84
N ILE C 42 -5.39 17.27 -6.38
CA ILE C 42 -5.42 18.45 -7.23
C ILE C 42 -4.01 18.87 -7.63
N GLN C 43 -3.11 18.84 -6.65
CA GLN C 43 -1.71 19.21 -6.90
C GLN C 43 -1.02 18.25 -7.85
N ILE C 44 -1.17 16.95 -7.60
CA ILE C 44 -0.55 15.94 -8.44
C ILE C 44 -1.05 15.98 -9.89
N VAL C 45 -2.37 15.96 -10.09
CA VAL C 45 -2.92 15.99 -11.43
C VAL C 45 -2.57 17.28 -12.19
N THR C 46 -2.80 18.44 -11.58
CA THR C 46 -2.46 19.69 -12.27
C THR C 46 -0.95 19.78 -12.56
N GLY C 47 -0.16 19.27 -11.61
CA GLY C 47 1.28 19.27 -11.78
C GLY C 47 1.75 18.39 -12.92
N ILE C 48 1.24 17.15 -12.99
CA ILE C 48 1.65 16.26 -14.07
C ILE C 48 1.34 16.90 -15.42
N PHE C 49 0.13 17.42 -15.58
CA PHE C 49 -0.24 18.03 -16.86
C PHE C 49 0.61 19.23 -17.25
N MET C 50 1.06 20.01 -16.27
CA MET C 50 1.90 21.17 -16.57
C MET C 50 3.31 20.70 -16.90
N ALA C 51 3.73 19.63 -16.21
CA ALA C 51 5.06 19.06 -16.37
C ALA C 51 5.29 18.69 -17.83
N MET C 52 4.19 18.42 -18.53
CA MET C 52 4.21 18.07 -19.94
C MET C 52 4.64 19.21 -20.86
N HIS C 53 4.59 20.45 -20.33
CA HIS C 53 4.97 21.64 -21.10
C HIS C 53 6.08 22.43 -20.40
N TYR C 54 6.66 21.87 -19.35
CA TYR C 54 7.69 22.56 -18.59
C TYR C 54 9.12 22.23 -19.00
N SER C 55 10.03 23.18 -18.79
CA SER C 55 11.45 23.01 -19.08
C SER C 55 12.18 23.50 -17.83
N SER C 56 12.86 22.59 -17.13
CA SER C 56 13.56 22.94 -15.92
C SER C 56 14.85 23.73 -16.12
N ASN C 57 15.30 23.88 -17.35
CA ASN C 57 16.53 24.65 -17.58
C ASN C 57 16.36 26.06 -17.02
N ILE C 58 17.38 26.52 -16.32
CA ILE C 58 17.34 27.84 -15.69
C ILE C 58 17.15 28.94 -16.71
N GLU C 59 17.59 28.70 -17.94
CA GLU C 59 17.44 29.67 -19.02
C GLU C 59 16.05 29.58 -19.64
N LEU C 60 15.36 28.48 -19.38
CA LEU C 60 14.05 28.27 -19.97
C LEU C 60 12.88 28.13 -19.02
N ALA C 61 13.16 27.97 -17.73
CA ALA C 61 12.12 27.77 -16.73
C ALA C 61 11.00 28.81 -16.74
N PHE C 62 11.35 30.05 -16.39
CA PHE C 62 10.38 31.14 -16.33
C PHE C 62 9.54 31.25 -17.61
N SER C 63 10.21 31.22 -18.76
CA SER C 63 9.52 31.32 -20.03
C SER C 63 8.60 30.14 -20.28
N SER C 64 8.99 28.97 -19.78
CA SER C 64 8.17 27.77 -19.98
C SER C 64 6.87 27.88 -19.17
N VAL C 65 6.93 28.54 -18.02
CA VAL C 65 5.73 28.74 -17.21
C VAL C 65 4.84 29.80 -17.93
N GLU C 66 5.48 30.77 -18.59
CA GLU C 66 4.76 31.79 -19.37
C GLU C 66 4.09 31.13 -20.60
N HIS C 67 4.76 30.11 -21.13
CA HIS C 67 4.28 29.36 -22.29
C HIS C 67 3.02 28.60 -21.89
N ILE C 68 2.99 28.11 -20.65
CA ILE C 68 1.85 27.38 -20.11
C ILE C 68 0.73 28.41 -19.90
N MET C 69 1.12 29.57 -19.42
CA MET C 69 0.15 30.64 -19.15
C MET C 69 -0.52 31.20 -20.40
N ARG C 70 0.21 31.30 -21.51
CA ARG C 70 -0.32 31.85 -22.75
C ARG C 70 -0.66 30.91 -23.90
N ASP C 71 0.22 29.96 -24.16
CA ASP C 71 0.07 29.06 -25.30
C ASP C 71 -0.65 27.75 -25.12
N VAL C 72 -0.70 27.27 -23.87
CA VAL C 72 -1.36 26.00 -23.58
C VAL C 72 -2.85 26.20 -23.34
N HIS C 73 -3.69 25.48 -24.07
CA HIS C 73 -5.14 25.59 -23.89
C HIS C 73 -5.49 25.26 -22.44
N ASN C 74 -6.17 26.19 -21.79
CA ASN C 74 -6.57 26.04 -20.39
C ASN C 74 -5.35 25.97 -19.46
N GLY C 75 -4.18 26.30 -20.00
CA GLY C 75 -2.95 26.27 -19.22
C GLY C 75 -2.92 27.23 -18.04
N TYR C 76 -3.58 28.38 -18.16
CA TYR C 76 -3.61 29.33 -17.06
C TYR C 76 -4.45 28.77 -15.91
N ILE C 77 -5.42 27.94 -16.26
CA ILE C 77 -6.28 27.29 -15.26
C ILE C 77 -5.46 26.26 -14.49
N LEU C 78 -4.55 25.58 -15.19
CA LEU C 78 -3.70 24.57 -14.57
C LEU C 78 -2.80 25.22 -13.54
N ARG C 79 -2.11 26.28 -13.97
CA ARG C 79 -1.19 27.03 -13.13
C ARG C 79 -1.87 27.72 -11.98
N TYR C 80 -2.99 28.40 -12.25
CA TYR C 80 -3.71 29.09 -11.18
C TYR C 80 -4.30 28.11 -10.19
N LEU C 81 -4.68 26.93 -10.68
CA LEU C 81 -5.22 25.90 -9.78
C LEU C 81 -4.08 25.36 -8.92
N HIS C 82 -2.96 25.04 -9.58
CA HIS C 82 -1.79 24.52 -8.90
C HIS C 82 -1.24 25.52 -7.87
N ALA C 83 -1.06 26.77 -8.30
CA ALA C 83 -0.54 27.82 -7.42
C ALA C 83 -1.48 28.14 -6.26
N ASN C 84 -2.73 28.48 -6.57
CA ASN C 84 -3.67 28.78 -5.49
C ASN C 84 -3.98 27.53 -4.70
N GLY C 85 -3.95 26.39 -5.38
CA GLY C 85 -4.19 25.12 -4.73
C GLY C 85 -3.20 24.89 -3.60
N ALA C 86 -1.96 25.33 -3.81
CA ALA C 86 -0.92 25.18 -2.80
C ALA C 86 -1.29 25.92 -1.51
N SER C 87 -1.70 27.17 -1.66
CA SER C 87 -2.10 27.98 -0.51
C SER C 87 -3.28 27.37 0.23
N PHE C 88 -4.27 26.89 -0.52
CA PHE C 88 -5.44 26.27 0.09
C PHE C 88 -5.04 25.02 0.83
N PHE C 89 -4.07 24.31 0.27
CA PHE C 89 -3.55 23.08 0.86
C PHE C 89 -3.03 23.43 2.24
N PHE C 90 -2.31 24.55 2.33
CA PHE C 90 -1.76 24.98 3.61
C PHE C 90 -2.77 25.53 4.58
N MET C 91 -3.79 26.22 4.07
CA MET C 91 -4.80 26.79 4.96
C MET C 91 -5.61 25.65 5.57
N VAL C 92 -5.95 24.66 4.75
CA VAL C 92 -6.71 23.51 5.25
C VAL C 92 -5.84 22.68 6.19
N MET C 93 -4.55 22.58 5.91
CA MET C 93 -3.66 21.83 6.79
C MET C 93 -3.51 22.51 8.15
N PHE C 94 -3.45 23.83 8.17
CA PHE C 94 -3.34 24.57 9.43
C PHE C 94 -4.59 24.32 10.27
N MET C 95 -5.75 24.29 9.61
CA MET C 95 -7.00 24.06 10.32
C MET C 95 -7.05 22.62 10.81
N HIS C 96 -6.50 21.71 10.03
CA HIS C 96 -6.47 20.29 10.39
C HIS C 96 -5.62 20.13 11.66
N MET C 97 -4.47 20.79 11.68
CA MET C 97 -3.58 20.74 12.83
C MET C 97 -4.23 21.41 14.03
N ALA C 98 -4.77 22.61 13.82
CA ALA C 98 -5.43 23.36 14.90
C ALA C 98 -6.52 22.49 15.51
N LYS C 99 -7.33 21.88 14.66
CA LYS C 99 -8.42 21.00 15.10
C LYS C 99 -7.82 19.98 16.07
N GLY C 100 -6.64 19.48 15.75
CA GLY C 100 -5.97 18.49 16.57
C GLY C 100 -5.58 18.96 17.95
N LEU C 101 -4.93 20.13 18.01
CA LEU C 101 -4.53 20.72 19.28
C LEU C 101 -5.75 20.90 20.16
N TYR C 102 -6.78 21.51 19.56
CA TYR C 102 -8.01 21.80 20.27
C TYR C 102 -8.67 20.59 20.90
N TYR C 103 -8.95 19.57 20.09
CA TYR C 103 -9.62 18.37 20.58
C TYR C 103 -8.73 17.27 21.15
N GLY C 104 -7.44 17.57 21.34
CA GLY C 104 -6.52 16.59 21.89
C GLY C 104 -6.33 15.34 21.03
N SER C 105 -6.34 15.54 19.71
CA SER C 105 -6.19 14.42 18.78
C SER C 105 -4.79 13.85 18.81
N TYR C 106 -3.87 14.59 19.40
CA TYR C 106 -2.47 14.17 19.49
C TYR C 106 -2.21 13.19 20.62
N ARG C 107 -3.10 13.14 21.61
CA ARG C 107 -2.84 12.24 22.71
C ARG C 107 -3.15 10.78 22.51
N SER C 108 -2.64 9.97 23.43
CA SER C 108 -2.81 8.54 23.40
C SER C 108 -4.28 8.17 23.17
N PRO C 109 -4.53 7.16 22.33
CA PRO C 109 -3.61 6.30 21.58
C PRO C 109 -3.30 6.79 20.16
N ARG C 110 -3.39 8.09 19.94
CA ARG C 110 -3.15 8.64 18.62
C ARG C 110 -1.82 9.38 18.40
N VAL C 111 -0.79 9.11 19.23
CA VAL C 111 0.47 9.84 19.03
C VAL C 111 1.20 9.47 17.74
N THR C 112 1.19 8.19 17.40
CA THR C 112 1.81 7.77 16.15
C THR C 112 1.12 8.53 15.02
N LEU C 113 -0.21 8.63 15.10
CA LEU C 113 -1.00 9.34 14.10
C LEU C 113 -0.51 10.80 13.95
N TRP C 114 -0.32 11.45 15.09
CA TRP C 114 0.17 12.83 15.14
C TRP C 114 1.60 12.95 14.62
N ASN C 115 2.49 12.05 15.03
CA ASN C 115 3.88 12.13 14.60
C ASN C 115 4.03 11.96 13.09
N VAL C 116 3.21 11.10 12.50
CA VAL C 116 3.26 10.92 11.05
C VAL C 116 2.80 12.21 10.41
N GLY C 117 1.79 12.84 11.05
CA GLY C 117 1.26 14.11 10.56
C GLY C 117 2.34 15.17 10.54
N VAL C 118 3.13 15.27 11.61
CA VAL C 118 4.20 16.25 11.66
C VAL C 118 5.18 15.97 10.52
N ILE C 119 5.44 14.69 10.26
CA ILE C 119 6.34 14.30 9.17
C ILE C 119 5.77 14.82 7.84
N ILE C 120 4.48 14.59 7.62
CA ILE C 120 3.81 15.01 6.39
C ILE C 120 3.87 16.53 6.22
N PHE C 121 3.69 17.25 7.32
CA PHE C 121 3.72 18.71 7.30
C PHE C 121 5.07 19.22 6.76
N ILE C 122 6.16 18.65 7.28
CA ILE C 122 7.51 19.00 6.86
C ILE C 122 7.69 18.69 5.37
N LEU C 123 7.32 17.48 4.96
CA LEU C 123 7.45 17.08 3.57
C LEU C 123 6.69 18.01 2.62
N THR C 124 5.48 18.42 3.03
CA THR C 124 4.64 19.29 2.20
C THR C 124 5.29 20.66 2.05
N ILE C 125 5.84 21.18 3.15
CA ILE C 125 6.52 22.45 3.12
C ILE C 125 7.72 22.41 2.18
N ALA C 126 8.50 21.33 2.24
CA ALA C 126 9.68 21.19 1.37
C ALA C 126 9.24 21.09 -0.10
N THR C 127 8.14 20.39 -0.33
CA THR C 127 7.59 20.23 -1.68
C THR C 127 7.21 21.60 -2.24
N ALA C 128 6.41 22.34 -1.46
CA ALA C 128 5.94 23.65 -1.87
C ALA C 128 7.10 24.58 -2.16
N PHE C 129 8.18 24.42 -1.39
CA PHE C 129 9.38 25.23 -1.58
C PHE C 129 10.02 24.88 -2.91
N LEU C 130 10.20 23.57 -3.16
CA LEU C 130 10.80 23.12 -4.40
C LEU C 130 9.99 23.61 -5.59
N GLY C 131 8.67 23.57 -5.44
CA GLY C 131 7.78 24.01 -6.51
C GLY C 131 7.96 25.48 -6.83
N TYR C 132 7.96 26.30 -5.80
CA TYR C 132 8.15 27.73 -5.97
C TYR C 132 9.45 28.03 -6.72
N CYS C 133 10.49 27.23 -6.48
CA CYS C 133 11.79 27.41 -7.14
C CYS C 133 11.74 27.17 -8.64
N CYS C 134 10.83 26.31 -9.09
CA CYS C 134 10.73 25.96 -10.51
C CYS C 134 10.24 27.05 -11.45
N VAL C 135 9.55 28.05 -10.90
CA VAL C 135 9.06 29.18 -11.69
C VAL C 135 10.27 30.04 -12.08
N TYR C 136 11.24 30.08 -11.18
CA TYR C 136 12.45 30.85 -11.35
C TYR C 136 12.20 32.36 -11.52
N GLY C 137 11.34 32.89 -10.67
CA GLY C 137 11.08 34.31 -10.67
C GLY C 137 12.14 34.89 -9.74
N GLN C 138 11.98 36.16 -9.34
CA GLN C 138 12.95 36.76 -8.43
C GLN C 138 12.83 36.13 -7.05
N MET C 139 11.61 35.77 -6.65
CA MET C 139 11.41 35.16 -5.33
C MET C 139 11.93 33.73 -5.32
N SER C 140 11.82 33.06 -6.46
CA SER C 140 12.28 31.69 -6.61
C SER C 140 13.77 31.57 -6.34
N HIS C 141 14.55 32.41 -7.04
CA HIS C 141 15.99 32.40 -6.91
C HIS C 141 16.47 32.64 -5.51
N TRP C 142 16.00 33.75 -4.93
CA TRP C 142 16.41 34.10 -3.59
C TRP C 142 15.88 33.18 -2.53
N GLY C 143 14.73 32.58 -2.79
CA GLY C 143 14.17 31.64 -1.83
C GLY C 143 15.08 30.42 -1.82
N ALA C 144 15.46 29.99 -3.01
CA ALA C 144 16.34 28.83 -3.16
C ALA C 144 17.66 29.08 -2.47
N THR C 145 18.19 30.29 -2.60
CA THR C 145 19.46 30.68 -2.01
C THR C 145 19.42 30.67 -0.48
N VAL C 146 18.40 31.32 0.07
CA VAL C 146 18.26 31.42 1.51
C VAL C 146 18.03 30.07 2.16
N ILE C 147 17.06 29.33 1.61
CA ILE C 147 16.70 28.04 2.14
C ILE C 147 17.79 26.98 2.04
N THR C 148 18.51 26.95 0.92
CA THR C 148 19.58 25.96 0.82
C THR C 148 20.66 26.38 1.81
N ASN C 149 20.92 27.69 1.90
CA ASN C 149 21.92 28.22 2.83
C ASN C 149 21.58 27.96 4.29
N LEU C 150 20.33 27.59 4.57
CA LEU C 150 19.91 27.29 5.93
C LEU C 150 20.82 26.20 6.49
N PHE C 151 21.32 25.34 5.60
CA PHE C 151 22.18 24.24 5.98
C PHE C 151 23.66 24.59 6.21
N SER C 152 24.04 25.81 5.87
CA SER C 152 25.41 26.25 6.08
C SER C 152 25.67 26.47 7.58
N ALA C 153 24.61 26.33 8.39
CA ALA C 153 24.69 26.50 9.83
C ALA C 153 25.25 25.25 10.48
N ILE C 154 25.17 24.12 9.78
CA ILE C 154 25.71 22.87 10.31
C ILE C 154 27.22 23.08 10.42
N PRO C 155 27.78 22.84 11.62
CA PRO C 155 29.24 23.03 11.80
C PRO C 155 30.13 22.10 10.96
N PHE C 156 31.26 22.64 10.51
CA PHE C 156 32.24 21.91 9.70
C PHE C 156 31.78 21.55 8.28
N VAL C 157 30.83 20.61 8.16
CA VAL C 157 30.32 20.19 6.85
C VAL C 157 29.30 21.16 6.23
N GLY C 158 28.96 22.20 6.98
CA GLY C 158 27.98 23.18 6.55
C GLY C 158 28.03 23.69 5.13
N ASN C 159 29.08 24.42 4.78
CA ASN C 159 29.21 24.96 3.44
C ASN C 159 29.30 23.87 2.37
N ASP C 160 29.77 22.69 2.76
CA ASP C 160 29.88 21.57 1.83
C ASP C 160 28.51 21.06 1.39
N ILE C 161 27.57 20.96 2.33
CA ILE C 161 26.22 20.51 2.03
C ILE C 161 25.55 21.48 1.05
N VAL C 162 25.73 22.78 1.29
CA VAL C 162 25.15 23.80 0.42
C VAL C 162 25.68 23.63 -0.99
N SER C 163 27.00 23.53 -1.12
CA SER C 163 27.64 23.33 -2.43
C SER C 163 27.08 22.09 -3.13
N TRP C 164 26.84 21.04 -2.34
CA TRP C 164 26.30 19.80 -2.86
C TRP C 164 24.83 20.01 -3.29
N LEU C 165 24.03 20.68 -2.46
CA LEU C 165 22.63 20.94 -2.83
C LEU C 165 22.60 21.81 -4.10
N TRP C 166 23.50 22.79 -4.20
CA TRP C 166 23.54 23.66 -5.39
C TRP C 166 24.10 22.97 -6.63
N GLY C 167 25.10 22.11 -6.44
CA GLY C 167 25.73 21.44 -7.57
C GLY C 167 26.63 22.43 -8.28
N GLY C 168 27.12 23.42 -7.53
CA GLY C 168 27.97 24.44 -8.12
C GLY C 168 28.25 25.58 -7.17
N PHE C 169 28.69 26.70 -7.75
CA PHE C 169 29.05 27.91 -6.99
C PHE C 169 27.88 28.73 -6.43
N SER C 170 26.69 28.57 -7.00
CA SER C 170 25.52 29.30 -6.54
C SER C 170 24.29 28.63 -7.12
N VAL C 171 23.11 29.09 -6.71
CA VAL C 171 21.87 28.55 -7.26
C VAL C 171 21.91 28.82 -8.76
N SER C 172 22.01 27.74 -9.53
CA SER C 172 22.09 27.83 -10.98
C SER C 172 21.41 26.66 -11.66
N ASN C 173 21.73 26.45 -12.94
CA ASN C 173 21.11 25.36 -13.71
C ASN C 173 20.96 24.03 -12.98
N PRO C 174 22.06 23.48 -12.44
CA PRO C 174 22.01 22.20 -11.72
C PRO C 174 21.00 22.21 -10.56
N THR C 175 20.82 23.37 -9.94
CA THR C 175 19.92 23.49 -8.80
C THR C 175 18.44 23.47 -9.22
N ILE C 176 18.09 24.26 -10.23
CA ILE C 176 16.71 24.33 -10.69
C ILE C 176 16.28 22.98 -11.26
N GLN C 177 17.16 22.36 -12.05
CA GLN C 177 16.82 21.06 -12.64
C GLN C 177 16.63 19.96 -11.60
N ARG C 178 17.49 19.90 -10.58
CA ARG C 178 17.32 18.87 -9.55
C ARG C 178 16.10 19.18 -8.70
N PHE C 179 15.84 20.46 -8.44
CA PHE C 179 14.67 20.87 -7.66
C PHE C 179 13.39 20.47 -8.39
N PHE C 180 13.38 20.49 -9.72
CA PHE C 180 12.18 20.05 -10.42
C PHE C 180 12.05 18.53 -10.25
N ALA C 181 13.15 17.81 -10.41
CA ALA C 181 13.12 16.36 -10.25
C ALA C 181 12.64 15.95 -8.84
N LEU C 182 13.09 16.67 -7.82
CA LEU C 182 12.68 16.37 -6.47
C LEU C 182 11.25 16.86 -6.20
N HIS C 183 10.82 17.92 -6.88
CA HIS C 183 9.46 18.43 -6.70
C HIS C 183 8.46 17.38 -7.16
N TYR C 184 8.82 16.66 -8.21
CA TYR C 184 7.98 15.63 -8.77
C TYR C 184 7.97 14.40 -7.83
N LEU C 185 9.10 14.14 -7.17
CA LEU C 185 9.27 12.97 -6.28
C LEU C 185 8.61 13.03 -4.92
N VAL C 186 8.76 14.14 -4.22
CA VAL C 186 8.21 14.24 -2.87
C VAL C 186 6.71 14.04 -2.74
N PRO C 187 5.91 14.57 -3.68
CA PRO C 187 4.45 14.38 -3.57
C PRO C 187 4.06 12.89 -3.50
N PHE C 188 4.84 12.01 -4.12
CA PHE C 188 4.53 10.57 -4.05
C PHE C 188 4.95 10.02 -2.70
N ILE C 189 5.95 10.64 -2.09
CA ILE C 189 6.41 10.22 -0.79
C ILE C 189 5.32 10.63 0.19
N ILE C 190 4.75 11.82 -0.01
CA ILE C 190 3.70 12.33 0.85
C ILE C 190 2.49 11.41 0.75
N ALA C 191 2.16 10.99 -0.47
CA ALA C 191 1.03 10.08 -0.65
C ALA C 191 1.24 8.80 0.16
N ALA C 192 2.47 8.31 0.16
CA ALA C 192 2.79 7.08 0.89
C ALA C 192 2.64 7.32 2.37
N MET C 193 3.09 8.49 2.86
CA MET C 193 2.97 8.80 4.28
C MET C 193 1.50 8.96 4.66
N VAL C 194 0.69 9.49 3.75
CA VAL C 194 -0.73 9.67 3.98
C VAL C 194 -1.38 8.30 4.22
N ILE C 195 -0.85 7.28 3.55
CA ILE C 195 -1.35 5.92 3.73
C ILE C 195 -0.97 5.43 5.12
N MET C 196 0.25 5.75 5.55
CA MET C 196 0.68 5.37 6.89
C MET C 196 -0.16 6.12 7.91
N HIS C 197 -0.49 7.37 7.59
CA HIS C 197 -1.33 8.25 8.42
C HIS C 197 -2.71 7.58 8.57
N LEU C 198 -3.32 7.21 7.45
CA LEU C 198 -4.63 6.55 7.48
C LEU C 198 -4.59 5.19 8.19
N MET C 199 -3.47 4.49 8.10
CA MET C 199 -3.33 3.19 8.76
C MET C 199 -3.36 3.36 10.27
N ALA C 200 -2.71 4.40 10.75
CA ALA C 200 -2.65 4.65 12.19
C ALA C 200 -3.98 5.20 12.70
N LEU C 201 -4.69 5.91 11.83
CA LEU C 201 -5.98 6.46 12.19
C LEU C 201 -6.99 5.33 12.35
N HIS C 202 -6.95 4.41 11.39
CA HIS C 202 -7.86 3.28 11.33
C HIS C 202 -7.96 2.33 12.51
N ILE C 203 -6.83 1.99 13.12
CA ILE C 203 -6.86 1.05 14.24
C ILE C 203 -7.48 1.63 15.50
N HIS C 204 -7.48 2.96 15.60
CA HIS C 204 -8.08 3.62 16.75
C HIS C 204 -9.33 4.41 16.41
N GLY C 205 -9.53 4.64 15.11
CA GLY C 205 -10.67 5.40 14.64
C GLY C 205 -10.50 6.87 15.00
N SER C 206 -11.44 7.69 14.57
CA SER C 206 -11.39 9.12 14.88
C SER C 206 -11.87 9.35 16.30
N SER C 207 -11.51 10.51 16.83
CA SER C 207 -11.96 10.92 18.14
C SER C 207 -13.24 11.71 17.86
N ASN C 208 -13.74 12.43 18.83
CA ASN C 208 -14.95 13.23 18.63
C ASN C 208 -14.84 14.51 19.45
N PRO C 209 -15.74 15.49 19.21
CA PRO C 209 -15.70 16.74 19.96
C PRO C 209 -15.91 16.61 21.47
N LEU C 210 -16.50 15.52 21.92
CA LEU C 210 -16.70 15.33 23.36
C LEU C 210 -15.45 14.81 24.06
N GLY C 211 -14.47 14.36 23.27
CA GLY C 211 -13.23 13.84 23.83
C GLY C 211 -13.32 12.51 24.56
N ILE C 212 -14.48 11.88 24.52
CA ILE C 212 -14.70 10.60 25.18
C ILE C 212 -14.91 9.48 24.15
N THR C 213 -15.08 8.25 24.63
CA THR C 213 -15.26 7.10 23.76
C THR C 213 -16.46 7.22 22.81
N GLY C 214 -16.23 6.80 21.57
CA GLY C 214 -17.27 6.82 20.56
C GLY C 214 -17.82 5.42 20.31
N ASN C 215 -17.33 4.44 21.06
CA ASN C 215 -17.76 3.05 20.91
C ASN C 215 -19.24 2.72 21.18
N LEU C 216 -19.93 3.55 21.95
CA LEU C 216 -21.33 3.25 22.25
C LEU C 216 -22.31 3.71 21.19
N ASP C 217 -21.85 4.50 20.22
CA ASP C 217 -22.73 5.02 19.17
C ASP C 217 -21.98 5.39 17.89
N ARG C 218 -21.79 4.41 17.00
CA ARG C 218 -21.10 4.66 15.73
C ARG C 218 -22.09 4.58 14.57
N ILE C 219 -21.83 5.36 13.52
CA ILE C 219 -22.65 5.31 12.31
C ILE C 219 -21.66 5.11 11.17
N PRO C 220 -22.06 4.38 10.13
CA PRO C 220 -21.25 4.06 8.95
C PRO C 220 -20.73 5.26 8.19
N MET C 221 -19.54 5.11 7.64
CA MET C 221 -18.92 6.17 6.86
C MET C 221 -19.81 6.49 5.65
N HIS C 222 -20.30 5.44 4.99
CA HIS C 222 -21.12 5.63 3.81
C HIS C 222 -22.55 6.16 3.97
N SER C 223 -22.73 7.21 3.17
CA SER C 223 -23.91 8.02 3.04
C SER C 223 -23.67 9.16 4.00
N TYR C 224 -23.73 8.87 5.29
CA TYR C 224 -23.55 9.91 6.29
C TYR C 224 -22.34 10.80 6.07
N PHE C 225 -21.15 10.24 6.22
CA PHE C 225 -19.94 11.04 6.04
C PHE C 225 -19.45 11.18 4.61
N ILE C 226 -19.91 10.31 3.72
CA ILE C 226 -19.55 10.44 2.31
C ILE C 226 -20.24 11.70 1.80
N PHE C 227 -21.52 11.84 2.14
CA PHE C 227 -22.28 13.02 1.72
C PHE C 227 -22.01 14.28 2.51
N LYS C 228 -21.54 14.13 3.75
CA LYS C 228 -21.24 15.29 4.55
C LYS C 228 -19.92 15.90 4.04
N ASP C 229 -18.97 15.03 3.66
CA ASP C 229 -17.67 15.47 3.13
C ASP C 229 -17.87 16.16 1.78
N LEU C 230 -18.88 15.74 1.04
CA LEU C 230 -19.21 16.32 -0.26
C LEU C 230 -19.59 17.79 -0.07
N VAL C 231 -20.25 18.11 1.04
CA VAL C 231 -20.64 19.47 1.35
C VAL C 231 -19.41 20.36 1.37
N THR C 232 -18.41 19.99 2.18
CA THR C 232 -17.18 20.76 2.27
C THR C 232 -16.34 20.72 0.99
N VAL C 233 -16.45 19.65 0.22
CA VAL C 233 -15.70 19.53 -1.05
C VAL C 233 -16.18 20.60 -1.99
N PHE C 234 -17.50 20.72 -2.12
CA PHE C 234 -18.05 21.75 -3.00
C PHE C 234 -17.73 23.15 -2.47
N LEU C 235 -17.80 23.35 -1.17
CA LEU C 235 -17.50 24.67 -0.63
C LEU C 235 -16.05 25.01 -0.96
N PHE C 236 -15.15 24.06 -0.69
CA PHE C 236 -13.72 24.19 -0.97
C PHE C 236 -13.49 24.55 -2.45
N MET C 237 -14.19 23.85 -3.34
CA MET C 237 -14.06 24.11 -4.78
C MET C 237 -14.63 25.48 -5.17
N LEU C 238 -15.67 25.90 -4.47
CA LEU C 238 -16.30 27.18 -4.75
C LEU C 238 -15.35 28.32 -4.39
N ILE C 239 -14.79 28.26 -3.19
CA ILE C 239 -13.87 29.32 -2.76
C ILE C 239 -12.60 29.34 -3.62
N LEU C 240 -12.06 28.16 -3.90
CA LEU C 240 -10.86 28.04 -4.73
C LEU C 240 -11.10 28.57 -6.16
N ALA C 241 -12.30 28.32 -6.69
CA ALA C 241 -12.65 28.78 -8.03
C ALA C 241 -12.71 30.30 -8.06
N LEU C 242 -13.15 30.89 -6.95
CA LEU C 242 -13.24 32.34 -6.82
C LEU C 242 -11.88 32.99 -6.98
N PHE C 243 -10.85 32.36 -6.44
CA PHE C 243 -9.48 32.89 -6.54
C PHE C 243 -8.91 32.59 -7.91
N VAL C 244 -9.02 31.33 -8.34
CA VAL C 244 -8.50 30.90 -9.64
C VAL C 244 -9.01 31.74 -10.80
N PHE C 245 -10.30 32.05 -10.80
CA PHE C 245 -10.85 32.83 -11.91
C PHE C 245 -10.94 34.33 -11.71
N TYR C 246 -11.11 34.76 -10.46
CA TYR C 246 -11.28 36.19 -10.17
C TYR C 246 -10.15 36.88 -9.41
N SER C 247 -9.29 36.13 -8.72
CA SER C 247 -8.21 36.76 -7.99
C SER C 247 -7.00 35.82 -7.93
N PRO C 248 -6.57 35.35 -9.10
CA PRO C 248 -5.45 34.41 -9.24
C PRO C 248 -4.13 34.77 -8.59
N ASN C 249 -3.82 36.05 -8.48
CA ASN C 249 -2.55 36.48 -7.91
C ASN C 249 -2.56 37.20 -6.58
N THR C 250 -3.71 37.19 -5.89
CA THR C 250 -3.85 37.84 -4.59
C THR C 250 -2.93 37.19 -3.54
N LEU C 251 -2.85 35.86 -3.55
CA LEU C 251 -2.04 35.14 -2.58
C LEU C 251 -0.57 35.04 -2.96
N GLY C 252 -0.23 35.55 -4.14
CA GLY C 252 1.15 35.50 -4.61
C GLY C 252 1.94 36.77 -4.39
N HIS C 253 3.05 36.88 -5.12
CA HIS C 253 3.96 38.01 -5.05
C HIS C 253 4.27 38.48 -6.48
N PRO C 254 4.20 39.80 -6.73
CA PRO C 254 4.47 40.37 -8.05
C PRO C 254 5.92 40.13 -8.48
N ASP C 255 6.85 40.19 -7.52
CA ASP C 255 8.27 39.97 -7.82
C ASP C 255 8.55 38.64 -8.50
N ASN C 256 7.71 37.64 -8.27
CA ASN C 256 7.92 36.36 -8.93
C ASN C 256 7.46 36.37 -10.39
N TYR C 257 7.05 37.55 -10.87
CA TYR C 257 6.67 37.71 -12.28
C TYR C 257 7.83 38.36 -13.00
N ILE C 258 8.97 38.38 -12.32
CA ILE C 258 10.21 38.92 -12.84
C ILE C 258 11.24 37.78 -12.83
N PRO C 259 11.90 37.54 -13.98
CA PRO C 259 12.89 36.46 -14.09
C PRO C 259 13.97 36.60 -13.04
N GLY C 260 14.39 35.46 -12.48
CA GLY C 260 15.43 35.45 -11.46
C GLY C 260 16.68 36.15 -11.93
N ASN C 261 17.27 36.94 -11.04
CA ASN C 261 18.48 37.70 -11.33
C ASN C 261 19.45 37.43 -10.19
N PRO C 262 20.55 36.71 -10.48
CA PRO C 262 21.61 36.34 -9.53
C PRO C 262 22.37 37.49 -8.88
N LEU C 263 22.19 38.70 -9.41
CA LEU C 263 22.89 39.87 -8.88
C LEU C 263 22.02 40.88 -8.12
N VAL C 264 20.72 40.62 -8.03
CA VAL C 264 19.84 41.57 -7.34
C VAL C 264 18.73 40.95 -6.50
N THR C 265 18.79 41.15 -5.20
CA THR C 265 17.74 40.68 -4.32
C THR C 265 16.86 41.91 -4.16
N PRO C 266 15.59 41.82 -4.60
CA PRO C 266 14.69 42.97 -4.49
C PRO C 266 14.50 43.36 -3.04
N ALA C 267 14.32 44.66 -2.81
CA ALA C 267 14.10 45.14 -1.44
C ALA C 267 12.72 44.70 -0.97
N SER C 268 11.86 44.38 -1.94
CA SER C 268 10.50 43.94 -1.68
C SER C 268 10.36 42.43 -1.45
N ILE C 269 11.48 41.76 -1.18
CA ILE C 269 11.45 40.32 -0.95
C ILE C 269 10.69 39.92 0.30
N VAL C 270 9.74 38.99 0.12
CA VAL C 270 8.93 38.46 1.23
C VAL C 270 8.62 36.99 0.92
N PRO C 271 8.71 36.11 1.92
CA PRO C 271 8.44 34.68 1.73
C PRO C 271 6.95 34.44 1.47
N GLU C 272 6.62 33.29 0.92
CA GLU C 272 5.24 32.92 0.64
C GLU C 272 4.49 32.99 1.98
N TRP C 273 3.26 33.50 1.95
CA TRP C 273 2.47 33.71 3.16
C TRP C 273 2.44 32.56 4.18
N TYR C 274 2.34 31.33 3.70
CA TYR C 274 2.28 30.18 4.62
C TYR C 274 3.57 29.85 5.40
N LEU C 275 4.69 30.47 5.00
CA LEU C 275 5.97 30.29 5.66
C LEU C 275 6.35 31.48 6.56
N LEU C 276 5.57 32.56 6.50
CA LEU C 276 5.87 33.76 7.28
C LEU C 276 6.07 33.58 8.80
N PRO C 277 5.18 32.82 9.47
CA PRO C 277 5.31 32.61 10.92
C PRO C 277 6.65 32.01 11.31
N PHE C 278 7.10 31.04 10.52
CA PHE C 278 8.37 30.36 10.74
C PHE C 278 9.54 31.27 10.42
N TYR C 279 9.35 32.12 9.42
CA TYR C 279 10.35 33.09 8.98
C TYR C 279 10.56 34.15 10.07
N ALA C 280 9.46 34.56 10.69
CA ALA C 280 9.46 35.55 11.75
C ALA C 280 10.22 35.00 12.96
N ILE C 281 10.03 33.72 13.24
CA ILE C 281 10.71 33.06 14.34
C ILE C 281 12.22 33.12 14.10
N LEU C 282 12.65 32.76 12.89
CA LEU C 282 14.08 32.81 12.55
C LEU C 282 14.68 34.22 12.70
N ARG C 283 13.96 35.24 12.23
CA ARG C 283 14.44 36.61 12.31
C ARG C 283 14.54 37.14 13.72
N SER C 284 13.77 36.54 14.62
CA SER C 284 13.74 36.96 16.02
C SER C 284 15.01 36.62 16.78
N ILE C 285 15.86 35.79 16.19
CA ILE C 285 17.10 35.41 16.86
C ILE C 285 18.27 36.08 16.16
N PRO C 286 18.98 36.99 16.85
CA PRO C 286 20.13 37.74 16.32
C PRO C 286 21.41 36.89 16.14
N ASP C 287 21.23 35.60 15.95
CA ASP C 287 22.35 34.69 15.75
C ASP C 287 21.96 33.73 14.63
N LYS C 288 22.88 33.55 13.68
CA LYS C 288 22.65 32.69 12.53
C LYS C 288 22.21 31.27 12.87
N LEU C 289 23.09 30.52 13.53
CA LEU C 289 22.82 29.13 13.91
C LEU C 289 21.61 28.98 14.80
N LEU C 290 21.53 29.78 15.86
CA LEU C 290 20.40 29.71 16.76
C LEU C 290 19.11 30.07 16.05
N GLY C 291 19.23 30.89 15.02
CA GLY C 291 18.08 31.29 14.26
C GLY C 291 17.46 30.13 13.51
N VAL C 292 18.29 29.33 12.83
CA VAL C 292 17.76 28.21 12.08
C VAL C 292 17.30 27.09 12.99
N ILE C 293 17.96 26.93 14.13
CA ILE C 293 17.58 25.88 15.06
C ILE C 293 16.22 26.18 15.69
N THR C 294 16.02 27.43 16.09
CA THR C 294 14.77 27.81 16.71
C THR C 294 13.64 27.61 15.72
N MET C 295 13.85 28.04 14.47
CA MET C 295 12.83 27.88 13.43
C MET C 295 12.46 26.41 13.21
N PHE C 296 13.46 25.53 13.19
CA PHE C 296 13.20 24.10 13.03
C PHE C 296 12.59 23.50 14.28
N ALA C 297 12.95 24.05 15.45
CA ALA C 297 12.41 23.56 16.70
C ALA C 297 10.93 23.94 16.78
N ALA C 298 10.55 25.01 16.07
CA ALA C 298 9.17 25.47 16.05
C ALA C 298 8.24 24.42 15.46
N ILE C 299 8.78 23.59 14.57
CA ILE C 299 8.00 22.52 13.96
C ILE C 299 8.09 21.27 14.83
N LEU C 300 9.29 20.95 15.30
CA LEU C 300 9.51 19.78 16.13
C LEU C 300 8.84 19.80 17.50
N VAL C 301 8.65 20.99 18.08
CA VAL C 301 8.01 21.09 19.39
C VAL C 301 6.57 20.58 19.39
N LEU C 302 6.01 20.38 18.19
CA LEU C 302 4.66 19.86 18.05
C LEU C 302 4.63 18.43 18.55
N LEU C 303 5.79 17.78 18.53
CA LEU C 303 5.94 16.39 19.00
C LEU C 303 5.90 16.26 20.52
N VAL C 304 6.06 17.38 21.20
CA VAL C 304 6.08 17.40 22.66
C VAL C 304 4.69 17.42 23.32
N LEU C 305 3.70 17.90 22.58
CA LEU C 305 2.35 18.03 23.10
C LEU C 305 1.76 16.81 23.84
N PRO C 306 1.98 15.58 23.35
CA PRO C 306 1.43 14.38 24.01
C PRO C 306 1.90 14.20 25.46
N PHE C 307 3.06 14.76 25.78
CA PHE C 307 3.65 14.64 27.10
C PHE C 307 3.42 15.86 27.98
N THR C 308 3.36 17.06 27.40
CA THR C 308 3.13 18.26 28.19
C THR C 308 1.66 18.48 28.53
N ASP C 309 0.75 17.76 27.88
CA ASP C 309 -0.66 17.90 28.18
C ASP C 309 -0.93 16.96 29.36
N ARG C 310 -0.91 17.50 30.56
CA ARG C 310 -1.10 16.73 31.78
C ARG C 310 -2.56 16.43 32.13
N SER C 311 -3.48 17.04 31.38
CA SER C 311 -4.91 16.87 31.62
C SER C 311 -5.39 15.43 31.60
N VAL C 312 -6.37 15.16 32.45
CA VAL C 312 -6.95 13.84 32.56
C VAL C 312 -8.11 13.65 31.53
N VAL C 313 -8.49 14.72 30.85
CA VAL C 313 -9.53 14.61 29.82
C VAL C 313 -8.99 15.09 28.47
N ARG C 314 -9.47 14.49 27.40
CA ARG C 314 -9.01 14.84 26.06
C ARG C 314 -9.88 15.93 25.41
N GLY C 315 -9.23 17.00 24.96
CA GLY C 315 -9.93 18.09 24.32
C GLY C 315 -10.17 19.27 25.22
N ASN C 316 -10.45 20.40 24.59
CA ASN C 316 -10.68 21.66 25.28
C ASN C 316 -12.16 22.00 25.46
N THR C 317 -13.05 21.20 24.87
CA THR C 317 -14.49 21.45 24.92
C THR C 317 -15.05 21.95 26.26
N PHE C 318 -14.62 21.30 27.33
CA PHE C 318 -15.09 21.62 28.67
C PHE C 318 -14.03 22.27 29.52
N LYS C 319 -13.11 23.01 28.89
CA LYS C 319 -12.03 23.66 29.63
C LYS C 319 -11.89 25.14 29.30
N VAL C 320 -12.37 25.98 30.22
CA VAL C 320 -12.34 27.44 30.07
C VAL C 320 -10.93 28.00 29.87
N LEU C 321 -10.01 27.64 30.75
CA LEU C 321 -8.65 28.14 30.64
C LEU C 321 -7.91 27.66 29.38
N SER C 322 -8.10 26.40 29.04
CA SER C 322 -7.45 25.84 27.86
C SER C 322 -8.03 26.42 26.57
N LYS C 323 -9.35 26.61 26.55
CA LYS C 323 -10.01 27.20 25.37
C LYS C 323 -9.48 28.61 25.12
N PHE C 324 -9.32 29.38 26.19
CA PHE C 324 -8.82 30.74 26.10
C PHE C 324 -7.39 30.75 25.58
N PHE C 325 -6.49 30.04 26.25
CA PHE C 325 -5.09 30.03 25.83
C PHE C 325 -4.86 29.42 24.43
N PHE C 326 -5.80 28.58 24.01
CA PHE C 326 -5.70 27.99 22.68
C PHE C 326 -5.81 29.10 21.62
N PHE C 327 -6.76 30.02 21.82
CA PHE C 327 -6.95 31.13 20.88
C PHE C 327 -5.83 32.17 20.95
N ILE C 328 -5.20 32.27 22.12
CA ILE C 328 -4.06 33.17 22.29
C ILE C 328 -3.02 32.61 21.33
N PHE C 329 -2.91 31.28 21.33
CA PHE C 329 -1.96 30.59 20.46
C PHE C 329 -2.26 30.81 18.98
N VAL C 330 -3.52 30.68 18.59
CA VAL C 330 -3.92 30.86 17.20
C VAL C 330 -3.62 32.27 16.70
N PHE C 331 -4.02 33.28 17.46
CA PHE C 331 -3.80 34.66 17.03
C PHE C 331 -2.36 35.07 17.14
N ASN C 332 -1.63 34.41 18.02
CA ASN C 332 -0.21 34.70 18.19
C ASN C 332 0.49 34.16 16.95
N PHE C 333 -0.02 33.06 16.41
CA PHE C 333 0.55 32.45 15.22
C PHE C 333 0.30 33.37 14.04
N VAL C 334 -0.91 33.91 13.97
CA VAL C 334 -1.30 34.83 12.92
C VAL C 334 -0.46 36.10 12.99
N LEU C 335 -0.23 36.58 14.22
CA LEU C 335 0.58 37.79 14.43
C LEU C 335 2.01 37.57 13.98
N LEU C 336 2.55 36.40 14.29
CA LEU C 336 3.91 36.00 13.92
C LEU C 336 4.00 36.10 12.40
N GLY C 337 2.90 35.75 11.73
CA GLY C 337 2.84 35.82 10.28
C GLY C 337 2.85 37.27 9.81
N GLN C 338 2.13 38.13 10.54
CA GLN C 338 2.06 39.55 10.19
C GLN C 338 3.44 40.21 10.39
N ILE C 339 4.08 39.88 11.51
CA ILE C 339 5.40 40.41 11.78
C ILE C 339 6.31 39.97 10.63
N GLY C 340 6.09 38.75 10.14
CA GLY C 340 6.89 38.23 9.05
C GLY C 340 6.88 39.10 7.80
N ALA C 341 5.73 39.69 7.50
CA ALA C 341 5.60 40.54 6.32
C ALA C 341 6.14 41.97 6.53
N CYS C 342 6.48 42.31 7.76
CA CYS C 342 7.00 43.65 8.08
C CYS C 342 8.51 43.69 7.98
N HIS C 343 9.07 44.89 7.94
CA HIS C 343 10.51 45.06 7.87
C HIS C 343 11.12 44.88 9.25
N VAL C 344 12.41 44.54 9.28
CA VAL C 344 13.11 44.35 10.55
C VAL C 344 13.28 45.75 11.17
N GLU C 345 12.22 46.20 11.87
CA GLU C 345 12.17 47.51 12.50
C GLU C 345 11.63 47.53 13.93
N VAL C 346 12.24 48.37 14.75
CA VAL C 346 11.96 48.56 16.19
C VAL C 346 10.76 47.92 16.91
N PRO C 347 9.54 48.42 16.65
CA PRO C 347 8.42 47.81 17.37
C PRO C 347 8.24 46.33 17.01
N TYR C 348 8.35 46.03 15.72
CA TYR C 348 8.17 44.69 15.19
C TYR C 348 9.15 43.63 15.68
N VAL C 349 10.41 44.01 15.82
CA VAL C 349 11.45 43.09 16.27
C VAL C 349 11.18 42.59 17.67
N LEU C 350 10.73 43.47 18.56
CA LEU C 350 10.43 43.07 19.94
C LEU C 350 9.16 42.21 19.96
N MET C 351 8.14 42.66 19.22
CA MET C 351 6.88 41.94 19.13
C MET C 351 7.10 40.50 18.64
N GLY C 352 7.98 40.35 17.65
CA GLY C 352 8.29 39.05 17.09
C GLY C 352 8.99 38.16 18.11
N GLN C 353 9.91 38.76 18.87
CA GLN C 353 10.65 38.00 19.89
C GLN C 353 9.74 37.54 21.02
N ILE C 354 8.79 38.38 21.42
CA ILE C 354 7.86 38.04 22.49
C ILE C 354 6.86 37.01 21.98
N ALA C 355 6.38 37.19 20.74
CA ALA C 355 5.43 36.26 20.12
C ALA C 355 6.10 34.90 19.93
N THR C 356 7.39 34.91 19.60
CA THR C 356 8.15 33.67 19.41
C THR C 356 8.22 32.94 20.74
N PHE C 357 8.47 33.70 21.80
CA PHE C 357 8.52 33.15 23.15
C PHE C 357 7.15 32.55 23.49
N ILE C 358 6.07 33.29 23.21
CA ILE C 358 4.72 32.79 23.51
C ILE C 358 4.46 31.49 22.75
N TYR C 359 4.91 31.42 21.51
CA TYR C 359 4.73 30.24 20.67
C TYR C 359 5.30 29.00 21.36
N PHE C 360 6.53 29.10 21.86
CA PHE C 360 7.18 27.97 22.54
C PHE C 360 6.64 27.76 23.95
N ALA C 361 6.35 28.84 24.64
CA ALA C 361 5.82 28.77 26.01
C ALA C 361 4.49 28.04 26.03
N TYR C 362 3.72 28.15 24.94
CA TYR C 362 2.43 27.47 24.88
C TYR C 362 2.58 25.96 25.11
N PHE C 363 3.44 25.33 24.33
CA PHE C 363 3.67 23.88 24.42
C PHE C 363 4.43 23.43 25.67
N LEU C 364 5.45 24.21 26.05
CA LEU C 364 6.32 23.88 27.17
C LEU C 364 5.95 24.39 28.56
N ILE C 365 5.17 25.47 28.63
CA ILE C 365 4.83 26.06 29.91
C ILE C 365 3.33 26.20 30.15
N ILE C 366 2.64 26.85 29.23
CA ILE C 366 1.21 27.10 29.41
C ILE C 366 0.36 25.83 29.50
N VAL C 367 0.42 24.98 28.48
CA VAL C 367 -0.35 23.75 28.46
C VAL C 367 -0.16 22.91 29.73
N PRO C 368 1.09 22.60 30.12
CA PRO C 368 1.25 21.80 31.34
C PRO C 368 0.77 22.46 32.64
N VAL C 369 0.96 23.77 32.77
CA VAL C 369 0.53 24.50 33.97
C VAL C 369 -1.01 24.56 34.02
N ILE C 370 -1.60 25.03 32.93
CA ILE C 370 -3.04 25.15 32.81
C ILE C 370 -3.78 23.80 32.97
N SER C 371 -3.26 22.77 32.33
CA SER C 371 -3.92 21.46 32.41
C SER C 371 -3.88 20.91 33.83
N THR C 372 -2.75 21.12 34.52
CA THR C 372 -2.61 20.65 35.90
C THR C 372 -3.63 21.39 36.78
N ILE C 373 -3.66 22.72 36.64
CA ILE C 373 -4.59 23.56 37.39
C ILE C 373 -6.04 23.14 37.17
N GLU C 374 -6.41 22.89 35.92
CA GLU C 374 -7.77 22.47 35.61
C GLU C 374 -8.08 21.09 36.20
N ASN C 375 -7.08 20.21 36.25
CA ASN C 375 -7.29 18.89 36.85
C ASN C 375 -7.77 19.08 38.28
N VAL C 376 -7.09 19.94 39.02
CA VAL C 376 -7.45 20.24 40.40
C VAL C 376 -8.78 21.02 40.52
N LEU C 377 -9.06 21.87 39.54
CA LEU C 377 -10.32 22.63 39.54
C LEU C 377 -11.53 21.69 39.42
N PHE C 378 -11.47 20.72 38.49
CA PHE C 378 -12.56 19.76 38.28
C PHE C 378 -12.79 18.92 39.53
N TYR C 379 -11.73 18.69 40.30
CA TYR C 379 -11.81 17.88 41.50
C TYR C 379 -12.42 18.60 42.72
N ILE C 380 -11.80 19.68 43.17
CA ILE C 380 -12.29 20.43 44.33
C ILE C 380 -13.61 21.15 44.10
N GLY C 381 -14.00 21.31 42.83
CA GLY C 381 -15.24 22.00 42.51
C GLY C 381 -16.50 21.17 42.68
N ARG C 382 -16.35 19.96 43.21
CA ARG C 382 -17.51 19.11 43.38
C ARG C 382 -17.32 18.11 44.52
N VAL C 383 -16.12 17.55 44.63
CA VAL C 383 -15.80 16.58 45.69
C VAL C 383 -15.91 17.24 47.07
N ASN C 384 -16.85 16.75 47.87
CA ASN C 384 -17.11 17.28 49.21
C ASN C 384 -16.54 16.38 50.31
N LYS C 385 -15.34 16.73 50.79
CA LYS C 385 -14.65 15.98 51.84
C LYS C 385 -13.83 16.90 52.77
N MET D 1 9.94 52.30 7.76
CA MET D 1 10.45 52.76 6.44
C MET D 1 9.88 54.15 6.15
N THR D 2 10.74 55.05 5.64
CA THR D 2 10.29 56.41 5.33
C THR D 2 9.45 56.44 4.07
N ALA D 3 8.46 57.33 4.05
CA ALA D 3 7.54 57.49 2.91
C ALA D 3 8.26 57.49 1.56
N ALA D 4 9.39 58.19 1.51
CA ALA D 4 10.18 58.27 0.28
C ALA D 4 10.61 56.87 -0.20
N GLU D 5 11.10 56.06 0.73
CA GLU D 5 11.53 54.70 0.40
C GLU D 5 10.41 53.83 -0.11
N HIS D 6 9.25 53.92 0.53
CA HIS D 6 8.07 53.14 0.14
C HIS D 6 7.54 53.56 -1.21
N GLY D 7 7.37 54.86 -1.39
CA GLY D 7 6.82 55.39 -2.61
C GLY D 7 5.38 55.77 -2.31
N LEU D 8 4.83 56.71 -3.07
CA LEU D 8 3.47 57.15 -2.83
C LEU D 8 2.50 56.07 -3.27
N HIS D 9 1.51 55.81 -2.42
CA HIS D 9 0.50 54.80 -2.72
C HIS D 9 -0.31 55.20 -3.94
N ALA D 10 -0.37 54.31 -4.92
CA ALA D 10 -1.13 54.56 -6.15
C ALA D 10 -2.63 54.41 -5.85
N PRO D 11 -3.42 55.45 -6.14
CA PRO D 11 -4.87 55.47 -5.91
C PRO D 11 -5.69 54.60 -6.86
N ALA D 12 -6.92 54.32 -6.46
CA ALA D 12 -7.82 53.46 -7.21
C ALA D 12 -8.67 54.08 -8.31
N TYR D 13 -8.16 54.05 -9.53
CA TYR D 13 -8.90 54.57 -10.68
C TYR D 13 -9.97 53.56 -11.09
N ALA D 14 -11.01 54.04 -11.75
CA ALA D 14 -12.10 53.17 -12.17
C ALA D 14 -11.89 52.48 -13.52
N TRP D 15 -10.96 51.52 -13.55
CA TRP D 15 -10.68 50.78 -14.77
C TRP D 15 -11.94 50.01 -15.17
N SER D 16 -12.30 50.04 -16.46
CA SER D 16 -13.51 49.36 -16.92
C SER D 16 -13.40 47.83 -16.91
N HIS D 17 -12.18 47.31 -16.72
CA HIS D 17 -11.97 45.88 -16.64
C HIS D 17 -12.09 45.39 -15.20
N ASN D 18 -12.00 46.30 -14.23
CA ASN D 18 -12.15 45.95 -12.81
C ASN D 18 -13.56 45.45 -12.58
N GLY D 19 -13.69 44.33 -11.87
CA GLY D 19 -15.01 43.79 -11.61
C GLY D 19 -15.17 42.41 -12.21
N PRO D 20 -15.81 41.48 -11.48
CA PRO D 20 -16.03 40.10 -11.92
C PRO D 20 -16.68 39.89 -13.28
N PHE D 21 -17.61 40.77 -13.65
CA PHE D 21 -18.30 40.59 -14.92
C PHE D 21 -17.73 41.41 -16.07
N GLU D 22 -16.67 42.17 -15.82
CA GLU D 22 -16.11 43.05 -16.85
C GLU D 22 -14.94 42.57 -17.68
N THR D 23 -15.08 42.71 -19.00
CA THR D 23 -14.01 42.37 -19.93
C THR D 23 -13.18 43.64 -20.09
N PHE D 24 -12.19 43.56 -20.96
CA PHE D 24 -11.35 44.71 -21.27
C PHE D 24 -12.12 45.57 -22.26
N ASP D 25 -11.73 46.83 -22.37
CA ASP D 25 -12.32 47.75 -23.35
C ASP D 25 -11.34 47.59 -24.51
N HIS D 26 -11.73 46.80 -25.50
CA HIS D 26 -10.85 46.55 -26.63
C HIS D 26 -10.50 47.77 -27.50
N ALA D 27 -11.26 48.86 -27.34
CA ALA D 27 -10.98 50.08 -28.08
C ALA D 27 -9.76 50.74 -27.43
N SER D 28 -9.73 50.67 -26.09
CA SER D 28 -8.64 51.22 -25.30
C SER D 28 -7.35 50.42 -25.59
N ILE D 29 -7.48 49.10 -25.75
CA ILE D 29 -6.32 48.25 -26.04
C ILE D 29 -5.73 48.66 -27.38
N ARG D 30 -6.57 48.74 -28.40
CA ARG D 30 -6.14 49.13 -29.74
C ARG D 30 -5.38 50.46 -29.75
N ARG D 31 -5.79 51.38 -28.88
CA ARG D 31 -5.14 52.68 -28.80
C ARG D 31 -3.83 52.61 -28.04
N GLY D 32 -3.81 51.75 -27.01
CA GLY D 32 -2.63 51.56 -26.19
C GLY D 32 -1.47 51.02 -26.99
N TYR D 33 -1.78 50.16 -27.95
CA TYR D 33 -0.76 49.57 -28.82
C TYR D 33 -0.08 50.72 -29.55
N GLN D 34 -0.90 51.59 -30.15
CA GLN D 34 -0.40 52.74 -30.89
C GLN D 34 0.53 53.56 -30.02
N VAL D 35 0.14 53.77 -28.77
CA VAL D 35 0.96 54.52 -27.85
C VAL D 35 2.25 53.77 -27.58
N TYR D 36 2.17 52.45 -27.42
CA TYR D 36 3.36 51.64 -27.17
C TYR D 36 4.32 51.71 -28.35
N ARG D 37 3.78 51.60 -29.56
CA ARG D 37 4.57 51.64 -30.78
C ARG D 37 5.24 53.00 -31.02
N GLU D 38 4.49 54.08 -30.87
CA GLU D 38 5.00 55.42 -31.10
C GLU D 38 5.78 56.06 -29.97
N VAL D 39 5.67 55.53 -28.75
CA VAL D 39 6.38 56.16 -27.63
C VAL D 39 7.22 55.25 -26.75
N CYS D 40 6.74 54.03 -26.49
CA CYS D 40 7.44 53.12 -25.61
C CYS D 40 8.43 52.20 -26.27
N ALA D 41 8.07 51.71 -27.47
CA ALA D 41 8.86 50.77 -28.24
C ALA D 41 10.33 51.10 -28.46
N ALA D 42 10.67 52.39 -28.43
CA ALA D 42 12.03 52.84 -28.64
C ALA D 42 12.98 52.45 -27.50
N CYS D 43 12.41 52.04 -26.37
CA CYS D 43 13.22 51.65 -25.21
C CYS D 43 12.79 50.33 -24.58
N HIS D 44 11.50 50.03 -24.67
CA HIS D 44 10.96 48.83 -24.07
C HIS D 44 10.57 47.73 -25.03
N SER D 45 10.97 46.51 -24.68
CA SER D 45 10.65 45.34 -25.46
C SER D 45 9.30 44.76 -25.00
N LEU D 46 8.72 43.90 -25.83
CA LEU D 46 7.45 43.24 -25.54
C LEU D 46 7.63 41.78 -26.02
N ASP D 47 8.73 41.19 -25.58
CA ASP D 47 9.18 39.85 -25.95
C ASP D 47 8.23 38.66 -25.86
N ARG D 48 7.39 38.62 -24.83
CA ARG D 48 6.48 37.48 -24.67
C ARG D 48 5.19 37.59 -25.47
N VAL D 49 5.01 38.69 -26.21
CA VAL D 49 3.79 38.89 -27.01
C VAL D 49 4.00 38.59 -28.49
N ALA D 50 3.27 37.61 -29.01
CA ALA D 50 3.41 37.25 -30.42
C ALA D 50 2.38 37.99 -31.27
N TRP D 51 2.78 38.36 -32.49
CA TRP D 51 1.89 39.07 -33.40
C TRP D 51 0.50 38.45 -33.48
N ARG D 52 0.42 37.16 -33.78
CA ARG D 52 -0.86 36.45 -33.88
C ARG D 52 -1.85 36.69 -32.72
N THR D 53 -1.33 36.99 -31.53
CA THR D 53 -2.19 37.21 -30.36
C THR D 53 -3.00 38.50 -30.42
N LEU D 54 -2.57 39.42 -31.28
CA LEU D 54 -3.26 40.70 -31.48
C LEU D 54 -4.51 40.49 -32.34
N VAL D 55 -4.41 39.63 -33.36
CA VAL D 55 -5.51 39.33 -34.27
C VAL D 55 -6.79 38.93 -33.55
N GLY D 56 -7.85 39.70 -33.78
CA GLY D 56 -9.14 39.43 -33.17
C GLY D 56 -9.27 39.99 -31.76
N VAL D 57 -8.33 40.85 -31.36
CA VAL D 57 -8.37 41.45 -30.03
C VAL D 57 -8.34 42.97 -30.14
N SER D 58 -7.47 43.47 -30.99
CA SER D 58 -7.33 44.90 -31.19
C SER D 58 -7.05 45.27 -32.65
N HIS D 59 -6.79 44.26 -33.47
CA HIS D 59 -6.50 44.45 -34.90
C HIS D 59 -7.01 43.26 -35.70
N THR D 60 -7.21 43.47 -37.00
CA THR D 60 -7.66 42.42 -37.90
C THR D 60 -6.42 41.66 -38.39
N ASN D 61 -6.65 40.49 -38.97
CA ASN D 61 -5.57 39.65 -39.48
C ASN D 61 -4.64 40.41 -40.41
N GLU D 62 -5.22 41.06 -41.42
CA GLU D 62 -4.44 41.83 -42.40
C GLU D 62 -3.65 42.98 -41.77
N GLU D 63 -4.22 43.61 -40.75
CA GLU D 63 -3.53 44.70 -40.09
C GLU D 63 -2.26 44.23 -39.38
N VAL D 64 -2.37 43.11 -38.66
CA VAL D 64 -1.22 42.55 -37.94
C VAL D 64 -0.15 42.04 -38.91
N ARG D 65 -0.60 41.45 -40.01
CA ARG D 65 0.31 40.94 -41.02
C ARG D 65 1.19 42.09 -41.53
N ASN D 66 0.57 43.24 -41.80
CA ASN D 66 1.30 44.41 -42.28
C ASN D 66 2.30 44.93 -41.27
N MET D 67 1.86 45.06 -40.01
CA MET D 67 2.73 45.55 -38.95
C MET D 67 3.92 44.61 -38.79
N ALA D 68 3.64 43.31 -38.85
CA ALA D 68 4.66 42.29 -38.70
C ALA D 68 5.66 42.34 -39.84
N GLU D 69 5.16 42.49 -41.07
CA GLU D 69 6.02 42.53 -42.25
C GLU D 69 6.94 43.77 -42.33
N GLU D 70 6.73 44.73 -41.43
CA GLU D 70 7.57 45.92 -41.39
C GLU D 70 8.91 45.66 -40.71
N PHE D 71 9.02 44.52 -40.05
CA PHE D 71 10.25 44.18 -39.36
C PHE D 71 11.00 43.04 -40.02
N GLU D 72 12.32 43.03 -39.85
CA GLU D 72 13.16 41.98 -40.42
C GLU D 72 13.53 40.95 -39.35
N TYR D 73 13.45 39.67 -39.72
CA TYR D 73 13.80 38.57 -38.83
C TYR D 73 14.79 37.68 -39.55
N ASP D 74 15.54 36.88 -38.80
CA ASP D 74 16.50 35.95 -39.38
C ASP D 74 15.74 34.79 -40.04
N ASP D 75 16.24 34.35 -41.19
CA ASP D 75 15.63 33.26 -41.94
C ASP D 75 16.69 32.16 -42.02
N GLU D 76 16.31 31.01 -42.58
CA GLU D 76 17.26 29.91 -42.75
C GLU D 76 18.27 30.34 -43.81
N PRO D 77 19.57 30.10 -43.58
CA PRO D 77 20.62 30.47 -44.53
C PRO D 77 20.47 29.81 -45.91
N ASP D 78 20.96 30.48 -46.95
CA ASP D 78 20.88 29.99 -48.32
C ASP D 78 21.69 28.72 -48.60
N GLU D 79 21.70 28.30 -49.86
CA GLU D 79 22.41 27.10 -50.28
C GLU D 79 23.92 27.09 -50.04
N GLN D 80 24.51 28.25 -49.79
CA GLN D 80 25.94 28.32 -49.54
C GLN D 80 26.29 28.55 -48.08
N GLY D 81 25.26 28.59 -47.23
CA GLY D 81 25.46 28.80 -45.81
C GLY D 81 25.61 30.26 -45.43
N ASN D 82 25.09 31.15 -46.27
CA ASN D 82 25.15 32.60 -46.03
C ASN D 82 23.89 33.03 -45.31
N PRO D 83 24.05 33.87 -44.28
CA PRO D 83 22.89 34.36 -43.53
C PRO D 83 22.03 35.30 -44.36
N LYS D 84 20.72 35.17 -44.23
CA LYS D 84 19.79 36.03 -44.96
C LYS D 84 18.55 36.35 -44.13
N LYS D 85 18.03 37.56 -44.32
CA LYS D 85 16.86 38.06 -43.61
C LYS D 85 15.51 37.71 -44.25
N ARG D 86 14.44 38.10 -43.57
CA ARG D 86 13.08 37.81 -44.00
C ARG D 86 12.10 38.76 -43.31
N PRO D 87 10.95 39.07 -43.96
CA PRO D 87 9.99 39.95 -43.32
C PRO D 87 9.25 39.15 -42.23
N GLY D 88 8.75 39.85 -41.21
CA GLY D 88 8.05 39.18 -40.13
C GLY D 88 6.71 38.56 -40.50
N LYS D 89 6.29 37.57 -39.72
CA LYS D 89 5.00 36.90 -39.95
C LYS D 89 4.23 36.80 -38.64
N LEU D 90 2.98 36.33 -38.71
CA LEU D 90 2.15 36.21 -37.52
C LEU D 90 2.73 35.37 -36.38
N SER D 91 3.54 34.37 -36.72
CA SER D 91 4.13 33.48 -35.73
C SER D 91 5.32 34.07 -34.98
N ASP D 92 5.79 35.23 -35.42
CA ASP D 92 6.92 35.89 -34.76
C ASP D 92 6.45 36.69 -33.57
N TYR D 93 7.41 37.06 -32.72
CA TYR D 93 7.13 37.84 -31.54
C TYR D 93 7.51 39.28 -31.84
N ILE D 94 6.78 40.21 -31.24
CA ILE D 94 7.04 41.63 -31.39
C ILE D 94 8.49 41.87 -30.97
N PRO D 95 9.28 42.52 -31.83
CA PRO D 95 10.70 42.82 -31.62
C PRO D 95 11.02 44.00 -30.71
N GLY D 96 12.15 43.87 -30.01
CA GLY D 96 12.60 44.91 -29.11
C GLY D 96 13.51 45.88 -29.84
N PRO D 97 13.79 47.03 -29.23
CA PRO D 97 14.66 48.05 -29.84
C PRO D 97 16.16 47.76 -29.78
N TYR D 98 16.59 46.98 -28.81
CA TYR D 98 18.01 46.69 -28.67
C TYR D 98 18.39 45.23 -28.96
N PRO D 99 19.59 45.01 -29.53
CA PRO D 99 20.09 43.67 -29.84
C PRO D 99 20.54 42.91 -28.58
N ASN D 100 20.93 43.66 -27.56
CA ASN D 100 21.37 43.07 -26.30
C ASN D 100 21.32 44.06 -25.15
N GLU D 101 21.59 43.57 -23.94
CA GLU D 101 21.57 44.36 -22.72
C GLU D 101 22.59 45.50 -22.68
N GLN D 102 23.79 45.25 -23.21
CA GLN D 102 24.85 46.26 -23.23
C GLN D 102 24.40 47.48 -24.03
N ALA D 103 23.78 47.23 -25.17
CA ALA D 103 23.28 48.27 -26.05
C ALA D 103 22.15 49.03 -25.36
N ALA D 104 21.28 48.30 -24.67
CA ALA D 104 20.15 48.89 -23.96
C ALA D 104 20.59 49.87 -22.88
N ARG D 105 21.65 49.52 -22.16
CA ARG D 105 22.15 50.39 -21.11
C ARG D 105 22.85 51.63 -21.68
N ALA D 106 23.47 51.46 -22.84
CA ALA D 106 24.18 52.52 -23.52
C ALA D 106 23.23 53.66 -23.95
N ALA D 107 22.04 53.27 -24.42
CA ALA D 107 21.03 54.21 -24.88
C ALA D 107 20.21 54.84 -23.77
N ASN D 108 20.48 54.43 -22.53
CA ASN D 108 19.74 54.94 -21.38
C ASN D 108 20.60 55.26 -20.17
N GLN D 109 21.80 55.73 -20.41
CA GLN D 109 22.75 56.13 -19.36
C GLN D 109 22.97 55.10 -18.26
N GLY D 110 23.11 53.84 -18.66
CA GLY D 110 23.37 52.79 -17.69
C GLY D 110 22.18 51.96 -17.24
N ALA D 111 20.99 52.55 -17.25
CA ALA D 111 19.79 51.84 -16.83
C ALA D 111 19.29 50.87 -17.90
N LEU D 112 18.59 49.83 -17.45
CA LEU D 112 18.04 48.83 -18.35
C LEU D 112 16.53 48.93 -18.36
N PRO D 113 15.94 49.37 -19.49
CA PRO D 113 14.49 49.50 -19.61
C PRO D 113 13.90 48.09 -19.59
N PRO D 114 13.15 47.73 -18.53
CA PRO D 114 12.54 46.41 -18.44
C PRO D 114 11.49 46.08 -19.50
N ASP D 115 11.34 44.79 -19.77
CA ASP D 115 10.35 44.31 -20.72
C ASP D 115 8.99 44.66 -20.11
N LEU D 116 7.98 44.85 -20.93
CA LEU D 116 6.67 45.24 -20.39
C LEU D 116 5.56 44.20 -20.57
N SER D 117 5.92 43.00 -21.04
CA SER D 117 4.94 41.94 -21.26
C SER D 117 4.20 41.53 -19.99
N LEU D 118 4.86 41.68 -18.84
CA LEU D 118 4.25 41.31 -17.56
C LEU D 118 4.30 42.41 -16.51
N ILE D 119 4.69 43.62 -16.93
CA ILE D 119 4.83 44.73 -16.01
C ILE D 119 3.61 45.01 -15.12
N VAL D 120 2.41 44.73 -15.60
CA VAL D 120 1.20 44.96 -14.80
C VAL D 120 1.11 43.99 -13.63
N LYS D 121 1.46 42.73 -13.86
CA LYS D 121 1.44 41.74 -12.78
C LYS D 121 2.74 41.74 -11.98
N ALA D 122 3.80 42.33 -12.54
CA ALA D 122 5.10 42.36 -11.88
C ALA D 122 5.29 43.56 -10.94
N ARG D 123 4.19 44.24 -10.61
CA ARG D 123 4.27 45.40 -9.72
C ARG D 123 3.10 45.49 -8.78
N HIS D 124 3.35 45.85 -7.52
CA HIS D 124 2.27 46.03 -6.56
C HIS D 124 1.56 47.28 -7.08
N GLY D 125 0.25 47.16 -7.32
CA GLY D 125 -0.50 48.30 -7.82
C GLY D 125 -1.09 48.00 -9.18
N GLY D 126 -0.41 47.16 -9.95
CA GLY D 126 -0.88 46.81 -11.27
C GLY D 126 -1.10 48.03 -12.12
N CYS D 127 -2.30 48.13 -12.69
CA CYS D 127 -2.69 49.25 -13.54
C CYS D 127 -2.58 50.57 -12.80
N ASP D 128 -3.12 50.62 -11.58
CA ASP D 128 -3.06 51.84 -10.80
C ASP D 128 -1.65 52.37 -10.67
N TYR D 129 -0.69 51.48 -10.45
CA TYR D 129 0.69 51.89 -10.31
C TYR D 129 1.25 52.41 -11.62
N ILE D 130 1.07 51.66 -12.70
CA ILE D 130 1.57 52.04 -14.02
C ILE D 130 1.07 53.43 -14.42
N PHE D 131 -0.24 53.59 -14.40
CA PHE D 131 -0.88 54.85 -14.75
C PHE D 131 -0.40 56.01 -13.89
N SER D 132 -0.28 55.76 -12.58
CA SER D 132 0.19 56.77 -11.64
C SER D 132 1.65 57.16 -11.86
N LEU D 133 2.45 56.23 -12.33
CA LEU D 133 3.86 56.50 -12.58
C LEU D 133 3.99 57.35 -13.84
N LEU D 134 3.23 56.99 -14.87
CA LEU D 134 3.25 57.67 -16.15
C LEU D 134 2.66 59.09 -16.15
N THR D 135 1.79 59.37 -15.19
CA THR D 135 1.14 60.68 -15.12
C THR D 135 1.53 61.44 -13.86
N GLY D 136 2.37 60.84 -13.03
CA GLY D 136 2.76 61.46 -11.78
C GLY D 136 4.11 62.14 -11.71
N TYR D 137 4.65 62.55 -12.85
CA TYR D 137 5.95 63.24 -12.82
C TYR D 137 5.74 64.72 -12.55
N PRO D 138 6.30 65.23 -11.43
CA PRO D 138 6.16 66.65 -11.13
C PRO D 138 7.13 67.33 -12.08
N ASP D 139 7.14 68.67 -12.08
CA ASP D 139 8.08 69.37 -12.95
C ASP D 139 9.39 69.52 -12.21
N GLU D 140 9.31 69.51 -10.89
CA GLU D 140 10.46 69.68 -10.03
C GLU D 140 10.30 68.82 -8.79
N PRO D 141 11.40 68.20 -8.31
CA PRO D 141 11.35 67.35 -7.11
C PRO D 141 11.09 68.19 -5.86
N PRO D 142 10.50 67.58 -4.82
CA PRO D 142 10.24 68.35 -3.59
C PRO D 142 11.53 68.96 -3.04
N ALA D 143 11.37 70.08 -2.34
CA ALA D 143 12.51 70.80 -1.77
C ALA D 143 13.44 69.96 -0.91
N GLY D 144 14.74 70.17 -1.08
CA GLY D 144 15.73 69.45 -0.31
C GLY D 144 16.10 68.08 -0.81
N VAL D 145 15.45 67.62 -1.88
CA VAL D 145 15.73 66.31 -2.46
C VAL D 145 16.82 66.42 -3.52
N ALA D 146 17.97 65.78 -3.25
CA ALA D 146 19.10 65.80 -4.17
C ALA D 146 18.93 64.72 -5.23
N LEU D 147 18.70 65.14 -6.48
CA LEU D 147 18.50 64.22 -7.58
C LEU D 147 19.82 64.01 -8.36
N PRO D 148 20.38 62.78 -8.32
CA PRO D 148 21.63 62.43 -9.00
C PRO D 148 21.47 62.60 -10.51
N PRO D 149 22.26 63.50 -11.13
CA PRO D 149 22.22 63.76 -12.57
C PRO D 149 21.99 62.50 -13.39
N GLY D 150 20.85 62.48 -14.06
CA GLY D 150 20.47 61.32 -14.86
C GLY D 150 19.17 60.75 -14.31
N SER D 151 18.74 61.28 -13.18
CA SER D 151 17.50 60.84 -12.55
C SER D 151 16.36 61.84 -12.75
N ASN D 152 15.16 61.39 -12.44
CA ASN D 152 13.96 62.20 -12.57
C ASN D 152 13.11 61.86 -11.36
N TYR D 153 12.48 62.86 -10.77
CA TYR D 153 11.66 62.58 -9.60
C TYR D 153 10.26 62.14 -9.97
N ASN D 154 9.79 61.10 -9.27
CA ASN D 154 8.45 60.56 -9.42
C ASN D 154 8.16 59.95 -8.06
N PRO D 155 7.17 60.50 -7.34
CA PRO D 155 6.78 60.03 -6.01
C PRO D 155 6.26 58.60 -5.89
N TYR D 156 5.66 58.07 -6.95
CA TYR D 156 5.13 56.71 -6.90
C TYR D 156 6.21 55.64 -6.99
N PHE D 157 7.39 56.04 -7.48
CA PHE D 157 8.51 55.12 -7.60
C PHE D 157 9.24 55.03 -6.26
N PRO D 158 9.51 53.79 -5.79
CA PRO D 158 10.21 53.67 -4.50
C PRO D 158 11.56 54.39 -4.54
N GLY D 159 11.80 55.25 -3.55
CA GLY D 159 13.04 56.02 -3.50
C GLY D 159 12.86 57.36 -4.20
N GLY D 160 11.79 57.46 -5.00
CA GLY D 160 11.47 58.68 -5.72
C GLY D 160 12.34 59.02 -6.92
N SER D 161 13.51 58.39 -7.03
CA SER D 161 14.45 58.63 -8.11
C SER D 161 14.41 57.57 -9.21
N ILE D 162 13.79 57.89 -10.35
CA ILE D 162 13.67 56.95 -11.47
C ILE D 162 14.47 57.36 -12.72
N ALA D 163 15.14 56.39 -13.35
CA ALA D 163 15.95 56.64 -14.54
C ALA D 163 15.15 56.90 -15.81
N MET D 164 13.83 56.77 -15.73
CA MET D 164 12.97 57.05 -16.88
C MET D 164 12.34 58.43 -16.70
N ALA D 165 12.57 59.30 -17.67
CA ALA D 165 12.02 60.65 -17.65
C ALA D 165 10.57 60.61 -18.11
N ARG D 166 9.80 61.65 -17.81
CA ARG D 166 8.43 61.70 -18.25
C ARG D 166 8.47 61.71 -19.78
N VAL D 167 7.71 60.81 -20.41
CA VAL D 167 7.68 60.72 -21.86
C VAL D 167 6.33 61.04 -22.49
N LEU D 168 5.28 61.06 -21.67
CA LEU D 168 3.93 61.36 -22.17
C LEU D 168 3.56 62.84 -22.08
N PHE D 169 3.25 63.41 -23.24
CA PHE D 169 2.86 64.82 -23.34
C PHE D 169 1.66 64.93 -24.26
N ASP D 170 0.81 65.91 -23.97
CA ASP D 170 -0.42 66.14 -24.73
C ASP D 170 -0.27 66.13 -26.25
N ASP D 171 -1.14 65.37 -26.88
CA ASP D 171 -1.21 65.23 -28.34
C ASP D 171 0.10 64.80 -29.02
N MET D 172 0.95 64.08 -28.29
CA MET D 172 2.21 63.62 -28.88
C MET D 172 1.94 62.49 -29.87
N VAL D 173 0.72 61.95 -29.80
CA VAL D 173 0.28 60.86 -30.66
C VAL D 173 -1.06 61.26 -31.28
N GLU D 174 -1.26 60.89 -32.54
CA GLU D 174 -2.50 61.19 -33.25
C GLU D 174 -3.37 59.94 -33.39
N TYR D 175 -4.30 59.77 -32.47
CA TYR D 175 -5.19 58.62 -32.47
C TYR D 175 -6.02 58.46 -33.75
N GLU D 176 -6.08 57.23 -34.24
CA GLU D 176 -6.82 56.91 -35.46
C GLU D 176 -8.30 57.29 -35.37
N ASP D 177 -8.92 57.00 -34.22
CA ASP D 177 -10.34 57.31 -34.03
C ASP D 177 -10.63 58.75 -33.60
N GLY D 178 -9.60 59.60 -33.63
CA GLY D 178 -9.76 61.00 -33.26
C GLY D 178 -10.03 61.33 -31.79
N THR D 179 -9.65 60.42 -30.90
CA THR D 179 -9.82 60.61 -29.46
C THR D 179 -8.81 61.63 -28.95
N PRO D 180 -9.26 62.58 -28.09
CA PRO D 180 -8.35 63.59 -27.54
C PRO D 180 -7.16 62.89 -26.88
N ALA D 181 -6.02 62.93 -27.57
CA ALA D 181 -4.81 62.29 -27.09
C ALA D 181 -4.07 63.03 -25.98
N THR D 182 -4.71 63.18 -24.83
CA THR D 182 -4.07 63.85 -23.70
C THR D 182 -3.10 62.89 -23.00
N THR D 183 -2.25 63.41 -22.13
CA THR D 183 -1.29 62.56 -21.42
C THR D 183 -1.97 61.44 -20.64
N SER D 184 -3.02 61.79 -19.88
CA SER D 184 -3.74 60.79 -19.11
C SER D 184 -4.55 59.84 -19.99
N GLN D 185 -5.01 60.32 -21.14
CA GLN D 185 -5.77 59.47 -22.05
C GLN D 185 -4.82 58.39 -22.57
N MET D 186 -3.59 58.79 -22.89
CA MET D 186 -2.59 57.86 -23.40
C MET D 186 -2.12 56.85 -22.32
N ALA D 187 -1.97 57.31 -21.09
CA ALA D 187 -1.56 56.45 -19.99
C ALA D 187 -2.62 55.40 -19.72
N LYS D 188 -3.88 55.79 -19.87
CA LYS D 188 -5.00 54.87 -19.65
C LYS D 188 -5.05 53.85 -20.77
N ASP D 189 -4.67 54.26 -21.97
CA ASP D 189 -4.69 53.33 -23.08
C ASP D 189 -3.51 52.35 -23.08
N VAL D 190 -2.28 52.83 -22.84
CA VAL D 190 -1.13 51.91 -22.78
C VAL D 190 -1.33 50.92 -21.65
N THR D 191 -1.63 51.43 -20.47
CA THR D 191 -1.84 50.59 -19.31
C THR D 191 -2.87 49.49 -19.58
N THR D 192 -3.98 49.82 -20.22
CA THR D 192 -5.00 48.82 -20.55
C THR D 192 -4.40 47.78 -21.50
N PHE D 193 -3.65 48.26 -22.50
CA PHE D 193 -3.01 47.38 -23.47
C PHE D 193 -1.96 46.52 -22.75
N LEU D 194 -1.24 47.12 -21.80
CA LEU D 194 -0.22 46.38 -21.06
C LEU D 194 -0.82 45.33 -20.14
N ASN D 195 -2.04 45.57 -19.67
CA ASN D 195 -2.70 44.61 -18.82
C ASN D 195 -3.02 43.39 -19.67
N TRP D 196 -3.45 43.64 -20.90
CA TRP D 196 -3.79 42.56 -21.83
C TRP D 196 -2.54 41.76 -22.20
N CYS D 197 -1.41 42.46 -22.38
CA CYS D 197 -0.15 41.80 -22.70
C CYS D 197 0.21 40.83 -21.57
N ALA D 198 -0.11 41.22 -20.34
CA ALA D 198 0.19 40.41 -19.18
C ALA D 198 -0.86 39.36 -18.88
N GLU D 199 -2.10 39.64 -19.26
CA GLU D 199 -3.17 38.71 -19.01
C GLU D 199 -4.09 38.57 -20.20
N PRO D 200 -3.57 38.03 -21.32
CA PRO D 200 -4.42 37.88 -22.50
C PRO D 200 -5.57 36.90 -22.30
N GLU D 201 -5.56 36.17 -21.20
CA GLU D 201 -6.63 35.21 -20.94
C GLU D 201 -7.81 35.87 -20.22
N HIS D 202 -7.58 37.07 -19.71
CA HIS D 202 -8.57 37.86 -18.97
C HIS D 202 -10.05 37.65 -19.33
N ASP D 203 -10.46 38.10 -20.50
CA ASP D 203 -11.86 37.97 -20.92
C ASP D 203 -12.40 36.55 -20.78
N GLU D 204 -11.68 35.59 -21.35
CA GLU D 204 -12.11 34.21 -21.30
C GLU D 204 -12.10 33.66 -19.86
N ARG D 205 -11.06 34.00 -19.09
CA ARG D 205 -10.98 33.55 -17.70
C ARG D 205 -12.21 33.97 -16.92
N LYS D 206 -12.58 35.25 -17.05
CA LYS D 206 -13.72 35.79 -16.35
C LYS D 206 -15.06 35.18 -16.81
N ARG D 207 -15.16 34.80 -18.08
CA ARG D 207 -16.41 34.18 -18.55
C ARG D 207 -16.51 32.77 -17.95
N LEU D 208 -15.41 32.01 -18.00
CA LEU D 208 -15.39 30.67 -17.45
C LEU D 208 -15.59 30.77 -15.94
N GLY D 209 -15.14 31.87 -15.35
CA GLY D 209 -15.31 32.07 -13.92
C GLY D 209 -16.78 32.14 -13.53
N LEU D 210 -17.56 32.84 -14.36
CA LEU D 210 -19.00 33.00 -14.12
C LEU D 210 -19.72 31.65 -14.12
N LYS D 211 -19.46 30.83 -15.13
CA LYS D 211 -20.08 29.51 -15.23
C LYS D 211 -19.67 28.67 -14.03
N THR D 212 -18.37 28.61 -13.78
CA THR D 212 -17.81 27.83 -12.68
C THR D 212 -18.37 28.15 -11.33
N VAL D 213 -18.44 29.44 -11.01
CA VAL D 213 -18.96 29.84 -9.72
C VAL D 213 -20.47 29.60 -9.56
N ILE D 214 -21.24 29.80 -10.63
CA ILE D 214 -22.69 29.58 -10.55
C ILE D 214 -22.96 28.11 -10.32
N ILE D 215 -22.30 27.25 -11.10
CA ILE D 215 -22.50 25.81 -10.95
C ILE D 215 -22.07 25.30 -9.57
N LEU D 216 -20.89 25.71 -9.10
CA LEU D 216 -20.41 25.28 -7.80
C LEU D 216 -21.30 25.80 -6.65
N SER D 217 -21.74 27.05 -6.73
CA SER D 217 -22.63 27.59 -5.71
C SER D 217 -23.85 26.67 -5.63
N SER D 218 -24.36 26.27 -6.80
CA SER D 218 -25.50 25.39 -6.87
C SER D 218 -25.18 24.00 -6.27
N LEU D 219 -24.08 23.39 -6.70
CA LEU D 219 -23.68 22.09 -6.14
C LEU D 219 -23.63 22.16 -4.61
N TYR D 220 -23.01 23.22 -4.10
CA TYR D 220 -22.89 23.44 -2.67
C TYR D 220 -24.24 23.50 -1.99
N LEU D 221 -25.16 24.31 -2.51
CA LEU D 221 -26.49 24.42 -1.91
C LEU D 221 -27.22 23.08 -2.01
N LEU D 222 -27.09 22.41 -3.16
CA LEU D 222 -27.72 21.10 -3.38
C LEU D 222 -27.20 20.05 -2.39
N SER D 223 -25.88 20.02 -2.19
CA SER D 223 -25.28 19.05 -1.30
C SER D 223 -25.74 19.22 0.14
N ILE D 224 -25.96 20.47 0.56
CA ILE D 224 -26.42 20.72 1.92
C ILE D 224 -27.79 20.09 2.12
N TRP D 225 -28.68 20.33 1.16
CA TRP D 225 -30.02 19.80 1.23
C TRP D 225 -30.02 18.28 1.24
N VAL D 226 -29.15 17.69 0.42
CA VAL D 226 -29.03 16.24 0.34
C VAL D 226 -28.50 15.64 1.64
N LYS D 227 -27.50 16.28 2.24
CA LYS D 227 -26.92 15.79 3.49
C LYS D 227 -27.98 15.78 4.60
N LYS D 228 -28.85 16.79 4.61
CA LYS D 228 -29.90 16.88 5.63
C LYS D 228 -30.91 15.75 5.50
N PHE D 229 -31.22 15.39 4.27
CA PHE D 229 -32.17 14.31 4.04
C PHE D 229 -31.56 13.01 4.52
N LYS D 230 -30.34 12.72 4.11
CA LYS D 230 -29.67 11.48 4.50
C LYS D 230 -29.41 11.35 5.99
N TRP D 231 -29.31 12.50 6.67
CA TRP D 231 -29.06 12.56 8.11
C TRP D 231 -30.31 12.68 9.00
N ALA D 232 -31.44 13.05 8.39
CA ALA D 232 -32.70 13.25 9.15
C ALA D 232 -33.08 12.16 10.16
N GLY D 233 -32.81 10.91 9.84
CA GLY D 233 -33.12 9.82 10.77
C GLY D 233 -32.25 9.88 12.00
N ILE D 234 -31.00 10.28 11.84
CA ILE D 234 -30.07 10.37 12.96
C ILE D 234 -30.33 11.64 13.78
N LYS D 235 -30.58 12.74 13.09
CA LYS D 235 -30.82 14.02 13.75
C LYS D 235 -32.01 14.03 14.70
N THR D 236 -33.11 13.43 14.27
CA THR D 236 -34.34 13.40 15.06
C THR D 236 -34.47 12.16 15.96
N ARG D 237 -33.48 11.30 15.94
CA ARG D 237 -33.44 10.07 16.75
C ARG D 237 -33.72 10.34 18.23
N LYS D 238 -34.54 9.48 18.84
CA LYS D 238 -34.90 9.62 20.25
C LYS D 238 -34.38 8.45 21.10
N PHE D 239 -33.89 8.78 22.29
CA PHE D 239 -33.36 7.79 23.23
C PHE D 239 -34.04 7.86 24.61
N VAL D 240 -34.44 6.71 25.15
CA VAL D 240 -35.05 6.67 26.49
C VAL D 240 -34.35 5.59 27.33
N PHE D 241 -34.18 5.86 28.62
CA PHE D 241 -33.51 4.93 29.51
C PHE D 241 -34.40 4.40 30.63
N ASN D 242 -34.45 3.07 30.78
CA ASN D 242 -35.21 2.41 31.83
C ASN D 242 -34.25 1.53 32.58
N PRO D 243 -33.78 1.99 33.74
CA PRO D 243 -32.84 1.23 34.56
C PRO D 243 -33.23 -0.25 34.67
N PRO D 244 -32.34 -1.13 34.19
CA PRO D 244 -32.55 -2.59 34.21
C PRO D 244 -32.57 -3.06 35.66
N LYS D 245 -33.45 -4.01 35.95
CA LYS D 245 -33.53 -4.56 37.30
C LYS D 245 -32.36 -5.54 37.50
N PRO D 246 -31.73 -5.52 38.68
CA PRO D 246 -30.61 -6.39 39.03
C PRO D 246 -31.03 -7.82 39.36
N LYS E 1 -41.13 4.14 31.59
CA LYS E 1 -42.14 4.24 30.50
C LYS E 1 -42.07 3.00 29.60
N SER E 2 -43.23 2.56 29.13
CA SER E 2 -43.33 1.40 28.26
C SER E 2 -42.64 1.69 26.94
N THR E 3 -41.84 0.74 26.47
CA THR E 3 -41.15 0.89 25.20
C THR E 3 -42.15 0.88 24.05
N TYR E 4 -43.37 0.42 24.34
CA TYR E 4 -44.44 0.37 23.33
C TYR E 4 -45.03 1.74 23.02
N ARG E 5 -44.75 2.73 23.87
CA ARG E 5 -45.23 4.08 23.63
C ARG E 5 -44.14 4.94 22.96
N THR E 6 -44.19 4.97 21.64
CA THR E 6 -43.22 5.75 20.86
C THR E 6 -43.30 7.22 21.26
N PRO E 7 -42.14 7.88 21.45
CA PRO E 7 -42.13 9.30 21.82
C PRO E 7 -42.67 10.19 20.69
N ASN E 8 -42.92 11.45 21.00
CA ASN E 8 -43.48 12.39 20.04
C ASN E 8 -42.54 12.82 18.91
N PHE E 9 -42.99 12.58 17.68
CA PHE E 9 -42.23 12.94 16.48
C PHE E 9 -43.05 13.90 15.63
N ASP E 10 -44.13 14.45 16.19
CA ASP E 10 -45.01 15.37 15.47
C ASP E 10 -44.33 16.63 14.92
N ASP E 11 -43.30 17.11 15.61
CA ASP E 11 -42.60 18.31 15.19
C ASP E 11 -41.82 18.19 13.86
N VAL E 12 -41.67 16.96 13.37
CA VAL E 12 -40.96 16.72 12.11
C VAL E 12 -41.80 15.91 11.10
N LEU E 13 -42.82 15.23 11.59
CA LEU E 13 -43.69 14.43 10.74
C LEU E 13 -44.67 15.29 9.94
N LYS E 14 -44.68 15.10 8.63
CA LYS E 14 -45.58 15.85 7.77
C LYS E 14 -46.97 15.20 7.83
N GLU E 15 -48.00 16.02 7.64
CA GLU E 15 -49.37 15.52 7.67
C GLU E 15 -49.72 14.71 6.41
N ASN E 16 -50.83 13.98 6.48
CA ASN E 16 -51.31 13.13 5.39
C ASN E 16 -51.75 13.85 4.10
N ASN E 17 -50.93 14.79 3.63
CA ASN E 17 -51.23 15.53 2.41
C ASN E 17 -50.75 14.69 1.24
N ASP E 18 -49.45 14.78 0.95
CA ASP E 18 -48.81 14.00 -0.11
C ASP E 18 -47.64 13.26 0.53
N ALA E 19 -47.72 11.93 0.51
CA ALA E 19 -46.67 11.10 1.11
C ALA E 19 -45.35 11.18 0.35
N ASP E 20 -45.41 11.52 -0.93
CA ASP E 20 -44.22 11.62 -1.76
C ASP E 20 -43.62 13.02 -1.84
N LYS E 21 -44.02 13.88 -0.90
CA LYS E 21 -43.53 15.25 -0.84
C LYS E 21 -42.03 15.19 -0.52
N GLY E 22 -41.69 14.45 0.53
CA GLY E 22 -40.31 14.29 0.92
C GLY E 22 -39.53 13.60 -0.18
N ARG E 23 -40.14 12.56 -0.74
CA ARG E 23 -39.53 11.78 -1.80
C ARG E 23 -39.23 12.61 -3.06
N SER E 24 -40.23 13.27 -3.62
CA SER E 24 -40.02 14.07 -4.82
C SER E 24 -38.96 15.16 -4.65
N TYR E 25 -38.99 15.84 -3.51
CA TYR E 25 -38.01 16.88 -3.25
C TYR E 25 -36.62 16.26 -3.14
N ALA E 26 -36.54 15.14 -2.41
CA ALA E 26 -35.30 14.42 -2.21
C ALA E 26 -34.71 13.95 -3.54
N TYR E 27 -35.52 13.29 -4.36
CA TYR E 27 -35.06 12.80 -5.63
C TYR E 27 -34.70 13.90 -6.63
N PHE E 28 -35.35 15.05 -6.52
CA PHE E 28 -35.05 16.15 -7.44
C PHE E 28 -33.70 16.75 -7.08
N MET E 29 -33.47 16.94 -5.79
CA MET E 29 -32.21 17.50 -5.31
C MET E 29 -31.04 16.62 -5.70
N VAL E 30 -31.16 15.32 -5.42
CA VAL E 30 -30.10 14.37 -5.75
C VAL E 30 -29.89 14.26 -7.25
N GLY E 31 -30.97 14.37 -8.01
CA GLY E 31 -30.88 14.29 -9.46
C GLY E 31 -30.17 15.50 -10.04
N ALA E 32 -30.46 16.67 -9.48
CA ALA E 32 -29.84 17.92 -9.93
C ALA E 32 -28.36 17.94 -9.56
N MET E 33 -28.05 17.41 -8.37
CA MET E 33 -26.68 17.36 -7.92
C MET E 33 -25.92 16.41 -8.83
N GLY E 34 -26.53 15.27 -9.12
CA GLY E 34 -25.90 14.30 -9.99
C GLY E 34 -25.71 14.88 -11.38
N LEU E 35 -26.72 15.61 -11.84
CA LEU E 35 -26.69 16.25 -13.15
C LEU E 35 -25.56 17.27 -13.26
N LEU E 36 -25.46 18.15 -12.27
CA LEU E 36 -24.42 19.18 -12.26
C LEU E 36 -23.02 18.62 -12.08
N SER E 37 -22.89 17.60 -11.24
CA SER E 37 -21.58 16.97 -11.02
C SER E 37 -21.08 16.36 -12.32
N SER E 38 -21.96 15.69 -13.06
CA SER E 38 -21.61 15.05 -14.32
C SER E 38 -21.12 16.08 -15.32
N ALA E 39 -21.83 17.21 -15.40
CA ALA E 39 -21.43 18.27 -16.33
C ALA E 39 -20.07 18.83 -15.88
N GLY E 40 -19.90 18.92 -14.57
CA GLY E 40 -18.65 19.42 -14.02
C GLY E 40 -17.50 18.50 -14.33
N ALA E 41 -17.70 17.21 -14.09
CA ALA E 41 -16.67 16.20 -14.33
C ALA E 41 -16.29 16.15 -15.79
N LYS E 42 -17.30 16.21 -16.65
CA LYS E 42 -17.08 16.18 -18.08
C LYS E 42 -16.25 17.38 -18.52
N SER E 43 -16.57 18.55 -17.98
CA SER E 43 -15.82 19.73 -18.38
C SER E 43 -14.44 19.79 -17.72
N THR E 44 -14.27 19.10 -16.60
CA THR E 44 -12.98 19.08 -15.92
C THR E 44 -12.07 18.16 -16.72
N VAL E 45 -12.60 17.01 -17.14
CA VAL E 45 -11.82 16.06 -17.93
C VAL E 45 -11.43 16.66 -19.29
N GLU E 46 -12.35 17.42 -19.89
CA GLU E 46 -12.10 18.06 -21.17
C GLU E 46 -11.08 19.19 -21.07
N THR E 47 -11.01 19.81 -19.89
CA THR E 47 -10.06 20.89 -19.68
C THR E 47 -8.64 20.34 -19.70
N PHE E 48 -8.42 19.24 -18.98
CA PHE E 48 -7.11 18.60 -18.93
C PHE E 48 -6.76 17.95 -20.27
N ILE E 49 -7.72 17.24 -20.86
CA ILE E 49 -7.48 16.58 -22.13
C ILE E 49 -7.03 17.57 -23.20
N SER E 50 -7.73 18.70 -23.30
CA SER E 50 -7.40 19.69 -24.31
C SER E 50 -6.06 20.40 -24.05
N SER E 51 -5.63 20.46 -22.80
CA SER E 51 -4.35 21.10 -22.50
C SER E 51 -3.21 20.36 -23.22
N MET E 52 -3.48 19.13 -23.66
CA MET E 52 -2.51 18.32 -24.41
C MET E 52 -2.58 18.50 -25.93
N THR E 53 -3.66 19.13 -26.42
CA THR E 53 -3.77 19.37 -27.86
C THR E 53 -2.78 20.46 -28.26
N ALA E 54 -2.38 20.47 -29.53
CA ALA E 54 -1.43 21.42 -30.07
C ALA E 54 -1.59 22.82 -29.47
N THR E 55 -0.46 23.38 -29.04
CA THR E 55 -0.45 24.71 -28.45
C THR E 55 -0.53 25.81 -29.51
N ALA E 56 -0.93 27.01 -29.07
CA ALA E 56 -1.09 28.17 -29.94
C ALA E 56 0.15 28.54 -30.76
N ASP E 57 1.32 28.30 -30.18
CA ASP E 57 2.58 28.60 -30.86
C ASP E 57 3.05 27.61 -31.91
N VAL E 58 2.40 26.45 -32.02
CA VAL E 58 2.82 25.46 -33.02
C VAL E 58 1.80 25.18 -34.13
N LEU E 59 0.67 25.88 -34.07
CA LEU E 59 -0.39 25.72 -35.07
C LEU E 59 -0.09 26.45 -36.39
N ALA E 60 1.07 27.09 -36.46
CA ALA E 60 1.47 27.86 -37.64
C ALA E 60 1.72 27.02 -38.89
N MET E 61 0.86 27.24 -39.90
CA MET E 61 0.96 26.55 -41.18
C MET E 61 1.81 27.40 -42.13
N ALA E 62 3.10 27.12 -42.17
CA ALA E 62 4.02 27.85 -43.04
C ALA E 62 3.91 27.35 -44.47
N LYS E 63 4.92 27.66 -45.28
CA LYS E 63 4.94 27.27 -46.68
C LYS E 63 6.40 27.32 -47.15
N VAL E 64 6.80 26.34 -47.96
CA VAL E 64 8.17 26.28 -48.44
C VAL E 64 8.29 26.39 -49.97
N GLU E 65 9.39 26.98 -50.42
CA GLU E 65 9.64 27.15 -51.85
C GLU E 65 10.89 26.38 -52.24
N VAL E 66 10.81 25.61 -53.31
CA VAL E 66 11.95 24.83 -53.78
C VAL E 66 12.28 25.24 -55.21
N ASN E 67 13.57 25.36 -55.50
CA ASN E 67 14.04 25.75 -56.83
C ASN E 67 14.25 24.50 -57.69
N LEU E 68 13.21 24.14 -58.44
CA LEU E 68 13.25 22.96 -59.30
C LEU E 68 14.40 22.89 -60.31
N ALA E 69 15.00 24.04 -60.61
CA ALA E 69 16.10 24.11 -61.57
C ALA E 69 17.37 23.37 -61.12
N ALA E 70 17.58 23.31 -59.81
CA ALA E 70 18.75 22.64 -59.24
C ALA E 70 18.60 21.12 -59.26
N ILE E 71 17.35 20.64 -59.31
CA ILE E 71 17.04 19.21 -59.34
C ILE E 71 17.25 18.65 -60.75
N PRO E 72 18.28 17.81 -60.93
CA PRO E 72 18.65 17.16 -62.20
C PRO E 72 17.59 16.23 -62.76
N LEU E 73 18.02 15.13 -63.38
CA LEU E 73 17.08 14.19 -64.00
C LEU E 73 16.42 13.31 -62.94
N GLY E 74 16.69 12.00 -62.97
CA GLY E 74 16.10 11.10 -62.00
C GLY E 74 16.67 11.31 -60.61
N LYS E 75 16.29 12.43 -60.00
CA LYS E 75 16.78 12.80 -58.68
C LYS E 75 15.68 13.17 -57.69
N ASN E 76 15.78 12.59 -56.49
CA ASN E 76 14.83 12.87 -55.43
C ASN E 76 15.42 13.95 -54.54
N VAL E 77 14.56 14.70 -53.88
CA VAL E 77 14.98 15.76 -52.97
C VAL E 77 14.01 15.73 -51.79
N VAL E 78 14.55 15.90 -50.58
CA VAL E 78 13.72 15.88 -49.38
C VAL E 78 13.79 17.24 -48.71
N VAL E 79 12.63 17.84 -48.48
CA VAL E 79 12.55 19.13 -47.82
C VAL E 79 11.50 19.06 -46.72
N LYS E 80 11.69 19.85 -45.66
CA LYS E 80 10.77 19.87 -44.53
C LYS E 80 9.62 20.86 -44.73
N TRP E 81 8.40 20.42 -44.43
CA TRP E 81 7.20 21.26 -44.54
C TRP E 81 6.23 20.86 -43.44
N GLN E 82 5.88 21.81 -42.60
CA GLN E 82 4.95 21.58 -41.49
C GLN E 82 5.41 20.40 -40.63
N GLY E 83 6.72 20.22 -40.51
CA GLY E 83 7.26 19.14 -39.72
C GLY E 83 7.43 17.85 -40.49
N LYS E 84 6.55 17.61 -41.46
CA LYS E 84 6.59 16.42 -42.30
C LYS E 84 7.59 16.58 -43.43
N PRO E 85 8.23 15.48 -43.86
CA PRO E 85 9.20 15.54 -44.97
C PRO E 85 8.47 15.51 -46.32
N VAL E 86 9.05 16.14 -47.33
CA VAL E 86 8.41 16.16 -48.65
C VAL E 86 9.33 15.61 -49.71
N PHE E 87 8.80 14.66 -50.49
CA PHE E 87 9.53 14.03 -51.56
C PHE E 87 9.21 14.73 -52.88
N ILE E 88 10.24 15.13 -53.60
CA ILE E 88 10.09 15.79 -54.89
C ILE E 88 11.03 15.08 -55.84
N ARG E 89 10.47 14.43 -56.85
CA ARG E 89 11.30 13.73 -57.82
C ARG E 89 11.11 14.27 -59.22
N HIS E 90 12.23 14.48 -59.91
CA HIS E 90 12.23 14.95 -61.28
C HIS E 90 12.23 13.64 -62.05
N ARG E 91 11.05 13.20 -62.46
CA ARG E 91 10.91 11.94 -63.17
C ARG E 91 11.37 11.96 -64.62
N THR E 92 12.01 10.87 -65.03
CA THR E 92 12.50 10.72 -66.39
C THR E 92 11.36 10.22 -67.27
N PRO E 93 11.53 10.24 -68.59
CA PRO E 93 10.49 9.77 -69.53
C PRO E 93 10.03 8.35 -69.29
N HIS E 94 10.97 7.41 -69.12
CA HIS E 94 10.60 6.03 -68.87
C HIS E 94 9.79 5.89 -67.58
N GLU E 95 10.21 6.62 -66.55
CA GLU E 95 9.53 6.61 -65.26
C GLU E 95 8.10 7.11 -65.38
N ILE E 96 7.92 8.20 -66.14
CA ILE E 96 6.60 8.77 -66.36
C ILE E 96 5.68 7.75 -67.01
N GLN E 97 6.21 7.00 -67.98
CA GLN E 97 5.42 5.98 -68.64
C GLN E 97 5.12 4.81 -67.71
N GLU E 98 6.09 4.47 -66.86
CA GLU E 98 5.94 3.38 -65.90
C GLU E 98 4.81 3.71 -64.94
N ALA E 99 4.73 4.98 -64.57
CA ALA E 99 3.71 5.46 -63.66
C ALA E 99 2.30 5.36 -64.23
N ASN E 100 2.14 5.67 -65.51
CA ASN E 100 0.81 5.63 -66.12
C ASN E 100 0.46 4.37 -66.90
N SER E 101 1.31 3.35 -66.82
CA SER E 101 1.06 2.11 -67.54
C SER E 101 0.92 0.89 -66.62
N VAL E 102 0.21 1.07 -65.51
CA VAL E 102 -0.03 0.01 -64.53
C VAL E 102 -1.54 -0.16 -64.42
N ASP E 103 -2.03 -1.38 -64.52
CA ASP E 103 -3.47 -1.65 -64.43
C ASP E 103 -3.94 -1.38 -63.00
N MET E 104 -5.11 -0.77 -62.85
CA MET E 104 -5.66 -0.45 -61.54
C MET E 104 -5.92 -1.67 -60.66
N SER E 105 -6.31 -2.77 -61.28
CA SER E 105 -6.62 -4.03 -60.58
C SER E 105 -5.46 -4.55 -59.72
N ALA E 106 -4.26 -4.04 -60.00
CA ALA E 106 -3.06 -4.42 -59.26
C ALA E 106 -2.69 -3.38 -58.20
N LEU E 107 -3.69 -2.67 -57.68
CA LEU E 107 -3.44 -1.65 -56.67
C LEU E 107 -4.48 -1.69 -55.55
N LYS E 108 -3.99 -1.69 -54.31
CA LYS E 108 -4.87 -1.71 -53.13
C LYS E 108 -5.64 -0.40 -53.04
N ASP E 109 -4.99 0.66 -53.50
CA ASP E 109 -5.54 2.02 -53.50
C ASP E 109 -5.43 2.58 -54.92
N PRO E 110 -6.36 2.17 -55.81
CA PRO E 110 -6.46 2.56 -57.23
C PRO E 110 -6.51 4.07 -57.44
N GLN E 111 -5.49 4.59 -58.11
CA GLN E 111 -5.41 6.01 -58.39
C GLN E 111 -4.48 6.19 -59.60
N THR E 112 -4.94 6.96 -60.59
CA THR E 112 -4.12 7.18 -61.79
C THR E 112 -2.99 8.15 -61.47
N ASP E 113 -1.94 8.11 -62.28
CA ASP E 113 -0.79 8.97 -62.05
C ASP E 113 -1.16 10.44 -62.27
N ALA E 114 -2.20 10.66 -63.07
CA ALA E 114 -2.68 12.00 -63.36
C ALA E 114 -3.39 12.60 -62.16
N ASP E 115 -4.10 11.77 -61.40
CA ASP E 115 -4.81 12.25 -60.21
C ASP E 115 -3.86 12.61 -59.07
N ARG E 116 -2.59 12.24 -59.22
CA ARG E 116 -1.57 12.49 -58.19
C ARG E 116 -0.58 13.59 -58.50
N VAL E 117 -0.28 13.81 -59.77
CA VAL E 117 0.68 14.85 -60.16
C VAL E 117 0.07 15.83 -61.15
N LYS E 118 0.37 17.11 -60.96
CA LYS E 118 -0.14 18.16 -61.85
C LYS E 118 0.73 18.24 -63.11
N ASP E 119 2.03 18.08 -62.92
CA ASP E 119 3.01 18.11 -64.01
C ASP E 119 3.68 16.72 -63.94
N PRO E 120 3.52 15.90 -64.99
CA PRO E 120 4.09 14.56 -65.06
C PRO E 120 5.57 14.40 -64.73
N GLN E 121 6.35 15.46 -64.90
CA GLN E 121 7.78 15.38 -64.62
C GLN E 121 8.13 15.65 -63.16
N TRP E 122 7.18 16.20 -62.42
CA TRP E 122 7.38 16.51 -61.01
C TRP E 122 6.46 15.75 -60.07
N LEU E 123 7.00 14.68 -59.46
CA LEU E 123 6.26 13.89 -58.49
C LEU E 123 6.52 14.54 -57.14
N ILE E 124 5.46 15.11 -56.58
CA ILE E 124 5.51 15.83 -55.31
C ILE E 124 4.57 15.16 -54.32
N MET E 125 5.13 14.63 -53.23
CA MET E 125 4.31 13.94 -52.23
C MET E 125 4.88 13.96 -50.81
N LEU E 126 4.01 13.65 -49.84
CA LEU E 126 4.42 13.59 -48.43
C LEU E 126 5.12 12.27 -48.13
N GLY E 127 6.41 12.36 -47.81
CA GLY E 127 7.20 11.18 -47.52
C GLY E 127 6.96 10.54 -46.17
N ILE E 128 5.70 10.24 -45.88
CA ILE E 128 5.28 9.60 -44.63
C ILE E 128 4.55 8.29 -44.97
N CYS E 129 5.12 7.15 -44.58
CA CYS E 129 4.51 5.85 -44.84
C CYS E 129 3.11 5.83 -44.25
N THR E 130 2.14 5.38 -45.03
CA THR E 130 0.78 5.37 -44.55
C THR E 130 0.44 4.24 -43.58
N HIS E 131 1.44 3.41 -43.27
CA HIS E 131 1.24 2.32 -42.31
C HIS E 131 1.37 2.90 -40.89
N LEU E 132 2.62 3.12 -40.46
CA LEU E 132 2.86 3.65 -39.12
C LEU E 132 3.75 4.89 -39.03
N GLY E 133 3.91 5.59 -40.16
CA GLY E 133 4.67 6.82 -40.15
C GLY E 133 6.15 6.96 -40.44
N CYS E 134 6.84 5.89 -40.81
CA CYS E 134 8.26 6.03 -41.12
C CYS E 134 8.46 6.72 -42.48
N VAL E 135 9.68 7.17 -42.73
CA VAL E 135 10.01 7.83 -43.99
C VAL E 135 10.58 6.77 -44.94
N PRO E 136 9.91 6.51 -46.08
CA PRO E 136 10.40 5.51 -47.03
C PRO E 136 11.73 5.91 -47.67
N ILE E 137 12.56 4.90 -47.96
CA ILE E 137 13.86 5.13 -48.58
C ILE E 137 13.72 5.22 -50.11
N GLY E 138 14.27 6.29 -50.69
CA GLY E 138 14.19 6.50 -52.12
C GLY E 138 15.02 5.55 -52.97
N GLU E 139 14.54 5.27 -54.18
CA GLU E 139 15.20 4.38 -55.13
C GLU E 139 15.55 3.04 -54.51
N ALA E 140 14.53 2.44 -53.91
CA ALA E 140 14.64 1.15 -53.24
C ALA E 140 13.30 0.42 -53.38
N GLY E 141 13.32 -0.88 -53.11
CA GLY E 141 12.11 -1.67 -53.22
C GLY E 141 12.01 -2.40 -54.55
N ASP E 142 11.01 -3.29 -54.63
CA ASP E 142 10.76 -4.11 -55.80
C ASP E 142 9.82 -3.45 -56.84
N PHE E 143 9.52 -2.18 -56.69
CA PHE E 143 8.63 -1.54 -57.64
C PHE E 143 9.15 -0.23 -58.21
N GLY E 144 10.47 -0.12 -58.30
CA GLY E 144 11.12 1.06 -58.84
C GLY E 144 10.86 2.38 -58.16
N GLY E 145 10.47 2.33 -56.89
CA GLY E 145 10.19 3.57 -56.18
C GLY E 145 10.82 3.69 -54.81
N TRP E 146 9.97 3.65 -53.78
CA TRP E 146 10.39 3.77 -52.40
C TRP E 146 10.07 2.52 -51.62
N PHE E 147 10.83 2.30 -50.55
CA PHE E 147 10.65 1.16 -49.67
C PHE E 147 10.73 1.62 -48.22
N CYS E 148 9.78 1.21 -47.39
CA CYS E 148 9.77 1.58 -46.00
C CYS E 148 10.48 0.49 -45.21
N PRO E 149 11.59 0.82 -44.53
CA PRO E 149 12.35 -0.16 -43.75
C PRO E 149 11.67 -0.65 -42.47
N CYS E 150 10.68 0.10 -41.98
CA CYS E 150 9.98 -0.25 -40.75
C CYS E 150 9.18 -1.56 -40.72
N HIS E 151 8.28 -1.76 -41.70
CA HIS E 151 7.49 -3.00 -41.76
C HIS E 151 7.39 -3.56 -43.19
N GLY E 152 8.19 -3.01 -44.10
CA GLY E 152 8.22 -3.49 -45.47
C GLY E 152 7.18 -3.11 -46.51
N SER E 153 6.83 -1.83 -46.60
CA SER E 153 5.86 -1.41 -47.60
C SER E 153 6.58 -0.91 -48.84
N HIS E 154 6.15 -1.40 -50.00
CA HIS E 154 6.74 -1.01 -51.27
C HIS E 154 5.86 -0.01 -52.02
N TYR E 155 6.48 1.07 -52.50
CA TYR E 155 5.76 2.08 -53.28
C TYR E 155 6.40 2.17 -54.67
N ASP E 156 5.58 2.44 -55.69
CA ASP E 156 6.11 2.55 -57.06
C ASP E 156 6.53 3.97 -57.42
N ILE E 157 6.87 4.17 -58.70
CA ILE E 157 7.32 5.46 -59.21
C ILE E 157 6.27 6.56 -59.23
N SER E 158 5.08 6.27 -58.69
CA SER E 158 4.00 7.25 -58.59
C SER E 158 3.69 7.43 -57.10
N GLY E 159 4.40 6.67 -56.27
CA GLY E 159 4.21 6.75 -54.83
C GLY E 159 3.00 5.97 -54.36
N ARG E 160 2.59 4.98 -55.14
CA ARG E 160 1.43 4.17 -54.77
C ARG E 160 1.86 2.92 -54.02
N ILE E 161 1.01 2.51 -53.07
CA ILE E 161 1.28 1.32 -52.28
C ILE E 161 1.06 0.08 -53.15
N ARG E 162 2.10 -0.74 -53.26
CA ARG E 162 2.08 -1.95 -54.06
C ARG E 162 2.14 -3.23 -53.27
N LYS E 163 2.86 -3.19 -52.15
CA LYS E 163 3.03 -4.35 -51.30
C LYS E 163 3.38 -3.90 -49.88
N GLY E 164 2.94 -4.67 -48.90
CA GLY E 164 3.20 -4.32 -47.52
C GLY E 164 1.91 -3.97 -46.81
N PRO E 165 1.97 -3.70 -45.50
CA PRO E 165 0.83 -3.35 -44.64
C PRO E 165 0.22 -1.96 -44.79
N ALA E 166 0.93 -1.04 -45.46
CA ALA E 166 0.40 0.31 -45.66
C ALA E 166 -0.86 0.16 -46.51
N PRO E 167 -1.94 0.85 -46.11
CA PRO E 167 -3.21 0.79 -46.84
C PRO E 167 -3.38 1.80 -47.98
N LEU E 168 -2.66 2.92 -47.92
CA LEU E 168 -2.78 3.97 -48.93
C LEU E 168 -1.51 4.40 -49.64
N ASN E 169 -1.69 5.10 -50.75
CA ASN E 169 -0.58 5.63 -51.53
C ASN E 169 -0.09 6.84 -50.76
N LEU E 170 1.18 7.21 -50.96
CA LEU E 170 1.73 8.37 -50.28
C LEU E 170 0.84 9.56 -50.60
N GLU E 171 0.48 10.32 -49.57
CA GLU E 171 -0.39 11.47 -49.72
C GLU E 171 0.21 12.60 -50.55
N ILE E 172 -0.65 13.29 -51.29
CA ILE E 172 -0.23 14.42 -52.12
C ILE E 172 -0.69 15.71 -51.44
N PRO E 173 0.26 16.59 -51.11
CA PRO E 173 -0.05 17.86 -50.46
C PRO E 173 -0.49 18.89 -51.50
N ALA E 174 -0.98 20.02 -51.04
CA ALA E 174 -1.40 21.11 -51.91
C ALA E 174 -0.15 21.81 -52.42
N TYR E 175 -0.14 22.19 -53.70
CA TYR E 175 1.02 22.88 -54.28
C TYR E 175 0.74 23.54 -55.62
N GLU E 176 1.39 24.68 -55.85
CA GLU E 176 1.26 25.45 -57.08
C GLU E 176 2.64 25.73 -57.69
N PHE E 177 2.66 26.17 -58.95
CA PHE E 177 3.91 26.49 -59.63
C PHE E 177 4.08 27.99 -59.86
N ASP E 178 5.33 28.41 -60.04
CA ASP E 178 5.70 29.80 -60.29
C ASP E 178 7.06 29.85 -60.99
N GLY E 179 7.04 29.60 -62.29
CA GLY E 179 8.28 29.61 -63.06
C GLY E 179 9.13 28.39 -62.81
N ASP E 180 10.34 28.62 -62.30
CA ASP E 180 11.28 27.54 -62.01
C ASP E 180 11.11 26.97 -60.60
N LYS E 181 10.32 27.65 -59.77
CA LYS E 181 10.09 27.19 -58.40
C LYS E 181 8.66 26.76 -58.09
N VAL E 182 8.54 25.81 -57.16
CA VAL E 182 7.25 25.29 -56.71
C VAL E 182 6.98 25.73 -55.27
N ILE E 183 5.72 25.98 -54.95
CA ILE E 183 5.32 26.43 -53.63
C ILE E 183 4.36 25.44 -52.94
N VAL E 184 4.95 24.55 -52.16
CA VAL E 184 4.22 23.52 -51.42
C VAL E 184 3.62 24.11 -50.15
N GLY E 185 2.40 23.71 -49.80
CA GLY E 185 1.78 24.22 -48.59
C GLY E 185 0.29 24.45 -48.66
N VAL F 73 -8.14 70.62 -26.30
CA VAL F 73 -8.43 69.92 -25.01
C VAL F 73 -7.16 69.79 -24.19
N THR F 74 -7.23 70.21 -22.93
CA THR F 74 -6.11 70.12 -22.01
C THR F 74 -6.27 68.85 -21.16
N ASP F 75 -5.16 68.31 -20.65
CA ASP F 75 -5.18 67.09 -19.83
C ASP F 75 -6.20 67.13 -18.70
N GLN F 76 -7.15 66.20 -18.75
CA GLN F 76 -8.22 66.10 -17.77
C GLN F 76 -7.74 65.92 -16.33
N LEU F 77 -6.68 65.14 -16.15
CA LEU F 77 -6.15 64.92 -14.80
C LEU F 77 -5.55 66.21 -14.25
N GLU F 78 -4.81 66.93 -15.09
CA GLU F 78 -4.20 68.18 -14.67
C GLU F 78 -5.26 69.17 -14.21
N ASP F 79 -6.40 69.17 -14.89
CA ASP F 79 -7.51 70.06 -14.53
C ASP F 79 -8.04 69.69 -13.15
N LEU F 80 -8.39 68.42 -12.97
CA LEU F 80 -8.90 67.94 -11.70
C LEU F 80 -7.98 68.25 -10.52
N ARG F 81 -6.67 68.07 -10.72
CA ARG F 81 -5.71 68.35 -9.66
C ARG F 81 -5.70 69.83 -9.32
N GLU F 82 -5.80 70.67 -10.35
CA GLU F 82 -5.81 72.11 -10.19
C GLU F 82 -7.06 72.53 -9.42
N HIS F 83 -8.18 71.91 -9.76
CA HIS F 83 -9.43 72.20 -9.07
C HIS F 83 -9.29 71.90 -7.58
N PHE F 84 -8.82 70.71 -7.25
CA PHE F 84 -8.66 70.33 -5.85
C PHE F 84 -7.54 70.98 -5.07
N LYS F 85 -6.61 71.61 -5.77
CA LYS F 85 -5.52 72.31 -5.09
C LYS F 85 -6.12 73.58 -4.49
N ASN F 86 -7.32 73.94 -4.98
CA ASN F 86 -8.03 75.14 -4.56
C ASN F 86 -9.11 75.00 -3.49
N THR F 87 -9.30 73.79 -2.98
CA THR F 87 -10.27 73.59 -1.91
C THR F 87 -9.57 74.08 -0.65
N GLU F 88 -10.30 74.10 0.47
CA GLU F 88 -9.70 74.54 1.71
C GLU F 88 -8.61 73.56 2.13
N GLU F 89 -8.90 72.27 2.01
CA GLU F 89 -7.94 71.22 2.39
C GLU F 89 -6.71 71.28 1.49
N GLY F 90 -6.94 71.58 0.21
CA GLY F 90 -5.85 71.66 -0.75
C GLY F 90 -4.92 72.82 -0.48
N LYS F 91 -5.51 73.99 -0.24
CA LYS F 91 -4.72 75.18 0.04
C LYS F 91 -3.90 75.06 1.31
N ALA F 92 -4.47 74.43 2.34
CA ALA F 92 -3.75 74.24 3.60
C ALA F 92 -2.55 73.32 3.36
N LEU F 93 -2.77 72.31 2.53
CA LEU F 93 -1.75 71.33 2.18
C LEU F 93 -0.62 71.93 1.34
N VAL F 94 -0.95 72.78 0.38
CA VAL F 94 0.10 73.42 -0.43
C VAL F 94 0.83 74.43 0.45
N HIS F 95 0.10 75.04 1.38
CA HIS F 95 0.70 76.00 2.30
C HIS F 95 1.75 75.30 3.16
N HIS F 96 1.39 74.15 3.72
CA HIS F 96 2.29 73.38 4.56
C HIS F 96 3.56 72.98 3.83
N TYR F 97 3.42 72.64 2.55
CA TYR F 97 4.57 72.27 1.75
C TYR F 97 5.42 73.51 1.49
N GLU F 98 4.78 74.53 0.94
CA GLU F 98 5.46 75.79 0.62
C GLU F 98 6.17 76.37 1.84
N GLU F 99 5.56 76.21 3.02
CA GLU F 99 6.18 76.69 4.24
C GLU F 99 7.48 75.91 4.45
N CYS F 100 7.43 74.62 4.09
CA CYS F 100 8.59 73.74 4.22
C CYS F 100 9.65 74.08 3.17
N ALA F 101 9.20 74.36 1.95
CA ALA F 101 10.12 74.71 0.86
C ALA F 101 10.94 75.95 1.16
N GLU F 102 10.35 76.87 1.93
CA GLU F 102 11.02 78.12 2.30
C GLU F 102 12.10 77.83 3.33
N ARG F 103 11.73 77.09 4.36
CA ARG F 103 12.65 76.73 5.43
C ARG F 103 13.86 76.01 4.86
N VAL F 104 13.63 75.21 3.81
CA VAL F 104 14.69 74.47 3.16
C VAL F 104 15.66 75.34 2.36
N LYS F 105 15.13 76.22 1.51
CA LYS F 105 16.00 77.09 0.70
C LYS F 105 16.83 77.99 1.60
N ILE F 106 16.27 78.39 2.73
CA ILE F 106 16.96 79.24 3.68
C ILE F 106 18.05 78.40 4.37
N GLN F 107 17.79 77.10 4.51
CA GLN F 107 18.76 76.18 5.11
C GLN F 107 19.94 75.96 4.16
N GLN F 108 19.66 75.99 2.86
CA GLN F 108 20.68 75.79 1.84
C GLN F 108 21.58 77.02 1.67
N GLN F 109 21.07 78.18 2.09
CA GLN F 109 21.83 79.43 2.00
C GLN F 109 22.79 79.57 3.18
N GLN F 110 22.43 78.97 4.30
CA GLN F 110 23.24 79.00 5.52
C GLN F 110 24.67 78.47 5.28
N PRO F 111 25.66 79.01 6.00
CA PRO F 111 27.06 78.60 5.88
C PRO F 111 27.34 77.20 6.42
N GLY F 112 27.91 76.34 5.57
CA GLY F 112 28.23 74.99 5.97
C GLY F 112 27.07 74.01 5.89
N TYR F 113 26.15 74.25 4.96
CA TYR F 113 25.00 73.38 4.77
C TYR F 113 25.41 72.02 4.22
N ALA F 114 26.31 72.03 3.22
CA ALA F 114 26.79 70.82 2.58
C ALA F 114 27.24 69.72 3.54
N ASP F 115 27.74 70.11 4.71
CA ASP F 115 28.19 69.15 5.71
C ASP F 115 27.31 69.18 6.95
N LEU F 116 26.13 68.56 6.83
CA LEU F 116 25.17 68.50 7.94
C LEU F 116 24.68 67.10 8.26
N GLU F 117 24.43 66.30 7.22
CA GLU F 117 23.94 64.92 7.35
C GLU F 117 22.48 64.90 7.85
N HIS F 118 22.09 65.95 8.56
CA HIS F 118 20.75 66.10 9.09
C HIS F 118 19.99 67.13 8.25
N LYS F 119 20.06 66.95 6.92
CA LYS F 119 19.41 67.85 5.97
C LYS F 119 17.92 67.54 5.86
N GLU F 120 17.10 68.57 5.81
CA GLU F 120 15.66 68.40 5.71
C GLU F 120 15.17 68.46 4.26
N ASP F 121 14.12 67.69 3.99
CA ASP F 121 13.51 67.63 2.66
C ASP F 121 12.01 67.79 2.89
N CYS F 122 11.25 68.04 1.82
CA CYS F 122 9.81 68.22 1.99
C CYS F 122 8.95 67.13 1.37
N VAL F 123 9.49 65.92 1.32
CA VAL F 123 8.75 64.82 0.73
C VAL F 123 7.49 64.51 1.52
N GLU F 124 7.59 64.50 2.85
CA GLU F 124 6.43 64.19 3.66
C GLU F 124 5.27 65.15 3.38
N GLU F 125 5.57 66.46 3.36
CA GLU F 125 4.56 67.47 3.07
C GLU F 125 4.00 67.26 1.68
N PHE F 126 4.88 67.03 0.70
CA PHE F 126 4.47 66.79 -0.67
C PHE F 126 3.57 65.55 -0.79
N PHE F 127 3.91 64.48 -0.06
CA PHE F 127 3.12 63.24 -0.10
C PHE F 127 1.73 63.44 0.46
N HIS F 128 1.65 64.24 1.53
CA HIS F 128 0.37 64.55 2.16
C HIS F 128 -0.56 65.28 1.20
N LEU F 129 0.03 66.15 0.38
CA LEU F 129 -0.70 66.92 -0.60
C LEU F 129 -1.11 66.05 -1.78
N GLN F 130 -0.14 65.32 -2.34
CA GLN F 130 -0.43 64.46 -3.47
C GLN F 130 -1.44 63.38 -3.11
N HIS F 131 -1.38 62.90 -1.88
CA HIS F 131 -2.31 61.87 -1.40
C HIS F 131 -3.75 62.41 -1.41
N TYR F 132 -3.91 63.65 -0.95
CA TYR F 132 -5.22 64.31 -0.90
C TYR F 132 -5.79 64.46 -2.31
N LEU F 133 -4.98 64.95 -3.24
CA LEU F 133 -5.41 65.13 -4.62
C LEU F 133 -5.81 63.79 -5.26
N ASP F 134 -5.01 62.75 -5.02
CA ASP F 134 -5.28 61.41 -5.56
C ASP F 134 -6.62 60.88 -5.08
N THR F 135 -6.85 60.97 -3.77
CA THR F 135 -8.08 60.51 -3.16
C THR F 135 -9.31 61.20 -3.76
N ALA F 136 -9.11 62.39 -4.30
CA ALA F 136 -10.20 63.15 -4.89
C ALA F 136 -10.33 62.93 -6.39
N THR F 137 -9.20 62.90 -7.08
CA THR F 137 -9.17 62.73 -8.52
C THR F 137 -9.38 61.32 -9.04
N ALA F 138 -8.89 60.33 -8.31
CA ALA F 138 -9.00 58.92 -8.72
C ALA F 138 -10.41 58.45 -9.10
N PRO F 139 -11.42 58.70 -8.23
CA PRO F 139 -12.78 58.27 -8.54
C PRO F 139 -13.52 59.08 -9.62
N ARG F 140 -12.93 60.18 -10.06
CA ARG F 140 -13.56 61.05 -11.07
C ARG F 140 -12.94 61.04 -12.45
N LEU F 141 -11.61 60.92 -12.51
CA LEU F 141 -10.87 60.97 -13.77
C LEU F 141 -11.33 60.15 -14.97
N PHE F 142 -11.64 58.88 -14.75
CA PHE F 142 -12.05 58.03 -15.86
C PHE F 142 -13.40 58.35 -16.50
N ASP F 143 -14.23 59.11 -15.79
CA ASP F 143 -15.54 59.52 -16.32
C ASP F 143 -15.29 60.59 -17.39
N LYS F 144 -14.12 61.22 -17.31
CA LYS F 144 -13.71 62.26 -18.25
C LYS F 144 -12.83 61.74 -19.39
N LEU F 145 -12.61 60.43 -19.44
CA LEU F 145 -11.79 59.85 -20.49
C LEU F 145 -12.60 58.94 -21.41
N LYS F 146 -12.07 58.69 -22.60
CA LYS F 146 -12.72 57.82 -23.57
C LYS F 146 -12.46 56.35 -23.22
N GLN G 2 -1.24 13.29 34.25
CA GLN G 2 -1.28 13.42 35.75
C GLN G 2 -2.20 12.38 36.35
N SER G 3 -1.74 11.75 37.44
CA SER G 3 -2.52 10.72 38.10
C SER G 3 -3.57 11.31 39.03
N PHE G 4 -4.60 10.52 39.31
CA PHE G 4 -5.65 10.95 40.21
C PHE G 4 -5.18 10.97 41.65
N THR G 5 -4.16 10.18 41.94
CA THR G 5 -3.58 10.13 43.28
C THR G 5 -2.99 11.51 43.52
N SER G 6 -2.26 12.01 42.54
CA SER G 6 -1.65 13.33 42.61
C SER G 6 -2.73 14.40 42.69
N ILE G 7 -3.75 14.30 41.85
CA ILE G 7 -4.83 15.27 41.85
C ILE G 7 -5.52 15.34 43.21
N ALA G 8 -5.81 14.17 43.77
CA ALA G 8 -6.49 14.07 45.07
C ALA G 8 -5.64 14.61 46.21
N ARG G 9 -4.33 14.43 46.12
CA ARG G 9 -3.44 14.92 47.16
C ARG G 9 -3.57 16.44 47.21
N ILE G 10 -3.37 17.09 46.06
CA ILE G 10 -3.45 18.54 45.96
C ILE G 10 -4.81 19.09 46.35
N GLY G 11 -5.87 18.49 45.82
CA GLY G 11 -7.22 18.93 46.11
C GLY G 11 -7.61 18.75 47.57
N ASP G 12 -7.11 17.69 48.20
CA ASP G 12 -7.43 17.43 49.60
C ASP G 12 -6.74 18.46 50.50
N TYR G 13 -5.50 18.81 50.16
CA TYR G 13 -4.74 19.79 50.92
C TYR G 13 -5.52 21.09 50.94
N ILE G 14 -5.96 21.52 49.76
CA ILE G 14 -6.73 22.73 49.60
C ILE G 14 -8.06 22.61 50.34
N LEU G 15 -8.69 21.45 50.22
CA LEU G 15 -9.96 21.17 50.86
C LEU G 15 -9.88 21.17 52.40
N LYS G 16 -8.74 20.73 52.93
CA LYS G 16 -8.52 20.67 54.38
C LYS G 16 -8.10 22.01 54.96
N SER G 17 -7.61 22.90 54.10
CA SER G 17 -7.17 24.24 54.51
C SER G 17 -8.30 25.26 54.35
N PRO G 18 -8.82 25.79 55.47
CA PRO G 18 -9.91 26.79 55.47
C PRO G 18 -9.59 28.03 54.65
N VAL G 19 -8.30 28.39 54.60
CA VAL G 19 -7.82 29.55 53.86
C VAL G 19 -7.94 29.33 52.34
N LEU G 20 -7.29 28.29 51.83
CA LEU G 20 -7.33 27.99 50.40
C LEU G 20 -8.74 27.55 49.97
N SER G 21 -9.38 26.77 50.82
CA SER G 21 -10.72 26.26 50.53
C SER G 21 -11.69 27.36 50.12
N LYS G 22 -11.75 28.43 50.92
CA LYS G 22 -12.65 29.55 50.64
C LYS G 22 -12.19 30.46 49.49
N LEU G 23 -10.90 30.36 49.15
CA LEU G 23 -10.33 31.15 48.06
C LEU G 23 -10.38 30.39 46.73
N CYS G 24 -10.18 29.07 46.79
CA CYS G 24 -10.16 28.23 45.59
C CYS G 24 -11.48 27.59 45.13
N VAL G 25 -12.24 27.02 46.06
CA VAL G 25 -13.50 26.37 45.72
C VAL G 25 -14.48 27.22 44.89
N PRO G 26 -14.69 28.50 45.26
CA PRO G 26 -15.61 29.34 44.48
C PRO G 26 -15.18 29.44 43.02
N VAL G 27 -13.86 29.43 42.81
CA VAL G 27 -13.29 29.51 41.47
C VAL G 27 -13.63 28.22 40.72
N ALA G 28 -13.43 27.09 41.38
CA ALA G 28 -13.69 25.78 40.81
C ALA G 28 -15.16 25.52 40.50
N ASN G 29 -16.04 26.09 41.30
CA ASN G 29 -17.48 25.92 41.08
C ASN G 29 -17.85 26.63 39.79
N GLN G 30 -17.28 27.81 39.60
CA GLN G 30 -17.52 28.63 38.43
C GLN G 30 -16.93 27.96 37.18
N PHE G 31 -15.76 27.34 37.36
CA PHE G 31 -15.08 26.64 36.28
C PHE G 31 -15.96 25.51 35.77
N ILE G 32 -16.48 24.71 36.71
CA ILE G 32 -17.33 23.60 36.37
C ILE G 32 -18.63 24.01 35.70
N ASN G 33 -19.25 25.09 36.16
CA ASN G 33 -20.51 25.55 35.56
C ASN G 33 -20.28 26.10 34.15
N LEU G 34 -19.18 26.81 33.95
CA LEU G 34 -18.83 27.35 32.64
C LEU G 34 -18.42 26.22 31.68
N ALA G 35 -17.85 25.14 32.23
CA ALA G 35 -17.41 23.98 31.45
C ALA G 35 -18.59 23.43 30.64
N GLY G 36 -19.77 23.47 31.21
CA GLY G 36 -20.97 23.04 30.51
C GLY G 36 -21.27 21.57 30.28
N TYR G 37 -20.44 20.68 30.81
CA TYR G 37 -20.68 19.26 30.61
C TYR G 37 -22.00 18.79 31.21
N LYS G 38 -22.44 19.45 32.28
CA LYS G 38 -23.70 19.13 32.95
C LYS G 38 -24.89 19.47 32.06
N LYS G 39 -24.72 20.46 31.19
CA LYS G 39 -25.78 20.86 30.26
C LYS G 39 -26.00 19.80 29.17
N LEU G 40 -25.05 18.87 29.04
CA LEU G 40 -25.18 17.79 28.07
C LEU G 40 -25.61 16.51 28.78
N GLY G 41 -25.77 16.58 30.10
CA GLY G 41 -26.21 15.43 30.88
C GLY G 41 -25.07 14.52 31.34
N LEU G 42 -23.85 15.04 31.32
CA LEU G 42 -22.68 14.27 31.73
C LEU G 42 -22.25 14.61 33.13
N LYS G 43 -21.66 13.63 33.81
CA LYS G 43 -21.10 13.83 35.14
C LYS G 43 -19.61 13.97 34.80
N PHE G 44 -18.85 14.68 35.61
CA PHE G 44 -17.43 14.83 35.31
C PHE G 44 -16.71 13.50 35.08
N ASP G 45 -16.99 12.51 35.93
CA ASP G 45 -16.32 11.23 35.80
C ASP G 45 -16.53 10.53 34.45
N ASP G 46 -17.57 10.97 33.72
CA ASP G 46 -17.88 10.41 32.41
C ASP G 46 -16.88 10.94 31.37
N LEU G 47 -16.29 12.08 31.70
CA LEU G 47 -15.33 12.77 30.85
C LEU G 47 -13.91 12.18 30.84
N ILE G 48 -13.59 11.39 31.84
CA ILE G 48 -12.24 10.83 31.93
C ILE G 48 -11.88 9.93 30.74
N ALA G 49 -10.81 10.31 30.04
CA ALA G 49 -10.33 9.56 28.88
C ALA G 49 -10.05 8.16 29.42
N GLU G 50 -10.63 7.18 28.76
CA GLU G 50 -10.54 5.80 29.21
C GLU G 50 -9.58 4.86 28.50
N GLU G 51 -8.92 5.34 27.45
CA GLU G 51 -8.03 4.48 26.69
C GLU G 51 -6.67 4.26 27.32
N ASN G 52 -6.68 3.71 28.54
CA ASN G 52 -5.47 3.40 29.29
C ASN G 52 -5.81 2.28 30.27
N PRO G 53 -4.80 1.51 30.72
CA PRO G 53 -4.98 0.39 31.66
C PRO G 53 -5.82 0.68 32.91
N ILE G 54 -5.47 1.74 33.64
CA ILE G 54 -6.19 2.12 34.86
C ILE G 54 -7.70 2.25 34.64
N MET G 55 -8.10 3.10 33.69
CA MET G 55 -9.51 3.33 33.39
C MET G 55 -10.24 2.07 32.99
N GLN G 56 -9.56 1.19 32.26
CA GLN G 56 -10.20 -0.05 31.85
C GLN G 56 -10.46 -0.95 33.04
N THR G 57 -9.51 -1.05 33.98
CA THR G 57 -9.77 -1.90 35.12
C THR G 57 -10.85 -1.24 36.00
N ALA G 58 -10.82 0.08 36.08
CA ALA G 58 -11.82 0.80 36.86
C ALA G 58 -13.22 0.62 36.26
N LEU G 59 -13.34 0.79 34.94
CA LEU G 59 -14.61 0.63 34.25
C LEU G 59 -15.17 -0.80 34.28
N ARG G 60 -14.26 -1.77 34.36
CA ARG G 60 -14.63 -3.17 34.42
C ARG G 60 -15.17 -3.49 35.80
N ARG G 61 -14.59 -2.86 36.81
CA ARG G 61 -14.97 -3.06 38.21
C ARG G 61 -16.24 -2.31 38.64
N LEU G 62 -16.65 -1.34 37.82
CA LEU G 62 -17.83 -0.54 38.09
C LEU G 62 -19.10 -1.39 38.10
N PRO G 63 -19.91 -1.32 39.17
CA PRO G 63 -21.14 -2.12 39.20
C PRO G 63 -22.05 -1.90 37.99
N GLU G 64 -22.65 -3.00 37.54
CA GLU G 64 -23.54 -3.03 36.38
C GLU G 64 -24.53 -1.88 36.26
N ASP G 65 -25.24 -1.61 37.33
CA ASP G 65 -26.24 -0.55 37.31
C ASP G 65 -25.69 0.82 36.96
N GLU G 66 -24.52 1.14 37.51
CA GLU G 66 -23.89 2.42 37.23
C GLU G 66 -23.29 2.43 35.82
N SER G 67 -22.85 1.26 35.36
CA SER G 67 -22.28 1.13 34.03
C SER G 67 -23.35 1.33 32.95
N TYR G 68 -24.55 0.82 33.20
CA TYR G 68 -25.65 1.00 32.23
C TYR G 68 -26.02 2.48 32.16
N ALA G 69 -26.03 3.14 33.32
CA ALA G 69 -26.36 4.56 33.40
C ALA G 69 -25.28 5.42 32.74
N ARG G 70 -24.00 5.07 32.95
CA ARG G 70 -22.89 5.81 32.34
C ARG G 70 -23.04 5.69 30.83
N ALA G 71 -23.32 4.46 30.37
CA ALA G 71 -23.52 4.19 28.95
C ALA G 71 -24.58 5.13 28.36
N TYR G 72 -25.71 5.26 29.05
CA TYR G 72 -26.80 6.11 28.60
C TYR G 72 -26.44 7.59 28.56
N ARG G 73 -25.76 8.06 29.60
CA ARG G 73 -25.39 9.47 29.64
C ARG G 73 -24.50 9.82 28.47
N ILE G 74 -23.59 8.91 28.12
CA ILE G 74 -22.70 9.12 26.99
C ILE G 74 -23.46 9.15 25.65
N ILE G 75 -24.31 8.15 25.43
CA ILE G 75 -25.07 8.11 24.18
C ILE G 75 -25.96 9.33 24.04
N ARG G 76 -26.61 9.70 25.14
CA ARG G 76 -27.48 10.85 25.19
C ARG G 76 -26.68 12.10 24.84
N ALA G 77 -25.48 12.20 25.39
CA ALA G 77 -24.61 13.35 25.13
C ALA G 77 -24.20 13.47 23.68
N HIS G 78 -23.76 12.36 23.08
CA HIS G 78 -23.34 12.37 21.68
C HIS G 78 -24.48 12.80 20.76
N GLN G 79 -25.68 12.32 21.05
CA GLN G 79 -26.87 12.65 20.25
C GLN G 79 -27.19 14.13 20.36
N THR G 80 -27.17 14.65 21.58
CA THR G 80 -27.49 16.05 21.81
C THR G 80 -26.45 16.93 21.09
N GLU G 81 -25.18 16.57 21.27
CA GLU G 81 -24.09 17.31 20.65
C GLU G 81 -24.20 17.36 19.12
N LEU G 82 -24.56 16.27 18.47
CA LEU G 82 -24.68 16.28 17.02
C LEU G 82 -25.85 17.14 16.54
N THR G 83 -26.86 17.34 17.39
CA THR G 83 -28.00 18.19 17.00
C THR G 83 -27.71 19.67 17.29
N HIS G 84 -26.56 19.94 17.91
CA HIS G 84 -26.12 21.30 18.23
C HIS G 84 -26.99 22.03 19.22
N HIS G 85 -27.50 21.27 20.18
CA HIS G 85 -28.35 21.78 21.24
C HIS G 85 -27.80 21.32 22.57
N LEU G 86 -28.48 21.73 23.64
CA LEU G 86 -28.14 21.32 24.97
C LEU G 86 -29.38 20.56 25.42
N LEU G 87 -29.31 19.90 26.56
CA LEU G 87 -30.48 19.18 27.04
C LEU G 87 -31.45 20.16 27.68
N PRO G 88 -32.74 19.79 27.76
CA PRO G 88 -33.73 20.66 28.38
C PRO G 88 -33.25 20.90 29.81
N ARG G 89 -33.45 22.11 30.33
CA ARG G 89 -33.00 22.48 31.67
C ARG G 89 -33.15 21.40 32.75
N ASN G 90 -34.33 20.80 32.83
CA ASN G 90 -34.63 19.78 33.83
C ASN G 90 -33.88 18.46 33.66
N GLU G 91 -33.13 18.33 32.57
CA GLU G 91 -32.36 17.10 32.32
C GLU G 91 -30.87 17.29 32.61
N TRP G 92 -30.48 18.52 32.95
CA TRP G 92 -29.11 18.81 33.28
C TRP G 92 -28.71 18.11 34.55
N ILE G 93 -27.45 17.68 34.62
CA ILE G 93 -26.96 17.04 35.82
C ILE G 93 -26.92 18.15 36.88
N LYS G 94 -27.34 17.82 38.08
CA LYS G 94 -27.34 18.80 39.16
C LYS G 94 -26.07 18.60 39.99
N ALA G 95 -25.62 19.67 40.64
CA ALA G 95 -24.42 19.60 41.46
C ALA G 95 -24.36 18.39 42.40
N GLN G 96 -25.52 17.99 42.94
CA GLN G 96 -25.58 16.85 43.88
C GLN G 96 -25.49 15.52 43.15
N GLU G 97 -25.85 15.51 41.87
CA GLU G 97 -25.81 14.30 41.04
C GLU G 97 -24.42 14.14 40.40
N ASP G 98 -23.67 15.24 40.30
CA ASP G 98 -22.34 15.25 39.72
C ASP G 98 -21.36 14.68 40.73
N VAL G 99 -21.62 13.43 41.11
CA VAL G 99 -20.83 12.71 42.09
C VAL G 99 -19.66 11.94 41.46
N PRO G 100 -18.53 11.86 42.18
CA PRO G 100 -17.34 11.15 41.68
C PRO G 100 -17.49 9.63 41.86
N TYR G 101 -18.39 9.04 41.08
CA TYR G 101 -18.66 7.60 41.17
C TYR G 101 -17.52 6.66 40.77
N LEU G 102 -16.67 7.09 39.85
CA LEU G 102 -15.56 6.26 39.36
C LEU G 102 -14.23 6.50 40.08
N LEU G 103 -14.09 7.65 40.72
CA LEU G 103 -12.85 7.97 41.42
C LEU G 103 -12.32 6.88 42.36
N PRO G 104 -13.15 6.36 43.27
CA PRO G 104 -12.62 5.32 44.16
C PRO G 104 -12.03 4.11 43.44
N TYR G 105 -12.62 3.73 42.30
CA TYR G 105 -12.12 2.60 41.52
C TYR G 105 -10.80 2.92 40.85
N ILE G 106 -10.67 4.14 40.36
CA ILE G 106 -9.44 4.60 39.71
C ILE G 106 -8.29 4.65 40.72
N LEU G 107 -8.61 5.16 41.92
CA LEU G 107 -7.61 5.27 42.98
C LEU G 107 -7.16 3.91 43.50
N GLU G 108 -8.07 2.94 43.48
CA GLU G 108 -7.76 1.60 43.93
C GLU G 108 -6.82 0.95 42.91
N ALA G 109 -7.14 1.12 41.64
CA ALA G 109 -6.32 0.55 40.56
C ALA G 109 -4.92 1.14 40.55
N GLU G 110 -4.83 2.46 40.72
CA GLU G 110 -3.56 3.17 40.73
C GLU G 110 -2.66 2.77 41.87
N ALA G 111 -3.25 2.64 43.07
CA ALA G 111 -2.49 2.25 44.24
C ALA G 111 -1.92 0.84 44.02
N ALA G 112 -2.71 -0.03 43.40
CA ALA G 112 -2.30 -1.39 43.09
C ALA G 112 -1.18 -1.39 42.06
N ALA G 113 -1.32 -0.56 41.03
CA ALA G 113 -0.31 -0.45 39.97
C ALA G 113 1.01 0.15 40.45
N LYS G 114 0.96 1.15 41.31
CA LYS G 114 2.18 1.75 41.84
C LYS G 114 2.92 0.74 42.70
N GLU G 115 2.17 -0.02 43.50
CA GLU G 115 2.78 -1.03 44.35
C GLU G 115 3.49 -2.06 43.49
N LYS G 116 2.84 -2.49 42.40
CA LYS G 116 3.43 -3.47 41.50
C LYS G 116 4.70 -2.92 40.88
N ASP G 117 4.70 -1.63 40.58
CA ASP G 117 5.86 -0.97 39.99
C ASP G 117 7.02 -0.94 41.02
N GLU G 118 6.69 -0.67 42.28
CA GLU G 118 7.66 -0.63 43.36
C GLU G 118 8.23 -2.03 43.62
N LEU G 119 7.35 -3.03 43.62
CA LEU G 119 7.75 -4.40 43.85
C LEU G 119 8.51 -5.03 42.68
N ASP G 120 8.29 -4.52 41.46
CA ASP G 120 8.99 -5.05 40.30
C ASP G 120 10.41 -4.51 40.27
N ASN G 121 10.67 -3.51 41.09
CA ASN G 121 12.00 -2.90 41.15
C ASN G 121 12.57 -2.80 42.57
N ILE G 122 12.11 -3.65 43.48
CA ILE G 122 12.66 -3.60 44.84
C ILE G 122 14.15 -3.89 44.83
N GLU G 123 14.88 -3.08 45.57
CA GLU G 123 16.31 -3.29 45.69
C GLU G 123 16.51 -3.99 47.02
N VAL G 124 17.54 -4.83 47.11
CA VAL G 124 17.78 -5.57 48.33
C VAL G 124 19.09 -5.17 49.00
N SER G 125 18.99 -4.78 50.26
CA SER G 125 20.14 -4.38 51.06
C SER G 125 20.58 -5.55 51.93
N LYS G 126 21.77 -6.06 51.68
CA LYS G 126 22.32 -7.18 52.44
C LYS G 126 22.87 -6.75 53.81
N GLY H 1 -4.48 -14.28 8.17
CA GLY H 1 -3.47 -13.27 8.66
C GLY H 1 -2.90 -13.62 10.03
N PRO H 2 -1.91 -12.85 10.52
CA PRO H 2 -1.24 -13.02 11.82
C PRO H 2 -2.02 -12.37 12.97
N PRO H 3 -1.65 -12.70 14.23
CA PRO H 3 -2.31 -12.15 15.42
C PRO H 3 -2.28 -10.62 15.40
N SER H 4 -3.45 -10.02 15.58
CA SER H 4 -3.62 -8.57 15.55
C SER H 4 -3.45 -7.90 16.92
N GLY H 5 -2.68 -6.80 16.96
CA GLY H 5 -2.46 -6.07 18.20
C GLY H 5 -3.74 -5.33 18.60
N LYS H 6 -4.31 -5.70 19.75
CA LYS H 6 -5.56 -5.08 20.21
C LYS H 6 -5.52 -3.62 20.60
N THR H 7 -6.54 -2.90 20.15
CA THR H 7 -6.67 -1.46 20.40
C THR H 7 -7.93 -1.17 21.20
N TYR H 8 -8.32 0.10 21.21
CA TYR H 8 -9.49 0.52 21.95
C TYR H 8 -10.74 0.63 21.11
N MET H 9 -10.64 0.19 19.87
CA MET H 9 -11.78 0.18 18.97
C MET H 9 -11.85 -1.18 18.27
N GLY H 10 -13.08 -1.64 18.04
CA GLY H 10 -13.31 -2.91 17.40
C GLY H 10 -13.99 -2.69 16.06
N TRP H 11 -15.10 -3.40 15.84
CA TRP H 11 -15.87 -3.30 14.60
C TRP H 11 -17.31 -3.68 14.94
N TRP H 12 -18.25 -3.48 14.00
CA TRP H 12 -19.67 -3.78 14.21
C TRP H 12 -19.87 -5.16 14.83
N GLY H 13 -20.48 -5.20 16.01
CA GLY H 13 -20.72 -6.46 16.69
C GLY H 13 -19.82 -6.66 17.91
N HIS H 14 -18.67 -5.98 17.90
CA HIS H 14 -17.71 -6.07 19.00
C HIS H 14 -16.90 -4.76 18.97
N MET H 15 -17.62 -3.64 19.09
CA MET H 15 -17.02 -2.31 19.04
C MET H 15 -16.01 -1.98 20.14
N GLY H 16 -16.11 -2.65 21.28
CA GLY H 16 -15.19 -2.38 22.36
C GLY H 16 -15.79 -1.51 23.45
N GLY H 17 -17.10 -1.23 23.34
CA GLY H 17 -17.78 -0.40 24.32
C GLY H 17 -18.34 -1.25 25.45
N PRO H 18 -18.96 -0.63 26.46
CA PRO H 18 -19.53 -1.40 27.57
C PRO H 18 -20.84 -2.06 27.15
N LYS H 19 -21.25 -3.09 27.88
CA LYS H 19 -22.50 -3.78 27.60
C LYS H 19 -23.68 -2.81 27.79
N GLN H 20 -24.52 -2.70 26.78
CA GLN H 20 -25.67 -1.79 26.81
C GLN H 20 -26.98 -2.52 27.08
N LYS H 21 -27.72 -2.03 28.08
CA LYS H 21 -29.00 -2.59 28.47
C LYS H 21 -29.88 -1.52 29.09
N GLY H 22 -31.18 -1.57 28.78
CA GLY H 22 -32.13 -0.61 29.31
C GLY H 22 -32.35 0.63 28.47
N ILE H 23 -31.56 0.78 27.41
CA ILE H 23 -31.69 1.94 26.53
C ILE H 23 -32.44 1.54 25.27
N THR H 24 -33.42 2.36 24.92
CA THR H 24 -34.21 2.11 23.73
C THR H 24 -34.14 3.35 22.85
N SER H 25 -33.94 3.15 21.55
CA SER H 25 -33.87 4.25 20.60
C SER H 25 -35.02 4.11 19.60
N TYR H 26 -35.48 5.25 19.10
CA TYR H 26 -36.58 5.29 18.14
C TYR H 26 -36.18 6.26 17.07
N ALA H 27 -36.57 5.97 15.84
CA ALA H 27 -36.23 6.85 14.74
C ALA H 27 -37.30 6.73 13.69
N VAL H 28 -37.43 7.79 12.88
CA VAL H 28 -38.40 7.83 11.80
C VAL H 28 -37.68 8.01 10.48
N SER H 29 -38.20 7.37 9.43
CA SER H 29 -37.61 7.47 8.11
C SER H 29 -37.58 8.90 7.61
N PRO H 30 -36.49 9.28 6.94
CA PRO H 30 -36.31 10.62 6.37
C PRO H 30 -37.37 10.89 5.30
N TYR H 31 -37.86 9.82 4.70
CA TYR H 31 -38.87 9.90 3.66
C TYR H 31 -40.21 10.36 4.20
N ALA H 32 -40.44 10.13 5.50
CA ALA H 32 -41.69 10.50 6.15
C ALA H 32 -41.58 11.79 6.95
N GLN H 33 -40.48 12.52 6.78
CA GLN H 33 -40.29 13.77 7.50
C GLN H 33 -40.56 14.97 6.62
N LYS H 34 -40.86 16.09 7.28
CA LYS H 34 -41.13 17.36 6.62
C LYS H 34 -39.93 17.69 5.73
N PRO H 35 -40.16 17.87 4.41
CA PRO H 35 -39.16 18.17 3.37
C PRO H 35 -38.13 19.26 3.67
N LEU H 36 -37.55 19.15 4.86
CA LEU H 36 -36.51 20.03 5.38
C LEU H 36 -36.64 21.52 5.06
N GLN H 37 -37.84 21.95 4.69
CA GLN H 37 -38.09 23.35 4.37
C GLN H 37 -38.55 24.10 5.63
N GLY H 38 -38.35 23.47 6.79
CA GLY H 38 -38.73 24.06 8.05
C GLY H 38 -37.52 24.39 8.91
N ILE H 39 -36.53 25.02 8.29
CA ILE H 39 -35.30 25.42 8.99
C ILE H 39 -35.50 26.81 9.61
N PHE H 40 -36.32 27.63 8.96
CA PHE H 40 -36.62 28.99 9.42
C PHE H 40 -37.99 29.05 10.10
N HIS H 41 -38.16 30.03 10.98
CA HIS H 41 -39.39 30.26 11.75
C HIS H 41 -39.55 29.26 12.92
N ASN H 42 -39.09 28.03 12.70
CA ASN H 42 -39.17 26.98 13.71
C ASN H 42 -37.92 26.99 14.62
N ALA H 43 -36.75 27.16 14.02
CA ALA H 43 -35.49 27.18 14.77
C ALA H 43 -34.42 28.08 14.14
N VAL H 44 -34.83 29.26 13.66
CA VAL H 44 -33.91 30.21 13.05
C VAL H 44 -33.23 31.05 14.14
N PHE H 45 -34.00 31.34 15.20
CA PHE H 45 -33.53 32.11 16.34
C PHE H 45 -32.67 31.25 17.28
N ASN H 46 -32.75 29.94 17.10
CA ASN H 46 -31.97 28.99 17.90
C ASN H 46 -30.48 29.19 17.67
N SER H 47 -30.14 29.80 16.54
CA SER H 47 -28.76 30.09 16.20
C SER H 47 -28.32 31.23 17.13
N PHE H 48 -27.10 31.75 16.93
CA PHE H 48 -26.57 32.83 17.76
C PHE H 48 -26.28 32.34 19.18
N ARG H 49 -27.16 31.49 19.71
CA ARG H 49 -27.02 30.92 21.04
C ARG H 49 -25.73 30.11 21.09
N ARG H 50 -25.44 29.42 19.99
CA ARG H 50 -24.24 28.62 19.85
C ARG H 50 -23.02 29.55 19.87
N PHE H 51 -23.04 30.59 19.05
CA PHE H 51 -21.93 31.54 18.99
C PHE H 51 -22.10 32.76 19.90
N LYS H 52 -22.56 32.47 21.11
CA LYS H 52 -22.78 33.46 22.16
C LYS H 52 -22.21 32.85 23.43
N SER H 53 -21.96 31.54 23.35
CA SER H 53 -21.38 30.77 24.46
C SER H 53 -19.89 30.69 24.24
N GLN H 54 -19.45 30.98 23.01
CA GLN H 54 -18.04 30.89 22.64
C GLN H 54 -17.33 32.17 22.24
N PHE H 55 -18.06 33.16 21.73
CA PHE H 55 -17.46 34.40 21.25
C PHE H 55 -16.37 35.06 22.13
N LEU H 56 -16.49 34.93 23.45
CA LEU H 56 -15.51 35.53 24.36
C LEU H 56 -14.14 34.83 24.38
N TYR H 57 -14.13 33.53 24.09
CA TYR H 57 -12.89 32.76 24.07
C TYR H 57 -12.09 33.09 22.83
N VAL H 58 -12.78 33.54 21.80
CA VAL H 58 -12.14 33.92 20.54
C VAL H 58 -11.88 35.43 20.51
N LEU H 59 -12.93 36.21 20.77
CA LEU H 59 -12.90 37.68 20.75
C LEU H 59 -11.91 38.37 21.68
N ILE H 60 -11.83 37.96 22.94
CA ILE H 60 -10.89 38.61 23.85
C ILE H 60 -9.45 38.42 23.34
N PRO H 61 -9.04 37.17 23.02
CA PRO H 61 -7.66 37.00 22.52
C PRO H 61 -7.47 37.73 21.19
N ALA H 62 -8.48 37.73 20.34
CA ALA H 62 -8.40 38.43 19.05
C ALA H 62 -8.30 39.93 19.32
N GLY H 63 -9.04 40.39 20.32
CA GLY H 63 -8.99 41.79 20.69
C GLY H 63 -7.63 42.11 21.28
N ILE H 64 -7.12 41.23 22.15
CA ILE H 64 -5.82 41.44 22.75
C ILE H 64 -4.74 41.56 21.68
N TYR H 65 -4.81 40.68 20.68
CA TYR H 65 -3.83 40.68 19.61
C TYR H 65 -4.03 41.78 18.60
N TRP H 66 -5.27 42.18 18.36
CA TRP H 66 -5.52 43.24 17.39
C TRP H 66 -4.95 44.58 17.87
N TYR H 67 -5.17 44.90 19.13
CA TYR H 67 -4.67 46.15 19.67
C TYR H 67 -3.16 46.18 19.82
N TRP H 68 -2.58 45.03 20.11
CA TRP H 68 -1.12 44.93 20.26
C TRP H 68 -0.51 45.28 18.90
N TRP H 69 -1.12 44.76 17.85
CA TRP H 69 -0.66 45.00 16.49
C TRP H 69 -0.87 46.47 16.07
N LYS H 70 -2.09 46.97 16.29
CA LYS H 70 -2.45 48.34 15.95
C LYS H 70 -1.55 49.33 16.68
N ASN H 71 -1.23 49.01 17.94
CA ASN H 71 -0.38 49.87 18.74
C ASN H 71 1.04 49.90 18.21
N GLY H 72 1.57 48.76 17.82
CA GLY H 72 2.92 48.69 17.29
C GLY H 72 3.07 49.28 15.90
N ASN H 73 2.02 49.13 15.08
CA ASN H 73 2.04 49.64 13.71
C ASN H 73 2.03 51.17 13.69
N GLU H 74 1.30 51.79 14.61
CA GLU H 74 1.22 53.24 14.71
C GLU H 74 2.54 53.81 15.19
N TYR H 75 3.17 53.11 16.12
CA TYR H 75 4.46 53.54 16.65
C TYR H 75 5.50 53.53 15.55
N ASN H 76 5.45 52.52 14.69
CA ASN H 76 6.35 52.38 13.56
C ASN H 76 6.19 53.56 12.59
N GLU H 77 4.93 53.92 12.33
CA GLU H 77 4.61 55.01 11.42
C GLU H 77 5.18 56.33 11.96
N PHE H 78 5.01 56.55 13.24
CA PHE H 78 5.52 57.76 13.88
C PHE H 78 7.06 57.77 13.81
N LEU H 79 7.70 56.70 14.28
CA LEU H 79 9.17 56.60 14.26
C LEU H 79 9.79 56.92 12.92
N TYR H 80 9.06 56.66 11.83
CA TYR H 80 9.57 56.90 10.48
C TYR H 80 9.08 58.16 9.78
N SER H 81 8.41 59.02 10.54
CA SER H 81 7.93 60.30 10.02
C SER H 81 8.92 61.37 10.50
N LYS H 82 8.88 62.56 9.91
CA LYS H 82 9.77 63.66 10.31
C LYS H 82 9.72 63.88 11.82
N ALA H 83 8.50 63.86 12.36
CA ALA H 83 8.28 64.07 13.79
C ALA H 83 8.95 63.01 14.66
N GLY H 84 8.98 61.78 14.17
CA GLY H 84 9.56 60.69 14.94
C GLY H 84 11.06 60.44 14.82
N ARG H 85 11.71 61.06 13.84
CA ARG H 85 13.14 60.84 13.66
C ARG H 85 13.95 61.10 14.92
N GLU H 86 13.40 61.93 15.80
CA GLU H 86 14.08 62.25 17.06
C GLU H 86 14.15 60.97 17.90
N GLU H 87 12.99 60.38 18.16
CA GLU H 87 12.88 59.15 18.94
C GLU H 87 13.43 57.93 18.19
N LEU H 88 13.30 57.95 16.85
CA LEU H 88 13.77 56.86 16.02
C LEU H 88 15.26 56.64 16.20
N GLU H 89 16.04 57.73 16.14
CA GLU H 89 17.49 57.65 16.31
C GLU H 89 17.88 57.07 17.67
N ARG H 90 17.08 57.36 18.68
CA ARG H 90 17.35 56.88 20.03
C ARG H 90 17.02 55.40 20.22
N VAL H 91 15.80 55.00 19.87
CA VAL H 91 15.36 53.61 20.02
C VAL H 91 16.00 52.62 19.05
N ASN H 92 16.34 53.09 17.86
CA ASN H 92 16.93 52.24 16.83
C ASN H 92 18.27 51.67 17.30
N VAL H 93 19.35 52.36 16.93
CA VAL H 93 20.68 51.93 17.34
C VAL H 93 20.86 52.38 18.79
N SER I 3 -44.31 16.19 -4.97
CA SER I 3 -44.66 17.12 -6.10
C SER I 3 -45.10 16.33 -7.33
N SER I 4 -46.23 16.75 -7.91
CA SER I 4 -46.78 16.11 -9.10
C SER I 4 -46.00 16.44 -10.37
N LEU I 5 -45.29 17.56 -10.35
CA LEU I 5 -44.49 17.95 -11.51
C LEU I 5 -43.32 16.99 -11.68
N TYR I 6 -42.84 16.46 -10.56
CA TYR I 6 -41.74 15.52 -10.58
C TYR I 6 -42.27 14.13 -10.95
N LYS I 7 -43.32 13.70 -10.25
CA LYS I 7 -43.94 12.39 -10.46
C LYS I 7 -44.41 12.11 -11.88
N THR I 8 -44.79 13.15 -12.62
CA THR I 8 -45.25 12.96 -13.99
C THR I 8 -44.13 12.41 -14.85
N PHE I 9 -42.90 12.84 -14.57
CA PHE I 9 -41.73 12.40 -15.32
C PHE I 9 -41.04 11.17 -14.75
N PHE I 10 -40.92 11.09 -13.43
CA PHE I 10 -40.20 9.98 -12.81
C PHE I 10 -40.94 8.96 -11.94
N LYS I 11 -42.25 9.16 -11.76
CA LYS I 11 -43.13 8.25 -11.00
C LYS I 11 -42.55 7.57 -9.76
N ARG I 12 -42.19 8.38 -8.75
CA ARG I 12 -41.62 7.88 -7.50
C ARG I 12 -40.21 7.27 -7.52
N ASN I 13 -39.61 7.13 -8.70
CA ASN I 13 -38.25 6.61 -8.78
C ASN I 13 -37.28 7.77 -8.83
N ALA I 14 -36.01 7.50 -8.50
CA ALA I 14 -34.99 8.54 -8.57
C ALA I 14 -34.61 8.63 -10.04
N VAL I 15 -33.85 9.65 -10.42
CA VAL I 15 -33.47 9.77 -11.82
C VAL I 15 -32.31 8.81 -12.06
N PHE I 16 -32.39 8.05 -13.14
CA PHE I 16 -31.33 7.10 -13.48
C PHE I 16 -30.15 7.77 -14.18
N VAL I 17 -28.96 7.18 -14.04
CA VAL I 17 -27.72 7.72 -14.65
C VAL I 17 -27.89 8.12 -16.10
N GLY I 18 -28.52 7.25 -16.88
CA GLY I 18 -28.76 7.52 -18.29
C GLY I 18 -29.40 8.88 -18.48
N THR I 19 -30.49 9.12 -17.76
CA THR I 19 -31.17 10.40 -17.87
C THR I 19 -30.31 11.52 -17.29
N ILE I 20 -29.50 11.20 -16.28
CA ILE I 20 -28.60 12.19 -15.67
C ILE I 20 -27.54 12.63 -16.70
N PHE I 21 -26.84 11.66 -17.28
CA PHE I 21 -25.80 11.96 -18.27
C PHE I 21 -26.42 12.68 -19.48
N ALA I 22 -27.61 12.23 -19.87
CA ALA I 22 -28.34 12.81 -20.99
C ALA I 22 -28.67 14.27 -20.69
N GLY I 23 -29.10 14.54 -19.47
CA GLY I 23 -29.45 15.89 -19.07
C GLY I 23 -28.23 16.79 -18.96
N ALA I 24 -27.10 16.21 -18.59
CA ALA I 24 -25.85 16.96 -18.46
C ALA I 24 -25.40 17.48 -19.81
N PHE I 25 -25.54 16.66 -20.84
CA PHE I 25 -25.15 17.04 -22.19
C PHE I 25 -25.98 18.22 -22.70
N VAL I 26 -27.29 18.17 -22.46
CA VAL I 26 -28.18 19.25 -22.88
C VAL I 26 -27.82 20.52 -22.12
N PHE I 27 -27.74 20.38 -20.79
CA PHE I 27 -27.39 21.50 -19.93
C PHE I 27 -26.09 22.18 -20.34
N GLN I 28 -25.06 21.39 -20.59
CA GLN I 28 -23.76 21.92 -20.97
C GLN I 28 -23.81 22.91 -22.13
N THR I 29 -24.68 22.66 -23.10
CA THR I 29 -24.81 23.55 -24.26
C THR I 29 -25.74 24.73 -23.99
N VAL I 30 -26.89 24.46 -23.38
CA VAL I 30 -27.86 25.50 -23.08
C VAL I 30 -27.28 26.55 -22.14
N PHE I 31 -26.59 26.07 -21.11
CA PHE I 31 -25.97 26.94 -20.12
C PHE I 31 -24.86 27.80 -20.73
N ASP I 32 -24.08 27.23 -21.64
CA ASP I 32 -22.98 27.96 -22.26
C ASP I 32 -23.48 29.13 -23.09
N THR I 33 -24.55 28.87 -23.85
CA THR I 33 -25.17 29.88 -24.69
C THR I 33 -25.71 31.02 -23.82
N ALA I 34 -26.43 30.66 -22.75
CA ALA I 34 -27.02 31.63 -21.84
C ALA I 34 -25.98 32.52 -21.19
N ILE I 35 -24.91 31.89 -20.70
CA ILE I 35 -23.85 32.63 -20.05
C ILE I 35 -23.12 33.54 -21.02
N THR I 36 -22.73 33.00 -22.17
CA THR I 36 -22.01 33.80 -23.16
C THR I 36 -22.81 35.02 -23.60
N SER I 37 -24.10 34.83 -23.87
CA SER I 37 -24.96 35.92 -24.30
C SER I 37 -25.03 37.00 -23.23
N TRP I 38 -25.27 36.60 -21.98
CA TRP I 38 -25.36 37.54 -20.88
C TRP I 38 -24.04 38.29 -20.74
N TYR I 39 -22.95 37.54 -20.70
CA TYR I 39 -21.61 38.11 -20.56
C TYR I 39 -21.30 39.11 -21.68
N GLU I 40 -21.54 38.70 -22.92
CA GLU I 40 -21.28 39.57 -24.07
C GLU I 40 -22.17 40.81 -24.09
N ASN I 41 -23.43 40.61 -23.72
CA ASN I 41 -24.36 41.71 -23.70
C ASN I 41 -23.99 42.70 -22.61
N HIS I 42 -23.49 42.19 -21.48
CA HIS I 42 -23.10 43.02 -20.35
C HIS I 42 -21.92 43.90 -20.70
N ASN I 43 -21.11 43.45 -21.65
CA ASN I 43 -19.93 44.19 -22.07
C ASN I 43 -20.05 44.79 -23.46
N LYS I 44 -21.29 44.99 -23.90
CA LYS I 44 -21.57 45.58 -25.21
C LYS I 44 -20.83 46.90 -25.36
N GLY I 45 -20.01 46.97 -26.40
CA GLY I 45 -19.24 48.16 -26.66
C GLY I 45 -17.76 47.94 -26.47
N LYS I 46 -17.41 47.17 -25.45
CA LYS I 46 -16.02 46.86 -25.12
C LYS I 46 -15.38 45.75 -25.95
N LEU I 47 -16.19 44.82 -26.43
CA LEU I 47 -15.71 43.69 -27.22
C LEU I 47 -15.13 44.08 -28.56
N TRP I 48 -14.24 43.24 -29.07
CA TRP I 48 -13.61 43.47 -30.36
C TRP I 48 -14.65 43.55 -31.47
N LYS I 49 -15.62 42.63 -31.46
CA LYS I 49 -16.69 42.60 -32.45
C LYS I 49 -17.32 43.98 -32.54
N ASP I 50 -17.69 44.49 -31.37
CA ASP I 50 -18.32 45.80 -31.27
C ASP I 50 -17.43 46.90 -31.82
N VAL I 51 -16.15 46.88 -31.47
CA VAL I 51 -15.20 47.87 -31.94
C VAL I 51 -14.85 47.71 -33.43
N LYS I 52 -14.94 46.48 -33.93
CA LYS I 52 -14.65 46.17 -35.33
C LYS I 52 -15.71 46.69 -36.30
N ALA I 53 -16.98 46.65 -35.87
CA ALA I 53 -18.10 47.12 -36.69
C ALA I 53 -18.00 48.64 -36.88
N ARG I 54 -17.94 49.36 -35.77
CA ARG I 54 -17.82 50.82 -35.76
C ARG I 54 -16.58 51.19 -36.57
N ILE I 55 -15.42 51.10 -35.93
CA ILE I 55 -14.15 51.40 -36.58
C ILE I 55 -13.86 50.26 -37.56
N ALA I 56 -14.47 50.33 -38.74
CA ALA I 56 -14.32 49.32 -39.79
C ALA I 56 -12.91 49.31 -40.38
N ALA I 57 -12.00 48.61 -39.69
CA ALA I 57 -10.60 48.50 -40.10
C ALA I 57 -10.26 47.13 -40.68
N GLU J 1 2.55 -4.21 -69.52
CA GLU J 1 2.65 -3.22 -70.62
C GLU J 1 1.28 -2.99 -71.27
N VAL J 2 1.12 -1.85 -71.93
CA VAL J 2 -0.15 -1.52 -72.58
C VAL J 2 -0.09 -1.83 -74.09
N LYS J 3 -1.14 -2.49 -74.58
CA LYS J 3 -1.24 -2.86 -76.00
C LYS J 3 -2.62 -2.54 -76.56
N LEU J 4 -2.64 -1.93 -77.74
CA LEU J 4 -3.90 -1.62 -78.43
C LEU J 4 -3.90 -2.45 -79.71
N GLN J 5 -4.80 -3.42 -79.77
CA GLN J 5 -4.89 -4.30 -80.94
C GLN J 5 -6.18 -4.02 -81.72
N GLU J 6 -6.01 -3.71 -83.01
CA GLU J 6 -7.15 -3.41 -83.90
C GLU J 6 -7.58 -4.58 -84.79
N SER J 7 -8.89 -4.68 -84.98
CA SER J 7 -9.47 -5.72 -85.81
C SER J 7 -10.80 -5.21 -86.38
N GLY J 8 -11.30 -5.87 -87.42
CA GLY J 8 -12.54 -5.47 -88.04
C GLY J 8 -12.46 -5.44 -89.55
N ALA J 9 -13.63 -5.29 -90.18
CA ALA J 9 -13.72 -5.26 -91.65
C ALA J 9 -13.12 -3.99 -92.27
N GLY J 10 -11.98 -4.16 -92.94
CA GLY J 10 -11.32 -3.05 -93.59
C GLY J 10 -11.77 -2.86 -95.02
N LEU J 11 -13.07 -3.02 -95.26
CA LEU J 11 -13.64 -2.88 -96.59
C LEU J 11 -15.17 -2.89 -96.48
N VAL J 12 -15.77 -1.74 -96.75
CA VAL J 12 -17.22 -1.59 -96.68
C VAL J 12 -17.75 -0.90 -97.93
N GLN J 13 -18.91 -1.31 -98.40
CA GLN J 13 -19.52 -0.73 -99.58
C GLN J 13 -20.14 0.63 -99.26
N PRO J 14 -20.20 1.54 -100.25
CA PRO J 14 -20.78 2.87 -100.02
C PRO J 14 -22.20 2.84 -99.45
N SER J 15 -22.43 3.73 -98.49
CA SER J 15 -23.71 3.86 -97.78
C SER J 15 -23.90 2.81 -96.69
N GLN J 16 -22.81 2.16 -96.29
CA GLN J 16 -22.84 1.15 -95.23
C GLN J 16 -22.13 1.65 -93.99
N SER J 17 -22.33 0.95 -92.87
CA SER J 17 -21.73 1.33 -91.59
C SER J 17 -20.35 0.72 -91.36
N LEU J 18 -19.35 1.57 -91.11
CA LEU J 18 -17.98 1.12 -90.83
C LEU J 18 -17.86 0.79 -89.34
N SER J 19 -17.41 -0.42 -89.03
CA SER J 19 -17.28 -0.85 -87.63
C SER J 19 -15.91 -1.46 -87.31
N LEU J 20 -15.13 -0.72 -86.53
CA LEU J 20 -13.80 -1.17 -86.13
C LEU J 20 -13.73 -1.37 -84.62
N THR J 21 -12.85 -2.25 -84.17
CA THR J 21 -12.71 -2.53 -82.75
C THR J 21 -11.26 -2.48 -82.25
N CYS J 22 -11.07 -1.81 -81.11
CA CYS J 22 -9.76 -1.65 -80.48
C CYS J 22 -9.71 -2.39 -79.15
N SER J 23 -9.01 -3.51 -79.11
CA SER J 23 -8.89 -4.31 -77.89
C SER J 23 -7.68 -3.89 -77.06
N VAL J 24 -7.93 -3.43 -75.83
CA VAL J 24 -6.84 -2.99 -74.96
C VAL J 24 -6.44 -4.03 -73.90
N THR J 25 -5.15 -4.14 -73.67
CA THR J 25 -4.61 -5.08 -72.68
C THR J 25 -3.55 -4.41 -71.83
N GLY J 26 -3.53 -4.74 -70.55
CA GLY J 26 -2.55 -4.17 -69.63
C GLY J 26 -2.96 -2.85 -69.02
N TYR J 27 -4.20 -2.44 -69.27
CA TYR J 27 -4.73 -1.19 -68.74
C TYR J 27 -6.25 -1.13 -68.89
N SER J 28 -6.92 -0.74 -67.80
CA SER J 28 -8.38 -0.65 -67.79
C SER J 28 -8.89 0.61 -68.50
N ILE J 29 -9.95 0.42 -69.28
CA ILE J 29 -10.59 1.50 -70.04
C ILE J 29 -11.36 2.44 -69.12
N THR J 30 -12.05 1.86 -68.14
CA THR J 30 -12.85 2.63 -67.19
C THR J 30 -12.03 3.37 -66.13
N SER J 31 -11.00 2.71 -65.61
CA SER J 31 -10.13 3.32 -64.61
C SER J 31 -8.91 3.88 -65.33
N GLY J 32 -9.12 4.94 -66.09
CA GLY J 32 -8.02 5.52 -66.85
C GLY J 32 -8.19 6.89 -67.48
N TYR J 33 -7.85 6.99 -68.76
CA TYR J 33 -7.89 8.25 -69.49
C TYR J 33 -8.88 8.38 -70.65
N TYR J 34 -8.39 8.87 -71.79
CA TYR J 34 -9.20 9.07 -73.02
C TYR J 34 -8.84 8.10 -74.14
N TRP J 35 -9.85 7.43 -74.67
CA TRP J 35 -9.65 6.45 -75.73
C TRP J 35 -10.14 6.93 -77.10
N ASN J 36 -9.19 7.30 -77.94
CA ASN J 36 -9.44 7.88 -79.25
C ASN J 36 -9.44 7.02 -80.53
N TRP J 37 -9.97 7.64 -81.57
CA TRP J 37 -10.07 7.09 -82.91
C TRP J 37 -9.62 8.22 -83.86
N ILE J 38 -8.76 7.87 -84.82
CA ILE J 38 -8.25 8.84 -85.76
C ILE J 38 -7.93 8.18 -87.11
N ARG J 39 -8.19 8.88 -88.22
CA ARG J 39 -7.93 8.33 -89.55
C ARG J 39 -6.83 9.07 -90.31
N LEU J 40 -6.09 8.32 -91.14
CA LEU J 40 -5.03 8.88 -91.97
C LEU J 40 -5.35 8.66 -93.44
N PHE J 41 -5.67 9.75 -94.14
CA PHE J 41 -6.02 9.72 -95.55
C PHE J 41 -4.85 9.37 -96.47
N PRO J 42 -5.15 8.86 -97.68
CA PRO J 42 -4.15 8.47 -98.68
C PRO J 42 -3.08 9.52 -98.97
N GLY J 43 -3.45 10.80 -98.92
CA GLY J 43 -2.51 11.87 -99.17
C GLY J 43 -1.79 12.34 -97.92
N ASN J 44 -1.75 11.47 -96.90
CA ASN J 44 -1.10 11.76 -95.61
C ASN J 44 -1.55 13.06 -94.95
N LYS J 45 -2.69 12.99 -94.24
CA LYS J 45 -3.25 14.13 -93.54
C LYS J 45 -4.16 13.63 -92.41
N LEU J 46 -3.57 13.43 -91.23
CA LEU J 46 -4.29 12.94 -90.04
C LEU J 46 -5.48 13.77 -89.59
N GLU J 47 -6.53 13.09 -89.16
CA GLU J 47 -7.74 13.75 -88.70
C GLU J 47 -8.26 13.05 -87.44
N TRP J 48 -8.48 13.83 -86.40
CA TRP J 48 -8.98 13.30 -85.13
C TRP J 48 -10.48 13.05 -85.30
N VAL J 49 -10.89 11.81 -85.05
CA VAL J 49 -12.28 11.41 -85.18
C VAL J 49 -13.08 11.69 -83.89
N GLY J 50 -12.63 11.12 -82.78
CA GLY J 50 -13.32 11.32 -81.51
C GLY J 50 -12.83 10.38 -80.43
N TYR J 51 -13.51 10.37 -79.29
CA TYR J 51 -13.10 9.47 -78.20
C TYR J 51 -14.22 9.13 -77.23
N ILE J 52 -13.86 8.28 -76.28
CA ILE J 52 -14.76 7.89 -75.21
C ILE J 52 -13.87 7.88 -73.97
N SER J 53 -14.29 8.60 -72.94
CA SER J 53 -13.52 8.69 -71.72
C SER J 53 -13.55 7.41 -70.89
N ASN J 54 -12.90 7.47 -69.72
CA ASN J 54 -12.86 6.34 -68.81
C ASN J 54 -14.24 6.21 -68.16
N VAL J 55 -14.91 7.35 -68.01
CA VAL J 55 -16.25 7.43 -67.42
C VAL J 55 -17.28 6.97 -68.45
N GLY J 56 -16.99 7.22 -69.73
CA GLY J 56 -17.89 6.83 -70.80
C GLY J 56 -18.49 8.02 -71.52
N ASP J 57 -17.84 9.18 -71.36
CA ASP J 57 -18.31 10.41 -72.00
C ASP J 57 -17.74 10.52 -73.40
N ASN J 58 -18.59 10.90 -74.36
CA ASN J 58 -18.15 11.03 -75.73
C ASN J 58 -17.82 12.47 -76.09
N ASN J 59 -16.85 12.64 -76.99
CA ASN J 59 -16.43 13.94 -77.47
C ASN J 59 -16.01 13.73 -78.92
N TYR J 60 -16.98 13.96 -79.81
CA TYR J 60 -16.78 13.78 -81.24
C TYR J 60 -16.35 15.04 -81.97
N ASN J 61 -15.88 14.86 -83.20
CA ASN J 61 -15.44 15.95 -84.07
C ASN J 61 -16.75 16.48 -84.67
N PRO J 62 -16.92 17.81 -84.71
CA PRO J 62 -18.15 18.40 -85.29
C PRO J 62 -18.31 18.08 -86.78
N SER J 63 -17.24 17.52 -87.37
CA SER J 63 -17.20 17.13 -88.77
C SER J 63 -17.86 15.77 -89.05
N LEU J 64 -18.08 14.99 -87.99
CA LEU J 64 -18.66 13.66 -88.11
C LEU J 64 -19.77 13.39 -87.09
N LYS J 65 -19.91 14.30 -86.13
CA LYS J 65 -20.91 14.23 -85.05
C LYS J 65 -22.22 13.50 -85.32
N ASP J 66 -22.74 13.66 -86.52
CA ASP J 66 -24.00 13.05 -86.94
C ASP J 66 -23.90 11.58 -87.34
N ARG J 67 -22.73 11.15 -87.78
CA ARG J 67 -22.52 9.77 -88.23
C ARG J 67 -21.89 8.81 -87.23
N LEU J 68 -20.75 9.19 -86.65
CA LEU J 68 -20.05 8.31 -85.69
C LEU J 68 -20.69 8.06 -84.34
N SER J 69 -20.42 6.86 -83.82
CA SER J 69 -20.93 6.41 -82.54
C SER J 69 -19.84 5.54 -81.91
N ILE J 70 -19.08 6.14 -80.99
CA ILE J 70 -17.99 5.44 -80.30
C ILE J 70 -18.47 4.83 -78.99
N THR J 71 -18.51 3.50 -78.94
CA THR J 71 -18.96 2.77 -77.76
C THR J 71 -17.84 1.91 -77.18
N ARG J 72 -18.17 1.07 -76.21
CA ARG J 72 -17.18 0.20 -75.56
C ARG J 72 -17.84 -0.95 -74.81
N ASP J 73 -17.04 -1.94 -74.46
CA ASP J 73 -17.51 -3.11 -73.72
C ASP J 73 -16.62 -3.26 -72.49
N THR J 74 -17.05 -2.63 -71.39
CA THR J 74 -16.32 -2.65 -70.12
C THR J 74 -15.86 -4.06 -69.73
N SER J 75 -16.74 -5.03 -69.93
CA SER J 75 -16.45 -6.42 -69.61
C SER J 75 -15.33 -7.03 -70.45
N LYS J 76 -15.14 -6.52 -71.67
CA LYS J 76 -14.12 -7.01 -72.58
C LYS J 76 -12.88 -6.10 -72.72
N ASN J 77 -12.96 -4.91 -72.13
CA ASN J 77 -11.87 -3.92 -72.18
C ASN J 77 -11.51 -3.60 -73.63
N GLN J 78 -12.50 -3.07 -74.35
CA GLN J 78 -12.33 -2.72 -75.76
C GLN J 78 -13.38 -1.72 -76.21
N PHE J 79 -12.93 -0.68 -76.91
CA PHE J 79 -13.85 0.32 -77.41
C PHE J 79 -14.03 0.18 -78.92
N PHE J 80 -15.20 0.58 -79.41
CA PHE J 80 -15.53 0.46 -80.81
C PHE J 80 -15.72 1.77 -81.56
N LEU J 81 -15.71 1.67 -82.88
CA LEU J 81 -15.91 2.81 -83.77
C LEU J 81 -17.03 2.41 -84.71
N LYS J 82 -17.90 3.36 -85.02
CA LYS J 82 -18.99 3.10 -85.95
C LYS J 82 -19.36 4.33 -86.75
N LEU J 83 -18.85 4.38 -87.99
CA LEU J 83 -19.11 5.48 -88.90
C LEU J 83 -20.18 5.04 -89.89
N ASN J 84 -21.38 5.61 -89.75
CA ASN J 84 -22.51 5.27 -90.61
C ASN J 84 -22.49 5.90 -92.01
N SER J 85 -23.18 5.23 -92.94
CA SER J 85 -23.30 5.67 -94.34
C SER J 85 -22.04 6.30 -94.92
N VAL J 86 -21.01 5.47 -95.10
CA VAL J 86 -19.72 5.91 -95.61
C VAL J 86 -19.69 6.43 -97.05
N THR J 87 -18.51 6.90 -97.46
CA THR J 87 -18.27 7.45 -98.79
C THR J 87 -16.79 7.20 -99.10
N THR J 88 -16.40 7.36 -100.37
CA THR J 88 -15.01 7.16 -100.76
C THR J 88 -14.09 8.18 -100.06
N GLU J 89 -14.71 9.17 -99.40
CA GLU J 89 -13.97 10.19 -98.67
C GLU J 89 -13.67 9.75 -97.25
N ASP J 90 -13.96 8.48 -96.97
CA ASP J 90 -13.71 7.87 -95.67
C ASP J 90 -12.66 6.77 -95.79
N THR J 91 -12.18 6.54 -97.01
CA THR J 91 -11.16 5.53 -97.27
C THR J 91 -9.84 6.04 -96.71
N ALA J 92 -9.30 5.30 -95.74
CA ALA J 92 -8.05 5.67 -95.08
C ALA J 92 -7.70 4.60 -94.05
N THR J 93 -6.53 4.77 -93.44
CA THR J 93 -6.10 3.83 -92.42
C THR J 93 -6.54 4.40 -91.07
N TYR J 94 -7.38 3.65 -90.37
CA TYR J 94 -7.90 4.06 -89.08
C TYR J 94 -7.04 3.57 -87.92
N TYR J 95 -6.80 4.47 -86.97
CA TYR J 95 -5.99 4.18 -85.79
C TYR J 95 -6.72 4.45 -84.49
N CYS J 96 -6.58 3.55 -83.53
CA CYS J 96 -7.17 3.76 -82.20
C CYS J 96 -5.98 4.11 -81.32
N ALA J 97 -6.18 5.01 -80.36
CA ALA J 97 -5.09 5.40 -79.47
C ALA J 97 -5.54 6.03 -78.15
N ARG J 98 -4.73 5.82 -77.13
CA ARG J 98 -5.00 6.39 -75.80
C ARG J 98 -4.26 7.70 -75.66
N SER J 99 -4.90 8.69 -75.04
CA SER J 99 -4.27 9.97 -74.79
C SER J 99 -4.33 10.25 -73.30
N GLU J 100 -3.19 10.60 -72.72
CA GLU J 100 -3.12 10.91 -71.31
C GLU J 100 -3.55 12.34 -71.13
N TYR J 101 -3.78 12.72 -69.87
CA TYR J 101 -4.13 14.09 -69.55
C TYR J 101 -3.57 14.50 -68.20
N TYR J 102 -2.73 15.53 -68.24
CA TYR J 102 -2.13 16.11 -67.06
C TYR J 102 -2.50 17.59 -67.12
N SER J 103 -3.00 18.11 -66.00
CA SER J 103 -3.42 19.51 -65.89
C SER J 103 -2.42 20.54 -66.43
N VAL J 104 -1.14 20.18 -66.44
CA VAL J 104 -0.10 21.09 -66.92
C VAL J 104 0.30 20.84 -68.37
N THR J 105 0.54 19.59 -68.75
CA THR J 105 0.94 19.28 -70.12
C THR J 105 -0.20 18.93 -71.06
N GLY J 106 -1.44 19.03 -70.57
CA GLY J 106 -2.59 18.72 -71.40
C GLY J 106 -2.67 17.29 -71.90
N TYR J 107 -3.20 17.11 -73.10
CA TYR J 107 -3.37 15.78 -73.70
C TYR J 107 -2.16 15.30 -74.52
N ALA J 108 -2.00 13.99 -74.63
CA ALA J 108 -0.91 13.38 -75.40
C ALA J 108 -1.16 11.90 -75.67
N MET J 109 -1.34 11.54 -76.94
CA MET J 109 -1.59 10.15 -77.33
C MET J 109 -0.31 9.33 -77.32
N ASP J 110 -0.13 8.57 -76.25
CA ASP J 110 1.06 7.76 -76.04
C ASP J 110 1.05 6.32 -76.53
N TYR J 111 -0.13 5.72 -76.64
CA TYR J 111 -0.24 4.35 -77.13
C TYR J 111 -1.17 4.31 -78.33
N TRP J 112 -0.65 3.78 -79.44
CA TRP J 112 -1.39 3.67 -80.69
C TRP J 112 -1.53 2.26 -81.20
N GLY J 113 -2.66 1.98 -81.85
CA GLY J 113 -2.91 0.68 -82.44
C GLY J 113 -2.09 0.59 -83.72
N GLN J 114 -1.92 -0.61 -84.26
CA GLN J 114 -1.13 -0.77 -85.48
C GLN J 114 -1.80 -0.13 -86.70
N GLY J 115 -3.12 -0.05 -86.69
CA GLY J 115 -3.83 0.55 -87.79
C GLY J 115 -4.62 -0.44 -88.61
N THR J 116 -5.72 0.03 -89.19
CA THR J 116 -6.56 -0.81 -90.03
C THR J 116 -6.96 -0.03 -91.28
N THR J 117 -6.49 -0.51 -92.42
CA THR J 117 -6.78 0.11 -93.71
C THR J 117 -8.20 -0.27 -94.13
N VAL J 118 -9.03 0.75 -94.36
CA VAL J 118 -10.40 0.51 -94.79
C VAL J 118 -10.63 1.22 -96.12
N THR J 119 -11.15 0.47 -97.08
CA THR J 119 -11.44 1.01 -98.40
C THR J 119 -12.94 0.92 -98.64
N VAL J 120 -13.56 2.06 -98.92
CA VAL J 120 -14.99 2.08 -99.21
C VAL J 120 -15.12 1.78 -100.69
N SER J 121 -15.40 0.52 -101.00
CA SER J 121 -15.53 0.05 -102.37
C SER J 121 -16.76 -0.80 -102.58
N SER J 122 -17.17 -0.90 -103.84
CA SER J 122 -18.33 -1.68 -104.22
C SER J 122 -17.94 -3.14 -104.46
N ALA J 123 -16.63 -3.42 -104.40
CA ALA J 123 -16.09 -4.76 -104.61
C ALA J 123 -16.51 -5.77 -103.54
N TRP J 124 -16.62 -7.02 -103.96
CA TRP J 124 -16.99 -8.12 -103.09
C TRP J 124 -15.71 -8.78 -102.56
N ARG J 125 -15.73 -9.19 -101.30
CA ARG J 125 -14.56 -9.85 -100.70
C ARG J 125 -15.00 -11.05 -99.85
N HIS J 126 -14.22 -12.12 -99.90
CA HIS J 126 -14.52 -13.36 -99.17
C HIS J 126 -14.59 -13.10 -97.66
N PRO J 127 -15.81 -13.13 -97.08
CA PRO J 127 -16.00 -12.88 -95.65
C PRO J 127 -15.40 -13.96 -94.73
N ASP K 1 -11.79 25.40 -84.72
CA ASP K 1 -11.18 24.50 -85.74
C ASP K 1 -9.87 25.07 -86.28
N ILE K 2 -8.84 25.04 -85.42
CA ILE K 2 -7.51 25.53 -85.75
C ILE K 2 -6.82 24.58 -86.73
N GLU K 3 -5.78 25.06 -87.41
CA GLU K 3 -5.03 24.23 -88.34
C GLU K 3 -3.56 24.63 -88.36
N LEU K 4 -2.68 23.64 -88.50
CA LEU K 4 -1.25 23.88 -88.50
C LEU K 4 -0.61 23.81 -89.89
N THR K 5 0.33 24.73 -90.14
CA THR K 5 1.03 24.81 -91.41
C THR K 5 2.44 24.20 -91.28
N GLN K 6 2.58 22.95 -91.70
CA GLN K 6 3.87 22.27 -91.63
C GLN K 6 4.78 22.59 -92.81
N THR K 7 5.97 23.08 -92.50
CA THR K 7 6.97 23.46 -93.49
C THR K 7 8.39 23.13 -93.02
N PRO K 8 9.24 22.59 -93.91
CA PRO K 8 8.97 22.26 -95.32
C PRO K 8 8.58 20.80 -95.55
N VAL K 9 7.42 20.58 -96.19
CA VAL K 9 6.94 19.24 -96.49
C VAL K 9 7.92 18.55 -97.44
N SER K 10 8.44 17.39 -97.00
CA SER K 10 9.41 16.60 -97.75
C SER K 10 10.80 17.26 -97.77
N LEU K 11 11.82 16.48 -97.43
CA LEU K 11 13.20 16.98 -97.42
C LEU K 11 14.21 15.86 -97.22
N ALA K 12 15.32 15.95 -97.93
CA ALA K 12 16.39 14.95 -97.84
C ALA K 12 17.62 15.60 -97.20
N ALA K 13 18.48 14.78 -96.61
CA ALA K 13 19.70 15.26 -95.95
C ALA K 13 20.68 14.14 -95.66
N SER K 14 21.87 14.50 -95.20
CA SER K 14 22.91 13.53 -94.87
C SER K 14 22.65 12.81 -93.54
N LEU K 15 23.26 11.64 -93.38
CA LEU K 15 23.10 10.86 -92.16
C LEU K 15 24.03 11.37 -91.05
N GLY K 16 23.87 12.64 -90.69
CA GLY K 16 24.69 13.23 -89.66
C GLY K 16 24.42 14.71 -89.41
N ASP K 17 23.84 15.39 -90.39
CA ASP K 17 23.54 16.81 -90.26
C ASP K 17 22.24 17.11 -89.51
N ARG K 18 21.91 18.40 -89.40
CA ARG K 18 20.71 18.85 -88.70
C ARG K 18 19.45 18.93 -89.57
N VAL K 19 18.33 19.32 -88.94
CA VAL K 19 17.04 19.46 -89.60
C VAL K 19 16.12 20.26 -88.68
N THR K 20 15.24 21.06 -89.26
CA THR K 20 14.33 21.88 -88.45
C THR K 20 12.97 22.09 -89.10
N ILE K 21 11.95 21.40 -88.59
CA ILE K 21 10.58 21.51 -89.10
C ILE K 21 9.90 22.66 -88.35
N SER K 22 8.62 22.89 -88.65
CA SER K 22 7.86 23.95 -87.99
C SER K 22 6.36 23.74 -88.17
N CYS K 23 5.60 24.16 -87.18
CA CYS K 23 4.14 24.03 -87.21
C CYS K 23 3.48 25.35 -86.80
N ARG K 24 3.45 26.29 -87.74
CA ARG K 24 2.84 27.59 -87.50
C ARG K 24 1.33 27.40 -87.46
N ALA K 25 0.75 27.57 -86.28
CA ALA K 25 -0.68 27.42 -86.08
C ALA K 25 -1.47 28.65 -86.51
N SER K 26 -2.75 28.45 -86.78
CA SER K 26 -3.65 29.53 -87.19
C SER K 26 -4.32 30.20 -85.99
N GLN K 27 -3.65 30.15 -84.84
CA GLN K 27 -4.17 30.73 -83.61
C GLN K 27 -3.16 30.56 -82.47
N ASP K 28 -3.50 31.12 -81.30
CA ASP K 28 -2.66 31.01 -80.11
C ASP K 28 -3.06 29.75 -79.35
N ILE K 29 -2.09 28.83 -79.20
CA ILE K 29 -2.34 27.56 -78.51
C ILE K 29 -1.40 27.30 -77.31
N ASN K 30 -0.96 28.37 -76.64
CA ASN K 30 -0.04 28.25 -75.50
C ASN K 30 1.18 27.42 -75.87
N ASN K 31 1.17 26.15 -75.46
CA ASN K 31 2.26 25.24 -75.75
C ASN K 31 1.71 23.83 -75.94
N PHE K 32 0.39 23.73 -75.99
CA PHE K 32 -0.32 22.47 -76.18
C PHE K 32 -0.10 21.98 -77.61
N LEU K 33 1.10 21.50 -77.90
CA LEU K 33 1.43 21.01 -79.22
C LEU K 33 2.26 19.73 -79.15
N ASN K 34 1.81 18.70 -79.86
CA ASN K 34 2.52 17.42 -79.83
C ASN K 34 3.10 17.04 -81.19
N TRP K 35 4.07 16.12 -81.19
CA TRP K 35 4.73 15.67 -82.41
C TRP K 35 4.74 14.14 -82.50
N TYR K 36 4.28 13.62 -83.65
CA TYR K 36 4.25 12.18 -83.87
C TYR K 36 5.14 11.72 -85.01
N GLN K 37 5.52 10.45 -84.99
CA GLN K 37 6.40 9.89 -86.02
C GLN K 37 5.77 8.71 -86.75
N GLN K 38 5.66 8.83 -88.07
CA GLN K 38 5.09 7.76 -88.88
C GLN K 38 6.17 7.03 -89.69
N LYS K 39 6.57 5.86 -89.20
CA LYS K 39 7.57 5.04 -89.89
C LYS K 39 7.02 4.59 -91.23
N PRO K 40 7.90 4.31 -92.21
CA PRO K 40 7.54 3.86 -93.57
C PRO K 40 6.42 2.81 -93.66
N ASP K 41 6.34 1.92 -92.67
CA ASP K 41 5.32 0.88 -92.68
C ASP K 41 3.94 1.35 -92.17
N GLY K 42 3.92 2.48 -91.49
CA GLY K 42 2.67 3.02 -90.97
C GLY K 42 2.56 3.08 -89.45
N THR K 43 3.61 2.67 -88.75
CA THR K 43 3.64 2.67 -87.29
C THR K 43 3.86 4.09 -86.76
N ILE K 44 2.85 4.63 -86.08
CA ILE K 44 2.95 5.97 -85.50
C ILE K 44 3.25 5.97 -84.00
N LYS K 45 4.34 6.62 -83.63
CA LYS K 45 4.80 6.72 -82.25
C LYS K 45 4.91 8.16 -81.77
N LEU K 46 4.56 8.40 -80.50
CA LEU K 46 4.66 9.72 -79.90
C LEU K 46 6.13 10.06 -79.67
N LEU K 47 6.48 11.32 -79.91
CA LEU K 47 7.86 11.77 -79.75
C LEU K 47 8.00 12.95 -78.79
N ILE K 48 7.13 13.94 -78.94
CA ILE K 48 7.16 15.14 -78.12
C ILE K 48 5.74 15.60 -77.79
N TYR K 49 5.53 16.01 -76.55
CA TYR K 49 4.24 16.50 -76.11
C TYR K 49 4.48 17.79 -75.33
N TYR K 50 3.48 18.66 -75.31
CA TYR K 50 3.56 19.96 -74.64
C TYR K 50 4.83 20.69 -75.05
N THR K 51 4.90 20.96 -76.35
CA THR K 51 5.98 21.66 -77.04
C THR K 51 7.44 21.20 -76.91
N SER K 52 7.85 20.70 -75.75
CA SER K 52 9.24 20.29 -75.58
C SER K 52 9.55 19.00 -74.84
N ARG K 53 8.59 18.50 -74.05
CA ARG K 53 8.81 17.28 -73.28
C ARG K 53 8.90 16.02 -74.12
N LEU K 54 10.04 15.32 -74.01
CA LEU K 54 10.29 14.08 -74.74
C LEU K 54 9.48 12.94 -74.18
N HIS K 55 9.09 12.02 -75.06
CA HIS K 55 8.31 10.86 -74.65
C HIS K 55 9.23 9.69 -74.31
N ALA K 56 8.70 8.72 -73.59
CA ALA K 56 9.49 7.55 -73.20
C ALA K 56 10.00 6.82 -74.44
N GLY K 57 11.32 6.71 -74.54
CA GLY K 57 11.91 6.02 -75.67
C GLY K 57 12.55 6.87 -76.74
N VAL K 58 12.20 8.16 -76.83
CA VAL K 58 12.77 9.04 -77.84
C VAL K 58 14.15 9.59 -77.44
N PRO K 59 15.09 9.63 -78.39
CA PRO K 59 16.47 10.11 -78.21
C PRO K 59 16.57 11.57 -77.76
N SER K 60 17.65 11.87 -77.03
CA SER K 60 17.91 13.21 -76.48
C SER K 60 18.23 14.25 -77.55
N ARG K 61 18.69 13.79 -78.71
CA ARG K 61 19.03 14.67 -79.82
C ARG K 61 17.83 15.45 -80.35
N PHE K 62 16.63 14.97 -80.03
CA PHE K 62 15.39 15.63 -80.44
C PHE K 62 15.09 16.84 -79.55
N SER K 63 15.24 18.04 -80.10
CA SER K 63 14.95 19.26 -79.36
C SER K 63 13.49 19.61 -79.59
N GLY K 64 13.22 20.79 -80.13
CA GLY K 64 11.85 21.20 -80.39
C GLY K 64 11.30 22.11 -79.31
N SER K 65 11.27 23.40 -79.59
CA SER K 65 10.76 24.40 -78.66
C SER K 65 9.63 25.20 -79.29
N GLY K 66 9.55 26.48 -78.94
CA GLY K 66 8.51 27.34 -79.49
C GLY K 66 7.53 27.78 -78.43
N SER K 67 6.65 28.71 -78.80
CA SER K 67 5.64 29.25 -77.90
C SER K 67 4.67 30.13 -78.68
N GLY K 68 3.52 30.41 -78.08
CA GLY K 68 2.53 31.25 -78.74
C GLY K 68 1.84 30.65 -79.95
N THR K 69 2.43 30.86 -81.13
CA THR K 69 1.86 30.37 -82.38
C THR K 69 2.86 29.67 -83.31
N ASP K 70 4.15 29.87 -83.05
CA ASP K 70 5.20 29.27 -83.88
C ASP K 70 5.99 28.24 -83.09
N TYR K 71 6.20 27.07 -83.69
CA TYR K 71 6.93 25.99 -83.02
C TYR K 71 8.07 25.42 -83.86
N SER K 72 8.67 24.33 -83.38
CA SER K 72 9.80 23.71 -84.06
C SER K 72 10.05 22.26 -83.64
N LEU K 73 10.97 21.60 -84.33
CA LEU K 73 11.37 20.21 -84.06
C LEU K 73 12.75 20.01 -84.66
N THR K 74 13.78 20.18 -83.84
CA THR K 74 15.17 20.05 -84.28
C THR K 74 15.78 18.68 -83.94
N ILE K 75 16.82 18.30 -84.68
CA ILE K 75 17.53 17.05 -84.48
C ILE K 75 19.03 17.34 -84.65
N SER K 76 19.88 16.66 -83.87
CA SER K 76 21.32 16.84 -83.96
C SER K 76 21.88 16.11 -85.18
N ASN K 77 21.58 14.81 -85.27
CA ASN K 77 22.03 13.97 -86.38
C ASN K 77 20.92 13.00 -86.80
N LEU K 78 20.60 13.01 -88.09
CA LEU K 78 19.55 12.14 -88.63
C LEU K 78 19.98 10.68 -88.75
N GLU K 79 21.04 10.31 -88.04
CA GLU K 79 21.57 8.95 -88.05
C GLU K 79 20.81 8.06 -87.08
N PRO K 80 20.19 6.97 -87.57
CA PRO K 80 20.18 6.55 -88.98
C PRO K 80 18.78 6.41 -89.61
N GLU K 81 17.95 5.54 -89.04
CA GLU K 81 16.60 5.25 -89.53
C GLU K 81 15.53 6.31 -89.24
N ASP K 82 15.97 7.54 -88.97
CA ASP K 82 15.03 8.64 -88.68
C ASP K 82 14.05 8.91 -89.82
N ILE K 83 14.22 8.19 -90.92
CA ILE K 83 13.35 8.33 -92.08
C ILE K 83 11.91 8.00 -91.72
N ALA K 84 11.08 9.04 -91.69
CA ALA K 84 9.67 8.91 -91.35
C ALA K 84 8.93 10.22 -91.57
N THR K 85 7.60 10.17 -91.56
CA THR K 85 6.78 11.35 -91.74
C THR K 85 6.42 11.89 -90.36
N TYR K 86 6.82 13.14 -90.09
CA TYR K 86 6.55 13.78 -88.80
C TYR K 86 5.37 14.73 -88.81
N PHE K 87 4.36 14.43 -87.99
CA PHE K 87 3.16 15.26 -87.88
C PHE K 87 3.15 16.08 -86.59
N CYS K 88 2.12 16.89 -86.40
CA CYS K 88 2.00 17.72 -85.21
C CYS K 88 0.54 18.08 -84.92
N GLN K 89 0.12 17.90 -83.67
CA GLN K 89 -1.24 18.22 -83.26
C GLN K 89 -1.25 19.25 -82.14
N HIS K 90 -2.42 19.85 -81.90
CA HIS K 90 -2.59 20.84 -80.84
C HIS K 90 -3.71 20.37 -79.93
N HIS K 91 -3.91 21.05 -78.80
CA HIS K 91 -4.98 20.66 -77.88
C HIS K 91 -5.43 21.67 -76.82
N ILE K 92 -5.78 22.88 -77.23
CA ILE K 92 -6.26 23.86 -76.25
C ILE K 92 -7.79 23.89 -76.26
N LYS K 93 -8.38 23.30 -77.29
CA LYS K 93 -9.83 23.24 -77.44
C LYS K 93 -10.18 22.16 -78.48
N PHE K 94 -11.39 21.63 -78.36
CA PHE K 94 -11.89 20.61 -79.27
C PHE K 94 -12.54 21.26 -80.50
N PRO K 95 -12.33 20.68 -81.70
CA PRO K 95 -11.54 19.47 -81.98
C PRO K 95 -10.05 19.72 -82.13
N TRP K 96 -9.28 18.64 -82.00
CA TRP K 96 -7.83 18.70 -82.16
C TRP K 96 -7.53 18.66 -83.65
N THR K 97 -6.36 19.13 -84.05
CA THR K 97 -6.02 19.12 -85.46
C THR K 97 -4.54 18.85 -85.73
N PHE K 98 -4.28 18.13 -86.81
CA PHE K 98 -2.92 17.79 -87.20
C PHE K 98 -2.43 18.64 -88.36
N GLY K 99 -1.12 18.61 -88.58
CA GLY K 99 -0.54 19.38 -89.66
C GLY K 99 -0.52 18.58 -90.95
N ALA K 100 0.02 19.19 -92.00
CA ALA K 100 0.11 18.57 -93.31
C ALA K 100 0.89 17.26 -93.27
N GLY K 101 2.09 17.30 -92.68
CA GLY K 101 2.91 16.10 -92.58
C GLY K 101 4.23 16.25 -93.30
N THR K 102 5.26 16.63 -92.56
CA THR K 102 6.60 16.81 -93.11
C THR K 102 7.34 15.48 -93.27
N LYS K 103 7.47 15.02 -94.51
CA LYS K 103 8.14 13.76 -94.82
C LYS K 103 9.67 13.88 -94.66
N LEU K 104 10.37 12.77 -94.79
CA LEU K 104 11.84 12.76 -94.66
C LEU K 104 12.50 11.59 -95.37
N GLU K 105 13.45 11.92 -96.25
CA GLU K 105 14.21 10.92 -97.02
C GLU K 105 15.69 11.26 -97.00
N ILE K 106 16.49 10.40 -97.63
CA ILE K 106 17.93 10.59 -97.71
C ILE K 106 18.44 10.30 -99.12
N LYS K 107 18.39 11.31 -99.98
CA LYS K 107 18.83 11.18 -101.37
C LYS K 107 19.46 12.47 -101.89
N ALA L 1 19.37 -33.15 57.52
CA ALA L 1 20.21 -34.06 56.68
C ALA L 1 21.58 -34.33 57.30
N GLU L 2 21.74 -35.51 57.90
CA GLU L 2 22.98 -35.92 58.56
C GLU L 2 23.31 -37.37 58.21
N VAL L 3 24.52 -37.61 57.68
CA VAL L 3 24.96 -38.93 57.25
C VAL L 3 25.89 -39.69 58.21
N THR L 4 26.04 -41.00 57.96
CA THR L 4 26.89 -41.92 58.71
C THR L 4 27.13 -43.13 57.79
N GLN L 5 28.40 -43.38 57.46
CA GLN L 5 28.74 -44.47 56.55
C GLN L 5 29.98 -45.31 56.90
N LEU L 6 29.83 -46.62 56.85
CA LEU L 6 30.91 -47.57 57.14
C LEU L 6 30.94 -48.69 56.08
N SER L 7 32.01 -49.48 56.08
CA SER L 7 32.14 -50.57 55.11
C SER L 7 32.86 -51.81 55.65
N ASN L 8 32.64 -52.94 54.99
CA ASN L 8 33.23 -54.25 55.35
C ASN L 8 33.12 -55.16 54.12
N GLY L 9 33.08 -54.52 52.96
CA GLY L 9 32.91 -55.21 51.68
C GLY L 9 31.64 -54.59 51.13
N ILE L 10 30.56 -54.75 51.89
CA ILE L 10 29.26 -54.19 51.58
C ILE L 10 29.22 -52.80 52.20
N VAL L 11 29.05 -51.78 51.39
CA VAL L 11 29.00 -50.40 51.89
C VAL L 11 27.61 -50.05 52.42
N VAL L 12 27.56 -49.70 53.71
CA VAL L 12 26.31 -49.34 54.40
C VAL L 12 26.27 -47.85 54.73
N ALA L 13 25.11 -47.24 54.50
CA ALA L 13 24.93 -45.82 54.78
C ALA L 13 23.54 -45.59 55.37
N THR L 14 23.49 -44.82 56.44
CA THR L 14 22.23 -44.52 57.11
C THR L 14 22.08 -43.05 57.46
N GLU L 15 20.89 -42.70 57.93
CA GLU L 15 20.56 -41.33 58.32
C GLU L 15 19.39 -41.40 59.30
N HIS L 16 19.72 -41.34 60.58
CA HIS L 16 18.74 -41.40 61.66
C HIS L 16 17.78 -40.22 61.67
N ASN L 17 16.58 -40.46 62.18
CA ASN L 17 15.54 -39.44 62.28
C ASN L 17 14.63 -39.86 63.43
N PRO L 18 14.95 -39.41 64.65
CA PRO L 18 14.21 -39.71 65.89
C PRO L 18 12.69 -39.50 65.81
N SER L 19 12.24 -38.61 64.93
CA SER L 19 10.83 -38.32 64.77
C SER L 19 10.26 -38.96 63.51
N ALA L 20 10.78 -40.13 63.14
CA ALA L 20 10.36 -40.84 61.94
C ALA L 20 9.05 -41.62 61.98
N HIS L 21 8.91 -42.52 62.97
CA HIS L 21 7.72 -43.37 63.12
C HIS L 21 7.75 -44.63 62.27
N THR L 22 8.67 -44.66 61.30
CA THR L 22 8.83 -45.82 60.42
C THR L 22 10.30 -45.85 60.02
N ALA L 23 10.69 -46.87 59.29
CA ALA L 23 12.05 -46.99 58.84
C ALA L 23 12.04 -47.70 57.51
N SER L 24 13.01 -47.35 56.67
CA SER L 24 13.14 -47.95 55.36
C SER L 24 14.56 -48.46 55.17
N VAL L 25 14.65 -49.70 54.74
CA VAL L 25 15.93 -50.33 54.50
C VAL L 25 15.89 -50.84 53.08
N GLY L 26 17.01 -50.75 52.38
CA GLY L 26 17.04 -51.24 51.01
C GLY L 26 18.39 -51.14 50.35
N VAL L 27 18.43 -51.55 49.08
CA VAL L 27 19.64 -51.49 48.30
C VAL L 27 19.44 -50.63 47.04
N VAL L 28 20.47 -49.85 46.72
CA VAL L 28 20.46 -48.98 45.57
C VAL L 28 21.69 -49.28 44.73
N PHE L 29 21.48 -49.52 43.43
CA PHE L 29 22.57 -49.82 42.50
C PHE L 29 22.94 -48.60 41.64
N GLY L 30 24.23 -48.44 41.36
CA GLY L 30 24.71 -47.34 40.55
C GLY L 30 24.56 -47.60 39.07
N SER L 31 23.41 -48.10 38.68
CA SER L 31 23.12 -48.40 37.28
C SER L 31 21.64 -48.23 37.05
N GLY L 32 21.31 -47.45 36.03
CA GLY L 32 19.91 -47.22 35.69
C GLY L 32 19.72 -47.41 34.20
N ALA L 33 18.72 -46.73 33.65
CA ALA L 33 18.42 -46.83 32.23
C ALA L 33 19.62 -46.44 31.37
N ALA L 34 20.49 -45.58 31.90
CA ALA L 34 21.66 -45.15 31.13
C ALA L 34 22.72 -46.24 31.05
N ASN L 35 22.44 -47.38 31.69
CA ASN L 35 23.36 -48.51 31.68
C ASN L 35 22.81 -49.67 30.88
N GLU L 36 21.76 -49.41 30.13
CA GLU L 36 21.12 -50.40 29.27
C GLU L 36 21.51 -50.10 27.81
N ASN L 37 21.11 -51.00 26.90
CA ASN L 37 21.36 -50.89 25.46
C ASN L 37 20.00 -50.55 24.82
N PRO L 38 20.01 -50.10 23.55
CA PRO L 38 18.74 -49.76 22.87
C PRO L 38 17.87 -51.00 22.65
N TYR L 39 18.43 -52.18 22.89
CA TYR L 39 17.68 -53.40 22.66
C TYR L 39 17.25 -54.16 23.90
N ASN L 40 17.88 -53.87 25.03
CA ASN L 40 17.49 -54.49 26.28
C ASN L 40 16.88 -53.37 27.14
N ASN L 41 16.66 -52.21 26.51
CA ASN L 41 16.06 -51.04 27.15
C ASN L 41 14.72 -51.39 27.76
N GLY L 42 14.61 -51.18 29.07
CA GLY L 42 13.39 -51.49 29.78
C GLY L 42 13.60 -52.64 30.75
N VAL L 43 14.77 -53.27 30.66
CA VAL L 43 15.10 -54.39 31.52
C VAL L 43 15.09 -53.97 33.00
N SER L 44 15.48 -52.74 33.31
CA SER L 44 15.45 -52.29 34.70
C SER L 44 14.03 -52.09 35.19
N ASN L 45 13.21 -51.42 34.37
CA ASN L 45 11.80 -51.18 34.72
C ASN L 45 11.15 -52.55 34.95
N LEU L 46 11.64 -53.54 34.21
CA LEU L 46 11.16 -54.92 34.31
C LEU L 46 11.51 -55.51 35.68
N TRP L 47 12.74 -55.28 36.13
CA TRP L 47 13.18 -55.77 37.44
C TRP L 47 12.33 -55.13 38.53
N LYS L 48 12.15 -53.81 38.45
CA LYS L 48 11.35 -53.04 39.40
C LYS L 48 9.98 -53.67 39.58
N ASN L 49 9.39 -54.05 38.46
CA ASN L 49 8.06 -54.62 38.49
C ASN L 49 7.93 -56.05 39.02
N ILE L 50 8.96 -56.88 38.86
CA ILE L 50 8.87 -58.23 39.40
C ILE L 50 9.15 -58.21 40.91
N PHE L 51 9.93 -57.23 41.34
CA PHE L 51 10.23 -57.07 42.76
C PHE L 51 8.94 -56.65 43.47
N LEU L 52 8.13 -55.84 42.78
CA LEU L 52 6.84 -55.38 43.33
C LEU L 52 5.74 -56.31 42.90
N SER L 53 6.12 -57.49 42.40
CA SER L 53 5.17 -58.49 41.95
C SER L 53 4.14 -58.81 43.04
N LYS L 54 2.97 -59.26 42.61
CA LYS L 54 1.86 -59.60 43.49
C LYS L 54 2.26 -60.63 44.55
N GLU L 55 2.93 -61.69 44.12
CA GLU L 55 3.38 -62.76 45.00
C GLU L 55 4.33 -62.22 46.05
N ASN L 56 5.40 -61.59 45.58
CA ASN L 56 6.43 -61.02 46.43
C ASN L 56 5.87 -59.99 47.42
N SER L 57 4.85 -59.25 47.00
CA SER L 57 4.22 -58.23 47.83
C SER L 57 3.37 -58.83 48.95
N ALA L 58 2.82 -60.02 48.70
CA ALA L 58 2.00 -60.70 49.71
C ALA L 58 2.92 -61.20 50.80
N VAL L 59 4.05 -61.77 50.38
CA VAL L 59 5.05 -62.30 51.31
C VAL L 59 5.57 -61.19 52.23
N ALA L 60 5.55 -59.96 51.76
CA ALA L 60 6.00 -58.82 52.54
C ALA L 60 4.87 -58.24 53.38
N ALA L 61 3.66 -58.27 52.82
CA ALA L 61 2.48 -57.73 53.51
C ALA L 61 2.19 -58.49 54.79
N LYS L 62 2.37 -59.82 54.75
CA LYS L 62 2.15 -60.67 55.92
C LYS L 62 3.16 -60.32 57.01
N GLU L 63 4.32 -59.84 56.59
CA GLU L 63 5.40 -59.45 57.50
C GLU L 63 5.29 -58.00 57.99
N GLY L 64 4.29 -57.28 57.49
CA GLY L 64 4.12 -55.88 57.88
C GLY L 64 5.17 -55.01 57.22
N LEU L 65 5.46 -55.32 55.96
CA LEU L 65 6.45 -54.62 55.16
C LEU L 65 5.86 -54.09 53.85
N ALA L 66 6.29 -52.88 53.46
CA ALA L 66 5.82 -52.25 52.21
C ALA L 66 6.99 -52.12 51.25
N LEU L 67 6.78 -52.49 50.01
CA LEU L 67 7.84 -52.42 49.00
C LEU L 67 7.85 -51.18 48.11
N SER L 68 9.05 -50.78 47.68
CA SER L 68 9.25 -49.62 46.82
C SER L 68 10.46 -49.79 45.92
N SER L 69 10.29 -49.42 44.64
CA SER L 69 11.38 -49.51 43.66
C SER L 69 11.35 -48.35 42.67
N ASN L 70 12.48 -47.67 42.53
CA ASN L 70 12.60 -46.54 41.63
C ASN L 70 13.72 -46.72 40.60
N ILE L 71 13.36 -46.60 39.33
CA ILE L 71 14.31 -46.72 38.24
C ILE L 71 14.58 -45.31 37.71
N SER L 72 15.84 -44.89 37.70
CA SER L 72 16.21 -43.58 37.19
C SER L 72 17.20 -43.77 36.06
N ARG L 73 17.90 -42.71 35.71
CA ARG L 73 18.87 -42.83 34.64
C ARG L 73 20.20 -43.40 35.14
N ASP L 74 20.66 -42.93 36.30
CA ASP L 74 21.94 -43.37 36.87
C ASP L 74 21.88 -44.44 37.96
N PHE L 75 20.81 -44.42 38.75
CA PHE L 75 20.68 -45.36 39.85
C PHE L 75 19.41 -46.20 39.76
N GLN L 76 19.30 -47.15 40.68
CA GLN L 76 18.18 -48.06 40.72
C GLN L 76 18.01 -48.46 42.17
N SER L 77 16.78 -48.46 42.68
CA SER L 77 16.56 -48.80 44.07
C SER L 77 15.47 -49.83 44.32
N TYR L 78 15.62 -50.51 45.45
CA TYR L 78 14.70 -51.54 45.94
C TYR L 78 14.72 -51.32 47.45
N ILE L 79 13.61 -50.80 47.95
CA ILE L 79 13.48 -50.46 49.36
C ILE L 79 12.33 -51.15 50.06
N VAL L 80 12.53 -51.45 51.34
CA VAL L 80 11.52 -52.11 52.17
C VAL L 80 11.17 -51.21 53.35
N SER L 81 9.87 -51.05 53.61
CA SER L 81 9.40 -50.21 54.70
C SER L 81 8.68 -51.01 55.77
N SER L 82 8.93 -50.63 57.02
CA SER L 82 8.35 -51.31 58.17
C SER L 82 8.33 -50.35 59.34
N LEU L 83 7.86 -50.83 60.49
CA LEU L 83 7.83 -50.04 61.70
C LEU L 83 9.29 -50.00 62.19
N PRO L 84 9.62 -49.04 63.07
CA PRO L 84 10.98 -48.90 63.60
C PRO L 84 11.64 -50.16 64.21
N GLY L 85 10.83 -51.05 64.79
CA GLY L 85 11.37 -52.27 65.39
C GLY L 85 11.47 -53.47 64.45
N SER L 86 10.56 -53.53 63.47
CA SER L 86 10.51 -54.61 62.50
C SER L 86 11.61 -54.54 61.43
N THR L 87 12.61 -53.69 61.67
CA THR L 87 13.73 -53.49 60.74
C THR L 87 14.54 -54.75 60.49
N ASP L 88 14.59 -55.61 61.48
CA ASP L 88 15.33 -56.86 61.40
C ASP L 88 14.68 -57.79 60.37
N LYS L 89 13.36 -57.69 60.23
CA LYS L 89 12.61 -58.52 59.30
C LYS L 89 12.65 -58.00 57.85
N SER L 90 12.92 -56.69 57.70
CA SER L 90 13.01 -56.07 56.39
C SER L 90 14.28 -56.52 55.67
N LEU L 91 15.37 -56.63 56.43
CA LEU L 91 16.64 -57.07 55.88
C LEU L 91 16.55 -58.53 55.48
N ASP L 92 15.71 -59.29 56.20
CA ASP L 92 15.52 -60.71 55.90
C ASP L 92 14.81 -60.85 54.56
N PHE L 93 13.86 -59.96 54.30
CA PHE L 93 13.11 -59.99 53.04
C PHE L 93 13.99 -59.55 51.88
N LEU L 94 14.88 -58.60 52.15
CA LEU L 94 15.80 -58.08 51.14
C LEU L 94 16.78 -59.19 50.76
N ASN L 95 17.36 -59.80 51.79
CA ASN L 95 18.32 -60.90 51.62
C ASN L 95 17.64 -62.07 50.91
N GLN L 96 16.39 -62.32 51.26
CA GLN L 96 15.61 -63.39 50.67
C GLN L 96 15.31 -63.12 49.18
N SER L 97 14.88 -61.90 48.87
CA SER L 97 14.54 -61.52 47.50
C SER L 97 15.70 -61.34 46.53
N PHE L 98 16.85 -60.89 47.02
CA PHE L 98 17.99 -60.67 46.15
C PHE L 98 19.19 -61.60 46.34
N ILE L 99 19.05 -62.61 47.20
CA ILE L 99 20.12 -63.58 47.45
C ILE L 99 19.51 -64.97 47.70
N GLN L 100 18.44 -65.28 46.96
CA GLN L 100 17.74 -66.57 47.08
C GLN L 100 16.63 -66.72 46.04
N GLN L 101 15.92 -65.64 45.74
CA GLN L 101 14.82 -65.67 44.76
C GLN L 101 15.29 -65.35 43.34
N LYS L 102 16.39 -65.99 42.94
CA LYS L 102 16.98 -65.81 41.61
C LYS L 102 16.17 -66.54 40.54
N ALA L 103 15.27 -67.41 40.98
CA ALA L 103 14.41 -68.18 40.06
C ALA L 103 12.98 -68.27 40.58
N ASN L 104 12.74 -67.74 41.78
CA ASN L 104 11.42 -67.75 42.39
C ASN L 104 10.54 -66.73 41.67
N LEU L 105 11.05 -65.51 41.57
CA LEU L 105 10.37 -64.40 40.93
C LEU L 105 10.39 -64.49 39.40
N LEU L 106 11.35 -65.23 38.87
CA LEU L 106 11.48 -65.38 37.42
C LEU L 106 10.74 -66.58 36.83
N SER L 107 9.67 -67.00 37.49
CA SER L 107 8.87 -68.13 37.00
C SER L 107 8.11 -67.71 35.75
N SER L 108 7.84 -68.67 34.87
CA SER L 108 7.12 -68.37 33.63
C SER L 108 5.77 -67.70 33.82
N SER L 109 5.10 -68.00 34.94
CA SER L 109 3.79 -67.40 35.21
C SER L 109 3.92 -65.96 35.70
N ASN L 110 4.84 -65.72 36.62
CA ASN L 110 5.06 -64.40 37.18
C ASN L 110 5.68 -63.43 36.18
N PHE L 111 6.66 -63.91 35.43
CA PHE L 111 7.35 -63.09 34.43
C PHE L 111 6.43 -62.64 33.31
N GLU L 112 5.85 -63.60 32.59
CA GLU L 112 4.96 -63.27 31.47
C GLU L 112 3.80 -62.35 31.85
N ALA L 113 3.40 -62.38 33.11
CA ALA L 113 2.31 -61.53 33.61
C ALA L 113 2.83 -60.13 33.88
N THR L 114 4.02 -60.05 34.48
CA THR L 114 4.66 -58.78 34.79
C THR L 114 5.02 -58.08 33.48
N LYS L 115 5.65 -58.81 32.57
CA LYS L 115 6.05 -58.30 31.27
C LYS L 115 4.81 -57.69 30.65
N LYS L 116 3.70 -58.43 30.71
CA LYS L 116 2.41 -58.00 30.16
C LYS L 116 1.91 -56.71 30.83
N SER L 117 2.21 -56.56 32.13
CA SER L 117 1.80 -55.39 32.90
C SER L 117 2.58 -54.14 32.54
N VAL L 118 3.91 -54.23 32.56
CA VAL L 118 4.74 -53.08 32.23
C VAL L 118 4.56 -52.68 30.78
N LEU L 119 4.10 -53.62 29.96
CA LEU L 119 3.88 -53.38 28.55
C LEU L 119 2.66 -52.48 28.35
N LYS L 120 1.59 -52.75 29.08
CA LYS L 120 0.36 -51.94 29.02
C LYS L 120 0.63 -50.61 29.73
N GLN L 121 1.39 -50.71 30.81
CA GLN L 121 1.80 -49.58 31.62
C GLN L 121 2.50 -48.54 30.74
N VAL L 122 3.50 -49.00 29.99
CA VAL L 122 4.27 -48.12 29.11
C VAL L 122 3.45 -47.67 27.90
N GLN L 123 2.55 -48.52 27.43
CA GLN L 123 1.71 -48.18 26.30
C GLN L 123 0.79 -47.02 26.68
N ASP L 124 0.37 -46.99 27.95
CA ASP L 124 -0.50 -45.93 28.45
C ASP L 124 0.25 -44.62 28.55
N PHE L 125 1.45 -44.68 29.12
CA PHE L 125 2.30 -43.52 29.30
C PHE L 125 2.56 -42.84 27.95
N GLU L 126 2.96 -43.64 26.97
CA GLU L 126 3.26 -43.17 25.64
C GLU L 126 2.00 -42.65 24.93
N ASP L 127 0.86 -43.16 25.38
CA ASP L 127 -0.45 -42.83 24.83
C ASP L 127 -1.08 -41.58 25.46
N ASN L 128 -0.89 -41.40 26.77
CA ASN L 128 -1.53 -40.29 27.46
C ASN L 128 -0.70 -39.30 28.27
N ASP L 129 0.49 -39.69 28.72
CA ASP L 129 1.28 -38.78 29.53
C ASP L 129 2.13 -37.88 28.63
N HIS L 130 1.47 -36.89 28.06
CA HIS L 130 2.11 -35.96 27.13
C HIS L 130 3.28 -35.16 27.71
N PRO L 131 3.10 -34.49 28.86
CA PRO L 131 4.25 -33.74 29.39
C PRO L 131 5.49 -34.60 29.70
N ASN L 132 5.30 -35.79 30.27
CA ASN L 132 6.45 -36.65 30.58
C ASN L 132 7.00 -37.37 29.35
N ARG L 133 6.11 -37.72 28.44
CA ARG L 133 6.48 -38.36 27.19
C ARG L 133 7.35 -37.37 26.39
N VAL L 134 6.98 -36.09 26.41
CA VAL L 134 7.73 -35.08 25.70
C VAL L 134 9.10 -34.90 26.35
N LEU L 135 9.11 -34.79 27.67
CA LEU L 135 10.35 -34.63 28.41
C LEU L 135 11.31 -35.82 28.18
N GLU L 136 10.74 -37.02 28.00
CA GLU L 136 11.52 -38.22 27.76
C GLU L 136 12.13 -38.13 26.34
N HIS L 137 11.36 -37.63 25.38
CA HIS L 137 11.88 -37.45 24.03
C HIS L 137 12.93 -36.33 24.01
N LEU L 138 12.85 -35.42 24.98
CA LEU L 138 13.83 -34.35 25.05
C LEU L 138 15.20 -35.00 25.31
N HIS L 139 15.24 -35.91 26.29
CA HIS L 139 16.47 -36.63 26.64
C HIS L 139 16.92 -37.50 25.46
N SER L 140 15.92 -38.06 24.78
CA SER L 140 16.18 -38.94 23.64
C SER L 140 16.85 -38.25 22.46
N THR L 141 16.47 -37.01 22.17
CA THR L 141 17.07 -36.28 21.05
C THR L 141 18.34 -35.54 21.46
N ALA L 142 18.37 -35.04 22.70
CA ALA L 142 19.52 -34.32 23.22
C ALA L 142 20.77 -35.19 23.36
N PHE L 143 20.58 -36.42 23.85
CA PHE L 143 21.70 -37.32 24.04
C PHE L 143 21.62 -38.54 23.10
N GLN L 144 21.03 -38.36 21.91
CA GLN L 144 20.89 -39.47 20.97
C GLN L 144 22.17 -40.29 20.73
N ASN L 145 22.00 -41.60 20.55
CA ASN L 145 23.09 -42.54 20.31
C ASN L 145 24.11 -42.46 21.44
N THR L 146 23.62 -42.14 22.62
CA THR L 146 24.45 -41.97 23.81
C THR L 146 23.63 -42.49 24.99
N PRO L 147 24.32 -43.02 26.04
CA PRO L 147 23.72 -43.58 27.25
C PRO L 147 22.46 -42.90 27.80
N LEU L 148 22.54 -41.57 27.95
CA LEU L 148 21.44 -40.79 28.51
C LEU L 148 20.14 -40.67 27.70
N SER L 149 20.13 -41.14 26.47
CA SER L 149 18.96 -41.05 25.61
C SER L 149 17.85 -42.06 25.82
N LEU L 150 18.19 -43.22 26.39
CA LEU L 150 17.22 -44.27 26.63
C LEU L 150 16.18 -43.94 27.69
N PRO L 151 14.90 -44.15 27.37
CA PRO L 151 13.80 -43.87 28.30
C PRO L 151 13.82 -44.84 29.48
N THR L 152 13.69 -44.29 30.69
CA THR L 152 13.71 -45.08 31.91
C THR L 152 12.77 -46.30 31.92
N ARG L 153 11.58 -46.16 31.34
CA ARG L 153 10.64 -47.27 31.29
C ARG L 153 10.97 -48.21 30.13
N GLY L 154 11.70 -47.72 29.14
CA GLY L 154 12.04 -48.54 28.00
C GLY L 154 11.05 -48.39 26.86
N THR L 155 11.38 -48.97 25.71
CA THR L 155 10.49 -48.86 24.56
C THR L 155 9.65 -50.12 24.37
N LEU L 156 8.44 -49.94 23.84
CA LEU L 156 7.54 -51.06 23.62
C LEU L 156 8.15 -52.16 22.75
N GLU L 157 9.02 -51.76 21.82
CA GLU L 157 9.68 -52.70 20.90
C GLU L 157 10.67 -53.64 21.59
N SER L 158 11.51 -53.09 22.44
CA SER L 158 12.49 -53.88 23.15
C SER L 158 11.88 -54.53 24.40
N LEU L 159 10.80 -53.93 24.89
CA LEU L 159 10.13 -54.46 26.06
C LEU L 159 9.50 -55.81 25.74
N GLU L 160 8.85 -55.91 24.58
CA GLU L 160 8.23 -57.16 24.20
C GLU L 160 9.16 -58.21 23.62
N ASN L 161 10.45 -57.89 23.56
CA ASN L 161 11.44 -58.83 23.05
C ASN L 161 12.25 -59.43 24.21
N LEU L 162 12.00 -58.94 25.42
CA LEU L 162 12.69 -59.39 26.61
C LEU L 162 12.24 -60.75 27.16
N VAL L 163 13.23 -61.52 27.59
CA VAL L 163 13.02 -62.85 28.16
C VAL L 163 13.75 -62.90 29.51
N VAL L 164 13.50 -63.93 30.30
CA VAL L 164 14.13 -64.07 31.61
C VAL L 164 15.65 -63.96 31.51
N ALA L 165 16.21 -64.46 30.39
CA ALA L 165 17.63 -64.41 30.14
C ALA L 165 18.17 -62.98 30.14
N ASP L 166 17.39 -62.05 29.61
CA ASP L 166 17.77 -60.63 29.56
C ASP L 166 17.82 -60.04 30.97
N LEU L 167 16.84 -60.45 31.80
CA LEU L 167 16.77 -59.99 33.20
C LEU L 167 18.00 -60.48 33.96
N GLU L 168 18.34 -61.75 33.76
CA GLU L 168 19.49 -62.36 34.43
C GLU L 168 20.83 -61.74 34.04
N SER L 169 21.06 -61.55 32.75
CA SER L 169 22.30 -60.96 32.26
C SER L 169 22.52 -59.56 32.83
N PHE L 170 21.42 -58.81 32.99
CA PHE L 170 21.51 -57.47 33.54
C PHE L 170 21.88 -57.55 35.02
N ALA L 171 21.23 -58.47 35.72
CA ALA L 171 21.47 -58.69 37.14
C ALA L 171 22.91 -59.13 37.38
N ASN L 172 23.39 -60.06 36.56
CA ASN L 172 24.75 -60.58 36.69
C ASN L 172 25.81 -59.50 36.51
N ASN L 173 25.50 -58.51 35.67
CA ASN L 173 26.43 -57.41 35.41
C ASN L 173 26.25 -56.15 36.24
N HIS L 174 25.07 -55.94 36.82
CA HIS L 174 24.83 -54.72 37.61
C HIS L 174 24.48 -54.89 39.07
N PHE L 175 23.80 -55.98 39.40
CA PHE L 175 23.42 -56.25 40.79
C PHE L 175 24.63 -56.88 41.49
N LEU L 176 25.67 -56.08 41.61
CA LEU L 176 26.93 -56.48 42.23
C LEU L 176 27.20 -55.64 43.47
N ASN L 177 28.05 -56.16 44.35
CA ASN L 177 28.37 -55.48 45.59
C ASN L 177 29.13 -54.17 45.37
N SER L 178 30.06 -54.16 44.41
CA SER L 178 30.84 -52.96 44.10
C SER L 178 30.01 -51.84 43.48
N ASN L 179 28.79 -52.18 43.05
CA ASN L 179 27.89 -51.23 42.41
C ASN L 179 26.61 -51.06 43.23
N ALA L 180 26.73 -51.19 44.55
CA ALA L 180 25.57 -51.06 45.43
C ALA L 180 25.89 -50.41 46.76
N VAL L 181 24.85 -49.98 47.46
CA VAL L 181 24.96 -49.36 48.77
C VAL L 181 23.70 -49.70 49.55
N VAL L 182 23.86 -50.37 50.69
CA VAL L 182 22.72 -50.74 51.52
C VAL L 182 22.30 -49.47 52.25
N VAL L 183 21.03 -49.14 52.14
CA VAL L 183 20.52 -47.92 52.73
C VAL L 183 19.50 -48.11 53.83
N GLY L 184 19.65 -47.31 54.88
CA GLY L 184 18.75 -47.35 56.00
C GLY L 184 18.45 -45.93 56.43
N THR L 185 17.19 -45.56 56.30
CA THR L 185 16.72 -44.23 56.70
C THR L 185 15.50 -44.43 57.59
N GLY L 186 15.17 -43.42 58.36
CA GLY L 186 14.05 -43.52 59.27
C GLY L 186 14.62 -43.26 60.64
N ASN L 187 14.11 -43.92 61.68
CA ASN L 187 14.63 -43.68 63.02
C ASN L 187 15.74 -44.61 63.50
N ILE L 188 15.93 -45.74 62.80
CA ILE L 188 16.95 -46.71 63.18
C ILE L 188 18.38 -46.16 63.21
N LYS L 189 19.18 -46.66 64.14
CA LYS L 189 20.56 -46.23 64.31
C LYS L 189 21.52 -47.01 63.40
N HIS L 190 22.59 -46.34 62.98
CA HIS L 190 23.61 -46.91 62.11
C HIS L 190 24.29 -48.15 62.69
N GLU L 191 24.90 -47.98 63.86
CA GLU L 191 25.61 -49.05 64.56
C GLU L 191 24.64 -50.08 65.13
N ASP L 192 23.72 -50.53 64.28
CA ASP L 192 22.69 -51.50 64.65
C ASP L 192 22.21 -52.23 63.40
N LEU L 193 22.19 -51.51 62.28
CA LEU L 193 21.78 -52.08 61.00
C LEU L 193 22.91 -52.93 60.45
N VAL L 194 24.14 -52.46 60.62
CA VAL L 194 25.32 -53.17 60.15
C VAL L 194 25.47 -54.54 60.84
N ASN L 195 25.01 -54.63 62.09
CA ASN L 195 25.08 -55.86 62.87
C ASN L 195 24.27 -56.97 62.22
N SER L 196 23.02 -56.65 61.85
CA SER L 196 22.14 -57.62 61.22
C SER L 196 22.67 -58.05 59.85
N ILE L 197 23.52 -57.22 59.25
CA ILE L 197 24.12 -57.52 57.96
C ILE L 197 25.31 -58.43 58.19
N GLU L 198 25.99 -58.23 59.32
CA GLU L 198 27.14 -59.04 59.72
C GLU L 198 26.66 -60.36 60.31
N SER L 199 25.39 -60.39 60.72
CA SER L 199 24.78 -61.58 61.30
C SER L 199 24.76 -62.70 60.27
N LYS L 200 24.56 -62.34 59.01
CA LYS L 200 24.57 -63.29 57.90
C LYS L 200 25.98 -63.32 57.34
N ASN L 201 26.15 -63.83 56.12
CA ASN L 201 27.49 -63.88 55.52
C ASN L 201 27.45 -64.00 54.00
N LEU L 202 28.08 -65.05 53.46
CA LEU L 202 28.18 -65.33 52.03
C LEU L 202 28.75 -64.17 51.22
N SER L 203 28.80 -64.33 49.91
CA SER L 203 29.32 -63.31 49.00
C SER L 203 28.83 -63.52 47.56
N LEU L 204 27.76 -64.29 47.39
CA LEU L 204 27.17 -64.61 46.08
C LEU L 204 27.04 -63.36 45.19
N GLN L 205 27.82 -63.33 44.12
CA GLN L 205 27.89 -62.22 43.15
C GLN L 205 28.73 -61.07 43.73
N THR L 206 30.03 -61.30 43.84
CA THR L 206 30.95 -60.31 44.38
C THR L 206 32.31 -60.34 43.67
N GLY L 207 33.10 -59.29 43.90
CA GLY L 207 34.41 -59.20 43.29
C GLY L 207 34.38 -58.55 41.91
N THR L 208 33.37 -58.90 41.12
CA THR L 208 33.20 -58.37 39.77
C THR L 208 32.87 -56.87 39.76
N LYS L 209 33.34 -56.18 38.73
CA LYS L 209 33.07 -54.75 38.56
C LYS L 209 32.03 -54.61 37.46
N PRO L 210 31.21 -53.54 37.50
CA PRO L 210 30.20 -53.36 36.46
C PRO L 210 30.89 -53.04 35.13
N VAL L 211 30.13 -53.05 34.05
CA VAL L 211 30.67 -52.78 32.72
C VAL L 211 30.77 -51.26 32.41
N LEU L 212 31.60 -50.91 31.42
CA LEU L 212 31.79 -49.51 31.00
C LEU L 212 31.50 -49.35 29.52
N LYS L 213 31.34 -48.09 29.07
CA LYS L 213 31.07 -47.78 27.66
C LYS L 213 31.37 -46.31 27.30
N LYS L 214 30.71 -45.78 26.27
CA LYS L 214 30.88 -44.38 25.83
C LYS L 214 30.11 -43.37 26.72
N LYS L 215 30.66 -42.17 26.86
CA LYS L 215 30.06 -41.11 27.68
C LYS L 215 28.98 -40.29 26.98
N ALA L 216 28.03 -39.78 27.77
CA ALA L 216 26.92 -38.98 27.27
C ALA L 216 27.36 -37.68 26.58
N ALA L 217 26.79 -37.43 25.40
CA ALA L 217 27.12 -36.22 24.65
C ALA L 217 25.86 -35.51 24.18
N PHE L 218 25.81 -34.20 24.41
CA PHE L 218 24.67 -33.38 24.01
C PHE L 218 24.82 -32.99 22.54
N LEU L 219 23.72 -33.10 21.81
CA LEU L 219 23.69 -32.74 20.39
C LEU L 219 22.50 -31.83 20.14
N GLY L 220 22.75 -30.66 19.55
CA GLY L 220 21.69 -29.70 19.22
C GLY L 220 20.79 -30.33 18.19
N SER L 221 19.53 -30.55 18.55
CA SER L 221 18.59 -31.21 17.65
C SER L 221 17.16 -31.07 18.12
N GLU L 222 16.26 -31.80 17.46
CA GLU L 222 14.84 -31.75 17.81
C GLU L 222 14.09 -32.97 17.31
N VAL L 223 13.00 -33.30 18.02
CA VAL L 223 12.13 -34.39 17.64
C VAL L 223 10.70 -33.81 17.74
N ARG L 224 9.98 -33.86 16.64
CA ARG L 224 8.62 -33.31 16.61
C ARG L 224 7.60 -34.41 16.42
N LEU L 225 6.72 -34.55 17.41
CA LEU L 225 5.68 -35.56 17.39
C LEU L 225 4.30 -34.88 17.21
N ARG L 226 4.10 -34.19 16.08
CA ARG L 226 2.83 -33.48 15.87
C ARG L 226 1.62 -34.39 15.88
N ASP L 227 0.61 -33.95 16.62
CA ASP L 227 -0.65 -34.68 16.73
C ASP L 227 -1.74 -33.61 16.84
N ASP L 228 -2.45 -33.37 15.74
CA ASP L 228 -3.50 -32.36 15.73
C ASP L 228 -4.78 -32.76 16.46
N THR L 229 -4.89 -34.03 16.84
CA THR L 229 -6.07 -34.48 17.57
C THR L 229 -6.02 -34.11 19.06
N LEU L 230 -4.84 -33.73 19.57
CA LEU L 230 -4.71 -33.35 20.98
C LEU L 230 -5.16 -31.89 21.18
N PRO L 231 -5.69 -31.55 22.37
CA PRO L 231 -6.16 -30.19 22.65
C PRO L 231 -5.08 -29.17 23.00
N LYS L 232 -3.85 -29.63 23.16
CA LYS L 232 -2.77 -28.73 23.53
C LYS L 232 -1.47 -28.97 22.74
N ALA L 233 -0.50 -28.13 23.04
CA ALA L 233 0.83 -28.22 22.46
C ALA L 233 1.71 -28.35 23.70
N TRP L 234 2.44 -29.46 23.79
CA TRP L 234 3.35 -29.68 24.92
C TRP L 234 4.76 -29.64 24.36
N ILE L 235 5.59 -28.77 24.90
CA ILE L 235 6.95 -28.67 24.43
C ILE L 235 7.93 -28.58 25.59
N SER L 236 9.17 -29.02 25.33
CA SER L 236 10.27 -28.99 26.30
C SER L 236 11.49 -28.55 25.48
N LEU L 237 12.26 -27.61 26.01
CA LEU L 237 13.42 -27.10 25.30
C LEU L 237 14.55 -26.89 26.31
N ALA L 238 15.79 -27.20 25.92
CA ALA L 238 16.91 -27.06 26.85
C ALA L 238 18.29 -27.02 26.21
N VAL L 239 19.26 -26.48 26.95
CA VAL L 239 20.64 -26.44 26.49
C VAL L 239 21.36 -27.52 27.29
N GLU L 240 22.62 -27.79 26.94
CA GLU L 240 23.36 -28.77 27.72
C GLU L 240 23.60 -28.15 29.10
N GLY L 241 23.15 -28.84 30.14
CA GLY L 241 23.30 -28.36 31.50
C GLY L 241 24.53 -28.82 32.25
N GLU L 242 24.37 -29.06 33.54
CA GLU L 242 25.47 -29.47 34.40
C GLU L 242 25.37 -30.89 34.97
N PRO L 243 26.50 -31.60 35.06
CA PRO L 243 26.49 -32.96 35.62
C PRO L 243 26.63 -32.82 37.13
N VAL L 244 26.24 -33.85 37.89
CA VAL L 244 26.38 -33.80 39.34
C VAL L 244 27.89 -33.72 39.61
N ASN L 245 28.26 -32.86 40.56
CA ASN L 245 29.66 -32.60 40.91
C ASN L 245 30.30 -31.51 40.06
N SER L 246 29.48 -30.80 39.28
CA SER L 246 29.96 -29.70 38.48
C SER L 246 30.11 -28.50 39.42
N PRO L 247 31.11 -27.63 39.17
CA PRO L 247 31.31 -26.46 40.02
C PRO L 247 30.09 -25.53 39.97
N ASN L 248 29.36 -25.56 38.86
CA ASN L 248 28.19 -24.71 38.67
C ASN L 248 26.85 -25.40 38.91
N TYR L 249 26.86 -26.52 39.63
CA TYR L 249 25.66 -27.26 39.94
C TYR L 249 24.58 -26.40 40.61
N PHE L 250 24.99 -25.61 41.60
CA PHE L 250 24.06 -24.75 42.32
C PHE L 250 23.72 -23.47 41.56
N VAL L 251 24.68 -22.97 40.78
CA VAL L 251 24.46 -21.76 39.99
C VAL L 251 23.38 -22.06 38.94
N ALA L 252 23.49 -23.21 38.30
CA ALA L 252 22.54 -23.61 37.28
C ALA L 252 21.15 -23.78 37.89
N LYS L 253 21.08 -24.33 39.10
CA LYS L 253 19.80 -24.53 39.77
C LYS L 253 19.18 -23.20 40.19
N LEU L 254 20.03 -22.24 40.53
CA LEU L 254 19.56 -20.91 40.94
C LEU L 254 19.02 -20.20 39.71
N ALA L 255 19.67 -20.41 38.57
CA ALA L 255 19.23 -19.83 37.31
C ALA L 255 17.83 -20.33 36.96
N ALA L 256 17.60 -21.64 37.10
CA ALA L 256 16.28 -22.21 36.80
C ALA L 256 15.22 -21.63 37.74
N GLN L 257 15.59 -21.44 39.01
CA GLN L 257 14.69 -20.91 40.03
C GLN L 257 14.22 -19.47 39.71
N ILE L 258 15.07 -18.72 39.03
CA ILE L 258 14.79 -17.34 38.62
C ILE L 258 13.54 -17.28 37.73
N PHE L 259 13.39 -18.23 36.83
CA PHE L 259 12.23 -18.25 35.93
C PHE L 259 11.12 -19.14 36.48
N GLY L 260 11.51 -20.04 37.37
CA GLY L 260 10.59 -20.94 38.06
C GLY L 260 9.54 -21.72 37.34
N SER L 261 8.44 -21.97 38.04
CA SER L 261 7.30 -22.72 37.55
C SER L 261 6.07 -21.82 37.60
N TYR L 262 5.03 -22.16 36.85
CA TYR L 262 3.85 -21.33 36.79
C TYR L 262 2.63 -22.11 36.33
N ASN L 263 1.50 -21.87 37.00
CA ASN L 263 0.23 -22.48 36.66
C ASN L 263 -0.74 -21.30 36.50
N ALA L 264 -1.08 -20.98 35.26
CA ALA L 264 -1.99 -19.88 34.95
C ALA L 264 -3.34 -19.90 35.66
N PHE L 265 -3.69 -21.04 36.28
CA PHE L 265 -4.97 -21.17 36.96
C PHE L 265 -4.99 -20.90 38.45
N GLU L 266 -3.80 -20.82 39.04
CA GLU L 266 -3.66 -20.57 40.46
C GLU L 266 -3.33 -19.11 40.70
N PRO L 267 -4.25 -18.36 41.32
CA PRO L 267 -4.09 -16.94 41.64
C PRO L 267 -2.70 -16.50 42.14
N ALA L 268 -2.17 -17.19 43.14
CA ALA L 268 -0.85 -16.85 43.68
C ALA L 268 0.27 -17.04 42.67
N SER L 269 0.16 -18.05 41.82
CA SER L 269 1.20 -18.33 40.82
C SER L 269 1.36 -17.18 39.83
N ARG L 270 0.25 -16.50 39.53
CA ARG L 270 0.25 -15.37 38.61
C ARG L 270 0.92 -14.13 39.19
N LEU L 271 1.09 -14.11 40.52
CA LEU L 271 1.69 -12.98 41.21
C LEU L 271 3.19 -13.07 41.52
N GLN L 272 3.85 -14.15 41.12
CA GLN L 272 5.28 -14.32 41.39
C GLN L 272 6.13 -13.23 40.77
N GLY L 273 7.30 -13.01 41.37
CA GLY L 273 8.24 -12.00 40.88
C GLY L 273 9.14 -12.53 39.78
N ILE L 274 8.52 -12.87 38.66
CA ILE L 274 9.24 -13.38 37.49
C ILE L 274 8.82 -12.47 36.37
N LYS L 275 9.78 -11.70 35.86
CA LYS L 275 9.52 -10.73 34.79
C LYS L 275 8.82 -11.35 33.58
N LEU L 276 9.18 -12.59 33.27
CA LEU L 276 8.59 -13.30 32.13
C LEU L 276 7.06 -13.30 32.21
N LEU L 277 6.53 -13.29 33.43
CA LEU L 277 5.09 -13.30 33.61
C LEU L 277 4.37 -12.09 33.06
N ASP L 278 5.06 -10.95 33.01
CA ASP L 278 4.46 -9.73 32.46
C ASP L 278 4.24 -9.85 30.95
N ASN L 279 5.07 -10.65 30.29
CA ASN L 279 4.99 -10.86 28.84
C ASN L 279 4.03 -11.94 28.40
N ILE L 280 3.82 -12.95 29.24
CA ILE L 280 2.95 -14.05 28.82
C ILE L 280 1.51 -14.04 29.30
N GLN L 281 1.19 -13.18 30.24
CA GLN L 281 -0.17 -13.12 30.74
C GLN L 281 -1.13 -12.20 29.97
N GLU L 282 -0.59 -11.24 29.22
CA GLU L 282 -1.42 -10.33 28.44
C GLU L 282 -2.32 -11.08 27.48
N TYR L 283 -1.74 -11.99 26.70
CA TYR L 283 -2.47 -12.81 25.73
C TYR L 283 -2.60 -14.27 26.16
N GLN L 284 -2.17 -14.57 27.38
CA GLN L 284 -2.18 -15.91 27.97
C GLN L 284 -1.55 -16.95 27.06
N LEU L 285 -0.23 -16.84 26.95
CA LEU L 285 0.57 -17.72 26.10
C LEU L 285 0.66 -19.19 26.51
N CYS L 286 0.27 -19.51 27.74
CA CYS L 286 0.32 -20.90 28.17
C CYS L 286 -0.48 -21.16 29.43
N ASP L 287 -0.75 -22.44 29.68
CA ASP L 287 -1.49 -22.87 30.86
C ASP L 287 -0.50 -23.07 32.00
N ASN L 288 0.75 -23.40 31.64
CA ASN L 288 1.78 -23.64 32.63
C ASN L 288 3.13 -23.84 31.98
N PHE L 289 4.17 -23.77 32.83
CA PHE L 289 5.55 -23.99 32.43
C PHE L 289 6.34 -24.26 33.70
N ASN L 290 7.56 -24.78 33.52
CA ASN L 290 8.44 -25.06 34.64
C ASN L 290 9.88 -25.18 34.15
N HIS L 291 10.76 -24.41 34.77
CA HIS L 291 12.16 -24.47 34.42
C HIS L 291 12.86 -25.58 35.21
N PHE L 292 13.94 -26.11 34.67
CA PHE L 292 14.63 -27.17 35.35
C PHE L 292 16.12 -27.20 35.09
N SER L 293 16.86 -27.81 36.01
CA SER L 293 18.29 -27.98 35.87
C SER L 293 18.56 -29.44 36.23
N LEU L 294 18.27 -30.31 35.27
CA LEU L 294 18.47 -31.74 35.43
C LEU L 294 19.96 -32.07 35.42
N SER L 295 20.39 -32.85 36.41
CA SER L 295 21.80 -33.23 36.52
C SER L 295 21.99 -34.72 36.68
N TYR L 296 22.88 -35.28 35.87
CA TYR L 296 23.20 -36.69 35.91
C TYR L 296 24.72 -36.86 36.04
N LYS L 297 25.17 -38.11 36.00
CA LYS L 297 26.59 -38.40 36.13
C LYS L 297 27.47 -37.79 35.03
N ASP L 298 27.08 -37.96 33.76
CA ASP L 298 27.87 -37.46 32.63
C ASP L 298 27.55 -36.07 32.07
N SER L 299 26.29 -35.66 32.17
CA SER L 299 25.85 -34.37 31.62
C SER L 299 24.54 -33.94 32.27
N GLY L 300 24.04 -32.78 31.86
CA GLY L 300 22.79 -32.26 32.38
C GLY L 300 21.97 -31.58 31.31
N LEU L 301 20.81 -31.06 31.71
CA LEU L 301 19.93 -30.36 30.79
C LEU L 301 19.30 -29.20 31.52
N TRP L 302 19.50 -28.00 30.99
CA TRP L 302 18.93 -26.81 31.61
C TRP L 302 17.92 -26.24 30.61
N GLY L 303 16.68 -26.07 31.07
CA GLY L 303 15.65 -25.55 30.20
C GLY L 303 14.29 -25.47 30.83
N PHE L 304 13.25 -25.70 30.02
CA PHE L 304 11.88 -25.62 30.52
C PHE L 304 10.87 -26.44 29.72
N SER L 305 9.72 -26.66 30.33
CA SER L 305 8.64 -27.40 29.69
C SER L 305 7.41 -26.51 29.79
N THR L 306 6.57 -26.55 28.77
CA THR L 306 5.36 -25.74 28.78
C THR L 306 4.20 -26.48 28.15
N ALA L 307 3.00 -26.07 28.52
CA ALA L 307 1.77 -26.65 27.99
C ALA L 307 0.90 -25.44 27.63
N THR L 308 0.31 -25.45 26.43
CA THR L 308 -0.50 -24.33 26.00
C THR L 308 -1.62 -24.68 25.04
N ARG L 309 -2.70 -23.92 25.15
CA ARG L 309 -3.86 -24.08 24.29
C ARG L 309 -3.86 -22.93 23.28
N ASN L 310 -3.00 -21.95 23.50
CA ASN L 310 -2.89 -20.81 22.59
C ASN L 310 -1.96 -21.24 21.46
N VAL L 311 -2.49 -22.11 20.61
CA VAL L 311 -1.76 -22.68 19.50
C VAL L 311 -1.34 -21.70 18.39
N THR L 312 -1.84 -20.47 18.44
CA THR L 312 -1.47 -19.49 17.42
C THR L 312 -0.44 -18.50 17.90
N MET L 313 -0.04 -18.59 19.16
CA MET L 313 0.95 -17.67 19.68
C MET L 313 2.16 -18.38 20.33
N ILE L 314 2.43 -19.60 19.87
CA ILE L 314 3.53 -20.38 20.39
C ILE L 314 4.84 -19.67 20.09
N ASP L 315 4.95 -19.01 18.94
CA ASP L 315 6.17 -18.28 18.61
C ASP L 315 6.46 -17.18 19.65
N ASP L 316 5.41 -16.58 20.22
CA ASP L 316 5.60 -15.55 21.24
C ASP L 316 6.03 -16.16 22.59
N LEU L 317 5.43 -17.30 22.94
CA LEU L 317 5.77 -18.01 24.17
C LEU L 317 7.26 -18.30 24.18
N ILE L 318 7.74 -18.92 23.10
CA ILE L 318 9.14 -19.28 22.96
C ILE L 318 10.06 -18.07 22.89
N HIS L 319 9.65 -17.09 22.09
CA HIS L 319 10.40 -15.86 21.88
C HIS L 319 10.64 -15.13 23.21
N PHE L 320 9.57 -14.95 23.98
CA PHE L 320 9.65 -14.26 25.26
C PHE L 320 10.46 -15.00 26.31
N THR L 321 10.33 -16.33 26.33
CA THR L 321 11.07 -17.13 27.30
C THR L 321 12.55 -17.06 26.98
N LEU L 322 12.92 -17.35 25.73
CA LEU L 322 14.33 -17.30 25.37
C LEU L 322 14.91 -15.90 25.50
N LYS L 323 14.07 -14.88 25.32
CA LYS L 323 14.56 -13.51 25.46
C LYS L 323 14.84 -13.21 26.92
N GLN L 324 14.09 -13.83 27.82
CA GLN L 324 14.36 -13.65 29.25
C GLN L 324 15.66 -14.38 29.59
N TRP L 325 15.89 -15.55 28.98
CA TRP L 325 17.11 -16.31 29.26
C TRP L 325 18.36 -15.51 28.88
N ASN L 326 18.28 -14.73 27.80
CA ASN L 326 19.41 -13.90 27.34
C ASN L 326 19.84 -12.97 28.47
N ARG L 327 18.84 -12.50 29.22
CA ARG L 327 19.08 -11.60 30.33
C ARG L 327 20.05 -12.17 31.37
N LEU L 328 20.05 -13.49 31.53
CA LEU L 328 20.96 -14.11 32.49
C LEU L 328 22.41 -13.82 32.16
N THR L 329 22.69 -13.56 30.89
CA THR L 329 24.05 -13.27 30.45
C THR L 329 24.40 -11.79 30.51
N ILE L 330 23.40 -10.94 30.22
CA ILE L 330 23.65 -9.51 30.17
C ILE L 330 23.01 -8.55 31.17
N SER L 331 21.87 -8.90 31.76
CA SER L 331 21.22 -7.95 32.67
C SER L 331 20.51 -8.45 33.92
N VAL L 332 20.66 -9.73 34.28
CA VAL L 332 19.99 -10.26 35.47
C VAL L 332 20.27 -9.35 36.69
N THR L 333 19.23 -8.99 37.43
CA THR L 333 19.40 -8.11 38.57
C THR L 333 19.66 -8.81 39.89
N ASP L 334 20.31 -8.05 40.77
CA ASP L 334 20.65 -8.47 42.12
C ASP L 334 19.45 -9.07 42.83
N THR L 335 18.33 -8.34 42.83
CA THR L 335 17.10 -8.79 43.46
C THR L 335 16.59 -10.11 42.88
N GLU L 336 16.80 -10.32 41.59
CA GLU L 336 16.35 -11.56 40.96
C GLU L 336 17.18 -12.73 41.49
N VAL L 337 18.47 -12.48 41.71
CA VAL L 337 19.37 -13.50 42.23
C VAL L 337 19.07 -13.80 43.70
N GLU L 338 18.73 -12.76 44.45
CA GLU L 338 18.40 -12.92 45.85
C GLU L 338 17.06 -13.62 46.06
N ARG L 339 16.11 -13.41 45.16
CA ARG L 339 14.81 -14.07 45.27
C ARG L 339 15.00 -15.55 44.94
N ALA L 340 15.90 -15.84 44.00
CA ALA L 340 16.19 -17.20 43.59
C ALA L 340 16.90 -17.98 44.70
N LYS L 341 17.79 -17.31 45.41
CA LYS L 341 18.52 -17.94 46.51
C LYS L 341 17.52 -18.43 47.55
N SER L 342 16.62 -17.55 47.97
CA SER L 342 15.61 -17.89 48.97
C SER L 342 14.76 -19.09 48.58
N LEU L 343 14.26 -19.09 47.35
CA LEU L 343 13.40 -20.15 46.86
C LEU L 343 14.10 -21.46 46.55
N LEU L 344 15.38 -21.40 46.19
CA LEU L 344 16.16 -22.60 45.90
C LEU L 344 16.31 -23.35 47.23
N LYS L 345 16.64 -22.60 48.27
CA LYS L 345 16.79 -23.13 49.62
C LYS L 345 15.51 -23.83 50.00
N LEU L 346 14.40 -23.13 49.81
CA LEU L 346 13.09 -23.67 50.12
C LEU L 346 12.84 -24.98 49.38
N GLN L 347 13.20 -25.03 48.10
CA GLN L 347 12.93 -26.26 47.35
C GLN L 347 13.88 -27.39 47.76
N LEU L 348 15.13 -27.05 48.04
CA LEU L 348 16.12 -28.02 48.49
C LEU L 348 15.66 -28.56 49.84
N GLY L 349 15.03 -27.68 50.61
CA GLY L 349 14.51 -28.07 51.91
C GLY L 349 13.40 -29.09 51.77
N GLN L 350 12.38 -28.78 50.97
CA GLN L 350 11.26 -29.70 50.78
C GLN L 350 11.66 -31.05 50.17
N LEU L 351 12.78 -31.07 49.47
CA LEU L 351 13.29 -32.28 48.81
C LEU L 351 14.04 -33.16 49.81
N TYR L 352 15.10 -32.61 50.39
CA TYR L 352 15.96 -33.31 51.34
C TYR L 352 15.39 -33.53 52.73
N GLU L 353 14.36 -32.78 53.11
CA GLU L 353 13.76 -33.00 54.41
C GLU L 353 12.25 -33.10 54.45
N SER L 354 11.76 -34.12 53.74
CA SER L 354 10.35 -34.46 53.72
C SER L 354 10.22 -35.48 54.85
N GLY L 355 9.00 -35.72 55.33
CA GLY L 355 8.86 -36.69 56.40
C GLY L 355 8.95 -38.13 55.92
N ASN L 356 9.20 -38.30 54.62
CA ASN L 356 9.25 -39.61 53.98
C ASN L 356 10.61 -40.33 53.90
N PRO L 357 10.72 -41.48 54.58
CA PRO L 357 11.92 -42.31 54.62
C PRO L 357 12.35 -42.91 53.27
N VAL L 358 11.39 -43.29 52.42
CA VAL L 358 11.76 -43.87 51.11
C VAL L 358 12.41 -42.81 50.19
N ASN L 359 12.01 -41.55 50.33
CA ASN L 359 12.60 -40.47 49.52
C ASN L 359 14.05 -40.28 49.95
N ASP L 360 14.27 -40.30 51.26
CA ASP L 360 15.62 -40.12 51.81
C ASP L 360 16.54 -41.30 51.52
N ALA L 361 15.95 -42.48 51.34
CA ALA L 361 16.73 -43.67 51.03
C ALA L 361 17.31 -43.56 49.62
N ASN L 362 16.46 -43.18 48.67
CA ASN L 362 16.85 -42.99 47.28
C ASN L 362 17.90 -41.90 47.14
N LEU L 363 17.70 -40.79 47.85
CA LEU L 363 18.64 -39.68 47.80
C LEU L 363 19.98 -40.05 48.44
N LEU L 364 19.93 -40.79 49.55
CA LEU L 364 21.14 -41.22 50.25
C LEU L 364 21.96 -42.16 49.38
N GLY L 365 21.30 -43.20 48.88
CA GLY L 365 21.98 -44.16 48.04
C GLY L 365 22.57 -43.57 46.79
N ALA L 366 21.72 -42.95 45.96
CA ALA L 366 22.15 -42.36 44.71
C ALA L 366 23.30 -41.38 44.88
N GLU L 367 23.32 -40.67 46.00
CA GLU L 367 24.39 -39.71 46.25
C GLU L 367 25.71 -40.31 46.71
N VAL L 368 25.66 -41.27 47.63
CA VAL L 368 26.88 -41.90 48.13
C VAL L 368 27.53 -42.70 47.01
N LEU L 369 26.71 -43.20 46.08
CA LEU L 369 27.18 -43.97 44.93
C LEU L 369 28.01 -43.12 43.96
N ILE L 370 27.96 -41.81 44.13
CA ILE L 370 28.70 -40.88 43.28
C ILE L 370 29.79 -40.13 44.04
N LYS L 371 29.39 -39.34 45.05
CA LYS L 371 30.36 -38.56 45.83
C LYS L 371 30.87 -39.25 47.11
N GLY L 372 30.20 -40.32 47.52
CA GLY L 372 30.64 -41.03 48.72
C GLY L 372 29.90 -40.68 49.99
N SER L 373 29.03 -39.66 49.93
CA SER L 373 28.26 -39.22 51.08
C SER L 373 27.30 -38.10 50.68
N LYS L 374 26.06 -38.18 51.16
CA LYS L 374 25.05 -37.18 50.86
C LYS L 374 25.48 -35.80 51.38
N LEU L 375 25.16 -34.75 50.62
CA LEU L 375 25.52 -33.39 50.99
C LEU L 375 24.53 -32.81 51.99
N SER L 376 25.07 -32.13 53.01
CA SER L 376 24.25 -31.51 54.04
C SER L 376 23.68 -30.21 53.52
N LEU L 377 22.47 -29.87 53.97
CA LEU L 377 21.83 -28.64 53.54
C LEU L 377 22.62 -27.42 53.98
N GLY L 378 23.17 -27.48 55.18
CA GLY L 378 23.96 -26.38 55.71
C GLY L 378 25.06 -25.95 54.76
N GLU L 379 25.74 -26.92 54.16
CA GLU L 379 26.81 -26.61 53.21
C GLU L 379 26.23 -26.15 51.87
N ALA L 380 25.12 -26.75 51.46
CA ALA L 380 24.44 -26.38 50.23
C ALA L 380 23.99 -24.92 50.33
N PHE L 381 23.38 -24.58 51.46
CA PHE L 381 22.90 -23.23 51.70
C PHE L 381 24.03 -22.20 51.68
N LYS L 382 25.21 -22.62 52.12
CA LYS L 382 26.36 -21.73 52.15
C LYS L 382 26.87 -21.45 50.73
N LYS L 383 26.85 -22.48 49.87
CA LYS L 383 27.29 -22.30 48.49
C LYS L 383 26.27 -21.42 47.74
N ILE L 384 24.99 -21.61 48.05
CA ILE L 384 23.91 -20.86 47.45
C ILE L 384 23.99 -19.39 47.85
N ASP L 385 24.26 -19.12 49.12
CA ASP L 385 24.35 -17.75 49.58
C ASP L 385 25.55 -17.00 49.01
N ALA L 386 26.53 -17.74 48.51
CA ALA L 386 27.75 -17.14 47.95
C ALA L 386 27.67 -16.79 46.47
N ILE L 387 26.62 -17.27 45.80
CA ILE L 387 26.42 -17.02 44.37
C ILE L 387 26.16 -15.53 44.12
N THR L 388 26.95 -14.95 43.23
CA THR L 388 26.83 -13.53 42.88
C THR L 388 26.21 -13.39 41.50
N VAL L 389 25.83 -12.16 41.17
CA VAL L 389 25.24 -11.86 39.86
C VAL L 389 26.27 -12.26 38.79
N LYS L 390 27.54 -11.98 39.08
CA LYS L 390 28.62 -12.33 38.15
C LYS L 390 28.70 -13.82 37.91
N ASP L 391 28.49 -14.62 38.96
CA ASP L 391 28.54 -16.07 38.84
C ASP L 391 27.49 -16.52 37.83
N VAL L 392 26.29 -15.98 37.97
CA VAL L 392 25.17 -16.29 37.08
C VAL L 392 25.49 -15.86 35.65
N LYS L 393 25.96 -14.63 35.47
CA LYS L 393 26.31 -14.15 34.12
C LYS L 393 27.39 -14.98 33.46
N ALA L 394 28.46 -15.29 34.20
CA ALA L 394 29.56 -16.08 33.67
C ALA L 394 29.06 -17.46 33.24
N TRP L 395 28.16 -18.02 34.05
CA TRP L 395 27.60 -19.32 33.76
C TRP L 395 26.69 -19.27 32.53
N ALA L 396 25.81 -18.27 32.48
CA ALA L 396 24.89 -18.11 31.36
C ALA L 396 25.67 -17.84 30.08
N GLY L 397 26.79 -17.14 30.22
CA GLY L 397 27.63 -16.82 29.08
C GLY L 397 28.21 -18.07 28.42
N LYS L 398 28.26 -19.17 29.15
CA LYS L 398 28.83 -20.39 28.58
C LYS L 398 27.85 -21.49 28.24
N ARG L 399 26.76 -21.59 28.98
CA ARG L 399 25.76 -22.63 28.74
C ARG L 399 24.51 -22.17 27.98
N LEU L 400 24.27 -20.85 27.98
CA LEU L 400 23.08 -20.30 27.36
C LEU L 400 23.29 -19.43 26.12
N TRP L 401 24.08 -18.36 26.25
CA TRP L 401 24.33 -17.45 25.15
C TRP L 401 24.83 -18.06 23.85
N ASP L 402 23.96 -18.07 22.85
CA ASP L 402 24.30 -18.57 21.53
C ASP L 402 24.80 -20.01 21.58
N GLN L 403 24.07 -20.87 22.28
CA GLN L 403 24.40 -22.29 22.40
C GLN L 403 23.33 -23.18 21.78
N ASP L 404 23.74 -24.35 21.28
CA ASP L 404 22.81 -25.30 20.68
C ASP L 404 21.69 -25.71 21.65
N ILE L 405 20.53 -26.02 21.11
CA ILE L 405 19.38 -26.39 21.92
C ILE L 405 18.77 -27.73 21.49
N ALA L 406 18.06 -28.33 22.41
CA ALA L 406 17.39 -29.60 22.15
C ALA L 406 15.91 -29.30 22.34
N ILE L 407 15.11 -29.73 21.36
CA ILE L 407 13.67 -29.49 21.42
C ILE L 407 12.87 -30.77 21.20
N ALA L 408 11.70 -30.85 21.82
CA ALA L 408 10.80 -31.97 21.68
C ALA L 408 9.41 -31.39 21.94
N GLY L 409 8.41 -31.90 21.24
CA GLY L 409 7.06 -31.42 21.44
C GLY L 409 6.04 -32.33 20.78
N THR L 410 4.82 -32.31 21.30
CA THR L 410 3.75 -33.11 20.73
C THR L 410 2.47 -32.30 20.78
N GLY L 411 1.44 -32.79 20.11
CA GLY L 411 0.18 -32.08 20.08
C GLY L 411 0.13 -31.06 18.95
N GLN L 412 -0.63 -29.98 19.17
CA GLN L 412 -0.79 -28.95 18.15
C GLN L 412 0.39 -28.00 18.06
N ILE L 413 1.50 -28.52 17.55
CA ILE L 413 2.74 -27.74 17.43
C ILE L 413 3.03 -27.11 16.07
N GLU L 414 2.01 -26.93 15.25
CA GLU L 414 2.24 -26.31 13.95
C GLU L 414 2.83 -24.92 14.11
N GLY L 415 2.39 -24.23 15.17
CA GLY L 415 2.85 -22.89 15.47
C GLY L 415 4.26 -22.82 16.03
N LEU L 416 4.87 -23.97 16.30
CA LEU L 416 6.24 -24.00 16.79
C LEU L 416 7.10 -23.88 15.53
N LEU L 417 7.80 -22.76 15.41
CA LEU L 417 8.65 -22.51 14.25
C LEU L 417 9.86 -23.45 14.17
N ASP L 418 10.56 -23.38 13.05
CA ASP L 418 11.75 -24.18 12.77
C ASP L 418 12.84 -24.03 13.81
N TYR L 419 13.80 -24.97 13.76
CA TYR L 419 14.92 -24.99 14.68
C TYR L 419 15.70 -23.68 14.70
N MET L 420 16.18 -23.25 13.54
CA MET L 420 16.96 -22.02 13.42
C MET L 420 16.32 -20.79 14.03
N ARG L 421 15.03 -20.61 13.80
CA ARG L 421 14.31 -19.47 14.36
C ARG L 421 14.35 -19.49 15.88
N ILE L 422 14.28 -20.69 16.46
CA ILE L 422 14.35 -20.87 17.90
C ILE L 422 15.80 -20.67 18.35
N ARG L 423 16.73 -21.30 17.63
CA ARG L 423 18.16 -21.23 17.95
C ARG L 423 18.68 -19.79 17.89
N SER L 424 18.16 -19.00 16.95
CA SER L 424 18.54 -17.60 16.82
C SER L 424 18.30 -16.80 18.10
N ASP L 425 17.13 -17.02 18.72
CA ASP L 425 16.77 -16.32 19.94
C ASP L 425 17.61 -16.61 21.16
N MET L 426 18.68 -17.41 21.01
CA MET L 426 19.55 -17.73 22.15
C MET L 426 20.56 -16.60 22.39
N SER L 427 20.51 -15.57 21.56
CA SER L 427 21.38 -14.41 21.70
C SER L 427 20.64 -13.17 21.19
N MET L 428 21.26 -12.01 21.35
CA MET L 428 20.68 -10.74 20.90
C MET L 428 21.67 -10.00 20.04
N MET L 429 21.17 -9.04 19.26
CA MET L 429 22.01 -8.22 18.41
C MET L 429 22.63 -7.14 19.29
N ARG L 430 23.84 -6.69 18.95
CA ARG L 430 24.48 -5.63 19.71
C ARG L 430 25.54 -4.90 18.87
N TRP L 431 25.96 -3.72 19.32
CA TRP L 431 26.96 -2.96 18.58
C TRP L 431 28.39 -3.48 18.82
N LEU M 1 -8.50 -22.69 71.05
CA LEU M 1 -7.18 -22.16 70.58
C LEU M 1 -6.07 -23.15 70.93
N THR M 2 -6.23 -24.38 70.45
CA THR M 2 -5.25 -25.43 70.68
C THR M 2 -4.01 -25.13 69.85
N VAL M 3 -2.83 -25.18 70.48
CA VAL M 3 -1.58 -24.91 69.79
C VAL M 3 -0.54 -25.98 70.09
N SER M 4 -0.27 -26.84 69.11
CA SER M 4 0.70 -27.92 69.26
C SER M 4 1.86 -27.76 68.27
N ALA M 5 2.98 -28.44 68.54
CA ALA M 5 4.15 -28.38 67.67
C ALA M 5 5.19 -29.43 68.03
N ARG M 6 6.03 -29.79 67.07
CA ARG M 6 7.07 -30.79 67.27
C ARG M 6 8.37 -30.32 66.64
N ASP M 7 9.31 -29.88 67.47
CA ASP M 7 10.60 -29.36 67.03
C ASP M 7 11.57 -30.38 66.41
N ALA M 8 12.60 -29.85 65.74
CA ALA M 8 13.63 -30.64 65.08
C ALA M 8 14.74 -29.68 64.62
N PRO M 9 15.97 -30.18 64.39
CA PRO M 9 17.10 -29.37 63.94
C PRO M 9 17.22 -29.27 62.42
N THR M 10 16.14 -28.85 61.76
CA THR M 10 16.15 -28.75 60.31
C THR M 10 16.26 -27.31 59.79
N LYS M 11 16.10 -27.16 58.48
CA LYS M 11 16.17 -25.86 57.80
C LYS M 11 14.78 -25.34 57.43
N ILE M 12 13.83 -26.26 57.27
CA ILE M 12 12.46 -25.95 56.87
C ILE M 12 11.41 -26.26 57.93
N SER M 13 10.41 -25.40 58.05
CA SER M 13 9.34 -25.59 59.01
C SER M 13 7.99 -25.54 58.31
N THR M 14 6.96 -26.03 58.98
CA THR M 14 5.62 -26.03 58.44
C THR M 14 4.61 -25.54 59.47
N LEU M 15 3.81 -24.57 59.06
CA LEU M 15 2.81 -23.96 59.92
C LEU M 15 1.43 -24.23 59.34
N ALA M 16 0.52 -24.70 60.18
CA ALA M 16 -0.83 -25.00 59.72
C ALA M 16 -1.88 -24.50 60.69
N VAL M 17 -2.92 -23.88 60.15
CA VAL M 17 -4.03 -23.39 60.96
C VAL M 17 -5.27 -24.12 60.45
N LYS M 18 -5.54 -25.25 61.10
CA LYS M 18 -6.68 -26.08 60.78
C LYS M 18 -7.94 -25.40 61.27
N VAL M 19 -8.96 -25.32 60.41
CA VAL M 19 -10.21 -24.69 60.78
C VAL M 19 -11.35 -25.63 60.43
N HIS M 20 -12.21 -25.88 61.40
CA HIS M 20 -13.34 -26.78 61.17
C HIS M 20 -14.38 -26.09 60.28
N GLY M 21 -14.00 -25.86 59.03
CA GLY M 21 -14.89 -25.21 58.09
C GLY M 21 -15.00 -25.93 56.77
N GLY M 22 -14.74 -27.23 56.77
CA GLY M 22 -14.84 -28.01 55.55
C GLY M 22 -16.23 -28.02 54.96
N SER M 23 -16.38 -28.70 53.83
CA SER M 23 -17.67 -28.79 53.15
C SER M 23 -18.78 -29.29 54.06
N ARG M 24 -18.40 -30.06 55.07
CA ARG M 24 -19.35 -30.61 56.02
C ARG M 24 -20.09 -29.51 56.80
N TYR M 25 -19.46 -28.34 56.91
CA TYR M 25 -20.04 -27.21 57.63
C TYR M 25 -20.67 -26.14 56.74
N ALA M 26 -20.55 -26.30 55.41
CA ALA M 26 -21.07 -25.34 54.44
C ALA M 26 -22.57 -25.05 54.54
N THR M 27 -22.93 -23.78 54.75
CA THR M 27 -24.34 -23.41 54.87
C THR M 27 -25.07 -23.50 53.52
N LYS M 28 -24.32 -23.24 52.44
CA LYS M 28 -24.84 -23.31 51.09
C LYS M 28 -23.81 -24.11 50.27
N ASP M 29 -24.29 -24.89 49.31
CA ASP M 29 -23.41 -25.69 48.47
C ASP M 29 -22.28 -24.91 47.83
N GLY M 30 -21.05 -25.21 48.26
CA GLY M 30 -19.89 -24.56 47.70
C GLY M 30 -19.29 -23.36 48.40
N VAL M 31 -19.93 -22.87 49.46
CA VAL M 31 -19.38 -21.69 50.16
C VAL M 31 -18.05 -22.00 50.82
N ALA M 32 -17.90 -23.22 51.31
CA ALA M 32 -16.67 -23.62 51.97
C ALA M 32 -15.55 -23.60 50.92
N HIS M 33 -15.91 -23.99 49.69
CA HIS M 33 -14.99 -24.01 48.55
C HIS M 33 -14.53 -22.58 48.24
N LEU M 34 -15.49 -21.67 48.08
CA LEU M 34 -15.18 -20.28 47.77
C LEU M 34 -14.34 -19.63 48.86
N LEU M 35 -14.68 -19.88 50.12
CA LEU M 35 -13.91 -19.31 51.21
C LEU M 35 -12.46 -19.79 51.15
N ASN M 36 -12.27 -21.05 50.80
CA ASN M 36 -10.93 -21.63 50.71
C ASN M 36 -10.14 -20.97 49.59
N ARG M 37 -10.84 -20.67 48.49
CA ARG M 37 -10.25 -20.04 47.32
C ARG M 37 -10.04 -18.53 47.59
N PHE M 38 -10.68 -18.02 48.64
CA PHE M 38 -10.54 -16.61 48.99
C PHE M 38 -9.35 -16.35 49.88
N ASN M 39 -8.88 -17.39 50.58
CA ASN M 39 -7.73 -17.24 51.46
C ASN M 39 -6.50 -16.82 50.66
N PHE M 40 -5.70 -15.94 51.25
CA PHE M 40 -4.47 -15.42 50.65
C PHE M 40 -4.67 -14.33 49.61
N GLN M 41 -5.91 -13.90 49.45
CA GLN M 41 -6.23 -12.79 48.56
C GLN M 41 -5.84 -11.54 49.37
N ASN M 42 -6.37 -10.38 49.03
CA ASN M 42 -6.03 -9.16 49.76
C ASN M 42 -6.53 -9.14 51.20
N THR M 43 -5.70 -8.61 52.10
CA THR M 43 -6.09 -8.41 53.50
C THR M 43 -6.18 -6.88 53.58
N ASN M 44 -6.87 -6.36 54.59
CA ASN M 44 -7.01 -4.92 54.72
C ASN M 44 -5.71 -4.14 54.82
N THR M 45 -4.60 -4.81 55.15
CA THR M 45 -3.32 -4.12 55.27
C THR M 45 -2.23 -4.59 54.29
N ARG M 46 -2.37 -5.81 53.79
CA ARG M 46 -1.38 -6.36 52.87
C ARG M 46 -2.06 -7.05 51.68
N SER M 47 -1.65 -6.69 50.47
CA SER M 47 -2.24 -7.27 49.27
C SER M 47 -1.68 -8.66 48.98
N ALA M 48 -2.41 -9.42 48.16
CA ALA M 48 -2.00 -10.75 47.76
C ALA M 48 -0.64 -10.67 47.07
N LEU M 49 -0.46 -9.64 46.24
CA LEU M 49 0.77 -9.45 45.51
C LEU M 49 1.93 -9.25 46.48
N LYS M 50 1.75 -8.35 47.45
CA LYS M 50 2.81 -8.10 48.42
C LYS M 50 3.17 -9.33 49.23
N LEU M 51 2.17 -10.12 49.60
CA LEU M 51 2.39 -11.33 50.36
C LEU M 51 3.31 -12.31 49.62
N VAL M 52 2.99 -12.55 48.35
CA VAL M 52 3.77 -13.45 47.51
C VAL M 52 5.21 -12.96 47.30
N ARG M 53 5.34 -11.69 46.88
CA ARG M 53 6.64 -11.08 46.61
C ARG M 53 7.55 -11.04 47.82
N GLU M 54 6.98 -10.73 48.97
CA GLU M 54 7.73 -10.65 50.22
C GLU M 54 8.09 -12.04 50.74
N SER M 55 7.13 -12.95 50.71
CA SER M 55 7.36 -14.31 51.18
C SER M 55 8.39 -15.05 50.32
N GLU M 56 8.49 -14.67 49.04
CA GLU M 56 9.46 -15.29 48.15
C GLU M 56 10.86 -14.85 48.54
N LEU M 57 11.00 -13.57 48.87
CA LEU M 57 12.27 -13.02 49.31
C LEU M 57 12.71 -13.67 50.62
N LEU M 58 11.74 -13.99 51.48
CA LEU M 58 12.02 -14.65 52.76
C LEU M 58 12.42 -16.10 52.56
N GLY M 59 11.62 -16.82 51.77
CA GLY M 59 11.90 -18.20 51.48
C GLY M 59 10.77 -19.14 51.82
N GLY M 60 9.53 -18.73 51.53
CA GLY M 60 8.39 -19.57 51.84
C GLY M 60 7.18 -19.36 50.96
N THR M 61 6.23 -20.30 51.03
CA THR M 61 5.00 -20.22 50.25
C THR M 61 3.81 -20.56 51.12
N PHE M 62 2.63 -20.17 50.63
CA PHE M 62 1.39 -20.40 51.33
C PHE M 62 0.48 -21.26 50.48
N LYS M 63 -0.54 -21.84 51.09
CA LYS M 63 -1.51 -22.67 50.39
C LYS M 63 -2.72 -22.93 51.28
N SER M 64 -3.91 -22.99 50.69
CA SER M 64 -5.11 -23.23 51.45
C SER M 64 -5.82 -24.45 50.87
N THR M 65 -6.00 -25.49 51.69
CA THR M 65 -6.63 -26.73 51.26
C THR M 65 -8.01 -27.00 51.85
N LEU M 66 -8.89 -27.58 51.04
CA LEU M 66 -10.26 -27.92 51.44
C LEU M 66 -10.50 -29.42 51.63
N ASP M 67 -10.93 -29.79 52.84
CA ASP M 67 -11.24 -31.17 53.19
C ASP M 67 -12.75 -31.20 53.33
N ARG M 68 -13.28 -32.38 53.66
CA ARG M 68 -14.70 -32.53 53.87
C ARG M 68 -14.97 -32.03 55.32
N GLU M 69 -13.89 -31.89 56.09
CA GLU M 69 -13.92 -31.46 57.49
C GLU M 69 -13.26 -30.09 57.74
N TYR M 70 -12.06 -29.91 57.21
CA TYR M 70 -11.29 -28.68 57.40
C TYR M 70 -11.05 -27.76 56.20
N ILE M 71 -10.43 -26.63 56.53
CA ILE M 71 -9.97 -25.60 55.61
C ILE M 71 -8.62 -25.38 56.28
N THR M 72 -7.55 -25.85 55.65
CA THR M 72 -6.23 -25.71 56.24
C THR M 72 -5.36 -24.66 55.56
N LEU M 73 -4.90 -23.69 56.36
CA LEU M 73 -4.02 -22.66 55.86
C LEU M 73 -2.61 -23.05 56.25
N LYS M 74 -1.91 -23.73 55.34
CA LYS M 74 -0.55 -24.18 55.61
C LYS M 74 0.47 -23.22 55.03
N ALA M 75 1.68 -23.26 55.59
CA ALA M 75 2.77 -22.42 55.14
C ALA M 75 4.08 -23.15 55.36
N THR M 76 4.91 -23.22 54.33
CA THR M 76 6.20 -23.90 54.39
C THR M 76 7.26 -22.81 54.27
N PHE M 77 8.28 -22.84 55.12
CA PHE M 77 9.29 -21.78 55.10
C PHE M 77 10.57 -22.14 55.81
N LEU M 78 11.51 -21.18 55.83
CA LEU M 78 12.79 -21.34 56.52
C LEU M 78 12.61 -21.09 58.02
N LYS M 79 12.89 -22.12 58.81
CA LYS M 79 12.77 -22.14 60.28
C LYS M 79 12.78 -20.82 61.06
N ASP M 80 13.83 -20.03 60.91
CA ASP M 80 13.95 -18.76 61.64
C ASP M 80 12.96 -17.65 61.31
N ASP M 81 12.08 -17.85 60.34
CA ASP M 81 11.12 -16.80 59.97
C ASP M 81 9.69 -17.06 60.43
N LEU M 82 9.56 -17.94 61.43
CA LEU M 82 8.27 -18.32 62.00
C LEU M 82 7.27 -17.18 62.30
N PRO M 83 7.67 -16.14 63.07
CA PRO M 83 6.73 -15.07 63.37
C PRO M 83 6.01 -14.44 62.16
N TYR M 84 6.75 -14.19 61.08
CA TYR M 84 6.17 -13.62 59.89
C TYR M 84 5.00 -14.46 59.38
N TYR M 85 5.23 -15.77 59.27
CA TYR M 85 4.22 -16.69 58.79
C TYR M 85 3.07 -16.93 59.78
N VAL M 86 3.31 -16.70 61.07
CA VAL M 86 2.26 -16.86 62.07
C VAL M 86 1.35 -15.65 61.93
N ASN M 87 1.96 -14.48 61.77
CA ASN M 87 1.23 -13.22 61.59
C ASN M 87 0.49 -13.21 60.26
N ALA M 88 1.15 -13.73 59.22
CA ALA M 88 0.55 -13.80 57.89
C ALA M 88 -0.74 -14.61 57.91
N LEU M 89 -0.68 -15.82 58.49
CA LEU M 89 -1.86 -16.67 58.58
C LEU M 89 -2.92 -16.00 59.45
N ALA M 90 -2.47 -15.30 60.48
CA ALA M 90 -3.38 -14.61 61.39
C ALA M 90 -4.20 -13.56 60.66
N ASP M 91 -3.52 -12.71 59.88
CA ASP M 91 -4.18 -11.65 59.12
C ASP M 91 -5.24 -12.18 58.18
N VAL M 92 -5.00 -13.36 57.60
CA VAL M 92 -5.95 -13.96 56.67
C VAL M 92 -7.29 -14.19 57.36
N LEU M 93 -7.26 -14.88 58.50
CA LEU M 93 -8.48 -15.17 59.25
C LEU M 93 -9.14 -13.91 59.82
N TYR M 94 -8.32 -12.93 60.18
CA TYR M 94 -8.82 -11.69 60.77
C TYR M 94 -9.26 -10.58 59.83
N LYS M 95 -8.35 -10.09 58.99
CA LYS M 95 -8.67 -8.99 58.09
C LYS M 95 -8.67 -9.24 56.57
N THR M 96 -9.26 -10.33 56.11
CA THR M 96 -9.33 -10.60 54.67
C THR M 96 -10.31 -9.58 54.09
N ALA M 97 -9.87 -8.89 53.04
CA ALA M 97 -10.66 -7.84 52.39
C ALA M 97 -11.99 -8.20 51.74
N PHE M 98 -12.10 -9.36 51.10
CA PHE M 98 -13.34 -9.77 50.43
C PHE M 98 -13.89 -8.68 49.49
N LYS M 99 -13.02 -8.16 48.61
CA LYS M 99 -13.41 -7.13 47.64
C LYS M 99 -14.25 -7.79 46.55
N PRO M 100 -15.32 -7.13 46.10
CA PRO M 100 -16.18 -7.70 45.05
C PRO M 100 -15.42 -8.09 43.79
N HIS M 101 -14.45 -7.28 43.40
CA HIS M 101 -13.68 -7.58 42.20
C HIS M 101 -12.76 -8.78 42.33
N GLU M 102 -12.40 -9.14 43.56
CA GLU M 102 -11.56 -10.32 43.76
C GLU M 102 -12.40 -11.58 43.53
N LEU M 103 -13.69 -11.51 43.85
CA LEU M 103 -14.57 -12.66 43.66
C LEU M 103 -14.73 -12.96 42.17
N THR M 104 -14.87 -11.92 41.36
CA THR M 104 -15.05 -12.11 39.93
C THR M 104 -13.75 -12.32 39.14
N GLU M 105 -12.68 -11.64 39.54
CA GLU M 105 -11.40 -11.75 38.84
C GLU M 105 -10.51 -12.93 39.23
N SER M 106 -10.57 -13.37 40.49
CA SER M 106 -9.73 -14.47 40.96
C SER M 106 -10.44 -15.69 41.52
N VAL M 107 -11.21 -15.49 42.60
CA VAL M 107 -11.94 -16.55 43.29
C VAL M 107 -12.84 -17.45 42.44
N LEU M 108 -13.84 -16.87 41.77
CA LEU M 108 -14.73 -17.66 40.93
C LEU M 108 -14.00 -18.41 39.81
N PRO M 109 -13.04 -17.76 39.12
CA PRO M 109 -12.31 -18.44 38.06
C PRO M 109 -11.52 -19.64 38.61
N ALA M 110 -10.95 -19.47 39.81
CA ALA M 110 -10.18 -20.56 40.43
C ALA M 110 -11.10 -21.71 40.84
N ALA M 111 -12.28 -21.37 41.33
CA ALA M 111 -13.25 -22.38 41.74
C ALA M 111 -13.81 -23.12 40.52
N ARG M 112 -13.91 -22.40 39.40
CA ARG M 112 -14.40 -22.95 38.14
C ARG M 112 -13.43 -24.02 37.65
N TYR M 113 -12.14 -23.72 37.83
CA TYR M 113 -11.04 -24.60 37.44
C TYR M 113 -11.03 -25.87 38.31
N ASP M 114 -11.18 -25.68 39.63
CA ASP M 114 -11.21 -26.79 40.57
C ASP M 114 -12.34 -27.75 40.19
N TYR M 115 -13.51 -27.18 39.91
CA TYR M 115 -14.66 -27.97 39.51
C TYR M 115 -14.44 -28.63 38.15
N ALA M 116 -13.82 -27.89 37.23
CA ALA M 116 -13.54 -28.42 35.90
C ALA M 116 -12.63 -29.64 35.93
N VAL M 117 -11.55 -29.55 36.72
CA VAL M 117 -10.63 -30.68 36.85
C VAL M 117 -11.35 -31.88 37.47
N ALA M 118 -12.01 -31.62 38.60
CA ALA M 118 -12.74 -32.64 39.34
C ALA M 118 -13.85 -33.34 38.54
N GLU M 119 -14.57 -32.58 37.73
CA GLU M 119 -15.67 -33.12 36.94
C GLU M 119 -15.24 -34.17 35.91
N GLN M 120 -13.97 -34.13 35.50
CA GLN M 120 -13.47 -35.07 34.51
C GLN M 120 -13.14 -36.44 35.10
N CYS M 121 -12.94 -36.50 36.41
CA CYS M 121 -12.63 -37.75 37.10
C CYS M 121 -13.91 -38.32 37.71
N PRO M 122 -14.42 -39.43 37.17
CA PRO M 122 -15.66 -40.05 37.67
C PRO M 122 -15.67 -40.59 39.11
N VAL M 123 -14.51 -40.94 39.68
CA VAL M 123 -14.46 -41.44 41.05
C VAL M 123 -14.75 -40.32 42.04
N LYS M 124 -14.39 -39.09 41.69
CA LYS M 124 -14.64 -37.95 42.55
C LYS M 124 -16.15 -37.65 42.55
N SER M 125 -16.80 -37.90 41.41
CA SER M 125 -18.24 -37.70 41.29
C SER M 125 -18.91 -38.77 42.14
N ALA M 126 -18.38 -39.98 42.05
CA ALA M 126 -18.90 -41.13 42.79
C ALA M 126 -18.79 -40.90 44.29
N GLU M 127 -17.66 -40.32 44.71
CA GLU M 127 -17.41 -40.03 46.11
C GLU M 127 -18.33 -38.96 46.68
N ASP M 128 -18.70 -37.99 45.85
CA ASP M 128 -19.60 -36.93 46.30
C ASP M 128 -20.98 -37.53 46.51
N GLN M 129 -21.35 -38.46 45.61
CA GLN M 129 -22.63 -39.16 45.64
C GLN M 129 -22.75 -40.05 46.88
N LEU M 130 -21.69 -40.81 47.16
CA LEU M 130 -21.67 -41.70 48.31
C LEU M 130 -22.01 -40.90 49.57
N TYR M 131 -21.25 -39.83 49.81
CA TYR M 131 -21.46 -38.97 50.96
C TYR M 131 -22.89 -38.39 51.01
N ALA M 132 -23.40 -37.99 49.85
CA ALA M 132 -24.72 -37.41 49.74
C ALA M 132 -25.87 -38.36 50.04
N ILE M 133 -25.68 -39.66 49.83
CA ILE M 133 -26.76 -40.60 50.09
C ILE M 133 -26.68 -41.24 51.48
N THR M 134 -25.46 -41.42 51.97
CA THR M 134 -25.24 -42.01 53.29
C THR M 134 -25.60 -41.00 54.38
N PHE M 135 -25.24 -39.74 54.15
CA PHE M 135 -25.54 -38.63 55.08
C PHE M 135 -26.34 -37.69 54.19
N ARG M 136 -27.03 -36.70 54.74
CA ARG M 136 -27.81 -35.86 53.83
C ARG M 136 -27.80 -34.34 53.96
N LYS M 137 -26.78 -33.78 54.60
CA LYS M 137 -26.70 -32.34 54.71
C LYS M 137 -25.51 -31.82 55.48
N GLY M 138 -24.83 -32.70 56.20
CA GLY M 138 -23.66 -32.29 56.92
C GLY M 138 -22.51 -32.84 56.10
N LEU M 139 -22.10 -34.05 56.45
CA LEU M 139 -21.04 -34.74 55.75
C LEU M 139 -21.44 -34.99 54.30
N GLY M 140 -22.75 -34.96 54.05
CA GLY M 140 -23.25 -35.20 52.71
C GLY M 140 -23.23 -34.01 51.78
N ASN M 141 -22.67 -32.90 52.24
CA ASN M 141 -22.59 -31.69 51.42
C ASN M 141 -21.57 -31.83 50.32
N PRO M 142 -21.88 -31.28 49.13
CA PRO M 142 -20.99 -31.32 47.96
C PRO M 142 -19.69 -30.68 48.39
N LEU M 143 -18.58 -31.20 47.90
CA LEU M 143 -17.27 -30.66 48.27
C LEU M 143 -16.90 -29.34 47.56
N LEU M 144 -17.34 -29.17 46.32
CA LEU M 144 -17.00 -27.98 45.55
C LEU M 144 -18.19 -27.15 45.07
N TYR M 145 -17.91 -25.91 44.67
CA TYR M 145 -18.92 -25.00 44.16
C TYR M 145 -19.23 -25.35 42.72
N ASP M 146 -20.51 -25.51 42.39
CA ASP M 146 -20.93 -25.84 41.03
C ASP M 146 -22.02 -24.91 40.48
N GLY M 147 -22.37 -23.89 41.27
CA GLY M 147 -23.36 -22.92 40.85
C GLY M 147 -24.82 -23.31 40.88
N VAL M 148 -25.15 -24.56 41.22
CA VAL M 148 -26.55 -24.97 41.27
C VAL M 148 -27.29 -24.15 42.34
N GLU M 149 -26.53 -23.72 43.33
CA GLU M 149 -27.02 -22.90 44.42
C GLU M 149 -26.10 -21.68 44.42
N ARG M 150 -26.64 -20.54 44.01
CA ARG M 150 -25.87 -19.31 43.95
C ARG M 150 -25.39 -18.85 45.32
N VAL M 151 -24.11 -18.51 45.38
CA VAL M 151 -23.48 -18.04 46.59
C VAL M 151 -22.98 -16.62 46.34
N SER M 152 -23.38 -15.69 47.21
CA SER M 152 -22.97 -14.31 47.07
C SER M 152 -21.68 -14.06 47.83
N LEU M 153 -21.15 -12.85 47.66
CA LEU M 153 -19.93 -12.44 48.34
C LEU M 153 -20.29 -12.41 49.83
N GLN M 154 -21.50 -11.92 50.13
CA GLN M 154 -21.99 -11.83 51.50
C GLN M 154 -21.99 -13.20 52.19
N ASP M 155 -22.52 -14.20 51.49
CA ASP M 155 -22.56 -15.58 52.02
C ASP M 155 -21.17 -16.06 52.40
N ILE M 156 -20.18 -15.70 51.60
CA ILE M 156 -18.80 -16.08 51.84
C ILE M 156 -18.30 -15.39 53.11
N LYS M 157 -18.66 -14.13 53.27
CA LYS M 157 -18.28 -13.35 54.44
C LYS M 157 -18.98 -13.88 55.69
N ASP M 158 -20.21 -14.35 55.54
CA ASP M 158 -20.97 -14.89 56.65
C ASP M 158 -20.37 -16.20 57.15
N PHE M 159 -20.00 -17.06 56.20
CA PHE M 159 -19.39 -18.35 56.53
C PHE M 159 -18.01 -18.12 57.17
N ALA M 160 -17.39 -17.01 56.82
CA ALA M 160 -16.08 -16.65 57.37
C ALA M 160 -16.27 -16.28 58.84
N ASP M 161 -17.36 -15.55 59.11
CA ASP M 161 -17.72 -15.13 60.46
C ASP M 161 -18.05 -16.33 61.35
N LYS M 162 -18.80 -17.27 60.78
CA LYS M 162 -19.22 -18.49 61.46
C LYS M 162 -18.09 -19.47 61.70
N VAL M 163 -17.18 -19.55 60.76
CA VAL M 163 -16.06 -20.48 60.81
C VAL M 163 -14.75 -20.00 61.46
N TYR M 164 -14.30 -18.79 61.16
CA TYR M 164 -13.05 -18.30 61.74
C TYR M 164 -13.19 -17.75 63.15
N THR M 165 -13.08 -18.63 64.13
CA THR M 165 -13.19 -18.26 65.55
C THR M 165 -12.16 -19.04 66.35
N LYS M 166 -11.74 -18.50 67.48
CA LYS M 166 -10.73 -19.14 68.31
C LYS M 166 -11.03 -20.58 68.74
N GLU M 167 -12.28 -20.82 69.11
CA GLU M 167 -12.71 -22.15 69.55
C GLU M 167 -12.82 -23.17 68.43
N ASN M 168 -12.91 -22.70 67.19
CA ASN M 168 -13.08 -23.59 66.05
C ASN M 168 -11.80 -23.87 65.24
N LEU M 169 -10.62 -23.67 65.85
CA LEU M 169 -9.38 -23.92 65.12
C LEU M 169 -8.19 -24.43 65.94
N GLU M 170 -7.25 -25.08 65.25
CA GLU M 170 -6.04 -25.61 65.85
C GLU M 170 -4.81 -25.13 65.09
N VAL M 171 -3.84 -24.60 65.82
CA VAL M 171 -2.61 -24.12 65.22
C VAL M 171 -1.57 -25.22 65.34
N SER M 172 -1.31 -25.90 64.23
CA SER M 172 -0.35 -26.99 64.20
C SER M 172 0.99 -26.58 63.62
N GLY M 173 2.05 -26.76 64.40
CA GLY M 173 3.38 -26.43 63.93
C GLY M 173 4.15 -27.71 63.71
N GLU M 174 4.92 -27.76 62.62
CA GLU M 174 5.71 -28.95 62.32
C GLU M 174 7.15 -28.51 62.12
N ASN M 175 8.05 -29.13 62.89
CA ASN M 175 9.46 -28.82 62.83
C ASN M 175 9.66 -27.42 63.41
N VAL M 176 8.87 -27.11 64.43
CA VAL M 176 8.85 -25.82 65.10
C VAL M 176 8.93 -25.92 66.63
N VAL M 177 9.58 -24.93 67.25
CA VAL M 177 9.72 -24.84 68.71
C VAL M 177 8.40 -24.40 69.35
N GLU M 178 7.68 -25.35 69.95
CA GLU M 178 6.40 -25.14 70.59
C GLU M 178 6.28 -23.95 71.55
N ALA M 179 7.36 -23.69 72.30
CA ALA M 179 7.37 -22.58 73.25
C ALA M 179 7.16 -21.24 72.53
N ASP M 180 7.92 -21.06 71.45
CA ASP M 180 7.84 -19.84 70.64
C ASP M 180 6.53 -19.76 69.86
N LEU M 181 6.09 -20.88 69.29
CA LEU M 181 4.85 -20.90 68.53
C LEU M 181 3.65 -20.42 69.34
N LYS M 182 3.57 -20.88 70.59
CA LYS M 182 2.48 -20.48 71.50
C LYS M 182 2.55 -18.99 71.80
N ARG M 183 3.78 -18.47 71.90
CA ARG M 183 4.01 -17.07 72.20
C ARG M 183 3.55 -16.18 71.05
N PHE M 184 3.99 -16.51 69.83
CA PHE M 184 3.65 -15.76 68.62
C PHE M 184 2.16 -15.77 68.29
N VAL M 185 1.49 -16.89 68.55
CA VAL M 185 0.06 -17.03 68.28
C VAL M 185 -0.71 -16.05 69.16
N ASP M 186 -0.35 -15.99 70.44
CA ASP M 186 -1.02 -15.10 71.38
C ASP M 186 -0.76 -13.63 71.04
N GLU M 187 0.47 -13.33 70.61
CA GLU M 187 0.84 -11.97 70.23
C GLU M 187 0.17 -11.53 68.92
N SER M 188 -0.15 -12.51 68.07
CA SER M 188 -0.78 -12.25 66.78
C SER M 188 -2.28 -11.99 66.92
N LEU M 189 -2.91 -11.62 65.81
CA LEU M 189 -4.35 -11.34 65.79
C LEU M 189 -5.16 -12.62 65.92
N LEU M 190 -4.46 -13.75 65.97
CA LEU M 190 -5.12 -15.05 66.09
C LEU M 190 -5.93 -15.05 67.38
N SER M 191 -5.34 -14.52 68.45
CA SER M 191 -6.00 -14.45 69.75
C SER M 191 -6.98 -13.29 69.87
N THR M 192 -6.89 -12.33 68.96
CA THR M 192 -7.80 -11.18 68.95
C THR M 192 -9.11 -11.58 68.27
N LEU M 193 -9.11 -12.74 67.62
CA LEU M 193 -10.30 -13.25 66.94
C LEU M 193 -11.45 -13.47 67.92
N PRO M 194 -12.69 -13.25 67.48
CA PRO M 194 -13.83 -13.44 68.36
C PRO M 194 -13.96 -14.90 68.75
N ALA M 195 -13.89 -15.18 70.05
CA ALA M 195 -14.02 -16.55 70.54
C ALA M 195 -15.38 -17.06 70.12
N GLY M 196 -15.41 -18.13 69.36
CA GLY M 196 -16.69 -18.65 68.92
C GLY M 196 -17.10 -19.91 69.63
N LYS M 197 -17.60 -20.87 68.85
CA LYS M 197 -18.07 -22.15 69.36
C LYS M 197 -17.63 -23.22 68.38
N SER M 198 -16.83 -24.18 68.87
CA SER M 198 -16.37 -25.29 68.04
C SER M 198 -17.57 -25.98 67.39
N LEU M 199 -17.58 -26.01 66.06
CA LEU M 199 -18.67 -26.62 65.29
C LEU M 199 -18.65 -28.15 65.30
N VAL M 200 -17.58 -28.73 65.83
CA VAL M 200 -17.41 -30.18 65.90
C VAL M 200 -18.46 -30.89 66.75
N SER M 201 -19.20 -31.80 66.13
CA SER M 201 -20.23 -32.56 66.83
C SER M 201 -19.59 -33.80 67.48
N LYS M 202 -19.88 -34.01 68.76
CA LYS M 202 -19.35 -35.15 69.51
C LYS M 202 -20.10 -36.43 69.15
N SER M 203 -21.42 -36.30 69.01
CA SER M 203 -22.31 -37.40 68.68
C SER M 203 -22.24 -37.84 67.21
N GLU M 204 -22.39 -39.14 66.98
CA GLU M 204 -22.37 -39.70 65.63
C GLU M 204 -23.52 -39.14 64.81
N PRO M 205 -23.23 -38.75 63.55
CA PRO M 205 -24.21 -38.19 62.62
C PRO M 205 -25.23 -39.21 62.15
N LYS M 206 -26.39 -38.74 61.72
CA LYS M 206 -27.40 -39.64 61.22
C LYS M 206 -26.89 -40.19 59.88
N PHE M 207 -27.27 -41.42 59.57
CA PHE M 207 -26.86 -42.02 58.31
C PHE M 207 -27.97 -42.86 57.71
N PHE M 208 -27.81 -43.20 56.44
CA PHE M 208 -28.79 -44.00 55.71
C PHE M 208 -28.08 -45.19 55.07
N LEU M 209 -28.80 -46.29 54.87
CA LEU M 209 -28.24 -47.51 54.28
C LEU M 209 -29.16 -48.06 53.19
N GLY M 210 -28.57 -48.79 52.25
CA GLY M 210 -29.35 -49.36 51.15
C GLY M 210 -29.82 -48.31 50.17
N GLU M 211 -29.08 -47.21 50.09
CA GLU M 211 -29.38 -46.10 49.19
C GLU M 211 -28.63 -46.22 47.86
N GLU M 212 -29.25 -45.76 46.78
CA GLU M 212 -28.61 -45.78 45.47
C GLU M 212 -29.02 -44.60 44.59
N ASN M 213 -28.05 -44.12 43.81
CA ASN M 213 -28.25 -43.02 42.89
C ASN M 213 -27.37 -43.28 41.65
N ARG M 214 -27.95 -43.03 40.48
CA ARG M 214 -27.25 -43.26 39.21
C ARG M 214 -26.99 -41.97 38.45
N VAL M 215 -25.76 -41.80 37.97
CA VAL M 215 -25.36 -40.59 37.22
C VAL M 215 -24.77 -40.94 35.86
N ARG M 216 -25.47 -40.56 34.78
CA ARG M 216 -24.99 -40.82 33.42
C ARG M 216 -23.75 -39.96 33.17
N PHE M 217 -22.72 -40.54 32.54
CA PHE M 217 -21.47 -39.83 32.30
C PHE M 217 -20.72 -40.39 31.11
N ILE M 218 -20.16 -39.49 30.28
CA ILE M 218 -19.39 -39.88 29.11
C ILE M 218 -17.95 -40.07 29.58
N GLY M 219 -17.43 -41.28 29.40
CA GLY M 219 -16.08 -41.61 29.81
C GLY M 219 -16.02 -42.93 30.55
N ASP M 220 -15.10 -43.03 31.50
CA ASP M 220 -14.95 -44.26 32.29
C ASP M 220 -16.17 -44.44 33.18
N SER M 221 -16.62 -45.69 33.31
CA SER M 221 -17.75 -45.98 34.20
C SER M 221 -17.17 -46.37 35.55
N VAL M 222 -17.94 -46.13 36.60
CA VAL M 222 -17.48 -46.47 37.93
C VAL M 222 -18.62 -46.90 38.85
N ALA M 223 -18.40 -48.02 39.54
CA ALA M 223 -19.36 -48.55 40.50
C ALA M 223 -18.65 -48.42 41.83
N ALA M 224 -19.31 -47.81 42.81
CA ALA M 224 -18.71 -47.62 44.11
C ALA M 224 -19.67 -47.93 45.25
N ILE M 225 -19.11 -48.27 46.40
CA ILE M 225 -19.93 -48.58 47.58
C ILE M 225 -19.41 -47.78 48.76
N GLY M 226 -20.34 -47.33 49.59
CA GLY M 226 -19.98 -46.57 50.77
C GLY M 226 -20.67 -47.17 51.98
N ILE M 227 -19.93 -47.26 53.08
CA ILE M 227 -20.46 -47.81 54.32
C ILE M 227 -20.12 -46.90 55.50
N PRO M 228 -21.13 -46.46 56.25
CA PRO M 228 -20.95 -45.58 57.42
C PRO M 228 -20.34 -46.43 58.53
N VAL M 229 -19.31 -45.92 59.21
CA VAL M 229 -18.70 -46.70 60.29
C VAL M 229 -18.74 -45.97 61.64
N ASN M 230 -18.96 -46.73 62.71
CA ASN M 230 -19.03 -46.21 64.09
C ASN M 230 -17.66 -45.72 64.53
N LYS M 231 -17.62 -44.97 65.62
CA LYS M 231 -16.37 -44.47 66.15
C LYS M 231 -15.47 -45.61 66.62
N ALA M 232 -16.09 -46.64 67.22
CA ALA M 232 -15.35 -47.79 67.74
C ALA M 232 -15.16 -48.87 66.68
N SER M 233 -16.04 -48.88 65.69
CA SER M 233 -16.02 -49.86 64.61
C SER M 233 -15.13 -49.43 63.43
N LEU M 234 -14.42 -48.31 63.58
CA LEU M 234 -13.57 -47.81 62.49
C LEU M 234 -12.20 -48.46 62.32
N ALA M 235 -11.67 -49.05 63.39
CA ALA M 235 -10.36 -49.70 63.31
C ALA M 235 -10.38 -50.91 62.38
N GLN M 236 -11.50 -51.62 62.33
CA GLN M 236 -11.60 -52.79 61.47
C GLN M 236 -11.80 -52.37 60.02
N TYR M 237 -12.52 -51.29 59.78
CA TYR M 237 -12.73 -50.81 58.42
C TYR M 237 -11.44 -50.25 57.82
N GLU M 238 -10.54 -49.80 58.70
CA GLU M 238 -9.25 -49.28 58.28
C GLU M 238 -8.35 -50.38 57.75
N VAL M 239 -8.33 -51.53 58.44
CA VAL M 239 -7.51 -52.66 58.00
C VAL M 239 -8.20 -53.35 56.83
N LEU M 240 -9.51 -53.14 56.69
CA LEU M 240 -10.24 -53.73 55.58
C LEU M 240 -9.74 -53.05 54.29
N ALA M 241 -9.70 -51.72 54.33
CA ALA M 241 -9.26 -50.91 53.21
C ALA M 241 -7.83 -51.26 52.81
N ASN M 242 -6.97 -51.53 53.79
CA ASN M 242 -5.59 -51.89 53.50
C ASN M 242 -5.50 -53.32 52.98
N TYR M 243 -6.41 -54.17 53.45
CA TYR M 243 -6.44 -55.56 53.02
C TYR M 243 -6.85 -55.61 51.55
N LEU M 244 -8.00 -55.01 51.25
CA LEU M 244 -8.54 -54.98 49.90
C LEU M 244 -7.61 -54.32 48.88
N THR M 245 -6.64 -53.54 49.36
CA THR M 245 -5.69 -52.85 48.49
C THR M 245 -4.31 -53.50 48.44
N SER M 246 -4.02 -54.36 49.41
CA SER M 246 -2.72 -55.05 49.47
C SER M 246 -2.70 -56.34 48.65
N ALA M 247 -1.53 -56.95 48.54
CA ALA M 247 -1.35 -58.19 47.81
C ALA M 247 -1.89 -59.40 48.60
N LEU M 248 -2.57 -59.11 49.71
CA LEU M 248 -3.15 -60.16 50.56
C LEU M 248 -4.56 -60.54 50.13
N SER M 249 -5.19 -59.72 49.30
CA SER M 249 -6.54 -59.99 48.80
C SER M 249 -6.56 -60.21 47.29
N GLU M 250 -7.16 -61.32 46.87
CA GLU M 250 -7.23 -61.63 45.45
C GLU M 250 -8.11 -60.65 44.68
N LEU M 251 -8.97 -59.93 45.39
CA LEU M 251 -9.81 -58.99 44.69
C LEU M 251 -9.30 -57.55 44.68
N SER M 252 -8.03 -57.37 45.00
CA SER M 252 -7.41 -56.04 45.01
C SER M 252 -7.17 -55.57 43.57
N GLY M 253 -6.87 -56.51 42.68
CA GLY M 253 -6.64 -56.19 41.28
C GLY M 253 -7.97 -55.97 40.57
N LEU M 254 -9.06 -55.99 41.32
CA LEU M 254 -10.39 -55.79 40.78
C LEU M 254 -10.95 -54.44 41.25
N ILE M 255 -10.21 -53.77 42.13
CA ILE M 255 -10.64 -52.48 42.64
C ILE M 255 -9.61 -51.36 42.43
N SER M 256 -10.09 -50.24 41.87
CA SER M 256 -9.24 -49.09 41.62
C SER M 256 -8.78 -48.45 42.91
N SER M 257 -9.74 -48.19 43.79
CA SER M 257 -9.45 -47.53 45.06
C SER M 257 -10.38 -47.96 46.20
N ALA M 258 -9.85 -47.89 47.41
CA ALA M 258 -10.60 -48.24 48.62
C ALA M 258 -9.94 -47.55 49.81
N LYS M 259 -10.73 -46.79 50.56
CA LYS M 259 -10.22 -46.09 51.73
C LYS M 259 -11.27 -45.88 52.82
N LEU M 260 -10.80 -45.39 53.97
CA LEU M 260 -11.69 -45.08 55.07
C LEU M 260 -11.43 -43.64 55.49
N ASP M 261 -12.40 -42.77 55.22
CA ASP M 261 -12.26 -41.36 55.60
C ASP M 261 -12.57 -41.23 57.09
N LYS M 262 -11.58 -40.85 57.88
CA LYS M 262 -11.74 -40.73 59.33
C LYS M 262 -12.04 -39.34 59.89
N PHE M 263 -13.16 -39.24 60.61
CA PHE M 263 -13.60 -38.02 61.28
C PHE M 263 -13.68 -38.34 62.78
N THR M 264 -13.77 -37.32 63.62
CA THR M 264 -13.84 -37.52 65.08
C THR M 264 -15.14 -38.17 65.55
N ASP M 265 -16.16 -38.11 64.71
CA ASP M 265 -17.48 -38.67 65.04
C ASP M 265 -17.87 -39.85 64.17
N GLY M 266 -16.88 -40.45 63.52
CA GLY M 266 -17.17 -41.59 62.65
C GLY M 266 -16.35 -41.57 61.37
N GLY M 267 -16.86 -42.28 60.36
CA GLY M 267 -16.15 -42.33 59.10
C GLY M 267 -16.99 -42.92 57.99
N LEU M 268 -16.41 -42.95 56.79
CA LEU M 268 -17.07 -43.50 55.61
C LEU M 268 -16.06 -44.35 54.84
N PHE M 269 -16.38 -45.62 54.70
CA PHE M 269 -15.54 -46.55 53.95
C PHE M 269 -15.99 -46.43 52.49
N THR M 270 -15.04 -46.16 51.61
CA THR M 270 -15.34 -46.02 50.20
C THR M 270 -14.52 -47.00 49.37
N LEU M 271 -15.19 -47.66 48.42
CA LEU M 271 -14.57 -48.64 47.53
C LEU M 271 -15.06 -48.32 46.13
N PHE M 272 -14.11 -48.10 45.22
CA PHE M 272 -14.43 -47.76 43.84
C PHE M 272 -13.88 -48.73 42.83
N VAL M 273 -14.70 -48.99 41.81
CA VAL M 273 -14.34 -49.87 40.70
C VAL M 273 -14.44 -48.99 39.46
N ARG M 274 -13.28 -48.67 38.89
CA ARG M 274 -13.22 -47.82 37.70
C ARG M 274 -12.58 -48.51 36.51
N ASP M 275 -13.19 -48.36 35.34
CA ASP M 275 -12.65 -48.95 34.12
C ASP M 275 -13.29 -48.38 32.86
N GLN M 276 -12.51 -48.41 31.78
CA GLN M 276 -12.91 -47.92 30.49
C GLN M 276 -14.23 -48.52 29.99
N ASP M 277 -14.45 -49.83 30.22
CA ASP M 277 -15.72 -50.45 29.80
C ASP M 277 -16.58 -51.02 30.93
N SER M 278 -17.89 -50.83 30.76
CA SER M 278 -18.91 -51.25 31.73
C SER M 278 -18.98 -52.74 32.03
N ALA M 279 -18.72 -53.59 31.04
CA ALA M 279 -18.77 -55.03 31.26
C ALA M 279 -17.79 -55.45 32.35
N VAL M 280 -16.62 -54.81 32.38
CA VAL M 280 -15.60 -55.10 33.38
C VAL M 280 -15.96 -54.55 34.76
N VAL M 281 -16.52 -53.35 34.80
CA VAL M 281 -16.92 -52.73 36.06
C VAL M 281 -18.05 -53.54 36.72
N SER M 282 -18.91 -54.11 35.87
CA SER M 282 -20.03 -54.93 36.35
C SER M 282 -19.56 -56.23 37.02
N SER M 283 -18.77 -57.01 36.30
CA SER M 283 -18.24 -58.28 36.82
C SER M 283 -17.41 -58.10 38.08
N ASN M 284 -16.64 -57.02 38.15
CA ASN M 284 -15.79 -56.76 39.29
C ASN M 284 -16.55 -56.43 40.55
N ILE M 285 -17.32 -55.35 40.54
CA ILE M 285 -18.07 -54.96 41.74
C ILE M 285 -19.00 -56.10 42.18
N LYS M 286 -19.49 -56.86 41.20
CA LYS M 286 -20.39 -57.97 41.44
C LYS M 286 -19.66 -59.04 42.25
N LYS M 287 -18.44 -59.34 41.82
CA LYS M 287 -17.58 -60.31 42.49
C LYS M 287 -17.11 -59.79 43.85
N ILE M 288 -16.91 -58.48 43.95
CA ILE M 288 -16.47 -57.85 45.21
C ILE M 288 -17.54 -57.98 46.28
N VAL M 289 -18.75 -57.53 45.98
CA VAL M 289 -19.86 -57.60 46.93
C VAL M 289 -20.17 -59.06 47.32
N ALA M 290 -20.21 -59.94 46.32
CA ALA M 290 -20.46 -61.36 46.57
C ALA M 290 -19.45 -61.94 47.56
N ASP M 291 -18.16 -61.70 47.31
CA ASP M 291 -17.09 -62.21 48.16
C ASP M 291 -17.02 -61.55 49.54
N LEU M 292 -17.52 -60.32 49.64
CA LEU M 292 -17.50 -59.65 50.93
C LEU M 292 -18.63 -60.15 51.81
N LYS M 293 -19.71 -60.61 51.18
CA LYS M 293 -20.86 -61.16 51.91
C LYS M 293 -20.43 -62.38 52.72
N LYS M 294 -19.36 -63.04 52.26
CA LYS M 294 -18.79 -64.19 52.94
C LYS M 294 -17.79 -63.62 53.94
N GLY M 295 -18.28 -63.28 55.13
CA GLY M 295 -17.44 -62.70 56.16
C GLY M 295 -16.06 -63.30 56.39
N LYS M 296 -15.04 -62.70 55.79
CA LYS M 296 -13.68 -63.19 55.97
C LYS M 296 -12.65 -62.08 56.17
N ASP M 297 -11.57 -62.42 56.87
CA ASP M 297 -10.49 -61.48 57.12
C ASP M 297 -9.30 -62.18 57.78
N LEU M 298 -9.57 -62.88 58.89
CA LEU M 298 -8.57 -63.61 59.69
C LEU M 298 -7.48 -62.71 60.31
N SER M 299 -7.31 -61.51 59.74
CA SER M 299 -6.35 -60.50 60.17
C SER M 299 -4.86 -60.64 59.81
N PRO M 300 -4.54 -61.24 58.66
CA PRO M 300 -3.13 -61.37 58.31
C PRO M 300 -2.59 -59.99 57.92
N ALA M 301 -3.51 -59.05 57.74
CA ALA M 301 -3.19 -57.68 57.35
C ALA M 301 -3.21 -56.73 58.54
N ILE M 302 -2.79 -57.21 59.72
CA ILE M 302 -2.79 -56.38 60.90
C ILE M 302 -1.48 -55.59 61.05
N ASN M 303 -0.35 -56.25 60.83
CA ASN M 303 0.94 -55.58 60.95
C ASN M 303 1.17 -54.69 59.73
N TYR M 304 0.42 -54.96 58.66
CA TYR M 304 0.52 -54.19 57.42
C TYR M 304 -0.26 -52.90 57.62
N THR M 305 -1.49 -53.01 58.12
CA THR M 305 -2.33 -51.86 58.37
C THR M 305 -1.67 -50.94 59.41
N LYS M 306 -0.84 -51.51 60.28
CA LYS M 306 -0.14 -50.73 61.29
C LYS M 306 0.93 -49.87 60.66
N LEU M 307 1.64 -50.46 59.70
CA LEU M 307 2.72 -49.79 58.97
C LEU M 307 2.17 -48.71 58.04
N LYS M 308 1.15 -49.07 57.26
CA LYS M 308 0.50 -48.15 56.34
C LYS M 308 -0.08 -46.95 57.08
N ASN M 309 -0.72 -47.23 58.21
CA ASN M 309 -1.33 -46.18 59.01
C ASN M 309 -0.29 -45.34 59.74
N ALA M 310 0.95 -45.83 59.80
CA ALA M 310 2.02 -45.11 60.48
C ALA M 310 2.66 -44.04 59.60
N VAL M 311 2.32 -44.02 58.31
CA VAL M 311 2.88 -43.03 57.39
C VAL M 311 2.22 -41.65 57.53
N GLN M 312 1.74 -41.35 58.74
CA GLN M 312 1.10 -40.07 59.07
C GLN M 312 2.04 -39.21 59.91
N ASN M 313 3.16 -38.81 59.31
CA ASN M 313 4.18 -37.99 59.96
C ASN M 313 3.80 -36.50 60.03
N GLU M 314 3.17 -36.00 58.96
CA GLU M 314 2.75 -34.60 58.89
C GLU M 314 1.49 -34.30 59.70
N SER M 315 0.69 -35.33 59.95
CA SER M 315 -0.56 -35.18 60.70
C SER M 315 -0.30 -35.09 62.21
N VAL M 316 -0.67 -33.96 62.81
CA VAL M 316 -0.47 -33.73 64.24
C VAL M 316 -1.81 -33.77 65.00
N SER M 317 -2.75 -34.57 64.48
CA SER M 317 -4.07 -34.70 65.09
C SER M 317 -4.78 -35.96 64.59
N SER M 318 -4.07 -37.08 64.60
CA SER M 318 -4.61 -38.37 64.14
C SER M 318 -5.43 -39.08 65.23
N PRO M 319 -6.51 -39.78 64.81
CA PRO M 319 -7.45 -40.53 65.66
C PRO M 319 -6.88 -41.61 66.58
N ILE M 320 -7.75 -42.55 66.98
CA ILE M 320 -7.40 -43.65 67.89
C ILE M 320 -6.49 -44.71 67.26
N GLU M 321 -5.43 -45.06 67.99
CA GLU M 321 -4.43 -46.03 67.56
C GLU M 321 -4.67 -47.45 68.10
N LEU M 322 -4.55 -47.61 69.42
CA LEU M 322 -4.70 -48.88 70.15
C LEU M 322 -5.75 -49.87 69.66
N ASN M 323 -6.73 -49.39 68.91
CA ASN M 323 -7.82 -50.21 68.39
C ASN M 323 -7.40 -51.37 67.47
N PHE M 324 -6.33 -51.17 66.69
CA PHE M 324 -5.84 -52.19 65.75
C PHE M 324 -5.53 -53.55 66.37
N ASP M 325 -5.04 -53.54 67.61
CA ASP M 325 -4.68 -54.75 68.34
C ASP M 325 -5.90 -55.57 68.75
N ALA M 326 -6.77 -55.85 67.78
CA ALA M 326 -7.99 -56.62 67.99
C ALA M 326 -8.65 -56.91 66.66
N VAL M 327 -9.93 -57.27 66.70
CA VAL M 327 -10.75 -57.60 65.53
C VAL M 327 -10.06 -58.29 64.37
N LYS M 328 -10.48 -59.52 64.09
CA LYS M 328 -9.89 -60.29 63.01
C LYS M 328 -10.85 -60.58 61.86
N ASP M 329 -12.15 -60.44 62.11
CA ASP M 329 -13.13 -60.73 61.06
C ASP M 329 -13.97 -59.54 60.58
N PHE M 330 -14.41 -59.65 59.33
CA PHE M 330 -15.26 -58.65 58.70
C PHE M 330 -16.34 -59.36 57.88
N LYS M 331 -17.58 -58.91 58.03
CA LYS M 331 -18.71 -59.48 57.33
C LYS M 331 -19.03 -58.58 56.12
N LEU M 332 -20.20 -57.95 56.14
CA LEU M 332 -20.68 -57.02 55.10
C LEU M 332 -22.19 -57.02 55.16
N GLY M 333 -22.75 -55.99 55.78
CA GLY M 333 -24.19 -55.90 55.89
C GLY M 333 -24.79 -55.06 54.78
N LYS M 334 -25.59 -54.07 55.21
CA LYS M 334 -26.23 -53.15 54.28
C LYS M 334 -25.20 -52.07 53.96
N PHE M 335 -25.29 -51.51 52.75
CA PHE M 335 -24.36 -50.48 52.30
C PHE M 335 -25.04 -49.58 51.27
N ASN M 336 -24.32 -48.55 50.85
CA ASN M 336 -24.84 -47.63 49.85
C ASN M 336 -24.06 -47.78 48.55
N TYR M 337 -24.75 -47.60 47.44
CA TYR M 337 -24.15 -47.78 46.12
C TYR M 337 -24.46 -46.69 45.08
N VAL M 338 -23.49 -46.45 44.20
CA VAL M 338 -23.62 -45.46 43.12
C VAL M 338 -23.02 -45.94 41.80
N ALA M 339 -23.70 -45.64 40.70
CA ALA M 339 -23.23 -46.02 39.38
C ALA M 339 -23.01 -44.74 38.56
N VAL M 340 -21.80 -44.57 38.05
CA VAL M 340 -21.43 -43.40 37.26
C VAL M 340 -20.93 -43.78 35.87
N GLY M 341 -21.54 -43.22 34.83
CA GLY M 341 -21.08 -43.52 33.49
C GLY M 341 -22.13 -44.16 32.60
N ASP M 342 -21.80 -45.36 32.13
CA ASP M 342 -22.67 -46.15 31.24
C ASP M 342 -23.78 -46.81 32.07
N VAL M 343 -24.43 -46.00 32.88
CA VAL M 343 -25.51 -46.41 33.77
C VAL M 343 -26.43 -47.49 33.20
N SER M 344 -26.85 -47.31 31.96
CA SER M 344 -27.74 -48.25 31.30
C SER M 344 -27.18 -49.68 31.30
N ASN M 345 -25.87 -49.85 31.47
CA ASN M 345 -25.24 -51.16 31.48
C ASN M 345 -24.38 -51.44 32.72
N LEU M 346 -24.79 -50.84 33.84
CA LEU M 346 -24.11 -51.01 35.12
C LEU M 346 -25.08 -51.70 36.08
N PRO M 347 -24.56 -52.38 37.11
CA PRO M 347 -25.44 -53.07 38.06
C PRO M 347 -26.27 -52.14 38.95
N TYR M 348 -27.46 -52.60 39.31
CA TYR M 348 -28.32 -51.84 40.21
C TYR M 348 -28.05 -52.43 41.59
N LEU M 349 -28.48 -51.76 42.65
CA LEU M 349 -28.25 -52.29 44.00
C LEU M 349 -28.96 -53.61 44.24
N ASP M 350 -30.14 -53.75 43.67
CA ASP M 350 -30.98 -54.96 43.76
C ASP M 350 -30.26 -56.25 43.44
N GLU M 351 -29.40 -56.21 42.43
CA GLU M 351 -28.67 -57.38 41.95
C GLU M 351 -27.22 -57.52 42.44
N LEU M 352 -26.91 -57.03 43.63
CA LEU M 352 -25.55 -57.13 44.15
C LEU M 352 -25.34 -58.00 45.38
N MET N 1 2.45 -9.61 22.67
CA MET N 1 3.11 -10.28 21.52
C MET N 1 4.31 -9.46 21.12
N ALA N 2 5.13 -10.00 20.24
CA ALA N 2 6.32 -9.31 19.75
C ALA N 2 5.95 -7.97 19.09
N PHE N 3 6.80 -6.97 19.28
CA PHE N 3 6.59 -5.65 18.71
C PHE N 3 6.42 -5.72 17.19
N ARG N 4 7.13 -6.65 16.53
CA ARG N 4 7.02 -6.78 15.09
C ARG N 4 5.62 -7.24 14.65
N LYS N 5 4.84 -7.79 15.58
CA LYS N 5 3.49 -8.25 15.26
C LYS N 5 2.42 -7.27 15.74
N SER N 6 2.69 -6.56 16.83
CA SER N 6 1.72 -5.61 17.37
C SER N 6 1.74 -4.21 16.76
N ASN N 7 2.91 -3.75 16.32
CA ASN N 7 3.03 -2.44 15.71
C ASN N 7 2.28 -2.39 14.38
N VAL N 8 1.57 -1.29 14.16
CA VAL N 8 0.79 -1.13 12.95
C VAL N 8 1.62 -1.24 11.65
N TYR N 9 2.82 -0.69 11.66
CA TYR N 9 3.66 -0.74 10.45
C TYR N 9 4.50 -2.00 10.32
N LEU N 10 5.16 -2.38 11.41
CA LEU N 10 6.01 -3.57 11.42
C LEU N 10 5.26 -4.86 11.14
N SER N 11 4.01 -4.94 11.58
CA SER N 11 3.21 -6.14 11.35
C SER N 11 3.03 -6.42 9.88
N LEU N 12 3.11 -5.38 9.05
CA LEU N 12 2.98 -5.55 7.61
C LEU N 12 4.27 -6.15 7.10
N VAL N 13 5.38 -5.64 7.60
CA VAL N 13 6.70 -6.13 7.22
C VAL N 13 6.80 -7.57 7.70
N ASN N 14 6.30 -7.83 8.90
CA ASN N 14 6.35 -9.16 9.47
C ASN N 14 5.55 -10.19 8.67
N SER N 15 4.34 -9.83 8.29
CA SER N 15 3.50 -10.76 7.56
C SER N 15 3.95 -11.08 6.13
N TYR N 16 4.54 -10.10 5.46
CA TYR N 16 5.01 -10.29 4.08
C TYR N 16 6.45 -10.79 3.93
N ILE N 17 7.33 -10.34 4.83
CA ILE N 17 8.77 -10.66 4.75
C ILE N 17 9.39 -11.48 5.89
N ILE N 18 8.72 -11.59 7.04
CA ILE N 18 9.31 -12.33 8.15
C ILE N 18 8.67 -13.67 8.53
N ASP N 19 7.45 -13.63 9.08
CA ASP N 19 6.73 -14.85 9.47
C ASP N 19 5.91 -15.50 8.35
N SER N 20 5.93 -14.90 7.17
CA SER N 20 5.18 -15.43 6.03
C SER N 20 5.51 -16.90 5.76
N PRO N 21 4.51 -17.78 5.88
CA PRO N 21 4.62 -19.23 5.66
C PRO N 21 4.85 -19.63 4.21
N GLN N 22 6.08 -19.99 3.87
CA GLN N 22 6.44 -20.40 2.52
C GLN N 22 6.45 -21.92 2.34
N PRO N 23 6.07 -22.40 1.15
CA PRO N 23 6.08 -23.86 0.97
C PRO N 23 7.54 -24.27 1.10
N SER N 24 7.79 -25.29 1.91
CA SER N 24 9.15 -25.74 2.14
C SER N 24 9.95 -26.08 0.89
N SER N 25 9.25 -26.42 -0.20
CA SER N 25 9.92 -26.84 -1.43
C SER N 25 10.03 -25.92 -2.65
N ILE N 26 9.72 -24.63 -2.49
CA ILE N 26 9.83 -23.72 -3.65
C ILE N 26 11.28 -23.58 -4.08
N ASN N 27 11.54 -23.81 -5.37
CA ASN N 27 12.89 -23.73 -5.90
C ASN N 27 13.31 -22.30 -6.33
N TYR N 28 14.50 -22.19 -6.90
CA TYR N 28 15.05 -20.90 -7.33
C TYR N 28 14.23 -20.10 -8.32
N TRP N 29 13.33 -20.76 -9.03
CA TRP N 29 12.47 -20.07 -9.96
C TRP N 29 11.56 -19.09 -9.22
N TRP N 30 11.38 -19.34 -7.92
CA TRP N 30 10.55 -18.47 -7.08
C TRP N 30 11.32 -17.26 -6.57
N ASN N 31 12.56 -17.12 -7.02
CA ASN N 31 13.39 -15.98 -6.62
C ASN N 31 13.22 -14.80 -7.58
N MET N 32 12.55 -15.03 -8.72
CA MET N 32 12.38 -13.99 -9.73
C MET N 32 11.57 -12.77 -9.28
N GLY N 33 10.61 -12.98 -8.39
CA GLY N 33 9.80 -11.88 -7.89
C GLY N 33 10.60 -10.84 -7.11
N SER N 34 11.42 -11.33 -6.16
CA SER N 34 12.24 -10.43 -5.35
C SER N 34 13.19 -9.69 -6.30
N LEU N 35 13.62 -10.37 -7.36
CA LEU N 35 14.51 -9.77 -8.34
C LEU N 35 13.82 -8.63 -9.13
N LEU N 36 12.53 -8.78 -9.41
CA LEU N 36 11.79 -7.74 -10.12
C LEU N 36 11.62 -6.52 -9.21
N GLY N 37 11.53 -6.76 -7.90
CA GLY N 37 11.42 -5.67 -6.96
C GLY N 37 12.71 -4.87 -6.96
N LEU N 38 13.84 -5.56 -7.01
CA LEU N 38 15.16 -4.94 -7.05
C LEU N 38 15.26 -4.10 -8.32
N CYS N 39 14.84 -4.66 -9.45
CA CYS N 39 14.88 -3.96 -10.72
C CYS N 39 14.13 -2.64 -10.70
N LEU N 40 12.91 -2.69 -10.17
CA LEU N 40 12.07 -1.50 -10.09
C LEU N 40 12.78 -0.43 -9.28
N VAL N 41 13.33 -0.82 -8.13
CA VAL N 41 14.05 0.11 -7.27
C VAL N 41 15.29 0.68 -7.99
N ILE N 42 16.04 -0.19 -8.65
CA ILE N 42 17.24 0.20 -9.40
C ILE N 42 16.86 1.22 -10.47
N GLN N 43 15.82 0.88 -11.23
CA GLN N 43 15.33 1.75 -12.29
C GLN N 43 14.90 3.10 -11.76
N ILE N 44 14.12 3.11 -10.68
CA ILE N 44 13.63 4.37 -10.10
C ILE N 44 14.73 5.24 -9.53
N VAL N 45 15.60 4.64 -8.70
CA VAL N 45 16.69 5.39 -8.09
C VAL N 45 17.61 6.00 -9.15
N THR N 46 18.10 5.19 -10.10
CA THR N 46 18.96 5.71 -11.15
C THR N 46 18.26 6.74 -12.02
N GLY N 47 16.97 6.52 -12.30
CA GLY N 47 16.22 7.48 -13.10
C GLY N 47 16.10 8.85 -12.45
N ILE N 48 15.76 8.87 -11.16
CA ILE N 48 15.64 10.12 -10.43
C ILE N 48 16.96 10.89 -10.44
N PHE N 49 18.05 10.22 -10.10
CA PHE N 49 19.34 10.90 -10.08
C PHE N 49 19.75 11.43 -11.44
N MET N 50 19.38 10.73 -12.51
CA MET N 50 19.69 11.21 -13.87
C MET N 50 18.76 12.37 -14.20
N ALA N 51 17.51 12.25 -13.76
CA ALA N 51 16.50 13.26 -14.00
C ALA N 51 17.00 14.65 -13.60
N MET N 52 17.90 14.70 -12.62
CA MET N 52 18.48 15.95 -12.13
C MET N 52 19.39 16.67 -13.12
N HIS N 53 19.83 15.96 -14.16
CA HIS N 53 20.73 16.54 -15.17
C HIS N 53 20.18 16.40 -16.58
N TYR N 54 18.91 16.02 -16.71
CA TYR N 54 18.28 15.82 -18.01
C TYR N 54 17.37 16.98 -18.44
N SER N 55 17.26 17.21 -19.75
CA SER N 55 16.40 18.26 -20.33
C SER N 55 15.49 17.61 -21.40
N SER N 56 14.18 17.68 -21.21
CA SER N 56 13.24 17.08 -22.17
C SER N 56 13.05 17.76 -23.51
N ASN N 57 13.43 19.03 -23.61
CA ASN N 57 13.30 19.77 -24.88
C ASN N 57 13.96 18.97 -25.98
N ILE N 58 13.22 18.76 -27.06
CA ILE N 58 13.69 18.00 -28.21
C ILE N 58 15.05 18.41 -28.76
N GLU N 59 15.49 19.62 -28.45
CA GLU N 59 16.78 20.13 -28.90
C GLU N 59 17.91 19.90 -27.92
N LEU N 60 17.55 19.65 -26.66
CA LEU N 60 18.54 19.45 -25.62
C LEU N 60 18.51 18.06 -25.03
N ALA N 61 17.54 17.26 -25.44
CA ALA N 61 17.39 15.92 -24.93
C ALA N 61 18.62 15.04 -25.14
N PHE N 62 18.98 14.80 -26.40
CA PHE N 62 20.12 13.96 -26.74
C PHE N 62 21.42 14.42 -26.10
N SER N 63 21.72 15.71 -26.18
CA SER N 63 22.93 16.27 -25.59
C SER N 63 22.94 16.19 -24.07
N SER N 64 21.77 16.23 -23.44
CA SER N 64 21.74 16.14 -21.98
C SER N 64 22.05 14.71 -21.53
N VAL N 65 21.77 13.73 -22.38
CA VAL N 65 22.11 12.35 -22.04
C VAL N 65 23.63 12.23 -22.24
N GLU N 66 24.15 12.95 -23.23
CA GLU N 66 25.60 12.99 -23.48
C GLU N 66 26.29 13.72 -22.33
N HIS N 67 25.62 14.73 -21.79
CA HIS N 67 26.11 15.52 -20.65
C HIS N 67 26.20 14.61 -19.41
N ILE N 68 25.23 13.70 -19.27
CA ILE N 68 25.24 12.77 -18.15
C ILE N 68 26.37 11.76 -18.34
N MET N 69 26.59 11.36 -19.59
CA MET N 69 27.65 10.41 -19.91
C MET N 69 29.05 10.98 -19.66
N ARG N 70 29.26 12.24 -20.03
CA ARG N 70 30.58 12.90 -19.93
C ARG N 70 30.88 13.79 -18.75
N ASP N 71 29.92 14.65 -18.38
CA ASP N 71 30.15 15.62 -17.31
C ASP N 71 29.74 15.25 -15.91
N VAL N 72 28.76 14.37 -15.78
CA VAL N 72 28.27 13.99 -14.46
C VAL N 72 29.16 12.92 -13.84
N HIS N 73 29.60 13.15 -12.60
CA HIS N 73 30.45 12.19 -11.89
C HIS N 73 29.65 10.92 -11.73
N ASN N 74 30.21 9.81 -12.23
CA ASN N 74 29.57 8.50 -12.21
C ASN N 74 28.31 8.48 -13.09
N GLY N 75 28.14 9.51 -13.91
CA GLY N 75 26.99 9.61 -14.79
C GLY N 75 26.83 8.45 -15.76
N TYR N 76 27.95 7.98 -16.31
CA TYR N 76 27.91 6.86 -17.24
C TYR N 76 27.48 5.57 -16.51
N ILE N 77 27.77 5.49 -15.21
CA ILE N 77 27.36 4.33 -14.42
C ILE N 77 25.83 4.40 -14.26
N LEU N 78 25.31 5.60 -13.96
CA LEU N 78 23.87 5.81 -13.81
C LEU N 78 23.12 5.43 -15.07
N ARG N 79 23.63 5.89 -16.22
CA ARG N 79 22.97 5.62 -17.49
C ARG N 79 23.04 4.16 -17.92
N TYR N 80 24.19 3.53 -17.75
CA TYR N 80 24.36 2.14 -18.13
C TYR N 80 23.57 1.25 -17.18
N LEU N 81 23.52 1.63 -15.92
CA LEU N 81 22.75 0.87 -14.95
C LEU N 81 21.28 0.96 -15.36
N HIS N 82 20.82 2.17 -15.67
CA HIS N 82 19.43 2.37 -16.08
C HIS N 82 19.11 1.61 -17.35
N ALA N 83 19.91 1.84 -18.40
CA ALA N 83 19.70 1.20 -19.70
C ALA N 83 19.83 -0.31 -19.67
N ASN N 84 20.91 -0.83 -19.11
CA ASN N 84 21.07 -2.28 -19.04
C ASN N 84 20.08 -2.83 -18.04
N GLY N 85 19.78 -2.04 -17.01
CA GLY N 85 18.82 -2.45 -16.01
C GLY N 85 17.48 -2.72 -16.64
N ALA N 86 17.06 -1.89 -17.58
CA ALA N 86 15.78 -2.08 -18.26
C ALA N 86 15.75 -3.44 -18.96
N SER N 87 16.86 -3.81 -19.58
CA SER N 87 16.97 -5.08 -20.28
C SER N 87 16.84 -6.26 -19.32
N PHE N 88 17.53 -6.18 -18.20
CA PHE N 88 17.50 -7.25 -17.21
C PHE N 88 16.12 -7.35 -16.60
N PHE N 89 15.46 -6.19 -16.49
CA PHE N 89 14.11 -6.13 -15.96
C PHE N 89 13.23 -7.03 -16.84
N PHE N 90 13.36 -6.92 -18.16
CA PHE N 90 12.56 -7.74 -19.07
C PHE N 90 12.95 -9.21 -19.13
N MET N 91 14.23 -9.51 -19.01
CA MET N 91 14.68 -10.91 -19.05
C MET N 91 14.13 -11.63 -17.80
N VAL N 92 14.16 -10.92 -16.68
CA VAL N 92 13.66 -11.47 -15.42
C VAL N 92 12.14 -11.56 -15.41
N MET N 93 11.46 -10.60 -16.04
CA MET N 93 10.01 -10.64 -16.08
C MET N 93 9.57 -11.77 -17.02
N PHE N 94 10.34 -12.03 -18.08
CA PHE N 94 10.02 -13.11 -19.00
C PHE N 94 10.15 -14.45 -18.25
N MET N 95 11.20 -14.60 -17.45
CA MET N 95 11.40 -15.83 -16.67
C MET N 95 10.33 -15.99 -15.59
N HIS N 96 9.95 -14.88 -14.97
CA HIS N 96 8.93 -14.88 -13.92
C HIS N 96 7.60 -15.36 -14.55
N MET N 97 7.25 -14.81 -15.71
CA MET N 97 6.03 -15.17 -16.42
C MET N 97 6.07 -16.62 -16.89
N ALA N 98 7.23 -17.05 -17.42
CA ALA N 98 7.41 -18.43 -17.87
C ALA N 98 7.28 -19.41 -16.71
N LYS N 99 7.78 -19.02 -15.55
CA LYS N 99 7.70 -19.83 -14.33
C LYS N 99 6.18 -20.00 -14.08
N GLY N 100 5.44 -18.92 -14.24
CA GLY N 100 4.00 -18.95 -14.03
C GLY N 100 3.28 -19.88 -14.98
N LEU N 101 3.70 -19.87 -16.24
CA LEU N 101 3.12 -20.72 -17.28
C LEU N 101 3.37 -22.19 -16.94
N TYR N 102 4.64 -22.52 -16.71
CA TYR N 102 5.06 -23.89 -16.42
C TYR N 102 4.44 -24.54 -15.17
N TYR N 103 4.34 -23.78 -14.08
CA TYR N 103 3.79 -24.34 -12.84
C TYR N 103 2.30 -24.07 -12.57
N GLY N 104 1.59 -23.60 -13.58
CA GLY N 104 0.16 -23.33 -13.43
C GLY N 104 -0.16 -22.30 -12.35
N SER N 105 0.74 -21.34 -12.19
CA SER N 105 0.55 -20.31 -11.18
C SER N 105 -0.70 -19.47 -11.48
N TYR N 106 -1.07 -19.39 -12.75
CA TYR N 106 -2.23 -18.63 -13.21
C TYR N 106 -3.55 -19.28 -12.83
N ARG N 107 -3.51 -20.57 -12.51
CA ARG N 107 -4.71 -21.31 -12.15
C ARG N 107 -5.29 -20.83 -10.83
N SER N 108 -6.58 -21.11 -10.67
CA SER N 108 -7.30 -20.78 -9.47
C SER N 108 -6.53 -21.39 -8.29
N PRO N 109 -6.52 -20.72 -7.13
CA PRO N 109 -7.18 -19.45 -6.80
C PRO N 109 -6.36 -18.20 -7.08
N ARG N 110 -5.36 -18.31 -7.94
CA ARG N 110 -4.46 -17.20 -8.24
C ARG N 110 -4.71 -16.43 -9.52
N VAL N 111 -5.95 -16.49 -10.02
CA VAL N 111 -6.31 -15.79 -11.25
C VAL N 111 -6.10 -14.26 -11.20
N THR N 112 -6.52 -13.64 -10.09
CA THR N 112 -6.38 -12.19 -9.93
C THR N 112 -4.90 -11.81 -9.89
N LEU N 113 -4.10 -12.65 -9.22
CA LEU N 113 -2.67 -12.46 -9.12
C LEU N 113 -2.09 -12.38 -10.54
N TRP N 114 -2.51 -13.32 -11.38
CA TRP N 114 -2.06 -13.39 -12.76
C TRP N 114 -2.53 -12.18 -13.57
N ASN N 115 -3.79 -11.81 -13.43
CA ASN N 115 -4.35 -10.67 -14.17
C ASN N 115 -3.66 -9.35 -13.83
N VAL N 116 -3.44 -9.10 -12.55
CA VAL N 116 -2.74 -7.88 -12.15
C VAL N 116 -1.35 -7.93 -12.76
N GLY N 117 -0.76 -9.13 -12.81
CA GLY N 117 0.55 -9.30 -13.41
C GLY N 117 0.52 -8.88 -14.87
N VAL N 118 -0.50 -9.30 -15.61
CA VAL N 118 -0.62 -8.90 -17.02
C VAL N 118 -0.68 -7.38 -17.09
N ILE N 119 -1.35 -6.75 -16.11
CA ILE N 119 -1.44 -5.28 -16.09
C ILE N 119 -0.03 -4.70 -15.96
N ILE N 120 0.75 -5.24 -15.02
CA ILE N 120 2.12 -4.80 -14.75
C ILE N 120 3.01 -4.92 -15.98
N PHE N 121 2.85 -6.02 -16.72
CA PHE N 121 3.62 -6.27 -17.94
C PHE N 121 3.39 -5.15 -18.94
N ILE N 122 2.12 -4.79 -19.14
CA ILE N 122 1.74 -3.74 -20.08
C ILE N 122 2.30 -2.39 -19.63
N LEU N 123 2.14 -2.05 -18.36
CA LEU N 123 2.66 -0.78 -17.88
C LEU N 123 4.17 -0.72 -18.02
N THR N 124 4.84 -1.86 -17.75
CA THR N 124 6.30 -1.93 -17.82
C THR N 124 6.80 -1.71 -19.25
N ILE N 125 6.11 -2.29 -20.23
CA ILE N 125 6.48 -2.11 -21.62
C ILE N 125 6.27 -0.66 -22.05
N ALA N 126 5.18 -0.05 -21.61
CA ALA N 126 4.87 1.33 -21.96
C ALA N 126 5.89 2.27 -21.34
N THR N 127 6.31 1.94 -20.12
CA THR N 127 7.30 2.74 -19.41
C THR N 127 8.60 2.66 -20.16
N ALA N 128 9.00 1.46 -20.56
CA ALA N 128 10.26 1.27 -21.27
C ALA N 128 10.26 2.04 -22.59
N PHE N 129 9.11 2.02 -23.26
CA PHE N 129 8.94 2.73 -24.51
C PHE N 129 9.18 4.22 -24.27
N LEU N 130 8.43 4.79 -23.33
CA LEU N 130 8.54 6.20 -22.99
C LEU N 130 9.98 6.60 -22.62
N GLY N 131 10.66 5.74 -21.87
CA GLY N 131 12.04 6.03 -21.48
C GLY N 131 13.01 6.10 -22.67
N TYR N 132 12.86 5.15 -23.58
CA TYR N 132 13.69 5.09 -24.77
C TYR N 132 13.53 6.36 -25.63
N CYS N 133 12.31 6.88 -25.69
CA CYS N 133 11.99 8.09 -26.46
C CYS N 133 12.76 9.30 -25.91
N CYS N 134 12.90 9.35 -24.60
CA CYS N 134 13.60 10.46 -23.96
C CYS N 134 15.04 10.69 -24.38
N VAL N 135 15.68 9.68 -24.94
CA VAL N 135 17.08 9.80 -25.37
C VAL N 135 17.17 10.65 -26.62
N TYR N 136 16.10 10.56 -27.41
CA TYR N 136 15.96 11.24 -28.67
C TYR N 136 17.07 10.95 -29.69
N GLY N 137 17.25 9.67 -29.98
CA GLY N 137 18.21 9.24 -30.98
C GLY N 137 17.37 8.89 -32.19
N GLN N 138 17.96 8.27 -33.20
CA GLN N 138 17.19 7.89 -34.39
C GLN N 138 16.12 6.90 -34.04
N MET N 139 16.46 5.90 -33.24
CA MET N 139 15.51 4.86 -32.84
C MET N 139 14.37 5.42 -31.99
N SER N 140 14.71 6.40 -31.17
CA SER N 140 13.75 7.05 -30.30
C SER N 140 12.67 7.76 -31.12
N HIS N 141 13.10 8.60 -32.08
CA HIS N 141 12.17 9.34 -32.92
C HIS N 141 11.25 8.41 -33.66
N TRP N 142 11.82 7.49 -34.41
CA TRP N 142 11.03 6.56 -35.19
C TRP N 142 10.23 5.56 -34.36
N GLY N 143 10.70 5.26 -33.16
CA GLY N 143 9.97 4.37 -32.31
C GLY N 143 8.75 5.13 -31.82
N ALA N 144 8.97 6.37 -31.38
CA ALA N 144 7.86 7.20 -30.91
C ALA N 144 6.83 7.31 -32.03
N THR N 145 7.33 7.52 -33.25
CA THR N 145 6.50 7.68 -34.43
C THR N 145 5.65 6.45 -34.73
N VAL N 146 6.30 5.29 -34.82
CA VAL N 146 5.60 4.05 -35.12
C VAL N 146 4.58 3.65 -34.06
N ILE N 147 5.00 3.71 -32.80
CA ILE N 147 4.14 3.33 -31.70
C ILE N 147 2.95 4.23 -31.45
N THR N 148 3.13 5.54 -31.55
CA THR N 148 2.00 6.43 -31.34
C THR N 148 1.00 6.17 -32.47
N ASN N 149 1.53 5.95 -33.67
CA ASN N 149 0.71 5.67 -34.84
C ASN N 149 -0.08 4.39 -34.74
N LEU N 150 0.24 3.57 -33.75
CA LEU N 150 -0.46 2.30 -33.54
C LEU N 150 -1.95 2.61 -33.35
N PHE N 151 -2.20 3.74 -32.71
CA PHE N 151 -3.56 4.20 -32.43
C PHE N 151 -4.32 4.73 -33.62
N SER N 152 -3.61 5.01 -34.71
CA SER N 152 -4.27 5.51 -35.91
C SER N 152 -5.11 4.42 -36.55
N ALA N 153 -4.94 3.20 -36.05
CA ALA N 153 -5.69 2.05 -36.54
C ALA N 153 -7.09 2.04 -35.94
N ILE N 154 -7.32 2.84 -34.90
CA ILE N 154 -8.65 2.91 -34.32
C ILE N 154 -9.52 3.66 -35.33
N PRO N 155 -10.62 3.04 -35.79
CA PRO N 155 -11.49 3.70 -36.77
C PRO N 155 -12.16 4.99 -36.30
N PHE N 156 -12.21 5.95 -37.21
CA PHE N 156 -12.81 7.27 -36.99
C PHE N 156 -11.98 8.22 -36.16
N VAL N 157 -11.95 8.01 -34.85
CA VAL N 157 -11.16 8.88 -33.97
C VAL N 157 -9.66 8.62 -34.00
N GLY N 158 -9.25 7.57 -34.72
CA GLY N 158 -7.85 7.19 -34.80
C GLY N 158 -6.78 8.25 -35.00
N ASN N 159 -6.92 9.07 -36.03
CA ASN N 159 -5.94 10.12 -36.29
C ASN N 159 -5.93 11.27 -35.31
N ASP N 160 -7.08 11.52 -34.67
CA ASP N 160 -7.17 12.58 -33.68
C ASP N 160 -6.40 12.18 -32.42
N ILE N 161 -6.53 10.91 -32.04
CA ILE N 161 -5.84 10.38 -30.87
C ILE N 161 -4.33 10.58 -31.07
N VAL N 162 -3.85 10.25 -32.27
CA VAL N 162 -2.44 10.40 -32.59
C VAL N 162 -1.96 11.87 -32.54
N SER N 163 -2.78 12.79 -33.06
CA SER N 163 -2.43 14.22 -33.03
C SER N 163 -2.42 14.70 -31.58
N TRP N 164 -3.33 14.14 -30.79
CA TRP N 164 -3.45 14.46 -29.38
C TRP N 164 -2.23 13.94 -28.64
N LEU N 165 -1.81 12.71 -28.94
CA LEU N 165 -0.63 12.12 -28.30
C LEU N 165 0.62 12.94 -28.66
N TRP N 166 0.76 13.29 -29.94
CA TRP N 166 1.91 14.06 -30.40
C TRP N 166 1.92 15.49 -29.88
N GLY N 167 0.73 16.09 -29.87
CA GLY N 167 0.59 17.47 -29.43
C GLY N 167 1.00 18.36 -30.58
N GLY N 168 0.94 17.81 -31.80
CA GLY N 168 1.34 18.57 -32.97
C GLY N 168 1.19 17.82 -34.27
N PHE N 169 1.97 18.23 -35.26
CA PHE N 169 1.92 17.63 -36.58
C PHE N 169 2.79 16.40 -36.76
N SER N 170 3.67 16.14 -35.79
CA SER N 170 4.55 14.98 -35.82
C SER N 170 5.24 14.92 -34.48
N VAL N 171 5.99 13.83 -34.25
CA VAL N 171 6.73 13.70 -33.00
C VAL N 171 7.63 14.92 -32.97
N SER N 172 7.48 15.73 -31.95
CA SER N 172 8.24 16.95 -31.81
C SER N 172 8.43 17.34 -30.33
N ASN N 173 8.78 18.60 -30.09
CA ASN N 173 9.00 19.08 -28.74
C ASN N 173 7.92 18.72 -27.73
N PRO N 174 6.65 19.06 -28.01
CA PRO N 174 5.64 18.69 -27.03
C PRO N 174 5.53 17.18 -26.80
N THR N 175 5.94 16.39 -27.79
CA THR N 175 5.84 14.93 -27.64
C THR N 175 6.92 14.42 -26.68
N ILE N 176 8.15 14.86 -26.85
CA ILE N 176 9.22 14.40 -25.98
C ILE N 176 9.03 14.90 -24.54
N GLN N 177 8.61 16.15 -24.38
CA GLN N 177 8.42 16.68 -23.03
C GLN N 177 7.32 15.98 -22.24
N ARG N 178 6.22 15.58 -22.89
CA ARG N 178 5.16 14.89 -22.15
C ARG N 178 5.58 13.45 -21.91
N PHE N 179 6.27 12.86 -22.88
CA PHE N 179 6.76 11.49 -22.75
C PHE N 179 7.71 11.40 -21.55
N PHE N 180 8.56 12.39 -21.35
CA PHE N 180 9.43 12.34 -20.18
C PHE N 180 8.57 12.51 -18.92
N ALA N 181 7.54 13.34 -19.00
CA ALA N 181 6.66 13.54 -17.83
C ALA N 181 5.98 12.23 -17.48
N LEU N 182 5.50 11.55 -18.53
CA LEU N 182 4.83 10.28 -18.36
C LEU N 182 5.81 9.19 -17.92
N HIS N 183 7.03 9.23 -18.43
CA HIS N 183 8.03 8.23 -18.07
C HIS N 183 8.29 8.26 -16.56
N TYR N 184 8.21 9.46 -15.99
CA TYR N 184 8.43 9.66 -14.57
C TYR N 184 7.24 9.12 -13.77
N LEU N 185 6.03 9.28 -14.32
CA LEU N 185 4.80 8.86 -13.66
C LEU N 185 4.58 7.36 -13.50
N VAL N 186 4.53 6.66 -14.63
CA VAL N 186 4.23 5.23 -14.63
C VAL N 186 4.99 4.32 -13.67
N PRO N 187 6.28 4.56 -13.45
CA PRO N 187 6.97 3.68 -12.51
C PRO N 187 6.27 3.68 -11.15
N PHE N 188 5.67 4.80 -10.79
CA PHE N 188 4.95 4.89 -9.52
C PHE N 188 3.61 4.17 -9.57
N ILE N 189 3.04 4.05 -10.77
CA ILE N 189 1.78 3.36 -10.92
C ILE N 189 2.10 1.87 -10.84
N ILE N 190 3.20 1.46 -11.47
CA ILE N 190 3.63 0.06 -11.45
C ILE N 190 3.85 -0.38 -10.01
N ALA N 191 4.51 0.47 -9.23
CA ALA N 191 4.76 0.18 -7.82
C ALA N 191 3.42 -0.06 -7.12
N ALA N 192 2.44 0.82 -7.40
CA ALA N 192 1.11 0.70 -6.82
C ALA N 192 0.55 -0.64 -7.26
N MET N 193 0.73 -0.97 -8.53
CA MET N 193 0.24 -2.24 -9.03
C MET N 193 0.98 -3.42 -8.40
N VAL N 194 2.28 -3.25 -8.12
CA VAL N 194 3.04 -4.31 -7.47
C VAL N 194 2.45 -4.61 -6.08
N ILE N 195 2.08 -3.56 -5.37
CA ILE N 195 1.47 -3.74 -4.05
C ILE N 195 0.19 -4.56 -4.17
N MET N 196 -0.60 -4.27 -5.19
CA MET N 196 -1.83 -5.03 -5.41
C MET N 196 -1.47 -6.49 -5.74
N HIS N 197 -0.39 -6.67 -6.50
CA HIS N 197 0.11 -7.99 -6.89
C HIS N 197 0.43 -8.78 -5.62
N LEU N 198 1.16 -8.15 -4.71
CA LEU N 198 1.53 -8.77 -3.44
C LEU N 198 0.34 -9.03 -2.54
N MET N 199 -0.68 -8.19 -2.63
CA MET N 199 -1.87 -8.37 -1.81
C MET N 199 -2.58 -9.64 -2.26
N ALA N 200 -2.64 -9.87 -3.56
CA ALA N 200 -3.29 -11.07 -4.09
C ALA N 200 -2.43 -12.28 -3.78
N LEU N 201 -1.12 -12.11 -3.87
CA LEU N 201 -0.21 -13.20 -3.59
C LEU N 201 -0.36 -13.64 -2.13
N HIS N 202 -0.46 -12.67 -1.23
CA HIS N 202 -0.57 -12.92 0.20
C HIS N 202 -1.80 -13.70 0.70
N ILE N 203 -2.98 -13.48 0.13
CA ILE N 203 -4.15 -14.20 0.63
C ILE N 203 -4.12 -15.69 0.31
N HIS N 204 -3.35 -16.05 -0.71
CA HIS N 204 -3.24 -17.45 -1.10
C HIS N 204 -1.85 -18.05 -0.94
N GLY N 205 -0.85 -17.19 -0.70
CA GLY N 205 0.51 -17.64 -0.56
C GLY N 205 1.02 -18.14 -1.91
N SER N 206 2.30 -18.47 -1.98
CA SER N 206 2.90 -18.97 -3.19
C SER N 206 2.52 -20.43 -3.42
N SER N 207 2.64 -20.87 -4.65
CA SER N 207 2.38 -22.25 -5.02
C SER N 207 3.73 -22.94 -4.87
N ASN N 208 3.87 -24.16 -5.37
CA ASN N 208 5.14 -24.88 -5.28
C ASN N 208 5.34 -25.75 -6.52
N PRO N 209 6.58 -26.21 -6.76
CA PRO N 209 6.91 -27.06 -7.91
C PRO N 209 6.14 -28.37 -8.06
N LEU N 210 5.52 -28.84 -6.98
CA LEU N 210 4.73 -30.06 -7.04
C LEU N 210 3.29 -29.76 -7.47
N GLY N 211 2.84 -28.52 -7.30
CA GLY N 211 1.50 -28.16 -7.71
C GLY N 211 0.39 -28.55 -6.76
N ILE N 212 0.77 -29.07 -5.59
CA ILE N 212 -0.20 -29.48 -4.59
C ILE N 212 -0.08 -28.55 -3.41
N THR N 213 -0.96 -28.73 -2.42
CA THR N 213 -0.98 -27.87 -1.26
C THR N 213 0.33 -27.75 -0.51
N GLY N 214 0.64 -26.54 -0.08
CA GLY N 214 1.84 -26.31 0.66
C GLY N 214 1.52 -26.19 2.14
N ASN N 215 0.25 -26.37 2.48
CA ASN N 215 -0.23 -26.26 3.85
C ASN N 215 0.32 -27.21 4.92
N LEU N 216 0.91 -28.32 4.50
CA LEU N 216 1.41 -29.28 5.47
C LEU N 216 2.83 -29.08 5.94
N ASP N 217 3.57 -28.22 5.25
CA ASP N 217 4.97 -28.00 5.62
C ASP N 217 5.49 -26.64 5.18
N ARG N 218 5.24 -25.63 6.01
CA ARG N 218 5.72 -24.29 5.69
C ARG N 218 6.91 -23.92 6.58
N ILE N 219 7.80 -23.09 6.04
CA ILE N 219 8.91 -22.58 6.81
C ILE N 219 8.84 -21.07 6.60
N PRO N 220 9.13 -20.30 7.65
CA PRO N 220 9.10 -18.84 7.66
C PRO N 220 9.95 -18.25 6.58
N MET N 221 9.53 -17.08 6.10
CA MET N 221 10.26 -16.36 5.08
C MET N 221 11.60 -15.96 5.66
N HIS N 222 11.60 -15.40 6.86
CA HIS N 222 12.84 -14.98 7.46
C HIS N 222 13.85 -16.06 7.80
N SER N 223 15.01 -15.76 7.24
CA SER N 223 16.23 -16.51 7.27
C SER N 223 16.26 -17.40 6.04
N TYR N 224 15.43 -18.43 6.01
CA TYR N 224 15.48 -19.34 4.85
C TYR N 224 15.42 -18.64 3.51
N PHE N 225 14.34 -17.91 3.27
CA PHE N 225 14.18 -17.23 2.00
C PHE N 225 14.82 -15.85 1.90
N ILE N 226 14.99 -15.18 3.04
CA ILE N 226 15.65 -13.89 3.03
C ILE N 226 17.08 -14.13 2.54
N PHE N 227 17.69 -15.24 2.98
CA PHE N 227 19.05 -15.57 2.56
C PHE N 227 19.13 -16.26 1.22
N LYS N 228 18.08 -17.00 0.87
CA LYS N 228 18.08 -17.65 -0.43
C LYS N 228 17.94 -16.58 -1.52
N ASP N 229 17.14 -15.55 -1.25
CA ASP N 229 16.94 -14.45 -2.21
C ASP N 229 18.22 -13.65 -2.40
N LEU N 230 18.99 -13.54 -1.34
CA LEU N 230 20.24 -12.81 -1.35
C LEU N 230 21.21 -13.43 -2.36
N VAL N 231 21.14 -14.74 -2.51
CA VAL N 231 21.98 -15.49 -3.44
C VAL N 231 21.72 -14.99 -4.85
N THR N 232 20.45 -14.92 -5.24
CA THR N 232 20.09 -14.46 -6.58
C THR N 232 20.26 -12.95 -6.73
N VAL N 233 20.16 -12.20 -5.62
CA VAL N 233 20.36 -10.75 -5.67
C VAL N 233 21.80 -10.49 -6.11
N PHE N 234 22.73 -11.22 -5.51
CA PHE N 234 24.14 -11.08 -5.84
C PHE N 234 24.51 -11.59 -7.23
N LEU N 235 23.87 -12.66 -7.70
CA LEU N 235 24.18 -13.16 -9.04
C LEU N 235 23.62 -12.20 -10.08
N PHE N 236 22.46 -11.62 -9.79
CA PHE N 236 21.82 -10.63 -10.68
C PHE N 236 22.76 -9.41 -10.78
N MET N 237 23.23 -8.94 -9.63
CA MET N 237 24.13 -7.78 -9.58
C MET N 237 25.45 -8.07 -10.31
N LEU N 238 26.02 -9.25 -10.08
CA LEU N 238 27.27 -9.66 -10.72
C LEU N 238 27.14 -9.59 -12.24
N ILE N 239 26.09 -10.22 -12.77
CA ILE N 239 25.87 -10.22 -14.23
C ILE N 239 25.54 -8.84 -14.79
N LEU N 240 24.75 -8.06 -14.06
CA LEU N 240 24.42 -6.70 -14.51
C LEU N 240 25.72 -5.88 -14.51
N ALA N 241 26.58 -6.12 -13.53
CA ALA N 241 27.86 -5.42 -13.42
C ALA N 241 28.76 -5.77 -14.61
N LEU N 242 28.73 -7.03 -15.02
CA LEU N 242 29.53 -7.47 -16.16
C LEU N 242 29.16 -6.69 -17.41
N PHE N 243 27.86 -6.47 -17.61
CA PHE N 243 27.38 -5.72 -18.76
C PHE N 243 27.62 -4.23 -18.60
N VAL N 244 27.32 -3.68 -17.43
CA VAL N 244 27.46 -2.25 -17.17
C VAL N 244 28.86 -1.70 -17.34
N PHE N 245 29.85 -2.40 -16.81
CA PHE N 245 31.23 -1.94 -16.91
C PHE N 245 32.03 -2.50 -18.09
N TYR N 246 31.72 -3.73 -18.51
CA TYR N 246 32.48 -4.38 -19.59
C TYR N 246 31.85 -4.51 -20.96
N SER N 247 30.53 -4.42 -21.05
CA SER N 247 29.87 -4.54 -22.35
C SER N 247 28.54 -3.78 -22.25
N PRO N 248 28.62 -2.49 -21.89
CA PRO N 248 27.46 -1.60 -21.72
C PRO N 248 26.56 -1.30 -22.89
N ASN N 249 26.99 -1.61 -24.11
CA ASN N 249 26.18 -1.31 -25.27
C ASN N 249 25.81 -2.47 -26.17
N THR N 250 26.18 -3.71 -25.82
CA THR N 250 25.81 -4.83 -26.68
C THR N 250 24.30 -5.10 -26.77
N LEU N 251 23.53 -4.68 -25.76
CA LEU N 251 22.09 -4.89 -25.79
C LEU N 251 21.30 -3.74 -26.44
N GLY N 252 21.99 -2.67 -26.85
CA GLY N 252 21.32 -1.56 -27.46
C GLY N 252 21.53 -1.47 -28.96
N HIS N 253 21.15 -0.34 -29.55
CA HIS N 253 21.29 -0.14 -30.98
C HIS N 253 22.15 1.09 -31.23
N PRO N 254 23.20 0.96 -32.06
CA PRO N 254 24.10 2.08 -32.39
C PRO N 254 23.38 3.29 -32.99
N ASP N 255 22.22 3.07 -33.62
CA ASP N 255 21.46 4.16 -34.22
C ASP N 255 20.96 5.16 -33.18
N ASN N 256 20.86 4.72 -31.93
CA ASN N 256 20.41 5.63 -30.90
C ASN N 256 21.56 6.49 -30.38
N TYR N 257 22.68 6.45 -31.09
CA TYR N 257 23.82 7.31 -30.75
C TYR N 257 23.89 8.40 -31.80
N ILE N 258 22.87 8.44 -32.66
CA ILE N 258 22.73 9.43 -33.71
C ILE N 258 21.46 10.20 -33.34
N PRO N 259 21.53 11.53 -33.22
CA PRO N 259 20.37 12.37 -32.87
C PRO N 259 19.21 12.14 -33.84
N GLY N 260 18.00 12.09 -33.31
CA GLY N 260 16.82 11.89 -34.14
C GLY N 260 16.74 12.86 -35.29
N ASN N 261 16.31 12.36 -36.45
CA ASN N 261 16.17 13.14 -37.66
C ASN N 261 14.80 12.84 -38.26
N PRO N 262 13.88 13.82 -38.23
CA PRO N 262 12.50 13.73 -38.74
C PRO N 262 12.35 13.44 -40.24
N LEU N 263 13.43 13.63 -41.01
CA LEU N 263 13.39 13.42 -42.45
C LEU N 263 14.00 12.09 -42.93
N VAL N 264 14.68 11.38 -42.03
CA VAL N 264 15.34 10.12 -42.39
C VAL N 264 15.13 8.96 -41.41
N THR N 265 14.53 7.88 -41.89
CA THR N 265 14.35 6.70 -41.06
C THR N 265 15.48 5.78 -41.50
N PRO N 266 16.39 5.44 -40.59
CA PRO N 266 17.52 4.57 -40.92
C PRO N 266 17.05 3.24 -41.47
N ALA N 267 17.76 2.73 -42.47
CA ALA N 267 17.42 1.43 -43.05
C ALA N 267 17.72 0.33 -42.02
N SER N 268 18.63 0.63 -41.09
CA SER N 268 19.03 -0.31 -40.05
C SER N 268 18.13 -0.28 -38.80
N ILE N 269 16.95 0.31 -38.92
CA ILE N 269 16.03 0.37 -37.79
C ILE N 269 15.60 -0.99 -37.28
N VAL N 270 15.70 -1.19 -35.97
CA VAL N 270 15.30 -2.43 -35.30
C VAL N 270 14.85 -2.08 -33.89
N PRO N 271 13.67 -2.58 -33.46
CA PRO N 271 13.16 -2.31 -32.12
C PRO N 271 14.07 -2.90 -31.05
N GLU N 272 13.85 -2.50 -29.81
CA GLU N 272 14.64 -3.01 -28.69
C GLU N 272 14.36 -4.50 -28.63
N TRP N 273 15.39 -5.29 -28.32
CA TRP N 273 15.26 -6.75 -28.30
C TRP N 273 14.02 -7.33 -27.61
N TYR N 274 13.69 -6.84 -26.41
CA TYR N 274 12.54 -7.36 -25.67
C TYR N 274 11.17 -7.13 -26.31
N LEU N 275 11.12 -6.26 -27.31
CA LEU N 275 9.88 -5.96 -28.01
C LEU N 275 9.81 -6.73 -29.34
N LEU N 276 10.91 -7.36 -29.74
CA LEU N 276 11.01 -8.09 -31.01
C LEU N 276 9.96 -9.14 -31.34
N PRO N 277 9.56 -9.97 -30.36
CA PRO N 277 8.55 -10.99 -30.65
C PRO N 277 7.20 -10.40 -31.04
N PHE N 278 6.79 -9.33 -30.34
CA PHE N 278 5.51 -8.68 -30.59
C PHE N 278 5.57 -7.93 -31.90
N TYR N 279 6.75 -7.42 -32.18
CA TYR N 279 7.04 -6.73 -33.42
C TYR N 279 6.89 -7.72 -34.58
N ALA N 280 7.37 -8.94 -34.39
CA ALA N 280 7.30 -9.98 -35.41
C ALA N 280 5.85 -10.39 -35.65
N ILE N 281 5.07 -10.46 -34.58
CA ILE N 281 3.68 -10.83 -34.68
C ILE N 281 2.93 -9.83 -35.55
N LEU N 282 3.06 -8.54 -35.23
CA LEU N 282 2.42 -7.48 -36.01
C LEU N 282 2.87 -7.52 -37.47
N ARG N 283 4.17 -7.70 -37.69
CA ARG N 283 4.75 -7.74 -39.02
C ARG N 283 4.26 -8.90 -39.88
N SER N 284 3.67 -9.90 -39.25
CA SER N 284 3.18 -11.09 -39.95
C SER N 284 1.81 -10.91 -40.60
N ILE N 285 1.10 -9.87 -40.17
CA ILE N 285 -0.23 -9.62 -40.70
C ILE N 285 -0.16 -8.52 -41.76
N PRO N 286 -0.44 -8.87 -43.02
CA PRO N 286 -0.43 -7.95 -44.17
C PRO N 286 -1.55 -6.91 -44.16
N ASP N 287 -2.07 -6.59 -42.98
CA ASP N 287 -3.15 -5.62 -42.83
C ASP N 287 -2.84 -4.70 -41.65
N LYS N 288 -2.96 -3.40 -41.86
CA LYS N 288 -2.68 -2.45 -40.80
C LYS N 288 -3.48 -2.72 -39.52
N LEU N 289 -4.80 -2.58 -39.60
CA LEU N 289 -5.68 -2.80 -38.44
C LEU N 289 -5.53 -4.17 -37.78
N LEU N 290 -5.64 -5.22 -38.59
CA LEU N 290 -5.52 -6.58 -38.09
C LEU N 290 -4.15 -6.82 -37.46
N GLY N 291 -3.14 -6.11 -37.95
CA GLY N 291 -1.80 -6.24 -37.42
C GLY N 291 -1.63 -5.74 -35.99
N VAL N 292 -2.18 -4.56 -35.69
CA VAL N 292 -2.06 -4.03 -34.34
C VAL N 292 -2.94 -4.83 -33.38
N ILE N 293 -4.10 -5.27 -33.87
CA ILE N 293 -5.02 -6.04 -33.04
C ILE N 293 -4.37 -7.33 -32.57
N THR N 294 -3.80 -8.07 -33.52
CA THR N 294 -3.14 -9.33 -33.24
C THR N 294 -1.97 -9.15 -32.28
N MET N 295 -1.19 -8.08 -32.49
CA MET N 295 -0.06 -7.84 -31.62
C MET N 295 -0.55 -7.58 -30.19
N PHE N 296 -1.58 -6.75 -30.04
CA PHE N 296 -2.11 -6.47 -28.70
C PHE N 296 -2.78 -7.71 -28.12
N ALA N 297 -3.40 -8.52 -28.96
CA ALA N 297 -4.07 -9.74 -28.54
C ALA N 297 -3.03 -10.75 -28.04
N ALA N 298 -1.80 -10.62 -28.54
CA ALA N 298 -0.71 -11.51 -28.15
C ALA N 298 -0.42 -11.36 -26.66
N ILE N 299 -0.68 -10.17 -26.11
CA ILE N 299 -0.46 -9.94 -24.68
C ILE N 299 -1.72 -10.35 -23.91
N LEU N 300 -2.87 -9.94 -24.41
CA LEU N 300 -4.15 -10.23 -23.77
C LEU N 300 -4.51 -11.71 -23.71
N VAL N 301 -4.05 -12.51 -24.67
CA VAL N 301 -4.36 -13.94 -24.66
C VAL N 301 -3.85 -14.66 -23.40
N LEU N 302 -2.88 -14.03 -22.72
CA LEU N 302 -2.31 -14.56 -21.48
C LEU N 302 -3.44 -14.68 -20.45
N LEU N 303 -4.50 -13.88 -20.63
CA LEU N 303 -5.66 -13.85 -19.73
C LEU N 303 -6.58 -15.06 -19.88
N VAL N 304 -6.50 -15.76 -21.01
CA VAL N 304 -7.36 -16.91 -21.27
C VAL N 304 -6.86 -18.24 -20.69
N LEU N 305 -5.58 -18.30 -20.35
CA LEU N 305 -4.96 -19.51 -19.82
C LEU N 305 -5.69 -20.17 -18.65
N PRO N 306 -6.21 -19.39 -17.69
CA PRO N 306 -6.90 -20.02 -16.56
C PRO N 306 -8.09 -20.84 -17.01
N PHE N 307 -8.64 -20.50 -18.16
CA PHE N 307 -9.80 -21.19 -18.69
C PHE N 307 -9.50 -22.26 -19.73
N THR N 308 -8.38 -22.13 -20.46
CA THR N 308 -8.04 -23.12 -21.48
C THR N 308 -7.28 -24.32 -20.93
N ASP N 309 -6.78 -24.22 -19.71
CA ASP N 309 -6.07 -25.34 -19.11
C ASP N 309 -7.13 -26.21 -18.43
N ARG N 310 -7.35 -27.39 -19.01
CA ARG N 310 -8.35 -28.32 -18.52
C ARG N 310 -7.81 -29.34 -17.54
N SER N 311 -6.50 -29.32 -17.32
CA SER N 311 -5.86 -30.26 -16.41
C SER N 311 -6.46 -30.27 -15.02
N VAL N 312 -6.48 -31.44 -14.43
CA VAL N 312 -7.03 -31.63 -13.11
C VAL N 312 -5.92 -31.45 -12.05
N VAL N 313 -4.70 -31.21 -12.52
CA VAL N 313 -3.58 -30.99 -11.62
C VAL N 313 -2.91 -29.70 -12.07
N ARG N 314 -2.34 -28.96 -11.13
CA ARG N 314 -1.65 -27.70 -11.41
C ARG N 314 -0.18 -27.90 -11.67
N GLY N 315 0.30 -27.33 -12.77
CA GLY N 315 1.72 -27.43 -13.11
C GLY N 315 2.10 -28.54 -14.07
N ASN N 316 3.24 -28.35 -14.74
CA ASN N 316 3.73 -29.32 -15.70
C ASN N 316 4.70 -30.39 -15.18
N THR N 317 5.10 -30.33 -13.91
CA THR N 317 6.07 -31.30 -13.39
C THR N 317 5.88 -32.79 -13.72
N PHE N 318 4.64 -33.27 -13.71
CA PHE N 318 4.38 -34.68 -13.98
C PHE N 318 3.68 -34.91 -15.29
N LYS N 319 3.84 -34.00 -16.23
CA LYS N 319 3.16 -34.11 -17.52
C LYS N 319 4.08 -34.01 -18.74
N VAL N 320 4.44 -35.16 -19.27
CA VAL N 320 5.30 -35.30 -20.45
C VAL N 320 4.87 -34.44 -21.65
N LEU N 321 3.62 -34.56 -22.10
CA LEU N 321 3.16 -33.79 -23.27
C LEU N 321 3.14 -32.30 -23.04
N SER N 322 2.70 -31.89 -21.85
CA SER N 322 2.66 -30.47 -21.49
C SER N 322 4.07 -29.88 -21.41
N LYS N 323 5.01 -30.65 -20.85
CA LYS N 323 6.40 -30.20 -20.74
C LYS N 323 7.04 -29.97 -22.11
N PHE N 324 6.75 -30.87 -23.05
CA PHE N 324 7.29 -30.79 -24.39
C PHE N 324 6.76 -29.55 -25.12
N PHE N 325 5.45 -29.34 -25.05
CA PHE N 325 4.87 -28.19 -25.72
C PHE N 325 5.19 -26.88 -25.03
N PHE N 326 5.49 -26.93 -23.74
CA PHE N 326 5.87 -25.72 -23.03
C PHE N 326 7.17 -25.20 -23.64
N PHE N 327 8.09 -26.11 -23.92
CA PHE N 327 9.37 -25.71 -24.51
C PHE N 327 9.23 -25.34 -25.98
N ILE N 328 8.27 -25.94 -26.67
CA ILE N 328 8.03 -25.60 -28.06
C ILE N 328 7.68 -24.11 -28.00
N PHE N 329 6.73 -23.77 -27.12
CA PHE N 329 6.29 -22.39 -26.93
C PHE N 329 7.43 -21.42 -26.62
N VAL N 330 8.25 -21.77 -25.62
CA VAL N 330 9.36 -20.93 -25.24
C VAL N 330 10.29 -20.69 -26.45
N PHE N 331 10.69 -21.77 -27.11
CA PHE N 331 11.58 -21.65 -28.27
C PHE N 331 10.93 -20.99 -29.44
N ASN N 332 9.61 -21.08 -29.51
CA ASN N 332 8.88 -20.43 -30.59
C ASN N 332 8.94 -18.95 -30.30
N PHE N 333 8.93 -18.60 -29.01
CA PHE N 333 8.99 -17.21 -28.60
C PHE N 333 10.34 -16.62 -28.95
N VAL N 334 11.43 -17.37 -28.76
CA VAL N 334 12.76 -16.86 -29.11
C VAL N 334 12.89 -16.67 -30.63
N LEU N 335 12.36 -17.63 -31.39
CA LEU N 335 12.39 -17.57 -32.85
C LEU N 335 11.62 -16.35 -33.33
N LEU N 336 10.48 -16.07 -32.72
CA LEU N 336 9.69 -14.91 -33.08
C LEU N 336 10.55 -13.67 -32.91
N GLY N 337 11.40 -13.67 -31.88
CA GLY N 337 12.29 -12.56 -31.62
C GLY N 337 13.39 -12.44 -32.67
N GLN N 338 13.93 -13.59 -33.08
CA GLN N 338 14.97 -13.61 -34.10
C GLN N 338 14.37 -13.17 -35.44
N ILE N 339 13.14 -13.61 -35.74
CA ILE N 339 12.46 -13.20 -36.97
C ILE N 339 12.34 -11.68 -36.95
N GLY N 340 11.96 -11.13 -35.79
CA GLY N 340 11.81 -9.70 -35.66
C GLY N 340 13.06 -8.92 -36.00
N ALA N 341 14.21 -9.52 -35.73
CA ALA N 341 15.49 -8.89 -36.00
C ALA N 341 15.93 -9.02 -37.46
N CYS N 342 15.20 -9.79 -38.26
CA CYS N 342 15.51 -9.96 -39.67
C CYS N 342 14.73 -8.99 -40.55
N HIS N 343 15.01 -8.99 -41.85
CA HIS N 343 14.30 -8.12 -42.79
C HIS N 343 13.03 -8.81 -43.25
N VAL N 344 12.11 -8.05 -43.85
CA VAL N 344 10.87 -8.63 -44.36
C VAL N 344 11.24 -9.34 -45.67
N GLU N 345 11.75 -10.57 -45.54
CA GLU N 345 12.20 -11.39 -46.68
C GLU N 345 11.64 -12.82 -46.68
N VAL N 346 11.42 -13.33 -47.89
CA VAL N 346 10.81 -14.63 -48.16
C VAL N 346 10.79 -15.76 -47.14
N PRO N 347 11.96 -16.31 -46.78
CA PRO N 347 11.87 -17.41 -45.80
C PRO N 347 11.29 -16.94 -44.46
N TYR N 348 11.79 -15.80 -43.99
CA TYR N 348 11.41 -15.20 -42.72
C TYR N 348 9.96 -14.81 -42.54
N VAL N 349 9.34 -14.29 -43.59
CA VAL N 349 7.95 -13.88 -43.51
C VAL N 349 7.04 -15.07 -43.21
N LEU N 350 7.16 -16.15 -43.96
CA LEU N 350 6.33 -17.33 -43.74
C LEU N 350 6.61 -17.91 -42.35
N MET N 351 7.89 -17.95 -41.96
CA MET N 351 8.26 -18.49 -40.66
C MET N 351 7.60 -17.71 -39.54
N GLY N 352 7.57 -16.39 -39.69
CA GLY N 352 6.95 -15.54 -38.69
C GLY N 352 5.46 -15.81 -38.63
N GLN N 353 4.83 -15.90 -39.79
CA GLN N 353 3.41 -16.18 -39.84
C GLN N 353 3.11 -17.51 -39.17
N ILE N 354 3.96 -18.51 -39.43
CA ILE N 354 3.79 -19.81 -38.83
C ILE N 354 4.04 -19.77 -37.33
N ALA N 355 5.07 -19.03 -36.92
CA ALA N 355 5.39 -18.91 -35.50
C ALA N 355 4.32 -18.12 -34.75
N THR N 356 3.72 -17.15 -35.43
CA THR N 356 2.66 -16.35 -34.83
C THR N 356 1.48 -17.25 -34.54
N PHE N 357 1.11 -18.11 -35.48
CA PHE N 357 0.02 -19.06 -35.30
C PHE N 357 0.33 -20.03 -34.16
N ILE N 358 1.58 -20.51 -34.07
CA ILE N 358 1.99 -21.43 -33.01
C ILE N 358 1.84 -20.76 -31.64
N TYR N 359 2.14 -19.47 -31.59
CA TYR N 359 2.03 -18.68 -30.36
C TYR N 359 0.58 -18.67 -29.85
N PHE N 360 -0.37 -18.33 -30.72
CA PHE N 360 -1.79 -18.30 -30.32
C PHE N 360 -2.41 -19.68 -30.14
N ALA N 361 -2.01 -20.61 -30.99
CA ALA N 361 -2.52 -21.98 -30.94
C ALA N 361 -2.15 -22.66 -29.62
N TYR N 362 -1.04 -22.24 -29.01
CA TYR N 362 -0.64 -22.85 -27.73
C TYR N 362 -1.67 -22.61 -26.64
N PHE N 363 -2.15 -21.38 -26.54
CA PHE N 363 -3.14 -20.99 -25.55
C PHE N 363 -4.55 -21.46 -25.87
N LEU N 364 -4.91 -21.33 -27.14
CA LEU N 364 -6.26 -21.69 -27.63
C LEU N 364 -6.52 -23.11 -28.09
N ILE N 365 -5.49 -23.83 -28.51
CA ILE N 365 -5.68 -25.20 -28.99
C ILE N 365 -4.84 -26.24 -28.25
N ILE N 366 -3.52 -26.17 -28.40
CA ILE N 366 -2.61 -27.12 -27.77
C ILE N 366 -2.83 -27.33 -26.28
N VAL N 367 -2.84 -26.26 -25.49
CA VAL N 367 -3.07 -26.41 -24.06
C VAL N 367 -4.38 -27.14 -23.70
N PRO N 368 -5.54 -26.66 -24.22
CA PRO N 368 -6.79 -27.36 -23.89
C PRO N 368 -6.91 -28.79 -24.42
N VAL N 369 -6.31 -29.08 -25.57
CA VAL N 369 -6.34 -30.43 -26.15
C VAL N 369 -5.43 -31.40 -25.40
N ILE N 370 -4.18 -30.98 -25.21
CA ILE N 370 -3.18 -31.79 -24.51
C ILE N 370 -3.55 -32.05 -23.04
N SER N 371 -4.10 -31.04 -22.37
CA SER N 371 -4.48 -31.18 -20.97
C SER N 371 -5.63 -32.19 -20.82
N THR N 372 -6.56 -32.15 -21.76
CA THR N 372 -7.70 -33.07 -21.75
C THR N 372 -7.19 -34.48 -21.98
N ILE N 373 -6.27 -34.64 -22.92
CA ILE N 373 -5.69 -35.95 -23.20
C ILE N 373 -4.93 -36.50 -21.99
N GLU N 374 -4.16 -35.64 -21.32
CA GLU N 374 -3.42 -36.08 -20.14
C GLU N 374 -4.32 -36.49 -18.98
N ASN N 375 -5.47 -35.82 -18.85
CA ASN N 375 -6.42 -36.16 -17.78
C ASN N 375 -6.83 -37.62 -17.96
N VAL N 376 -7.20 -37.97 -19.19
CA VAL N 376 -7.63 -39.32 -19.50
C VAL N 376 -6.48 -40.33 -19.36
N LEU N 377 -5.29 -39.93 -19.79
CA LEU N 377 -4.12 -40.80 -19.69
C LEU N 377 -3.84 -41.20 -18.24
N PHE N 378 -3.88 -40.24 -17.33
CA PHE N 378 -3.65 -40.51 -15.91
C PHE N 378 -4.70 -41.47 -15.34
N TYR N 379 -5.90 -41.41 -15.90
CA TYR N 379 -7.02 -42.25 -15.46
C TYR N 379 -6.91 -43.69 -15.94
N ILE N 380 -6.87 -43.87 -17.27
CA ILE N 380 -6.78 -45.22 -17.83
C ILE N 380 -5.47 -45.93 -17.58
N GLY N 381 -4.45 -45.20 -17.14
CA GLY N 381 -3.16 -45.80 -16.85
C GLY N 381 -3.08 -46.48 -15.50
N ARG N 382 -4.20 -46.57 -14.80
CA ARG N 382 -4.22 -47.20 -13.49
C ARG N 382 -5.55 -47.88 -13.13
N VAL N 383 -6.65 -47.14 -13.23
CA VAL N 383 -7.99 -47.67 -12.94
C VAL N 383 -8.21 -48.87 -13.86
N ASN N 384 -8.79 -49.95 -13.33
CA ASN N 384 -9.01 -51.17 -14.10
C ASN N 384 -10.17 -51.25 -15.11
N LYS N 385 -11.31 -50.65 -14.79
CA LYS N 385 -12.45 -50.69 -15.73
C LYS N 385 -13.41 -49.49 -15.57
N MET O 1 19.13 -9.83 -48.05
CA MET O 1 19.81 -8.58 -48.48
C MET O 1 21.09 -8.99 -49.20
N THR O 2 21.40 -8.33 -50.31
CA THR O 2 22.61 -8.66 -51.06
C THR O 2 23.86 -8.20 -50.31
N ALA O 3 24.98 -8.86 -50.61
CA ALA O 3 26.26 -8.55 -49.98
C ALA O 3 26.58 -7.06 -50.09
N ALA O 4 26.39 -6.49 -51.28
CA ALA O 4 26.68 -5.09 -51.52
C ALA O 4 25.90 -4.19 -50.57
N GLU O 5 24.60 -4.47 -50.43
CA GLU O 5 23.72 -3.70 -49.56
C GLU O 5 24.11 -3.83 -48.10
N HIS O 6 24.48 -5.03 -47.70
CA HIS O 6 24.89 -5.30 -46.33
C HIS O 6 26.15 -4.53 -46.04
N GLY O 7 27.11 -4.64 -46.95
CA GLY O 7 28.40 -4.02 -46.76
C GLY O 7 29.28 -5.14 -46.21
N LEU O 8 30.56 -5.09 -46.54
CA LEU O 8 31.52 -6.11 -46.11
C LEU O 8 31.73 -6.09 -44.59
N HIS O 9 31.73 -7.28 -43.99
CA HIS O 9 31.93 -7.39 -42.55
C HIS O 9 33.35 -6.97 -42.21
N ALA O 10 33.49 -6.16 -41.17
CA ALA O 10 34.79 -5.69 -40.72
C ALA O 10 35.45 -6.74 -39.83
N PRO O 11 36.70 -7.11 -40.15
CA PRO O 11 37.47 -8.10 -39.40
C PRO O 11 37.87 -7.59 -38.02
N ALA O 12 38.25 -8.50 -37.14
CA ALA O 12 38.64 -8.09 -35.80
C ALA O 12 40.14 -7.86 -35.63
N TYR O 13 40.53 -6.60 -35.52
CA TYR O 13 41.92 -6.24 -35.31
C TYR O 13 42.24 -6.28 -33.81
N ALA O 14 43.51 -6.43 -33.47
CA ALA O 14 43.93 -6.52 -32.08
C ALA O 14 44.17 -5.19 -31.40
N TRP O 15 43.08 -4.48 -31.12
CA TRP O 15 43.18 -3.20 -30.44
C TRP O 15 43.70 -3.47 -29.04
N SER O 16 44.73 -2.71 -28.63
CA SER O 16 45.31 -2.89 -27.31
C SER O 16 44.33 -2.54 -26.20
N HIS O 17 43.16 -2.02 -26.57
CA HIS O 17 42.16 -1.69 -25.57
C HIS O 17 41.03 -2.72 -25.53
N ASN O 18 41.17 -3.78 -26.32
CA ASN O 18 40.20 -4.87 -26.33
C ASN O 18 40.53 -5.82 -25.20
N GLY O 19 39.66 -5.87 -24.19
CA GLY O 19 39.94 -6.76 -23.09
C GLY O 19 39.54 -6.10 -21.80
N PRO O 20 38.92 -6.85 -20.90
CA PRO O 20 38.47 -6.35 -19.60
C PRO O 20 39.50 -5.58 -18.79
N PHE O 21 40.77 -5.92 -18.93
CA PHE O 21 41.80 -5.25 -18.16
C PHE O 21 42.64 -4.21 -18.90
N GLU O 22 42.29 -3.88 -20.14
CA GLU O 22 43.10 -2.93 -20.90
C GLU O 22 42.61 -1.49 -21.01
N THR O 23 43.52 -0.56 -20.78
CA THR O 23 43.23 0.88 -20.92
C THR O 23 43.52 1.20 -22.39
N PHE O 24 43.33 2.45 -22.78
CA PHE O 24 43.63 2.89 -24.14
C PHE O 24 45.14 3.10 -24.15
N ASP O 25 45.71 3.14 -25.34
CA ASP O 25 47.12 3.45 -25.51
C ASP O 25 47.08 4.96 -25.66
N HIS O 26 47.54 5.69 -24.65
CA HIS O 26 47.50 7.13 -24.72
C HIS O 26 48.41 7.77 -25.76
N ALA O 27 49.52 7.11 -26.07
CA ALA O 27 50.41 7.63 -27.10
C ALA O 27 49.64 7.59 -28.44
N SER O 28 48.82 6.56 -28.61
CA SER O 28 48.02 6.41 -29.84
C SER O 28 46.89 7.45 -29.87
N ILE O 29 46.38 7.81 -28.70
CA ILE O 29 45.33 8.82 -28.61
C ILE O 29 45.93 10.15 -29.06
N ARG O 30 47.07 10.50 -28.47
CA ARG O 30 47.80 11.74 -28.80
C ARG O 30 48.13 11.85 -30.29
N ARG O 31 48.57 10.75 -30.88
CA ARG O 31 48.90 10.71 -32.30
C ARG O 31 47.62 10.84 -33.13
N GLY O 32 46.54 10.25 -32.61
CA GLY O 32 45.27 10.32 -33.30
C GLY O 32 44.72 11.73 -33.40
N TYR O 33 44.93 12.52 -32.36
CA TYR O 33 44.45 13.89 -32.38
C TYR O 33 45.09 14.62 -33.54
N GLN O 34 46.39 14.42 -33.72
CA GLN O 34 47.12 15.07 -34.79
C GLN O 34 46.52 14.73 -36.14
N VAL O 35 46.21 13.45 -36.34
CA VAL O 35 45.62 13.04 -37.60
C VAL O 35 44.26 13.71 -37.76
N TYR O 36 43.48 13.81 -36.67
CA TYR O 36 42.18 14.46 -36.76
C TYR O 36 42.35 15.93 -37.14
N ARG O 37 43.23 16.64 -36.44
CA ARG O 37 43.49 18.06 -36.70
C ARG O 37 43.99 18.36 -38.11
N GLU O 38 44.95 17.55 -38.58
CA GLU O 38 45.55 17.76 -39.89
C GLU O 38 44.86 17.15 -41.10
N VAL O 39 44.00 16.15 -40.87
CA VAL O 39 43.34 15.50 -41.98
C VAL O 39 41.82 15.52 -41.97
N CYS O 40 41.22 15.39 -40.80
CA CYS O 40 39.76 15.31 -40.71
C CYS O 40 39.03 16.59 -40.36
N ALA O 41 39.59 17.36 -39.44
CA ALA O 41 39.00 18.58 -38.95
C ALA O 41 38.42 19.51 -40.04
N ALA O 42 39.06 19.52 -41.21
CA ALA O 42 38.61 20.36 -42.31
C ALA O 42 37.19 20.06 -42.80
N CYS O 43 36.68 18.86 -42.50
CA CYS O 43 35.34 18.45 -42.92
C CYS O 43 34.46 17.94 -41.80
N HIS O 44 35.08 17.45 -40.72
CA HIS O 44 34.38 16.86 -39.58
C HIS O 44 34.52 17.57 -38.26
N SER O 45 33.39 17.78 -37.59
CA SER O 45 33.40 18.42 -36.28
C SER O 45 33.53 17.36 -35.16
N LEU O 46 33.83 17.85 -33.96
CA LEU O 46 33.99 17.03 -32.76
C LEU O 46 33.32 17.88 -31.67
N ASP O 47 32.06 18.24 -31.92
CA ASP O 47 31.24 19.11 -31.06
C ASP O 47 31.02 18.80 -29.58
N ARG O 48 31.06 17.53 -29.18
CA ARG O 48 30.83 17.18 -27.78
C ARG O 48 32.10 17.07 -26.94
N VAL O 49 33.24 17.32 -27.58
CA VAL O 49 34.55 17.25 -26.92
C VAL O 49 35.10 18.62 -26.55
N ALA O 50 35.29 18.85 -25.26
CA ALA O 50 35.82 20.10 -24.74
C ALA O 50 37.33 19.97 -24.56
N TRP O 51 38.07 21.04 -24.89
CA TRP O 51 39.53 21.06 -24.79
C TRP O 51 40.04 20.49 -23.48
N ARG O 52 39.47 20.98 -22.37
CA ARG O 52 39.87 20.54 -21.05
C ARG O 52 39.90 19.01 -20.87
N THR O 53 39.20 18.25 -21.72
CA THR O 53 39.22 16.80 -21.57
C THR O 53 40.46 16.14 -22.14
N LEU O 54 41.19 16.86 -22.98
CA LEU O 54 42.43 16.35 -23.56
C LEU O 54 43.54 16.37 -22.50
N VAL O 55 43.43 17.29 -21.55
CA VAL O 55 44.41 17.44 -20.47
C VAL O 55 44.46 16.26 -19.54
N GLY O 56 45.65 15.66 -19.44
CA GLY O 56 45.85 14.52 -18.56
C GLY O 56 45.54 13.22 -19.25
N VAL O 57 45.23 13.31 -20.54
CA VAL O 57 44.88 12.14 -21.33
C VAL O 57 45.79 11.98 -22.53
N SER O 58 46.01 13.08 -23.24
CA SER O 58 46.85 13.06 -24.43
C SER O 58 47.76 14.29 -24.57
N HIS O 59 47.52 15.30 -23.74
CA HIS O 59 48.30 16.54 -23.79
C HIS O 59 48.37 17.16 -22.39
N THR O 60 49.30 18.09 -22.19
CA THR O 60 49.42 18.75 -20.90
C THR O 60 48.49 19.96 -20.90
N ASN O 61 48.37 20.59 -19.75
CA ASN O 61 47.53 21.77 -19.61
C ASN O 61 47.98 22.84 -20.60
N GLU O 62 49.29 23.05 -20.67
CA GLU O 62 49.86 24.04 -21.56
C GLU O 62 49.58 23.77 -23.04
N GLU O 63 49.80 22.52 -23.46
CA GLU O 63 49.58 22.14 -24.85
C GLU O 63 48.15 22.37 -25.33
N VAL O 64 47.19 22.09 -24.46
CA VAL O 64 45.78 22.26 -24.77
C VAL O 64 45.44 23.75 -24.77
N ARG O 65 45.96 24.47 -23.79
CA ARG O 65 45.71 25.90 -23.67
C ARG O 65 46.15 26.58 -24.97
N ASN O 66 47.35 26.21 -25.44
CA ASN O 66 47.88 26.78 -26.67
C ASN O 66 47.06 26.36 -27.89
N MET O 67 46.63 25.10 -27.91
CA MET O 67 45.82 24.63 -29.04
C MET O 67 44.50 25.38 -29.13
N ALA O 68 43.87 25.61 -27.97
CA ALA O 68 42.58 26.29 -27.91
C ALA O 68 42.68 27.76 -28.30
N GLU O 69 43.76 28.40 -27.85
CA GLU O 69 43.97 29.81 -28.14
C GLU O 69 44.21 30.13 -29.60
N GLU O 70 44.23 29.12 -30.47
CA GLU O 70 44.42 29.36 -31.89
C GLU O 70 43.06 29.58 -32.56
N PHE O 71 41.98 29.43 -31.80
CA PHE O 71 40.64 29.59 -32.36
C PHE O 71 39.89 30.74 -31.72
N GLU O 72 39.01 31.35 -32.50
CA GLU O 72 38.20 32.45 -32.00
C GLU O 72 36.81 31.98 -31.62
N TYR O 73 36.24 32.65 -30.63
CA TYR O 73 34.90 32.35 -30.16
C TYR O 73 34.19 33.67 -29.87
N ASP O 74 32.86 33.64 -29.90
CA ASP O 74 32.07 34.83 -29.61
C ASP O 74 32.23 35.16 -28.13
N ASP O 75 32.64 36.40 -27.87
CA ASP O 75 32.83 36.87 -26.51
C ASP O 75 31.58 37.66 -26.14
N GLU O 76 31.55 38.18 -24.92
CA GLU O 76 30.45 38.98 -24.44
C GLU O 76 30.64 40.35 -25.12
N PRO O 77 29.56 40.97 -25.63
CA PRO O 77 29.67 42.27 -26.30
C PRO O 77 30.22 43.40 -25.42
N ASP O 78 30.90 44.36 -26.07
CA ASP O 78 31.49 45.49 -25.35
C ASP O 78 30.46 46.37 -24.64
N GLU O 79 30.93 47.44 -24.00
CA GLU O 79 30.07 48.37 -23.26
C GLU O 79 29.04 49.06 -24.14
N GLN O 80 29.33 49.15 -25.44
CA GLN O 80 28.45 49.78 -26.41
C GLN O 80 27.44 48.81 -27.02
N GLY O 81 27.62 47.51 -26.78
CA GLY O 81 26.72 46.52 -27.31
C GLY O 81 27.15 45.87 -28.61
N ASN O 82 28.35 46.20 -29.08
CA ASN O 82 28.88 45.63 -30.31
C ASN O 82 29.54 44.28 -30.04
N PRO O 83 29.36 43.32 -30.96
CA PRO O 83 29.94 41.97 -30.83
C PRO O 83 31.47 41.93 -30.84
N LYS O 84 32.05 41.03 -30.05
CA LYS O 84 33.50 40.90 -30.01
C LYS O 84 33.96 39.46 -29.85
N LYS O 85 35.13 39.16 -30.40
CA LYS O 85 35.72 37.83 -30.35
C LYS O 85 36.76 37.67 -29.23
N ARG O 86 37.17 36.44 -28.99
CA ARG O 86 38.18 36.14 -27.97
C ARG O 86 38.84 34.80 -28.26
N PRO O 87 40.08 34.63 -27.80
CA PRO O 87 40.77 33.35 -28.02
C PRO O 87 40.09 32.25 -27.18
N GLY O 88 40.00 31.05 -27.73
CA GLY O 88 39.38 29.95 -27.00
C GLY O 88 40.06 29.59 -25.69
N LYS O 89 39.33 28.89 -24.83
CA LYS O 89 39.86 28.46 -23.55
C LYS O 89 39.55 26.99 -23.27
N LEU O 90 40.10 26.46 -22.18
CA LEU O 90 39.88 25.06 -21.80
C LEU O 90 38.41 24.66 -21.65
N SER O 91 37.56 25.63 -21.31
CA SER O 91 36.13 25.36 -21.14
C SER O 91 35.37 25.24 -22.45
N ASP O 92 35.98 25.67 -23.55
CA ASP O 92 35.32 25.61 -24.84
C ASP O 92 35.39 24.23 -25.50
N TYR O 93 34.55 24.04 -26.51
CA TYR O 93 34.50 22.79 -27.25
C TYR O 93 35.24 22.95 -28.56
N ILE O 94 35.88 21.88 -29.00
CA ILE O 94 36.64 21.87 -30.23
C ILE O 94 35.73 22.40 -31.33
N PRO O 95 36.10 23.55 -31.92
CA PRO O 95 35.36 24.21 -32.99
C PRO O 95 35.23 23.41 -34.26
N GLY O 96 34.06 23.50 -34.86
CA GLY O 96 33.79 22.79 -36.10
C GLY O 96 34.23 23.59 -37.31
N PRO O 97 34.34 22.94 -38.47
CA PRO O 97 34.75 23.63 -39.70
C PRO O 97 33.66 24.48 -40.37
N TYR O 98 32.40 24.13 -40.15
CA TYR O 98 31.31 24.85 -40.81
C TYR O 98 30.33 25.58 -39.88
N PRO O 99 29.84 26.77 -40.30
CA PRO O 99 28.90 27.57 -39.52
C PRO O 99 27.53 26.92 -39.44
N ASN O 100 27.17 26.16 -40.47
CA ASN O 100 25.87 25.49 -40.51
C ASN O 100 25.87 24.30 -41.47
N GLU O 101 24.75 23.57 -41.49
CA GLU O 101 24.61 22.40 -42.35
C GLU O 101 24.72 22.77 -43.83
N GLN O 102 24.14 23.89 -44.21
CA GLN O 102 24.16 24.35 -45.59
C GLN O 102 25.59 24.56 -46.11
N ALA O 103 26.42 25.22 -45.31
CA ALA O 103 27.81 25.48 -45.70
C ALA O 103 28.55 24.14 -45.84
N ALA O 104 28.27 23.22 -44.92
CA ALA O 104 28.88 21.88 -44.92
C ALA O 104 28.54 21.09 -46.16
N ARG O 105 27.27 21.02 -46.50
CA ARG O 105 26.86 20.29 -47.69
C ARG O 105 27.43 20.91 -48.98
N ALA O 106 27.55 22.23 -48.98
CA ALA O 106 28.08 22.96 -50.14
C ALA O 106 29.55 22.61 -50.41
N ALA O 107 30.30 22.41 -49.33
CA ALA O 107 31.71 22.04 -49.41
C ALA O 107 31.91 20.53 -49.61
N ASN O 108 30.82 19.79 -49.81
CA ASN O 108 30.92 18.34 -49.95
C ASN O 108 29.94 17.70 -50.94
N GLN O 109 29.57 18.46 -51.97
CA GLN O 109 28.67 18.02 -53.04
C GLN O 109 27.30 17.55 -52.57
N GLY O 110 26.73 18.27 -51.60
CA GLY O 110 25.43 17.92 -51.08
C GLY O 110 25.45 17.01 -49.86
N ALA O 111 26.59 16.34 -49.65
CA ALA O 111 26.76 15.42 -48.54
C ALA O 111 27.14 16.15 -47.26
N LEU O 112 26.78 15.54 -46.12
CA LEU O 112 27.06 16.11 -44.82
C LEU O 112 27.98 15.21 -44.01
N PRO O 113 29.21 15.67 -43.74
CA PRO O 113 30.17 14.87 -42.96
C PRO O 113 29.67 14.90 -41.52
N PRO O 114 29.30 13.72 -40.97
CA PRO O 114 28.81 13.69 -39.59
C PRO O 114 29.84 14.05 -38.54
N ASP O 115 29.33 14.52 -37.40
CA ASP O 115 30.17 14.85 -36.26
C ASP O 115 30.72 13.50 -35.80
N LEU O 116 32.00 13.46 -35.44
CA LEU O 116 32.61 12.20 -35.06
C LEU O 116 32.74 11.91 -33.59
N SER O 117 32.17 12.76 -32.73
CA SER O 117 32.28 12.57 -31.28
C SER O 117 31.77 11.24 -30.76
N LEU O 118 30.86 10.61 -31.51
CA LEU O 118 30.26 9.35 -31.10
C LEU O 118 30.30 8.32 -32.23
N ILE O 119 31.04 8.63 -33.29
CA ILE O 119 31.06 7.74 -34.43
C ILE O 119 31.41 6.29 -34.13
N VAL O 120 32.27 6.08 -33.14
CA VAL O 120 32.67 4.72 -32.78
C VAL O 120 31.51 3.95 -32.16
N LYS O 121 30.67 4.63 -31.39
CA LYS O 121 29.52 3.96 -30.78
C LYS O 121 28.27 4.02 -31.65
N ALA O 122 28.27 4.92 -32.64
CA ALA O 122 27.12 5.10 -33.53
C ALA O 122 27.10 4.20 -34.75
N ARG O 123 28.02 3.26 -34.82
CA ARG O 123 28.09 2.33 -35.96
C ARG O 123 28.41 0.91 -35.51
N HIS O 124 27.72 -0.06 -36.11
CA HIS O 124 27.93 -1.46 -35.84
C HIS O 124 29.37 -1.72 -36.30
N GLY O 125 30.16 -2.38 -35.46
CA GLY O 125 31.53 -2.65 -35.84
C GLY O 125 32.52 -1.87 -35.00
N GLY O 126 32.11 -0.72 -34.50
CA GLY O 126 33.00 0.10 -33.67
C GLY O 126 34.30 0.44 -34.36
N CYS O 127 35.40 0.32 -33.63
CA CYS O 127 36.73 0.61 -34.13
C CYS O 127 37.06 -0.17 -35.40
N ASP O 128 36.73 -1.45 -35.41
CA ASP O 128 37.00 -2.29 -36.56
C ASP O 128 36.38 -1.73 -37.84
N TYR O 129 35.17 -1.19 -37.71
CA TYR O 129 34.49 -0.61 -38.88
C TYR O 129 35.19 0.67 -39.33
N ILE O 130 35.45 1.56 -38.39
CA ILE O 130 36.09 2.84 -38.72
C ILE O 130 37.44 2.60 -39.40
N PHE O 131 38.24 1.72 -38.80
CA PHE O 131 39.55 1.38 -39.34
C PHE O 131 39.43 0.76 -40.73
N SER O 132 38.50 -0.19 -40.87
CA SER O 132 38.32 -0.87 -42.14
C SER O 132 37.84 0.06 -43.23
N LEU O 133 37.04 1.05 -42.86
CA LEU O 133 36.52 2.01 -43.81
C LEU O 133 37.64 2.92 -44.28
N LEU O 134 38.40 3.46 -43.33
CA LEU O 134 39.49 4.36 -43.65
C LEU O 134 40.59 3.72 -44.48
N THR O 135 40.80 2.42 -44.32
CA THR O 135 41.85 1.74 -45.07
C THR O 135 41.30 0.77 -46.10
N GLY O 136 40.01 0.86 -46.38
CA GLY O 136 39.41 -0.07 -47.32
C GLY O 136 39.01 0.41 -48.68
N TYR O 137 39.48 1.59 -49.08
CA TYR O 137 39.16 2.09 -50.41
C TYR O 137 40.05 1.44 -51.48
N PRO O 138 39.45 0.68 -52.42
CA PRO O 138 40.21 0.03 -53.49
C PRO O 138 40.54 1.11 -54.52
N ASP O 139 41.41 0.81 -55.49
CA ASP O 139 41.75 1.81 -56.51
C ASP O 139 40.60 2.00 -57.49
N GLU O 140 39.75 0.99 -57.59
CA GLU O 140 38.62 1.04 -58.52
C GLU O 140 37.53 0.09 -58.01
N PRO O 141 36.25 0.42 -58.30
CA PRO O 141 35.15 -0.44 -57.85
C PRO O 141 35.17 -1.77 -58.60
N PRO O 142 34.49 -2.78 -58.06
CA PRO O 142 34.47 -4.07 -58.76
C PRO O 142 33.81 -3.98 -60.13
N ALA O 143 34.17 -4.90 -61.02
CA ALA O 143 33.64 -4.94 -62.37
C ALA O 143 32.12 -5.04 -62.40
N GLY O 144 31.49 -4.18 -63.21
CA GLY O 144 30.05 -4.19 -63.31
C GLY O 144 29.34 -3.16 -62.45
N VAL O 145 30.03 -2.63 -61.45
CA VAL O 145 29.44 -1.64 -60.56
C VAL O 145 29.62 -0.24 -61.12
N ALA O 146 28.49 0.40 -61.42
CA ALA O 146 28.49 1.76 -61.95
C ALA O 146 28.42 2.69 -60.75
N LEU O 147 29.39 3.60 -60.67
CA LEU O 147 29.47 4.52 -59.55
C LEU O 147 28.90 5.90 -59.85
N PRO O 148 27.92 6.36 -59.03
CA PRO O 148 27.28 7.67 -59.18
C PRO O 148 28.33 8.78 -59.25
N PRO O 149 28.27 9.63 -60.28
CA PRO O 149 29.24 10.73 -60.44
C PRO O 149 29.35 11.53 -59.14
N GLY O 150 30.51 11.44 -58.49
CA GLY O 150 30.71 12.14 -57.23
C GLY O 150 30.88 11.16 -56.08
N SER O 151 30.71 9.87 -56.37
CA SER O 151 30.85 8.82 -55.35
C SER O 151 32.17 8.05 -55.37
N ASN O 152 32.42 7.33 -54.29
CA ASN O 152 33.62 6.54 -54.13
C ASN O 152 33.24 5.16 -53.62
N TYR O 153 33.91 4.14 -54.15
CA TYR O 153 33.61 2.78 -53.74
C TYR O 153 34.40 2.32 -52.52
N ASN O 154 33.68 1.75 -51.55
CA ASN O 154 34.26 1.21 -50.34
C ASN O 154 33.38 0.03 -49.95
N PRO O 155 33.93 -1.18 -49.98
CA PRO O 155 33.16 -2.39 -49.66
C PRO O 155 32.51 -2.43 -48.28
N TYR O 156 33.15 -1.80 -47.29
CA TYR O 156 32.63 -1.79 -45.92
C TYR O 156 31.42 -0.89 -45.70
N PHE O 157 31.19 0.02 -46.64
CA PHE O 157 30.07 0.94 -46.53
C PHE O 157 28.84 0.29 -47.13
N PRO O 158 27.70 0.31 -46.39
CA PRO O 158 26.47 -0.29 -46.91
C PRO O 158 26.13 0.34 -48.24
N GLY O 159 25.95 -0.49 -49.26
CA GLY O 159 25.65 0.01 -50.59
C GLY O 159 26.91 0.07 -51.45
N GLY O 160 28.04 0.33 -50.81
CA GLY O 160 29.32 0.40 -51.50
C GLY O 160 29.71 1.79 -51.99
N SER O 161 28.71 2.65 -52.15
CA SER O 161 28.88 4.01 -52.64
C SER O 161 28.89 5.08 -51.53
N ILE O 162 30.06 5.64 -51.24
CA ILE O 162 30.21 6.65 -50.18
C ILE O 162 30.71 8.02 -50.67
N ALA O 163 30.12 9.09 -50.15
CA ALA O 163 30.48 10.46 -50.54
C ALA O 163 31.91 10.89 -50.12
N MET O 164 32.47 10.23 -49.12
CA MET O 164 33.82 10.59 -48.70
C MET O 164 34.85 9.79 -49.51
N ALA O 165 35.82 10.50 -50.06
CA ALA O 165 36.89 9.88 -50.82
C ALA O 165 37.99 9.46 -49.84
N ARG O 166 38.88 8.57 -50.29
CA ARG O 166 39.99 8.14 -49.46
C ARG O 166 40.82 9.37 -49.12
N VAL O 167 41.19 9.55 -47.85
CA VAL O 167 41.98 10.72 -47.47
C VAL O 167 43.32 10.37 -46.84
N LEU O 168 43.47 9.12 -46.40
CA LEU O 168 44.72 8.69 -45.77
C LEU O 168 45.73 8.10 -46.76
N PHE O 169 46.88 8.76 -46.86
CA PHE O 169 47.96 8.34 -47.75
C PHE O 169 49.28 8.40 -47.00
N ASP O 170 50.15 7.46 -47.33
CA ASP O 170 51.45 7.33 -46.67
C ASP O 170 52.20 8.64 -46.48
N ASP O 171 52.56 8.88 -45.22
CA ASP O 171 53.33 10.04 -44.79
C ASP O 171 52.81 11.44 -45.14
N MET O 172 51.51 11.64 -45.02
CA MET O 172 50.91 12.96 -45.26
C MET O 172 51.00 13.78 -43.97
N VAL O 173 51.43 13.12 -42.91
CA VAL O 173 51.58 13.73 -41.59
C VAL O 173 52.94 13.32 -41.06
N GLU O 174 53.50 14.13 -40.17
CA GLU O 174 54.79 13.77 -39.60
C GLU O 174 54.62 13.70 -38.09
N TYR O 175 54.48 12.49 -37.58
CA TYR O 175 54.30 12.30 -36.14
C TYR O 175 55.44 12.91 -35.32
N GLU O 176 55.04 13.57 -34.24
CA GLU O 176 55.97 14.23 -33.33
C GLU O 176 56.97 13.27 -32.69
N ASP O 177 56.52 12.05 -32.39
CA ASP O 177 57.39 11.06 -31.75
C ASP O 177 58.22 10.22 -32.71
N GLY O 178 58.25 10.63 -33.98
CA GLY O 178 59.02 9.91 -34.99
C GLY O 178 58.44 8.62 -35.53
N THR O 179 57.17 8.36 -35.25
CA THR O 179 56.51 7.14 -35.72
C THR O 179 56.21 7.25 -37.21
N PRO O 180 56.52 6.19 -37.97
CA PRO O 180 56.26 6.19 -39.42
C PRO O 180 54.76 6.35 -39.66
N ALA O 181 54.38 7.47 -40.27
CA ALA O 181 52.98 7.75 -40.54
C ALA O 181 52.36 7.08 -41.76
N THR O 182 52.25 5.76 -41.75
CA THR O 182 51.64 5.02 -42.86
C THR O 182 50.11 5.16 -42.77
N THR O 183 49.42 4.89 -43.86
CA THR O 183 47.96 5.01 -43.86
C THR O 183 47.35 4.21 -42.73
N SER O 184 47.67 2.91 -42.65
CA SER O 184 47.11 2.06 -41.61
C SER O 184 47.51 2.49 -40.22
N GLN O 185 48.72 3.02 -40.06
CA GLN O 185 49.17 3.48 -38.76
C GLN O 185 48.33 4.70 -38.35
N MET O 186 48.05 5.56 -39.32
CA MET O 186 47.24 6.75 -39.03
C MET O 186 45.79 6.35 -38.77
N ALA O 187 45.31 5.36 -39.50
CA ALA O 187 43.95 4.87 -39.34
C ALA O 187 43.82 4.30 -37.93
N LYS O 188 44.81 3.51 -37.53
CA LYS O 188 44.81 2.91 -36.20
C LYS O 188 44.79 4.01 -35.16
N ASP O 189 45.64 5.02 -35.34
CA ASP O 189 45.73 6.14 -34.39
C ASP O 189 44.46 7.00 -34.26
N VAL O 190 43.85 7.46 -35.35
CA VAL O 190 42.63 8.27 -35.21
C VAL O 190 41.48 7.48 -34.65
N THR O 191 41.34 6.24 -35.11
CA THR O 191 40.27 5.40 -34.62
C THR O 191 40.38 5.31 -33.09
N THR O 192 41.61 5.13 -32.60
CA THR O 192 41.85 5.05 -31.16
C THR O 192 41.43 6.36 -30.51
N PHE O 193 41.78 7.47 -31.15
CA PHE O 193 41.43 8.80 -30.65
C PHE O 193 39.91 8.99 -30.69
N LEU O 194 39.27 8.51 -31.75
CA LEU O 194 37.83 8.65 -31.87
C LEU O 194 37.10 7.79 -30.83
N ASN O 195 37.70 6.66 -30.44
CA ASN O 195 37.09 5.79 -29.44
C ASN O 195 37.16 6.55 -28.13
N TRP O 196 38.27 7.26 -27.89
CA TRP O 196 38.36 8.01 -26.64
C TRP O 196 37.32 9.14 -26.62
N CYS O 197 37.09 9.79 -27.75
CA CYS O 197 36.10 10.87 -27.84
C CYS O 197 34.71 10.36 -27.47
N ALA O 198 34.41 9.14 -27.92
CA ALA O 198 33.12 8.53 -27.67
C ALA O 198 32.96 7.95 -26.28
N GLU O 199 34.05 7.40 -25.74
CA GLU O 199 34.02 6.78 -24.43
C GLU O 199 35.17 7.28 -23.56
N PRO O 200 35.19 8.58 -23.24
CA PRO O 200 36.30 9.07 -22.40
C PRO O 200 36.42 8.42 -21.02
N GLU O 201 35.36 7.78 -20.56
CA GLU O 201 35.33 7.12 -19.26
C GLU O 201 35.89 5.70 -19.27
N HIS O 202 36.16 5.20 -20.47
CA HIS O 202 36.69 3.85 -20.71
C HIS O 202 37.66 3.33 -19.65
N ASP O 203 38.83 3.93 -19.58
CA ASP O 203 39.87 3.54 -18.62
C ASP O 203 39.34 3.43 -17.20
N GLU O 204 38.62 4.47 -16.77
CA GLU O 204 38.08 4.49 -15.41
C GLU O 204 36.93 3.51 -15.26
N ARG O 205 36.18 3.29 -16.34
CA ARG O 205 35.07 2.36 -16.28
C ARG O 205 35.55 0.93 -16.01
N LYS O 206 36.60 0.52 -16.73
CA LYS O 206 37.15 -0.82 -16.60
C LYS O 206 37.81 -1.04 -15.25
N ARG O 207 38.45 -0.01 -14.73
CA ARG O 207 39.11 -0.14 -13.44
C ARG O 207 38.06 -0.42 -12.35
N LEU O 208 36.95 0.31 -12.39
CA LEU O 208 35.88 0.12 -11.41
C LEU O 208 35.18 -1.22 -11.65
N GLY O 209 35.18 -1.67 -12.90
CA GLY O 209 34.56 -2.94 -13.23
C GLY O 209 35.30 -4.08 -12.56
N LEU O 210 36.63 -4.00 -12.53
CA LEU O 210 37.44 -5.04 -11.90
C LEU O 210 37.09 -5.07 -10.42
N LYS O 211 37.00 -3.89 -9.80
CA LYS O 211 36.66 -3.82 -8.38
C LYS O 211 35.28 -4.40 -8.12
N THR O 212 34.29 -3.95 -8.90
CA THR O 212 32.92 -4.37 -8.75
C THR O 212 32.68 -5.86 -8.92
N VAL O 213 33.34 -6.44 -9.91
CA VAL O 213 33.18 -7.86 -10.20
C VAL O 213 33.87 -8.79 -9.20
N ILE O 214 34.96 -8.32 -8.59
CA ILE O 214 35.66 -9.14 -7.60
C ILE O 214 34.83 -9.13 -6.32
N ILE O 215 34.32 -7.97 -5.94
CA ILE O 215 33.49 -7.86 -4.75
C ILE O 215 32.21 -8.69 -4.88
N LEU O 216 31.50 -8.53 -6.00
CA LEU O 216 30.26 -9.27 -6.23
C LEU O 216 30.46 -10.78 -6.40
N SER O 217 31.56 -11.18 -7.03
CA SER O 217 31.84 -12.61 -7.21
C SER O 217 32.03 -13.21 -5.83
N SER O 218 32.78 -12.51 -4.98
CA SER O 218 33.04 -12.93 -3.61
C SER O 218 31.70 -12.97 -2.84
N LEU O 219 30.96 -11.88 -2.92
CA LEU O 219 29.67 -11.76 -2.27
C LEU O 219 28.75 -12.92 -2.67
N TYR O 220 28.76 -13.28 -3.94
CA TYR O 220 27.94 -14.36 -4.47
C TYR O 220 28.30 -15.72 -3.86
N LEU O 221 29.58 -16.07 -3.87
CA LEU O 221 30.02 -17.34 -3.31
C LEU O 221 29.74 -17.36 -1.81
N LEU O 222 29.99 -16.23 -1.16
CA LEU O 222 29.76 -16.10 0.28
C LEU O 222 28.29 -16.37 0.62
N SER O 223 27.38 -15.77 -0.16
CA SER O 223 25.95 -15.92 0.06
C SER O 223 25.49 -17.37 -0.09
N ILE O 224 26.13 -18.12 -0.99
CA ILE O 224 25.78 -19.52 -1.19
C ILE O 224 26.15 -20.32 0.05
N TRP O 225 27.37 -20.12 0.54
CA TRP O 225 27.85 -20.82 1.73
C TRP O 225 26.93 -20.53 2.90
N VAL O 226 26.64 -19.24 3.12
CA VAL O 226 25.76 -18.81 4.20
C VAL O 226 24.36 -19.43 4.09
N LYS O 227 23.83 -19.45 2.87
CA LYS O 227 22.51 -20.01 2.62
C LYS O 227 22.47 -21.49 3.01
N LYS O 228 23.46 -22.24 2.54
CA LYS O 228 23.55 -23.66 2.84
C LYS O 228 23.56 -23.94 4.35
N PHE O 229 24.19 -23.06 5.11
CA PHE O 229 24.29 -23.20 6.56
C PHE O 229 22.93 -23.00 7.23
N LYS O 230 22.25 -21.91 6.86
CA LYS O 230 20.93 -21.61 7.42
C LYS O 230 19.86 -22.62 7.03
N TRP O 231 20.11 -23.40 5.99
CA TRP O 231 19.17 -24.41 5.49
C TRP O 231 19.57 -25.84 5.88
N ALA O 232 20.75 -26.02 6.48
CA ALA O 232 21.24 -27.35 6.84
C ALA O 232 20.29 -28.20 7.67
N GLY O 233 19.60 -27.58 8.62
CA GLY O 233 18.64 -28.30 9.45
C GLY O 233 17.45 -28.81 8.66
N ILE O 234 16.98 -28.02 7.70
CA ILE O 234 15.83 -28.41 6.88
C ILE O 234 16.21 -29.44 5.81
N LYS O 235 17.37 -29.24 5.20
CA LYS O 235 17.86 -30.12 4.15
C LYS O 235 18.11 -31.55 4.61
N THR O 236 18.35 -31.74 5.90
CA THR O 236 18.64 -33.08 6.40
C THR O 236 17.57 -33.63 7.33
N ARG O 237 16.47 -32.89 7.42
CA ARG O 237 15.32 -33.22 8.25
C ARG O 237 14.79 -34.63 7.89
N LYS O 238 14.58 -35.48 8.89
CA LYS O 238 14.08 -36.85 8.65
C LYS O 238 12.64 -37.07 9.12
N PHE O 239 11.87 -37.80 8.32
CA PHE O 239 10.48 -38.10 8.63
C PHE O 239 10.20 -39.60 8.76
N VAL O 240 9.32 -39.95 9.70
CA VAL O 240 8.91 -41.34 9.92
C VAL O 240 7.40 -41.40 10.15
N PHE O 241 6.74 -42.33 9.49
CA PHE O 241 5.31 -42.49 9.64
C PHE O 241 4.97 -43.79 10.37
N ASN O 242 4.13 -43.67 11.39
CA ASN O 242 3.66 -44.82 12.15
C ASN O 242 2.15 -44.66 12.14
N PRO O 243 1.46 -45.39 11.24
CA PRO O 243 -0.01 -45.34 11.11
C PRO O 243 -0.64 -45.36 12.48
N PRO O 244 -1.38 -44.29 12.81
CA PRO O 244 -2.05 -44.16 14.10
C PRO O 244 -3.07 -45.27 14.31
N LYS O 245 -3.34 -45.59 15.57
CA LYS O 245 -4.32 -46.61 15.92
C LYS O 245 -5.69 -45.95 15.80
N PRO O 246 -6.65 -46.62 15.16
CA PRO O 246 -8.00 -46.08 15.00
C PRO O 246 -8.81 -45.93 16.29
N LYS P 1 8.31 -48.62 14.13
CA LYS P 1 9.59 -48.00 14.57
C LYS P 1 9.33 -47.09 15.76
N SER P 2 10.11 -47.25 16.82
CA SER P 2 9.94 -46.44 18.01
C SER P 2 10.43 -45.03 17.77
N THR P 3 9.68 -44.05 18.26
CA THR P 3 10.05 -42.66 18.11
C THR P 3 11.31 -42.33 18.93
N TYR P 4 11.66 -43.22 19.85
CA TYR P 4 12.84 -43.03 20.68
C TYR P 4 14.14 -43.37 19.94
N ARG P 5 14.03 -44.11 18.85
CA ARG P 5 15.20 -44.48 18.05
C ARG P 5 15.42 -43.46 16.94
N THR P 6 16.28 -42.47 17.23
CA THR P 6 16.58 -41.41 16.27
C THR P 6 17.25 -41.96 15.03
N PRO P 7 16.77 -41.54 13.84
CA PRO P 7 17.38 -42.03 12.60
C PRO P 7 18.83 -41.62 12.42
N ASN P 8 19.48 -42.23 11.45
CA ASN P 8 20.88 -41.98 11.19
C ASN P 8 21.22 -40.65 10.52
N PHE P 9 22.02 -39.85 11.22
CA PHE P 9 22.48 -38.54 10.74
C PHE P 9 24.02 -38.59 10.62
N ASP P 10 24.61 -39.78 10.61
CA ASP P 10 26.07 -39.91 10.54
C ASP P 10 26.78 -39.19 9.40
N ASP P 11 26.24 -39.31 8.20
CA ASP P 11 26.81 -38.68 7.02
C ASP P 11 26.74 -37.15 7.08
N VAL P 12 25.89 -36.63 7.95
CA VAL P 12 25.70 -35.19 8.09
C VAL P 12 26.50 -34.61 9.26
N LEU P 13 26.62 -35.38 10.33
CA LEU P 13 27.34 -34.98 11.52
C LEU P 13 28.85 -35.13 11.39
N LYS P 14 29.57 -34.27 12.09
CA LYS P 14 31.03 -34.30 12.08
C LYS P 14 31.50 -34.94 13.39
N GLU P 15 32.65 -35.63 13.35
CA GLU P 15 33.16 -36.24 14.58
C GLU P 15 33.54 -35.11 15.51
N ASN P 16 33.22 -35.27 16.80
CA ASN P 16 33.51 -34.25 17.80
C ASN P 16 35.02 -34.08 18.00
N ASN P 17 35.64 -33.39 17.05
CA ASN P 17 37.07 -33.10 17.07
C ASN P 17 37.17 -31.65 17.49
N ASP P 18 36.30 -30.84 16.88
CA ASP P 18 36.21 -29.42 17.17
C ASP P 18 34.75 -29.08 16.93
N ALA P 19 33.99 -28.95 18.03
CA ALA P 19 32.58 -28.63 17.96
C ALA P 19 32.34 -27.26 17.33
N ASP P 20 33.34 -26.38 17.45
CA ASP P 20 33.24 -25.03 16.91
C ASP P 20 33.74 -24.85 15.48
N LYS P 21 34.06 -25.97 14.81
CA LYS P 21 34.54 -25.91 13.43
C LYS P 21 33.49 -25.26 12.53
N GLY P 22 32.27 -25.76 12.61
CA GLY P 22 31.18 -25.23 11.81
C GLY P 22 30.85 -23.80 12.18
N ARG P 23 30.73 -23.54 13.48
CA ARG P 23 30.42 -22.20 13.97
C ARG P 23 31.40 -21.14 13.45
N SER P 24 32.70 -21.38 13.64
CA SER P 24 33.71 -20.44 13.19
C SER P 24 33.62 -20.19 11.68
N TYR P 25 33.49 -21.26 10.91
CA TYR P 25 33.36 -21.14 9.46
C TYR P 25 32.13 -20.32 9.10
N ALA P 26 31.01 -20.64 9.75
CA ALA P 26 29.76 -19.95 9.52
C ALA P 26 29.83 -18.47 9.90
N TYR P 27 30.50 -18.18 11.02
CA TYR P 27 30.63 -16.81 11.48
C TYR P 27 31.60 -15.96 10.67
N PHE P 28 32.61 -16.62 10.10
CA PHE P 28 33.56 -15.90 9.26
C PHE P 28 32.86 -15.57 7.95
N MET P 29 32.13 -16.55 7.42
CA MET P 29 31.40 -16.39 6.18
C MET P 29 30.38 -15.26 6.26
N VAL P 30 29.63 -15.22 7.36
CA VAL P 30 28.62 -14.19 7.58
C VAL P 30 29.31 -12.86 7.76
N GLY P 31 30.36 -12.86 8.57
CA GLY P 31 31.14 -11.65 8.83
C GLY P 31 31.73 -11.04 7.57
N ALA P 32 32.28 -11.86 6.68
CA ALA P 32 32.86 -11.37 5.43
C ALA P 32 31.77 -10.86 4.47
N MET P 33 30.64 -11.58 4.42
CA MET P 33 29.53 -11.15 3.58
C MET P 33 29.01 -9.78 4.05
N GLY P 34 29.03 -9.57 5.36
CA GLY P 34 28.57 -8.31 5.93
C GLY P 34 29.55 -7.18 5.72
N LEU P 35 30.84 -7.53 5.74
CA LEU P 35 31.94 -6.57 5.55
C LEU P 35 31.89 -6.08 4.11
N LEU P 36 31.83 -7.01 3.17
CA LEU P 36 31.79 -6.64 1.75
C LEU P 36 30.47 -5.97 1.33
N SER P 37 29.38 -6.34 1.97
CA SER P 37 28.08 -5.73 1.66
C SER P 37 28.12 -4.27 2.13
N SER P 38 28.76 -4.04 3.28
CA SER P 38 28.88 -2.71 3.85
C SER P 38 29.78 -1.82 3.00
N ALA P 39 30.84 -2.40 2.45
CA ALA P 39 31.76 -1.65 1.62
C ALA P 39 31.00 -1.30 0.35
N GLY P 40 30.27 -2.28 -0.17
CA GLY P 40 29.49 -2.12 -1.39
C GLY P 40 28.40 -1.07 -1.25
N ALA P 41 27.71 -1.10 -0.12
CA ALA P 41 26.63 -0.15 0.16
C ALA P 41 27.15 1.27 0.28
N LYS P 42 28.29 1.41 0.94
CA LYS P 42 28.92 2.70 1.15
C LYS P 42 29.36 3.27 -0.20
N SER P 43 29.91 2.40 -1.05
CA SER P 43 30.36 2.81 -2.36
C SER P 43 29.20 3.23 -3.25
N THR P 44 28.07 2.53 -3.13
CA THR P 44 26.88 2.82 -3.92
C THR P 44 26.29 4.16 -3.49
N VAL P 45 26.11 4.34 -2.18
CA VAL P 45 25.59 5.58 -1.66
C VAL P 45 26.50 6.74 -2.11
N GLU P 46 27.81 6.57 -2.03
CA GLU P 46 28.74 7.61 -2.45
C GLU P 46 28.68 7.90 -3.95
N THR P 47 28.43 6.87 -4.75
CA THR P 47 28.33 7.03 -6.20
C THR P 47 27.16 7.95 -6.57
N PHE P 48 26.01 7.75 -5.93
CA PHE P 48 24.85 8.58 -6.20
C PHE P 48 25.03 9.98 -5.66
N ILE P 49 25.49 10.08 -4.41
CA ILE P 49 25.70 11.39 -3.80
C ILE P 49 26.69 12.20 -4.61
N SER P 50 27.80 11.59 -4.99
CA SER P 50 28.80 12.30 -5.75
C SER P 50 28.32 12.76 -7.13
N SER P 51 27.30 12.11 -7.69
CA SER P 51 26.78 12.50 -9.01
C SER P 51 26.02 13.83 -8.93
N MET P 52 25.72 14.27 -7.71
CA MET P 52 25.04 15.53 -7.51
C MET P 52 26.05 16.69 -7.30
N THR P 53 27.34 16.36 -7.20
CA THR P 53 28.35 17.42 -7.02
C THR P 53 28.62 18.04 -8.38
N ALA P 54 29.14 19.26 -8.34
CA ALA P 54 29.47 20.04 -9.54
C ALA P 54 30.03 19.18 -10.66
N THR P 55 29.35 19.23 -11.80
CA THR P 55 29.76 18.46 -12.96
C THR P 55 31.05 19.03 -13.53
N ALA P 56 31.71 18.25 -14.39
CA ALA P 56 32.98 18.65 -14.99
C ALA P 56 32.96 19.98 -15.75
N ASP P 57 31.81 20.29 -16.36
CA ASP P 57 31.64 21.50 -17.16
C ASP P 57 31.28 22.80 -16.43
N VAL P 58 31.09 22.76 -15.12
CA VAL P 58 30.75 23.98 -14.39
C VAL P 58 31.79 24.38 -13.34
N LEU P 59 32.94 23.70 -13.36
CA LEU P 59 34.02 23.98 -12.43
C LEU P 59 35.01 25.00 -13.00
N ALA P 60 34.56 25.75 -14.02
CA ALA P 60 35.38 26.76 -14.67
C ALA P 60 35.65 27.97 -13.77
N MET P 61 36.92 28.15 -13.41
CA MET P 61 37.38 29.23 -12.54
C MET P 61 37.76 30.49 -13.35
N ALA P 62 36.83 30.95 -14.18
CA ALA P 62 37.06 32.13 -15.01
C ALA P 62 37.35 33.42 -14.23
N LYS P 63 38.37 34.13 -14.66
CA LYS P 63 38.78 35.40 -14.05
C LYS P 63 37.93 36.49 -14.71
N VAL P 64 38.15 37.75 -14.36
CA VAL P 64 37.38 38.84 -14.96
C VAL P 64 37.98 40.24 -14.72
N GLU P 65 37.86 41.10 -15.72
CA GLU P 65 38.40 42.47 -15.65
C GLU P 65 37.32 43.52 -15.46
N VAL P 66 37.71 44.68 -14.92
CA VAL P 66 36.81 45.80 -14.71
C VAL P 66 37.54 47.12 -14.95
N ASN P 67 36.94 47.97 -15.77
CA ASN P 67 37.52 49.26 -16.12
C ASN P 67 37.22 50.32 -15.06
N LEU P 68 38.15 50.49 -14.13
CA LEU P 68 38.01 51.45 -13.04
C LEU P 68 38.02 52.92 -13.50
N ALA P 69 38.55 53.16 -14.70
CA ALA P 69 38.60 54.51 -15.24
C ALA P 69 37.19 55.04 -15.48
N ALA P 70 36.26 54.13 -15.75
CA ALA P 70 34.87 54.48 -15.99
C ALA P 70 34.14 54.87 -14.71
N ILE P 71 34.27 54.05 -13.68
CA ILE P 71 33.61 54.26 -12.39
C ILE P 71 33.85 55.65 -11.81
N PRO P 72 32.79 56.49 -11.77
CA PRO P 72 32.82 57.86 -11.24
C PRO P 72 33.22 57.92 -9.77
N LEU P 73 32.87 59.00 -9.10
CA LEU P 73 33.21 59.18 -7.69
C LEU P 73 32.48 58.21 -6.76
N GLY P 74 31.63 58.72 -5.88
CA GLY P 74 30.92 57.85 -4.96
C GLY P 74 29.80 57.01 -5.56
N LYS P 75 30.17 56.07 -6.43
CA LYS P 75 29.20 55.20 -7.10
C LYS P 75 29.59 53.72 -7.02
N ASN P 76 28.58 52.85 -7.01
CA ASN P 76 28.77 51.41 -6.94
C ASN P 76 28.68 50.76 -8.30
N VAL P 77 29.37 49.64 -8.45
CA VAL P 77 29.32 48.89 -9.69
C VAL P 77 29.30 47.41 -9.30
N VAL P 78 28.32 46.68 -9.86
CA VAL P 78 28.17 45.27 -9.56
C VAL P 78 28.48 44.46 -10.82
N VAL P 79 29.43 43.54 -10.72
CA VAL P 79 29.82 42.70 -11.84
C VAL P 79 29.77 41.24 -11.44
N LYS P 80 29.56 40.36 -12.42
CA LYS P 80 29.49 38.93 -12.15
C LYS P 80 30.85 38.24 -12.29
N TRP P 81 31.17 37.41 -11.31
CA TRP P 81 32.41 36.65 -11.28
C TRP P 81 32.09 35.32 -10.62
N GLN P 82 32.30 34.23 -11.37
CA GLN P 82 32.02 32.88 -10.90
C GLN P 82 30.59 32.73 -10.40
N GLY P 83 29.66 33.39 -11.09
CA GLY P 83 28.26 33.32 -10.73
C GLY P 83 27.84 34.11 -9.50
N LYS P 84 28.83 34.62 -8.76
CA LYS P 84 28.58 35.42 -7.56
C LYS P 84 28.78 36.89 -7.92
N PRO P 85 28.08 37.81 -7.26
CA PRO P 85 28.26 39.23 -7.58
C PRO P 85 29.47 39.84 -6.87
N VAL P 86 30.18 40.74 -7.56
CA VAL P 86 31.34 41.39 -6.98
C VAL P 86 31.08 42.90 -6.91
N PHE P 87 31.09 43.42 -5.69
CA PHE P 87 30.87 44.85 -5.43
C PHE P 87 32.17 45.65 -5.50
N ILE P 88 32.13 46.75 -6.23
CA ILE P 88 33.28 47.63 -6.37
C ILE P 88 32.82 49.07 -6.24
N ARG P 89 33.33 49.76 -5.22
CA ARG P 89 32.96 51.14 -5.01
C ARG P 89 34.15 52.09 -5.09
N HIS P 90 33.93 53.24 -5.73
CA HIS P 90 34.96 54.26 -5.84
C HIS P 90 34.63 55.16 -4.65
N ARG P 91 35.28 54.88 -3.53
CA ARG P 91 35.04 55.63 -2.30
C ARG P 91 35.50 57.08 -2.29
N THR P 92 34.69 57.95 -1.70
CA THR P 92 35.03 59.38 -1.58
C THR P 92 35.95 59.53 -0.37
N PRO P 93 36.72 60.63 -0.32
CA PRO P 93 37.63 60.87 0.81
C PRO P 93 36.95 60.73 2.17
N HIS P 94 35.75 61.30 2.30
CA HIS P 94 35.00 61.20 3.54
C HIS P 94 34.70 59.76 3.89
N GLU P 95 34.36 58.97 2.87
CA GLU P 95 34.05 57.55 3.04
C GLU P 95 35.29 56.79 3.51
N ILE P 96 36.44 57.11 2.95
CA ILE P 96 37.69 56.46 3.32
C ILE P 96 38.03 56.73 4.79
N GLN P 97 37.72 57.94 5.26
CA GLN P 97 38.00 58.28 6.64
C GLN P 97 37.03 57.53 7.55
N GLU P 98 35.74 57.61 7.24
CA GLU P 98 34.72 56.94 8.03
C GLU P 98 35.05 55.46 8.20
N ALA P 99 35.65 54.88 7.17
CA ALA P 99 36.03 53.47 7.18
C ALA P 99 37.19 53.13 8.13
N ASN P 100 38.24 53.94 8.15
CA ASN P 100 39.37 53.67 9.03
C ASN P 100 39.30 54.34 10.40
N SER P 101 38.17 54.96 10.69
CA SER P 101 37.99 55.66 11.96
C SER P 101 37.00 55.01 12.93
N VAL P 102 36.71 53.74 12.73
CA VAL P 102 35.77 53.02 13.58
C VAL P 102 36.49 52.12 14.59
N ASP P 103 35.99 52.13 15.82
CA ASP P 103 36.54 51.33 16.91
C ASP P 103 36.24 49.84 16.70
N MET P 104 37.27 49.02 16.83
CA MET P 104 37.12 47.57 16.68
C MET P 104 36.07 46.99 17.64
N SER P 105 36.03 47.49 18.86
CA SER P 105 35.08 47.01 19.86
C SER P 105 33.63 47.10 19.41
N ALA P 106 33.38 47.84 18.33
CA ALA P 106 32.04 47.99 17.79
C ALA P 106 31.88 47.12 16.55
N LEU P 107 32.50 45.95 16.56
CA LEU P 107 32.44 45.03 15.43
C LEU P 107 32.51 43.57 15.89
N LYS P 108 31.48 42.79 15.52
CA LYS P 108 31.43 41.39 15.88
C LYS P 108 32.48 40.62 15.09
N ASP P 109 32.89 41.18 13.96
CA ASP P 109 33.94 40.57 13.12
C ASP P 109 35.00 41.66 12.90
N PRO P 110 35.87 41.87 13.91
CA PRO P 110 36.97 42.85 13.95
C PRO P 110 37.94 42.74 12.79
N GLN P 111 38.04 43.82 12.01
CA GLN P 111 38.94 43.85 10.88
C GLN P 111 39.15 45.31 10.46
N THR P 112 40.42 45.70 10.22
CA THR P 112 40.70 47.07 9.82
C THR P 112 40.39 47.22 8.35
N ASP P 113 40.07 48.44 7.96
CA ASP P 113 39.76 48.73 6.57
C ASP P 113 40.97 48.39 5.71
N ALA P 114 42.15 48.54 6.28
CA ALA P 114 43.41 48.26 5.57
C ALA P 114 43.60 46.79 5.23
N ASP P 115 43.08 45.88 6.05
CA ASP P 115 43.20 44.45 5.77
C ASP P 115 42.18 44.03 4.73
N ARG P 116 41.29 44.95 4.38
CA ARG P 116 40.23 44.64 3.43
C ARG P 116 40.38 45.27 2.05
N VAL P 117 41.19 46.32 1.96
CA VAL P 117 41.43 47.00 0.68
C VAL P 117 42.92 47.27 0.45
N LYS P 118 43.35 47.12 -0.80
CA LYS P 118 44.74 47.37 -1.17
C LYS P 118 44.94 48.84 -1.48
N ASP P 119 43.89 49.47 -1.98
CA ASP P 119 43.89 50.88 -2.31
C ASP P 119 42.61 51.44 -1.72
N PRO P 120 42.73 52.36 -0.73
CA PRO P 120 41.60 53.00 -0.04
C PRO P 120 40.49 53.52 -0.95
N GLN P 121 40.87 53.86 -2.17
CA GLN P 121 39.96 54.40 -3.17
C GLN P 121 39.00 53.35 -3.75
N TRP P 122 39.45 52.10 -3.78
CA TRP P 122 38.66 51.03 -4.35
C TRP P 122 38.28 49.89 -3.41
N LEU P 123 37.04 49.91 -2.94
CA LEU P 123 36.53 48.85 -2.06
C LEU P 123 35.99 47.77 -3.00
N ILE P 124 36.58 46.58 -2.92
CA ILE P 124 36.19 45.45 -3.77
C ILE P 124 35.87 44.24 -2.89
N MET P 125 34.65 43.73 -3.03
CA MET P 125 34.22 42.59 -2.23
C MET P 125 33.08 41.81 -2.86
N LEU P 126 32.89 40.58 -2.39
CA LEU P 126 31.81 39.72 -2.86
C LEU P 126 30.51 40.20 -2.25
N GLY P 127 29.51 40.47 -3.07
CA GLY P 127 28.23 40.95 -2.58
C GLY P 127 27.30 39.82 -2.16
N ILE P 128 27.77 38.99 -1.22
CA ILE P 128 27.04 37.86 -0.68
C ILE P 128 26.89 38.06 0.83
N CYS P 129 25.66 38.28 1.32
CA CYS P 129 25.43 38.44 2.76
C CYS P 129 25.87 37.14 3.43
N THR P 130 26.72 37.25 4.45
CA THR P 130 27.22 36.07 5.13
C THR P 130 26.20 35.36 6.01
N HIS P 131 24.98 35.88 6.03
CA HIS P 131 23.93 35.24 6.82
C HIS P 131 23.39 34.06 6.01
N LEU P 132 22.54 34.35 5.01
CA LEU P 132 21.94 33.29 4.20
C LEU P 132 22.04 33.46 2.68
N GLY P 133 22.99 34.28 2.23
CA GLY P 133 23.23 34.44 0.80
C GLY P 133 22.69 35.58 -0.05
N CYS P 134 21.69 36.31 0.40
CA CYS P 134 21.14 37.41 -0.40
C CYS P 134 22.18 38.49 -0.74
N VAL P 135 21.86 39.28 -1.75
CA VAL P 135 22.73 40.36 -2.20
C VAL P 135 22.34 41.69 -1.51
N PRO P 136 23.25 42.26 -0.72
CA PRO P 136 22.96 43.53 -0.04
C PRO P 136 22.68 44.70 -0.99
N ILE P 137 21.71 45.53 -0.62
CA ILE P 137 21.37 46.71 -1.43
C ILE P 137 22.38 47.80 -1.12
N GLY P 138 22.92 48.43 -2.16
CA GLY P 138 23.90 49.48 -1.99
C GLY P 138 23.38 50.84 -1.55
N GLU P 139 24.19 51.55 -0.77
CA GLU P 139 23.84 52.88 -0.25
C GLU P 139 22.54 52.84 0.55
N ALA P 140 22.44 51.84 1.43
CA ALA P 140 21.27 51.66 2.27
C ALA P 140 21.69 51.22 3.65
N GLY P 141 20.75 51.13 4.58
CA GLY P 141 21.08 50.71 5.92
C GLY P 141 21.51 51.87 6.82
N ASP P 142 21.67 51.57 8.11
CA ASP P 142 22.02 52.58 9.11
C ASP P 142 23.50 52.80 9.37
N PHE P 143 24.37 52.42 8.44
CA PHE P 143 25.81 52.61 8.65
C PHE P 143 26.53 53.10 7.41
N GLY P 144 25.80 53.83 6.58
CA GLY P 144 26.36 54.38 5.35
C GLY P 144 27.00 53.37 4.44
N GLY P 145 26.48 52.14 4.46
CA GLY P 145 27.02 51.08 3.62
C GLY P 145 25.97 50.33 2.84
N TRP P 146 25.85 49.03 3.16
CA TRP P 146 24.90 48.16 2.49
C TRP P 146 23.87 47.57 3.43
N PHE P 147 22.68 47.33 2.91
CA PHE P 147 21.61 46.73 3.69
C PHE P 147 21.09 45.46 3.03
N CYS P 148 21.04 44.36 3.78
CA CYS P 148 20.51 43.12 3.21
C CYS P 148 19.03 43.07 3.57
N PRO P 149 18.17 43.06 2.55
CA PRO P 149 16.70 43.00 2.69
C PRO P 149 16.15 41.69 3.25
N CYS P 150 16.91 40.61 3.15
CA CYS P 150 16.44 39.32 3.61
C CYS P 150 16.20 39.15 5.10
N HIS P 151 17.18 39.49 5.94
CA HIS P 151 16.97 39.36 7.38
C HIS P 151 17.48 40.55 8.22
N GLY P 152 17.68 41.69 7.55
CA GLY P 152 18.12 42.90 8.23
C GLY P 152 19.57 43.03 8.69
N SER P 153 20.51 42.77 7.81
CA SER P 153 21.93 42.88 8.14
C SER P 153 22.49 44.14 7.49
N HIS P 154 23.07 45.02 8.31
CA HIS P 154 23.65 46.28 7.84
C HIS P 154 25.17 46.17 7.76
N TYR P 155 25.73 46.66 6.65
CA TYR P 155 27.17 46.64 6.44
C TYR P 155 27.64 48.09 6.31
N ASP P 156 28.84 48.39 6.80
CA ASP P 156 29.37 49.75 6.71
C ASP P 156 30.16 50.04 5.43
N ILE P 157 30.62 51.27 5.29
CA ILE P 157 31.35 51.70 4.11
C ILE P 157 32.63 50.89 3.78
N SER P 158 32.95 49.93 4.64
CA SER P 158 34.11 49.05 4.42
C SER P 158 33.60 47.61 4.19
N GLY P 159 32.28 47.46 4.14
CA GLY P 159 31.69 46.15 3.95
C GLY P 159 31.67 45.29 5.21
N ARG P 160 31.97 45.87 6.36
CA ARG P 160 31.99 45.11 7.62
C ARG P 160 30.60 44.92 8.22
N ILE P 161 30.39 43.81 8.93
CA ILE P 161 29.11 43.55 9.55
C ILE P 161 28.91 44.40 10.81
N ARG P 162 27.84 45.19 10.80
CA ARG P 162 27.55 46.08 11.91
C ARG P 162 26.33 45.70 12.73
N LYS P 163 25.33 45.12 12.08
CA LYS P 163 24.10 44.77 12.78
C LYS P 163 23.32 43.73 11.99
N GLY P 164 22.62 42.86 12.73
CA GLY P 164 21.83 41.82 12.10
C GLY P 164 22.41 40.44 12.36
N PRO P 165 21.76 39.39 11.82
CA PRO P 165 22.18 38.00 11.99
C PRO P 165 23.46 37.53 11.25
N ALA P 166 23.91 38.29 10.25
CA ALA P 166 25.15 37.92 9.54
C ALA P 166 26.32 37.90 10.54
N PRO P 167 27.15 36.85 10.48
CA PRO P 167 28.29 36.76 11.41
C PRO P 167 29.62 37.28 10.91
N LEU P 168 29.75 37.49 9.59
CA LEU P 168 31.01 37.93 9.03
C LEU P 168 30.91 39.11 8.08
N ASN P 169 32.05 39.79 7.90
CA ASN P 169 32.13 40.95 7.00
C ASN P 169 32.07 40.37 5.60
N LEU P 170 31.65 41.18 4.63
CA LEU P 170 31.60 40.71 3.26
C LEU P 170 33.02 40.28 2.91
N GLU P 171 33.13 39.06 2.39
CA GLU P 171 34.40 38.46 2.03
C GLU P 171 35.12 39.18 0.89
N ILE P 172 36.43 39.37 1.05
CA ILE P 172 37.23 40.03 0.02
C ILE P 172 37.85 38.96 -0.89
N PRO P 173 37.57 39.05 -2.21
CA PRO P 173 38.10 38.09 -3.17
C PRO P 173 39.52 38.48 -3.58
N ALA P 174 40.23 37.55 -4.24
CA ALA P 174 41.59 37.80 -4.69
C ALA P 174 41.54 38.70 -5.92
N TYR P 175 42.41 39.70 -5.96
CA TYR P 175 42.47 40.62 -7.10
C TYR P 175 43.84 41.28 -7.27
N GLU P 176 44.02 41.96 -8.40
CA GLU P 176 45.27 42.67 -8.71
C GLU P 176 44.93 43.89 -9.57
N PHE P 177 45.69 44.97 -9.39
CA PHE P 177 45.46 46.17 -10.18
C PHE P 177 46.33 46.12 -11.44
N ASP P 178 46.00 46.98 -12.42
CA ASP P 178 46.75 47.01 -13.67
C ASP P 178 46.42 48.27 -14.47
N GLY P 179 46.94 49.41 -14.02
CA GLY P 179 46.70 50.68 -14.69
C GLY P 179 45.33 51.27 -14.41
N ASP P 180 44.52 51.40 -15.45
CA ASP P 180 43.17 51.95 -15.33
C ASP P 180 42.11 50.87 -15.05
N LYS P 181 42.53 49.62 -14.97
CA LYS P 181 41.60 48.52 -14.71
C LYS P 181 42.07 47.52 -13.66
N VAL P 182 41.12 46.81 -13.07
CA VAL P 182 41.39 45.81 -12.05
C VAL P 182 40.95 44.43 -12.55
N ILE P 183 41.62 43.38 -12.08
CA ILE P 183 41.32 42.02 -12.47
C ILE P 183 40.98 41.14 -11.25
N VAL P 184 39.71 40.78 -11.14
CA VAL P 184 39.23 39.94 -10.04
C VAL P 184 39.27 38.46 -10.40
N GLY P 185 39.62 37.62 -9.44
CA GLY P 185 39.67 36.18 -9.69
C GLY P 185 40.79 35.46 -8.97
N VAL Q 73 59.57 3.37 -45.43
CA VAL Q 73 58.64 2.46 -44.68
C VAL Q 73 57.29 2.42 -45.40
N THR Q 74 56.98 1.28 -46.00
CA THR Q 74 55.73 1.11 -46.75
C THR Q 74 54.57 0.64 -45.86
N ASP Q 75 53.34 0.91 -46.32
CA ASP Q 75 52.13 0.55 -45.58
C ASP Q 75 52.04 -0.93 -45.21
N GLN Q 76 52.04 -1.17 -43.90
CA GLN Q 76 51.99 -2.52 -43.34
C GLN Q 76 50.79 -3.34 -43.81
N LEU Q 77 49.63 -2.70 -43.95
CA LEU Q 77 48.43 -3.40 -44.39
C LEU Q 77 48.45 -3.80 -45.86
N GLU Q 78 48.83 -2.90 -46.75
CA GLU Q 78 48.88 -3.23 -48.17
C GLU Q 78 49.98 -4.26 -48.43
N ASP Q 79 50.91 -4.31 -47.48
CA ASP Q 79 52.04 -5.23 -47.47
C ASP Q 79 51.53 -6.64 -47.13
N LEU Q 80 50.61 -6.71 -46.16
CA LEU Q 80 50.03 -7.99 -45.75
C LEU Q 80 49.05 -8.52 -46.79
N ARG Q 81 48.29 -7.61 -47.40
CA ARG Q 81 47.33 -8.00 -48.42
C ARG Q 81 48.04 -8.55 -49.65
N GLU Q 82 49.23 -8.02 -49.92
CA GLU Q 82 50.00 -8.47 -51.08
C GLU Q 82 50.50 -9.89 -50.82
N HIS Q 83 51.08 -10.11 -49.63
CA HIS Q 83 51.57 -11.42 -49.26
C HIS Q 83 50.47 -12.48 -49.36
N PHE Q 84 49.28 -12.16 -48.85
CA PHE Q 84 48.20 -13.12 -48.87
C PHE Q 84 47.45 -13.30 -50.17
N LYS Q 85 47.63 -12.37 -51.10
CA LYS Q 85 47.03 -12.50 -52.43
C LYS Q 85 47.87 -13.54 -53.17
N ASN Q 86 49.05 -13.80 -52.60
CA ASN Q 86 50.03 -14.74 -53.16
C ASN Q 86 49.99 -16.18 -52.69
N THR Q 87 49.11 -16.51 -51.78
CA THR Q 87 49.02 -17.89 -51.31
C THR Q 87 48.13 -18.65 -52.27
N GLU Q 88 48.06 -19.96 -52.12
CA GLU Q 88 47.22 -20.77 -52.99
C GLU Q 88 45.81 -20.25 -52.98
N GLU Q 89 45.25 -20.10 -51.78
CA GLU Q 89 43.90 -19.62 -51.59
C GLU Q 89 43.75 -18.22 -52.20
N GLY Q 90 44.72 -17.36 -51.94
CA GLY Q 90 44.70 -16.01 -52.47
C GLY Q 90 44.66 -15.96 -53.98
N LYS Q 91 45.61 -16.65 -54.60
CA LYS Q 91 45.72 -16.73 -56.05
C LYS Q 91 44.42 -17.27 -56.65
N ALA Q 92 43.82 -18.25 -55.97
CA ALA Q 92 42.57 -18.85 -56.45
C ALA Q 92 41.42 -17.85 -56.43
N LEU Q 93 41.34 -17.08 -55.34
CA LEU Q 93 40.28 -16.09 -55.21
C LEU Q 93 40.41 -14.94 -56.19
N VAL Q 94 41.62 -14.43 -56.43
CA VAL Q 94 41.74 -13.34 -57.40
C VAL Q 94 41.44 -13.88 -58.80
N HIS Q 95 41.72 -15.16 -59.02
CA HIS Q 95 41.46 -15.78 -60.30
C HIS Q 95 39.96 -15.79 -60.56
N HIS Q 96 39.19 -16.23 -59.56
CA HIS Q 96 37.73 -16.27 -59.65
C HIS Q 96 37.15 -14.89 -59.89
N TYR Q 97 37.73 -13.89 -59.24
CA TYR Q 97 37.28 -12.50 -59.42
C TYR Q 97 37.66 -12.06 -60.84
N GLU Q 98 38.86 -12.44 -61.27
CA GLU Q 98 39.36 -12.10 -62.58
C GLU Q 98 38.50 -12.66 -63.70
N GLU Q 99 38.06 -13.90 -63.56
CA GLU Q 99 37.23 -14.54 -64.58
C GLU Q 99 35.91 -13.78 -64.71
N CYS Q 100 35.40 -13.31 -63.57
CA CYS Q 100 34.15 -12.55 -63.53
C CYS Q 100 34.36 -11.20 -64.20
N ALA Q 101 35.46 -10.54 -63.87
CA ALA Q 101 35.78 -9.22 -64.44
C ALA Q 101 35.82 -9.29 -65.95
N GLU Q 102 36.39 -10.37 -66.49
CA GLU Q 102 36.49 -10.56 -67.93
C GLU Q 102 35.11 -10.77 -68.52
N ARG Q 103 34.35 -11.71 -67.94
CA ARG Q 103 33.01 -12.01 -68.40
C ARG Q 103 32.16 -10.73 -68.44
N VAL Q 104 32.38 -9.84 -67.47
CA VAL Q 104 31.66 -8.58 -67.38
C VAL Q 104 32.12 -7.60 -68.46
N LYS Q 105 33.43 -7.54 -68.70
CA LYS Q 105 34.00 -6.66 -69.72
C LYS Q 105 33.38 -6.96 -71.08
N ILE Q 106 33.31 -8.24 -71.42
CA ILE Q 106 32.76 -8.67 -72.69
C ILE Q 106 31.27 -8.34 -72.82
N GLN Q 107 30.56 -8.32 -71.71
CA GLN Q 107 29.14 -8.00 -71.71
C GLN Q 107 28.93 -6.50 -72.00
N GLN Q 108 29.83 -5.68 -71.46
CA GLN Q 108 29.75 -4.22 -71.63
C GLN Q 108 30.05 -3.75 -73.05
N GLN Q 109 30.89 -4.51 -73.75
CA GLN Q 109 31.27 -4.19 -75.12
C GLN Q 109 30.14 -4.50 -76.10
N GLN Q 110 29.41 -5.59 -75.83
CA GLN Q 110 28.30 -6.01 -76.68
C GLN Q 110 27.19 -4.97 -76.80
N PRO Q 111 26.60 -4.82 -78.00
CA PRO Q 111 25.52 -3.86 -78.22
C PRO Q 111 24.23 -4.27 -77.50
N GLY Q 112 23.58 -3.29 -76.87
CA GLY Q 112 22.34 -3.56 -76.16
C GLY Q 112 22.48 -3.65 -74.64
N TYR Q 113 23.72 -3.54 -74.16
CA TYR Q 113 24.01 -3.61 -72.72
C TYR Q 113 23.23 -2.59 -71.91
N ALA Q 114 23.31 -1.34 -72.33
CA ALA Q 114 22.63 -0.22 -71.66
C ALA Q 114 21.21 -0.49 -71.19
N ASP Q 115 20.48 -1.36 -71.90
CA ASP Q 115 19.11 -1.67 -71.51
C ASP Q 115 18.87 -3.17 -71.32
N LEU Q 116 19.31 -3.65 -70.15
CA LEU Q 116 19.15 -5.05 -69.78
C LEU Q 116 18.63 -5.17 -68.34
N GLU Q 117 18.85 -4.12 -67.56
CA GLU Q 117 18.43 -4.03 -66.15
C GLU Q 117 18.61 -5.28 -65.27
N HIS Q 118 19.49 -6.18 -65.70
CA HIS Q 118 19.80 -7.43 -65.01
C HIS Q 118 21.29 -7.75 -65.27
N LYS Q 119 22.11 -6.70 -65.25
CA LYS Q 119 23.55 -6.80 -65.51
C LYS Q 119 24.35 -7.42 -64.35
N GLU Q 120 25.35 -8.23 -64.70
CA GLU Q 120 26.19 -8.89 -63.71
C GLU Q 120 27.34 -8.03 -63.20
N ASP Q 121 27.58 -8.07 -61.89
CA ASP Q 121 28.70 -7.37 -61.27
C ASP Q 121 29.55 -8.40 -60.54
N CYS Q 122 30.69 -8.00 -59.99
CA CYS Q 122 31.57 -8.96 -59.32
C CYS Q 122 31.84 -8.65 -57.85
N VAL Q 123 30.86 -8.05 -57.18
CA VAL Q 123 30.98 -7.70 -55.78
C VAL Q 123 31.13 -8.98 -54.96
N GLU Q 124 30.34 -9.99 -55.29
CA GLU Q 124 30.38 -11.25 -54.59
C GLU Q 124 31.79 -11.85 -54.64
N GLU Q 125 32.33 -12.01 -55.85
CA GLU Q 125 33.68 -12.56 -56.04
C GLU Q 125 34.71 -11.67 -55.37
N PHE Q 126 34.51 -10.36 -55.42
CA PHE Q 126 35.42 -9.44 -54.78
C PHE Q 126 35.35 -9.63 -53.25
N PHE Q 127 34.13 -9.75 -52.70
CA PHE Q 127 33.93 -9.94 -51.26
C PHE Q 127 34.59 -11.21 -50.73
N HIS Q 128 34.51 -12.31 -51.50
CA HIS Q 128 35.13 -13.58 -51.11
C HIS Q 128 36.64 -13.38 -50.98
N LEU Q 129 37.23 -12.65 -51.93
CA LEU Q 129 38.66 -12.35 -51.92
C LEU Q 129 38.98 -11.50 -50.70
N GLN Q 130 38.27 -10.38 -50.58
CA GLN Q 130 38.48 -9.46 -49.47
C GLN Q 130 38.29 -10.13 -48.11
N HIS Q 131 37.33 -11.04 -48.01
CA HIS Q 131 37.08 -11.73 -46.75
C HIS Q 131 38.26 -12.62 -46.39
N TYR Q 132 38.82 -13.29 -47.40
CA TYR Q 132 39.98 -14.14 -47.15
C TYR Q 132 41.14 -13.29 -46.64
N LEU Q 133 41.42 -12.19 -47.34
CA LEU Q 133 42.49 -11.30 -46.95
C LEU Q 133 42.29 -10.74 -45.54
N ASP Q 134 41.07 -10.29 -45.24
CA ASP Q 134 40.75 -9.75 -43.92
C ASP Q 134 41.02 -10.77 -42.80
N THR Q 135 40.56 -12.00 -43.01
CA THR Q 135 40.74 -13.09 -42.04
C THR Q 135 42.20 -13.36 -41.71
N ALA Q 136 43.07 -13.19 -42.70
CA ALA Q 136 44.48 -13.42 -42.51
C ALA Q 136 45.22 -12.20 -41.99
N THR Q 137 44.90 -11.04 -42.55
CA THR Q 137 45.57 -9.81 -42.16
C THR Q 137 45.14 -9.21 -40.82
N ALA Q 138 43.87 -9.36 -40.46
CA ALA Q 138 43.35 -8.79 -39.22
C ALA Q 138 44.12 -9.14 -37.94
N PRO Q 139 44.41 -10.44 -37.73
CA PRO Q 139 45.14 -10.79 -36.51
C PRO Q 139 46.65 -10.54 -36.52
N ARG Q 140 47.19 -10.11 -37.66
CA ARG Q 140 48.63 -9.87 -37.77
C ARG Q 140 49.05 -8.42 -37.84
N LEU Q 141 48.21 -7.58 -38.46
CA LEU Q 141 48.51 -6.17 -38.66
C LEU Q 141 48.98 -5.33 -37.47
N PHE Q 142 48.27 -5.40 -36.35
CA PHE Q 142 48.67 -4.59 -35.21
C PHE Q 142 50.03 -4.89 -34.59
N ASP Q 143 50.60 -6.05 -34.90
CA ASP Q 143 51.93 -6.39 -34.39
C ASP Q 143 52.98 -5.62 -35.19
N LYS Q 144 52.59 -5.18 -36.39
CA LYS Q 144 53.44 -4.42 -37.29
C LYS Q 144 53.24 -2.90 -37.13
N LEU Q 145 52.58 -2.47 -36.05
CA LEU Q 145 52.34 -1.04 -35.82
C LEU Q 145 52.65 -0.64 -34.38
N LYS Q 146 52.89 0.65 -34.19
CA LYS Q 146 53.16 1.17 -32.84
C LYS Q 146 51.83 1.49 -32.14
N GLN R 2 -11.66 -29.62 -16.12
CA GLN R 2 -12.46 -30.81 -16.56
C GLN R 2 -12.92 -31.63 -15.37
N SER R 3 -14.19 -32.04 -15.38
CA SER R 3 -14.75 -32.82 -14.27
C SER R 3 -14.30 -34.27 -14.31
N PHE R 4 -14.18 -34.90 -13.15
CA PHE R 4 -13.80 -36.30 -13.12
C PHE R 4 -14.87 -37.19 -13.74
N THR R 5 -16.13 -36.75 -13.69
CA THR R 5 -17.23 -37.48 -14.27
C THR R 5 -16.97 -37.59 -15.77
N SER R 6 -16.57 -36.47 -16.36
CA SER R 6 -16.25 -36.40 -17.79
C SER R 6 -15.03 -37.27 -18.12
N ILE R 7 -13.99 -37.18 -17.30
CA ILE R 7 -12.77 -37.96 -17.48
C ILE R 7 -13.12 -39.44 -17.41
N ALA R 8 -13.87 -39.82 -16.38
CA ALA R 8 -14.28 -41.20 -16.20
C ALA R 8 -15.11 -41.71 -17.38
N ARG R 9 -16.08 -40.90 -17.82
CA ARG R 9 -16.94 -41.29 -18.94
C ARG R 9 -16.10 -41.66 -20.16
N ILE R 10 -15.17 -40.80 -20.52
CA ILE R 10 -14.30 -41.05 -21.67
C ILE R 10 -13.35 -42.23 -21.38
N GLY R 11 -12.80 -42.25 -20.17
CA GLY R 11 -11.87 -43.31 -19.78
C GLY R 11 -12.49 -44.69 -19.72
N ASP R 12 -13.69 -44.80 -19.15
CA ASP R 12 -14.40 -46.07 -19.05
C ASP R 12 -14.67 -46.61 -20.45
N TYR R 13 -15.18 -45.73 -21.31
CA TYR R 13 -15.49 -46.06 -22.70
C TYR R 13 -14.32 -46.71 -23.40
N ILE R 14 -13.12 -46.14 -23.22
CA ILE R 14 -11.89 -46.66 -23.83
C ILE R 14 -11.49 -47.97 -23.17
N LEU R 15 -11.58 -48.01 -21.85
CA LEU R 15 -11.23 -49.17 -21.05
C LEU R 15 -12.11 -50.40 -21.30
N LYS R 16 -13.33 -50.15 -21.76
CA LYS R 16 -14.26 -51.24 -22.05
C LYS R 16 -14.06 -51.78 -23.47
N SER R 17 -13.57 -50.91 -24.35
CA SER R 17 -13.31 -51.25 -25.75
C SER R 17 -11.98 -51.95 -25.93
N PRO R 18 -11.99 -53.25 -26.28
CA PRO R 18 -10.77 -54.03 -26.48
C PRO R 18 -9.83 -53.36 -27.48
N VAL R 19 -10.38 -52.86 -28.58
CA VAL R 19 -9.59 -52.20 -29.61
C VAL R 19 -8.87 -50.97 -29.07
N LEU R 20 -9.62 -50.04 -28.48
CA LEU R 20 -9.03 -48.83 -27.92
C LEU R 20 -8.14 -49.15 -26.72
N SER R 21 -8.61 -50.06 -25.86
CA SER R 21 -7.86 -50.44 -24.68
C SER R 21 -6.49 -51.03 -24.96
N LYS R 22 -6.37 -51.82 -26.03
CA LYS R 22 -5.09 -52.42 -26.35
C LYS R 22 -4.16 -51.37 -26.95
N LEU R 23 -4.76 -50.33 -27.52
CA LEU R 23 -4.03 -49.25 -28.15
C LEU R 23 -3.57 -48.13 -27.18
N CYS R 24 -4.48 -47.68 -26.33
CA CYS R 24 -4.21 -46.58 -25.38
C CYS R 24 -3.53 -46.90 -24.05
N VAL R 25 -4.07 -47.85 -23.30
CA VAL R 25 -3.52 -48.21 -21.99
C VAL R 25 -2.00 -48.31 -21.92
N PRO R 26 -1.36 -48.97 -22.91
CA PRO R 26 0.10 -49.11 -22.88
C PRO R 26 0.76 -47.73 -22.89
N VAL R 27 0.25 -46.85 -23.76
CA VAL R 27 0.74 -45.50 -23.90
C VAL R 27 0.53 -44.74 -22.56
N ALA R 28 -0.60 -45.02 -21.90
CA ALA R 28 -0.92 -44.40 -20.63
C ALA R 28 0.00 -44.89 -19.51
N ASN R 29 0.30 -46.19 -19.52
CA ASN R 29 1.21 -46.77 -18.52
C ASN R 29 2.57 -46.10 -18.67
N GLN R 30 3.00 -45.93 -19.91
CA GLN R 30 4.27 -45.30 -20.24
C GLN R 30 4.27 -43.87 -19.71
N PHE R 31 3.18 -43.17 -19.97
CA PHE R 31 3.00 -41.78 -19.54
C PHE R 31 3.15 -41.67 -18.03
N ILE R 32 2.47 -42.53 -17.27
CA ILE R 32 2.53 -42.49 -15.81
C ILE R 32 3.92 -42.79 -15.25
N ASN R 33 4.68 -43.67 -15.91
CA ASN R 33 6.03 -43.97 -15.44
C ASN R 33 6.96 -42.80 -15.72
N LEU R 34 6.75 -42.15 -16.87
CA LEU R 34 7.55 -40.99 -17.25
C LEU R 34 7.22 -39.79 -16.37
N ALA R 35 5.97 -39.74 -15.92
CA ALA R 35 5.48 -38.67 -15.06
C ALA R 35 6.36 -38.58 -13.82
N GLY R 36 6.75 -39.73 -13.30
CA GLY R 36 7.65 -39.79 -12.16
C GLY R 36 7.14 -39.48 -10.77
N TYR R 37 5.84 -39.27 -10.58
CA TYR R 37 5.37 -38.96 -9.24
C TYR R 37 5.56 -40.10 -8.25
N LYS R 38 5.53 -41.34 -8.74
CA LYS R 38 5.72 -42.52 -7.88
C LYS R 38 7.13 -42.54 -7.29
N LYS R 39 8.09 -41.95 -8.02
CA LYS R 39 9.46 -41.89 -7.53
C LYS R 39 9.56 -40.91 -6.37
N LEU R 40 8.55 -40.04 -6.23
CA LEU R 40 8.51 -39.08 -5.15
C LEU R 40 7.69 -39.63 -4.00
N GLY R 41 7.08 -40.79 -4.23
CA GLY R 41 6.29 -41.45 -3.20
C GLY R 41 4.83 -41.01 -3.12
N LEU R 42 4.34 -40.39 -4.20
CA LEU R 42 2.97 -39.91 -4.25
C LEU R 42 2.10 -40.81 -5.11
N LYS R 43 0.81 -40.86 -4.80
CA LYS R 43 -0.13 -41.62 -5.61
C LYS R 43 -0.76 -40.55 -6.51
N PHE R 44 -1.30 -40.93 -7.66
CA PHE R 44 -1.89 -39.92 -8.53
C PHE R 44 -2.92 -39.05 -7.85
N ASP R 45 -3.84 -39.67 -7.11
CA ASP R 45 -4.88 -38.90 -6.42
C ASP R 45 -4.34 -37.83 -5.49
N ASP R 46 -3.06 -37.94 -5.09
CA ASP R 46 -2.42 -36.94 -4.22
C ASP R 46 -2.08 -35.66 -5.00
N LEU R 47 -2.02 -35.78 -6.33
CA LEU R 47 -1.69 -34.69 -7.23
C LEU R 47 -2.85 -33.77 -7.61
N ILE R 48 -4.09 -34.18 -7.36
CA ILE R 48 -5.23 -33.37 -7.74
C ILE R 48 -5.29 -32.03 -7.01
N ALA R 49 -5.37 -30.93 -7.78
CA ALA R 49 -5.45 -29.59 -7.20
C ALA R 49 -6.67 -29.61 -6.29
N GLU R 50 -6.48 -29.23 -5.03
CA GLU R 50 -7.55 -29.28 -4.04
C GLU R 50 -8.31 -27.99 -3.70
N GLU R 51 -7.83 -26.86 -4.19
CA GLU R 51 -8.45 -25.56 -3.92
C GLU R 51 -9.73 -25.27 -4.70
N ASN R 52 -10.76 -26.08 -4.43
CA ASN R 52 -12.08 -25.95 -5.04
C ASN R 52 -13.05 -26.73 -4.15
N PRO R 53 -14.33 -26.32 -4.10
CA PRO R 53 -15.33 -27.00 -3.26
C PRO R 53 -15.48 -28.52 -3.38
N ILE R 54 -15.45 -29.07 -4.60
CA ILE R 54 -15.59 -30.52 -4.79
C ILE R 54 -14.49 -31.29 -4.04
N MET R 55 -13.24 -30.85 -4.19
CA MET R 55 -12.12 -31.51 -3.53
C MET R 55 -12.14 -31.33 -2.02
N GLN R 56 -12.59 -30.17 -1.55
CA GLN R 56 -12.68 -29.96 -0.12
C GLN R 56 -13.73 -30.90 0.47
N THR R 57 -14.84 -31.09 -0.24
CA THR R 57 -15.89 -32.01 0.21
C THR R 57 -15.31 -33.42 0.28
N ALA R 58 -14.66 -33.84 -0.80
CA ALA R 58 -14.06 -35.16 -0.89
C ALA R 58 -13.04 -35.40 0.22
N LEU R 59 -12.10 -34.47 0.40
CA LEU R 59 -11.08 -34.61 1.43
C LEU R 59 -11.66 -34.63 2.84
N ARG R 60 -12.83 -34.03 3.01
CA ARG R 60 -13.50 -34.00 4.30
C ARG R 60 -14.03 -35.40 4.60
N ARG R 61 -14.65 -36.00 3.58
CA ARG R 61 -15.26 -37.34 3.67
C ARG R 61 -14.28 -38.52 3.73
N LEU R 62 -13.05 -38.30 3.28
CA LEU R 62 -12.01 -39.34 3.28
C LEU R 62 -11.78 -39.87 4.70
N PRO R 63 -11.83 -41.21 4.89
CA PRO R 63 -11.61 -41.75 6.24
C PRO R 63 -10.28 -41.36 6.89
N GLU R 64 -10.35 -41.10 8.19
CA GLU R 64 -9.21 -40.69 9.02
C GLU R 64 -7.86 -41.29 8.69
N ASP R 65 -7.83 -42.61 8.61
CA ASP R 65 -6.60 -43.34 8.37
C ASP R 65 -5.93 -43.06 7.03
N GLU R 66 -6.72 -42.95 5.98
CA GLU R 66 -6.18 -42.66 4.67
C GLU R 66 -5.76 -41.20 4.61
N SER R 67 -6.50 -40.36 5.33
CA SER R 67 -6.17 -38.95 5.38
C SER R 67 -4.79 -38.71 6.01
N TYR R 68 -4.46 -39.48 7.04
CA TYR R 68 -3.16 -39.35 7.70
C TYR R 68 -2.09 -39.88 6.76
N ALA R 69 -2.45 -40.90 6.00
CA ALA R 69 -1.54 -41.50 5.05
C ALA R 69 -1.23 -40.51 3.93
N ARG R 70 -2.25 -39.81 3.44
CA ARG R 70 -2.09 -38.83 2.37
C ARG R 70 -1.15 -37.73 2.85
N ALA R 71 -1.41 -37.23 4.05
CA ALA R 71 -0.60 -36.17 4.61
C ALA R 71 0.88 -36.55 4.64
N TYR R 72 1.18 -37.78 5.00
CA TYR R 72 2.57 -38.22 5.06
C TYR R 72 3.22 -38.21 3.69
N ARG R 73 2.52 -38.72 2.69
CA ARG R 73 3.07 -38.79 1.35
C ARG R 73 3.37 -37.42 0.79
N ILE R 74 2.53 -36.46 1.15
CA ILE R 74 2.68 -35.10 0.71
C ILE R 74 3.89 -34.47 1.39
N ILE R 75 3.96 -34.57 2.71
CA ILE R 75 5.08 -33.99 3.45
C ILE R 75 6.40 -34.61 3.00
N ARG R 76 6.42 -35.93 2.90
CA ARG R 76 7.62 -36.64 2.48
C ARG R 76 8.06 -36.21 1.08
N ALA R 77 7.10 -35.96 0.21
CA ALA R 77 7.40 -35.52 -1.16
C ALA R 77 8.05 -34.13 -1.21
N HIS R 78 7.47 -33.15 -0.49
CA HIS R 78 8.04 -31.79 -0.48
C HIS R 78 9.48 -31.83 0.02
N GLN R 79 9.74 -32.66 1.03
CA GLN R 79 11.07 -32.79 1.59
C GLN R 79 12.03 -33.39 0.56
N THR R 80 11.60 -34.49 -0.06
CA THR R 80 12.44 -35.13 -1.08
C THR R 80 12.74 -34.14 -2.21
N GLU R 81 11.70 -33.47 -2.71
CA GLU R 81 11.83 -32.51 -3.79
C GLU R 81 12.75 -31.34 -3.44
N LEU R 82 12.70 -30.87 -2.20
CA LEU R 82 13.55 -29.76 -1.79
C LEU R 82 15.04 -30.14 -1.73
N THR R 83 15.33 -31.43 -1.53
CA THR R 83 16.70 -31.92 -1.47
C THR R 83 17.22 -32.29 -2.86
N HIS R 84 16.33 -32.24 -3.85
CA HIS R 84 16.65 -32.55 -5.24
C HIS R 84 17.03 -34.01 -5.47
N HIS R 85 16.44 -34.90 -4.68
CA HIS R 85 16.69 -36.32 -4.81
C HIS R 85 15.37 -37.01 -5.11
N LEU R 86 15.43 -38.34 -5.15
CA LEU R 86 14.25 -39.15 -5.33
C LEU R 86 14.30 -40.07 -4.14
N LEU R 87 13.21 -40.77 -3.87
CA LEU R 87 13.21 -41.68 -2.75
C LEU R 87 13.90 -42.96 -3.20
N PRO R 88 14.40 -43.77 -2.25
CA PRO R 88 15.05 -45.03 -2.62
C PRO R 88 13.96 -45.86 -3.30
N ARG R 89 14.32 -46.69 -4.27
CA ARG R 89 13.31 -47.49 -4.98
C ARG R 89 12.30 -48.23 -4.10
N ASN R 90 12.75 -48.81 -2.99
CA ASN R 90 11.86 -49.56 -2.11
C ASN R 90 10.76 -48.73 -1.43
N GLU R 91 10.74 -47.43 -1.72
CA GLU R 91 9.74 -46.52 -1.16
C GLU R 91 8.86 -45.92 -2.26
N TRP R 92 9.17 -46.25 -3.51
CA TRP R 92 8.39 -45.76 -4.62
C TRP R 92 7.03 -46.41 -4.56
N ILE R 93 6.01 -45.69 -4.97
CA ILE R 93 4.68 -46.24 -4.98
C ILE R 93 4.67 -47.22 -6.15
N LYS R 94 4.18 -48.44 -5.93
CA LYS R 94 4.12 -49.43 -6.99
C LYS R 94 2.78 -49.29 -7.70
N ALA R 95 2.71 -49.78 -8.93
CA ALA R 95 1.48 -49.68 -9.70
C ALA R 95 0.27 -50.23 -8.93
N GLN R 96 0.49 -51.32 -8.19
CA GLN R 96 -0.59 -51.93 -7.41
C GLN R 96 -1.09 -50.96 -6.36
N GLU R 97 -0.17 -50.16 -5.80
CA GLU R 97 -0.50 -49.18 -4.77
C GLU R 97 -1.08 -47.87 -5.30
N ASP R 98 -0.84 -47.55 -6.57
CA ASP R 98 -1.33 -46.32 -7.17
C ASP R 98 -2.82 -46.42 -7.46
N VAL R 99 -3.59 -46.58 -6.39
CA VAL R 99 -5.03 -46.74 -6.42
C VAL R 99 -5.82 -45.42 -6.33
N PRO R 100 -6.93 -45.30 -7.08
CA PRO R 100 -7.76 -44.10 -7.05
C PRO R 100 -8.62 -44.03 -5.78
N TYR R 101 -7.97 -43.87 -4.62
CA TYR R 101 -8.65 -43.83 -3.34
C TYR R 101 -9.62 -42.66 -3.13
N LEU R 102 -9.29 -41.50 -3.68
CA LEU R 102 -10.14 -40.32 -3.53
C LEU R 102 -11.23 -40.22 -4.59
N LEU R 103 -10.93 -40.73 -5.78
CA LEU R 103 -11.86 -40.69 -6.92
C LEU R 103 -13.34 -40.96 -6.62
N PRO R 104 -13.66 -42.06 -5.88
CA PRO R 104 -15.07 -42.30 -5.58
C PRO R 104 -15.72 -41.16 -4.81
N TYR R 105 -14.97 -40.55 -3.88
CA TYR R 105 -15.48 -39.42 -3.11
C TYR R 105 -15.68 -38.19 -3.99
N ILE R 106 -14.81 -38.04 -4.98
CA ILE R 106 -14.89 -36.92 -5.92
C ILE R 106 -16.09 -37.07 -6.84
N LEU R 107 -16.30 -38.28 -7.36
CA LEU R 107 -17.43 -38.53 -8.25
C LEU R 107 -18.75 -38.34 -7.53
N GLU R 108 -18.78 -38.74 -6.26
CA GLU R 108 -19.98 -38.61 -5.45
C GLU R 108 -20.32 -37.13 -5.24
N ALA R 109 -19.30 -36.35 -4.89
CA ALA R 109 -19.47 -34.92 -4.66
C ALA R 109 -19.89 -34.22 -5.96
N GLU R 110 -19.31 -34.63 -7.07
CA GLU R 110 -19.65 -34.02 -8.36
C GLU R 110 -21.10 -34.28 -8.77
N ALA R 111 -21.58 -35.51 -8.54
CA ALA R 111 -22.95 -35.85 -8.89
C ALA R 111 -23.96 -35.06 -8.06
N ALA R 112 -23.66 -34.87 -6.77
CA ALA R 112 -24.55 -34.12 -5.88
C ALA R 112 -24.66 -32.65 -6.30
N ALA R 113 -23.54 -32.05 -6.69
CA ALA R 113 -23.52 -30.65 -7.11
C ALA R 113 -24.25 -30.49 -8.43
N LYS R 114 -24.09 -31.47 -9.32
CA LYS R 114 -24.74 -31.45 -10.62
C LYS R 114 -26.26 -31.46 -10.43
N GLU R 115 -26.74 -32.38 -9.58
CA GLU R 115 -28.16 -32.46 -9.31
C GLU R 115 -28.66 -31.16 -8.70
N LYS R 116 -27.90 -30.65 -7.73
CA LYS R 116 -28.28 -29.41 -7.09
C LYS R 116 -28.35 -28.26 -8.09
N ASP R 117 -27.49 -28.29 -9.10
CA ASP R 117 -27.48 -27.24 -10.12
C ASP R 117 -28.71 -27.37 -11.03
N GLU R 118 -29.06 -28.61 -11.35
CA GLU R 118 -30.21 -28.88 -12.21
C GLU R 118 -31.50 -28.50 -11.49
N LEU R 119 -31.61 -28.91 -10.23
CA LEU R 119 -32.78 -28.60 -9.42
C LEU R 119 -32.93 -27.08 -9.21
N ASP R 120 -31.81 -26.37 -9.12
CA ASP R 120 -31.83 -24.91 -8.94
C ASP R 120 -32.33 -24.20 -10.20
N ASN R 121 -32.22 -24.89 -11.34
CA ASN R 121 -32.62 -24.30 -12.61
C ASN R 121 -33.69 -25.07 -13.38
N ILE R 122 -34.48 -25.90 -12.69
CA ILE R 122 -35.53 -26.65 -13.36
C ILE R 122 -36.61 -25.71 -13.88
N GLU R 123 -37.17 -26.05 -15.02
CA GLU R 123 -38.26 -25.27 -15.60
C GLU R 123 -39.53 -26.05 -15.25
N VAL R 124 -40.67 -25.39 -15.25
CA VAL R 124 -41.94 -26.06 -14.95
C VAL R 124 -42.89 -26.02 -16.15
N SER R 125 -43.54 -27.14 -16.41
CA SER R 125 -44.48 -27.24 -17.53
C SER R 125 -45.92 -27.43 -17.05
N LYS R 126 -46.65 -26.33 -17.00
CA LYS R 126 -48.05 -26.33 -16.57
C LYS R 126 -48.98 -26.76 -17.71
N GLY S 1 -11.44 -4.96 13.70
CA GLY S 1 -11.10 -5.38 12.30
C GLY S 1 -12.24 -6.09 11.59
N PRO S 2 -12.51 -5.75 10.32
CA PRO S 2 -13.58 -6.31 9.46
C PRO S 2 -13.33 -7.76 9.02
N PRO S 3 -14.42 -8.50 8.70
CA PRO S 3 -14.33 -9.90 8.26
C PRO S 3 -13.96 -9.99 6.77
N SER S 4 -12.81 -10.61 6.46
CA SER S 4 -12.42 -10.78 5.05
C SER S 4 -12.75 -12.21 4.62
N GLY S 5 -12.66 -12.49 3.33
CA GLY S 5 -12.99 -13.81 2.82
C GLY S 5 -12.11 -14.98 3.23
N LYS S 6 -12.67 -16.18 3.10
CA LYS S 6 -11.96 -17.42 3.42
C LYS S 6 -11.09 -17.80 2.22
N THR S 7 -9.95 -18.41 2.51
CA THR S 7 -9.03 -18.85 1.46
C THR S 7 -8.52 -20.25 1.80
N TYR S 8 -7.64 -20.78 0.96
CA TYR S 8 -7.12 -22.11 1.19
C TYR S 8 -5.84 -22.12 2.02
N MET S 9 -5.48 -20.94 2.52
CA MET S 9 -4.30 -20.81 3.36
C MET S 9 -4.59 -19.94 4.57
N GLY S 10 -4.17 -20.38 5.75
CA GLY S 10 -4.40 -19.61 6.96
C GLY S 10 -3.10 -19.02 7.47
N TRP S 11 -2.70 -19.40 8.68
CA TRP S 11 -1.47 -18.90 9.28
C TRP S 11 -1.00 -19.88 10.36
N TRP S 12 0.20 -19.65 10.91
CA TRP S 12 0.78 -20.50 11.95
C TRP S 12 -0.21 -20.87 13.05
N GLY S 13 -0.50 -22.17 13.16
CA GLY S 13 -1.43 -22.64 14.17
C GLY S 13 -2.76 -23.07 13.58
N HIS S 14 -3.07 -22.61 12.38
CA HIS S 14 -4.31 -22.92 11.67
C HIS S 14 -4.06 -22.72 10.16
N MET S 15 -3.01 -23.37 9.67
CA MET S 15 -2.60 -23.24 8.27
C MET S 15 -3.63 -23.59 7.21
N GLY S 16 -4.52 -24.53 7.52
CA GLY S 16 -5.55 -24.93 6.58
C GLY S 16 -5.41 -26.35 6.05
N GLY S 17 -4.46 -27.10 6.59
CA GLY S 17 -4.26 -28.46 6.13
C GLY S 17 -5.03 -29.47 6.94
N PRO S 18 -4.94 -30.75 6.58
CA PRO S 18 -5.65 -31.79 7.31
C PRO S 18 -4.96 -32.02 8.63
N LYS S 19 -5.62 -32.71 9.55
CA LYS S 19 -5.03 -32.99 10.85
C LYS S 19 -3.86 -33.96 10.67
N GLN S 20 -2.76 -33.71 11.35
CA GLN S 20 -1.58 -34.56 11.23
C GLN S 20 -1.36 -35.40 12.48
N LYS S 21 -1.22 -36.71 12.27
CA LYS S 21 -1.01 -37.67 13.35
C LYS S 21 -0.13 -38.84 12.86
N GLY S 22 0.81 -39.28 13.69
CA GLY S 22 1.67 -40.40 13.34
C GLY S 22 2.98 -40.08 12.65
N ILE S 23 3.16 -38.83 12.24
CA ILE S 23 4.40 -38.45 11.58
C ILE S 23 5.33 -37.85 12.62
N THR S 24 6.55 -38.34 12.66
CA THR S 24 7.55 -37.83 13.58
C THR S 24 8.67 -37.31 12.70
N SER S 25 9.21 -36.15 13.05
CA SER S 25 10.31 -35.60 12.28
C SER S 25 11.50 -35.34 13.19
N TYR S 26 12.69 -35.37 12.60
CA TYR S 26 13.92 -35.16 13.35
C TYR S 26 14.80 -34.22 12.55
N ALA S 27 15.59 -33.45 13.26
CA ALA S 27 16.51 -32.51 12.63
C ALA S 27 17.69 -32.32 13.56
N VAL S 28 18.78 -31.81 13.00
CA VAL S 28 20.01 -31.56 13.72
C VAL S 28 20.48 -30.15 13.46
N SER S 29 20.98 -29.50 14.51
CA SER S 29 21.46 -28.14 14.40
C SER S 29 22.54 -27.98 13.34
N PRO S 30 22.43 -26.93 12.49
CA PRO S 30 23.42 -26.67 11.44
C PRO S 30 24.80 -26.50 12.08
N TYR S 31 24.81 -26.09 13.34
CA TYR S 31 26.05 -25.89 14.08
C TYR S 31 26.75 -27.21 14.40
N ALA S 32 26.01 -28.31 14.32
CA ALA S 32 26.55 -29.62 14.63
C ALA S 32 26.86 -30.42 13.36
N GLN S 33 26.64 -29.81 12.20
CA GLN S 33 26.89 -30.51 10.94
C GLN S 33 28.24 -30.15 10.35
N LYS S 34 28.81 -31.09 9.61
CA LYS S 34 30.12 -30.90 8.97
C LYS S 34 30.16 -29.57 8.23
N PRO S 35 31.11 -28.69 8.59
CA PRO S 35 31.26 -27.38 7.95
C PRO S 35 31.21 -27.54 6.44
N LEU S 36 30.03 -27.23 5.92
CA LEU S 36 29.66 -27.30 4.52
C LEU S 36 30.76 -27.63 3.51
N GLN S 37 30.71 -28.86 3.02
CA GLN S 37 31.63 -29.39 2.03
C GLN S 37 30.80 -30.15 1.00
N GLY S 38 29.47 -29.97 1.10
CA GLY S 38 28.56 -30.62 0.19
C GLY S 38 28.43 -29.88 -1.14
N ILE S 39 29.29 -28.88 -1.34
CA ILE S 39 29.31 -28.09 -2.57
C ILE S 39 30.06 -28.87 -3.65
N PHE S 40 31.03 -29.67 -3.23
CA PHE S 40 31.84 -30.49 -4.12
C PHE S 40 31.99 -31.93 -3.62
N HIS S 41 30.86 -32.54 -3.25
CA HIS S 41 30.82 -33.91 -2.75
C HIS S 41 29.52 -34.59 -3.19
N ASN S 42 28.39 -33.92 -2.94
CA ASN S 42 27.07 -34.43 -3.31
C ASN S 42 26.32 -33.46 -4.22
N ALA S 43 27.04 -32.48 -4.77
CA ALA S 43 26.47 -31.49 -5.67
C ALA S 43 27.06 -31.64 -7.06
N VAL S 44 28.35 -31.98 -7.12
CA VAL S 44 29.05 -32.19 -8.38
C VAL S 44 28.94 -33.67 -8.78
N PHE S 45 28.74 -34.54 -7.78
CA PHE S 45 28.59 -35.98 -7.97
C PHE S 45 27.16 -36.23 -8.46
N ASN S 46 26.20 -35.64 -7.76
CA ASN S 46 24.78 -35.77 -8.10
C ASN S 46 24.44 -34.79 -9.23
N SER S 47 25.46 -34.07 -9.72
CA SER S 47 25.30 -33.12 -10.80
C SER S 47 24.85 -33.83 -12.08
N PHE S 48 24.14 -33.10 -12.94
CA PHE S 48 23.63 -33.63 -14.20
C PHE S 48 22.53 -34.68 -14.01
N ARG S 49 21.93 -34.68 -12.82
CA ARG S 49 20.82 -35.57 -12.48
C ARG S 49 19.59 -34.89 -13.08
N ARG S 50 19.43 -33.61 -12.73
CA ARG S 50 18.34 -32.79 -13.21
C ARG S 50 18.48 -32.62 -14.73
N PHE S 51 19.70 -32.87 -15.23
CA PHE S 51 20.02 -32.77 -16.65
C PHE S 51 19.50 -33.95 -17.47
N LYS S 52 20.08 -35.12 -17.26
CA LYS S 52 19.71 -36.33 -18.01
C LYS S 52 18.27 -36.81 -17.86
N SER S 53 17.54 -36.22 -16.92
CA SER S 53 16.14 -36.60 -16.69
C SER S 53 15.19 -35.69 -17.47
N GLN S 54 15.60 -34.43 -17.60
CA GLN S 54 14.76 -33.44 -18.26
C GLN S 54 15.24 -32.93 -19.61
N PHE S 55 16.55 -32.98 -19.85
CA PHE S 55 17.12 -32.45 -21.09
C PHE S 55 16.40 -32.75 -22.40
N LEU S 56 15.80 -33.92 -22.54
CA LEU S 56 15.07 -34.28 -23.77
C LEU S 56 13.87 -33.37 -24.04
N TYR S 57 13.16 -33.00 -22.98
CA TYR S 57 12.00 -32.13 -23.09
C TYR S 57 12.38 -30.73 -23.55
N VAL S 58 13.65 -30.39 -23.40
CA VAL S 58 14.17 -29.09 -23.80
C VAL S 58 14.94 -29.19 -25.11
N LEU S 59 15.82 -30.20 -25.21
CA LEU S 59 16.65 -30.43 -26.39
C LEU S 59 15.93 -30.68 -27.71
N ILE S 60 14.88 -31.51 -27.70
CA ILE S 60 14.14 -31.81 -28.93
C ILE S 60 13.48 -30.53 -29.49
N PRO S 61 12.76 -29.77 -28.65
CA PRO S 61 12.15 -28.55 -29.20
C PRO S 61 13.24 -27.53 -29.60
N ALA S 62 14.32 -27.50 -28.81
CA ALA S 62 15.46 -26.61 -29.07
C ALA S 62 16.06 -26.98 -30.42
N GLY S 63 16.30 -28.27 -30.61
CA GLY S 63 16.86 -28.76 -31.85
C GLY S 63 15.91 -28.53 -33.01
N ILE S 64 14.62 -28.77 -32.81
CA ILE S 64 13.65 -28.53 -33.87
C ILE S 64 13.71 -27.08 -34.32
N TYR S 65 13.67 -26.15 -33.37
CA TYR S 65 13.71 -24.73 -33.70
C TYR S 65 15.03 -24.25 -34.27
N TRP S 66 16.14 -24.79 -33.78
CA TRP S 66 17.45 -24.40 -34.29
C TRP S 66 17.61 -24.82 -35.74
N TYR S 67 17.16 -26.03 -36.06
CA TYR S 67 17.23 -26.57 -37.42
C TYR S 67 16.40 -25.71 -38.35
N TRP S 68 15.18 -25.40 -37.94
CA TRP S 68 14.25 -24.58 -38.72
C TRP S 68 14.86 -23.21 -38.99
N TRP S 69 15.58 -22.68 -38.00
CA TRP S 69 16.22 -21.38 -38.15
C TRP S 69 17.37 -21.47 -39.15
N LYS S 70 18.30 -22.40 -38.92
CA LYS S 70 19.45 -22.61 -39.79
C LYS S 70 19.04 -22.89 -41.23
N ASN S 71 18.01 -23.70 -41.39
CA ASN S 71 17.49 -24.05 -42.71
C ASN S 71 16.99 -22.81 -43.42
N GLY S 72 16.16 -22.02 -42.74
CA GLY S 72 15.62 -20.81 -43.33
C GLY S 72 16.68 -19.73 -43.52
N ASN S 73 17.68 -19.74 -42.64
CA ASN S 73 18.76 -18.76 -42.71
C ASN S 73 19.62 -19.02 -43.94
N GLU S 74 19.88 -20.29 -44.24
CA GLU S 74 20.68 -20.66 -45.39
C GLU S 74 19.91 -20.43 -46.68
N TYR S 75 18.62 -20.70 -46.66
CA TYR S 75 17.79 -20.48 -47.84
C TYR S 75 17.82 -18.99 -48.22
N ASN S 76 17.79 -18.13 -47.20
CA ASN S 76 17.84 -16.68 -47.39
C ASN S 76 19.17 -16.28 -48.02
N GLU S 77 20.25 -16.86 -47.49
CA GLU S 77 21.60 -16.60 -47.95
C GLU S 77 21.73 -16.92 -49.44
N PHE S 78 21.18 -18.07 -49.84
CA PHE S 78 21.20 -18.51 -51.22
C PHE S 78 20.34 -17.58 -52.08
N LEU S 79 19.13 -17.29 -51.61
CA LEU S 79 18.22 -16.42 -52.34
C LEU S 79 18.82 -15.08 -52.68
N TYR S 80 19.72 -14.58 -51.82
CA TYR S 80 20.35 -13.29 -52.06
C TYR S 80 21.78 -13.30 -52.64
N SER S 81 22.22 -14.47 -53.09
CA SER S 81 23.53 -14.63 -53.72
C SER S 81 23.29 -14.64 -55.22
N LYS S 82 24.35 -14.55 -56.02
CA LYS S 82 24.24 -14.56 -57.48
C LYS S 82 23.49 -15.79 -58.00
N ALA S 83 23.85 -16.95 -57.46
CA ALA S 83 23.26 -18.22 -57.85
C ALA S 83 21.76 -18.31 -57.55
N GLY S 84 21.27 -17.46 -56.65
CA GLY S 84 19.86 -17.53 -56.31
C GLY S 84 18.92 -16.48 -56.84
N ARG S 85 19.39 -15.55 -57.67
CA ARG S 85 18.50 -14.50 -58.18
C ARG S 85 17.36 -14.97 -59.06
N GLU S 86 17.53 -16.14 -59.69
CA GLU S 86 16.50 -16.69 -60.54
C GLU S 86 15.32 -17.16 -59.67
N GLU S 87 15.63 -17.96 -58.65
CA GLU S 87 14.61 -18.45 -57.74
C GLU S 87 14.06 -17.30 -56.90
N LEU S 88 14.87 -16.27 -56.71
CA LEU S 88 14.46 -15.08 -55.95
C LEU S 88 13.35 -14.34 -56.67
N GLU S 89 13.50 -14.16 -57.99
CA GLU S 89 12.48 -13.47 -58.79
C GLU S 89 11.14 -14.19 -58.73
N ARG S 90 11.21 -15.52 -58.67
CA ARG S 90 10.04 -16.37 -58.62
C ARG S 90 9.31 -16.29 -57.28
N VAL S 91 9.90 -16.89 -56.25
CA VAL S 91 9.31 -16.94 -54.90
C VAL S 91 8.94 -15.60 -54.27
N ASN S 92 9.59 -14.52 -54.69
CA ASN S 92 9.32 -13.21 -54.12
C ASN S 92 8.02 -12.58 -54.59
N VAL S 93 8.08 -11.84 -55.70
CA VAL S 93 6.90 -11.18 -56.24
C VAL S 93 5.89 -12.21 -56.74
N SER T 3 38.06 -23.38 13.73
CA SER T 3 39.39 -22.78 13.40
C SER T 3 39.81 -21.87 14.56
N SER T 4 40.99 -22.13 15.10
CA SER T 4 41.52 -21.36 16.21
C SER T 4 41.90 -19.94 15.79
N LEU T 5 42.15 -19.77 14.50
CA LEU T 5 42.51 -18.46 13.98
C LEU T 5 41.35 -17.49 14.23
N TYR T 6 40.13 -18.00 14.08
CA TYR T 6 38.93 -17.20 14.31
C TYR T 6 38.68 -16.99 15.80
N LYS T 7 38.76 -18.07 16.58
CA LYS T 7 38.52 -18.00 18.02
C LYS T 7 39.39 -17.00 18.76
N THR T 8 40.66 -16.90 18.38
CA THR T 8 41.57 -15.97 19.03
C THR T 8 41.15 -14.51 18.93
N PHE T 9 40.35 -14.20 17.90
CA PHE T 9 39.89 -12.83 17.67
C PHE T 9 38.46 -12.55 18.12
N PHE T 10 37.56 -13.51 17.88
CA PHE T 10 36.15 -13.32 18.20
C PHE T 10 35.53 -14.31 19.19
N LYS T 11 36.23 -15.43 19.44
CA LYS T 11 35.79 -16.45 20.40
C LYS T 11 34.31 -16.84 20.39
N ARG T 12 33.95 -17.76 19.50
CA ARG T 12 32.56 -18.23 19.36
C ARG T 12 31.43 -17.20 19.18
N ASN T 13 31.77 -15.93 19.16
CA ASN T 13 30.81 -14.87 18.92
C ASN T 13 30.92 -14.49 17.45
N ALA T 14 29.82 -13.98 16.90
CA ALA T 14 29.84 -13.53 15.52
C ALA T 14 30.43 -12.13 15.59
N VAL T 15 30.95 -11.65 14.47
CA VAL T 15 31.51 -10.31 14.41
C VAL T 15 30.40 -9.28 14.59
N PHE T 16 30.64 -8.27 15.42
CA PHE T 16 29.66 -7.23 15.71
C PHE T 16 29.66 -6.15 14.64
N VAL T 17 28.54 -5.43 14.49
CA VAL T 17 28.41 -4.36 13.48
C VAL T 17 29.57 -3.38 13.46
N GLY T 18 29.85 -2.80 14.62
CA GLY T 18 30.93 -1.83 14.73
C GLY T 18 32.20 -2.32 14.06
N THR T 19 32.59 -3.56 14.36
CA THR T 19 33.77 -4.13 13.77
C THR T 19 33.56 -4.32 12.27
N ILE T 20 32.38 -4.81 11.89
CA ILE T 20 32.09 -5.00 10.47
C ILE T 20 32.28 -3.68 9.73
N PHE T 21 31.63 -2.61 10.21
CA PHE T 21 31.74 -1.29 9.59
C PHE T 21 33.19 -0.83 9.58
N ALA T 22 33.85 -0.92 10.72
CA ALA T 22 35.25 -0.54 10.83
C ALA T 22 36.09 -1.31 9.80
N GLY T 23 35.82 -2.60 9.66
CA GLY T 23 36.54 -3.41 8.68
C GLY T 23 36.25 -2.98 7.26
N ALA T 24 35.01 -2.57 6.99
CA ALA T 24 34.62 -2.11 5.68
C ALA T 24 35.44 -0.88 5.26
N PHE T 25 35.70 0.01 6.22
CA PHE T 25 36.47 1.22 5.95
C PHE T 25 37.93 0.89 5.62
N VAL T 26 38.50 -0.05 6.34
CA VAL T 26 39.88 -0.47 6.11
C VAL T 26 39.95 -1.16 4.75
N PHE T 27 38.99 -2.04 4.50
CA PHE T 27 38.93 -2.76 3.23
C PHE T 27 38.84 -1.84 2.00
N GLN T 28 38.04 -0.78 2.05
CA GLN T 28 37.92 0.14 0.90
C GLN T 28 39.25 0.74 0.45
N THR T 29 39.96 1.32 1.40
CA THR T 29 41.26 1.94 1.17
C THR T 29 42.26 0.95 0.60
N VAL T 30 42.50 -0.12 1.34
CA VAL T 30 43.45 -1.17 0.96
C VAL T 30 43.11 -1.84 -0.37
N PHE T 31 41.84 -2.14 -0.58
CA PHE T 31 41.40 -2.79 -1.80
C PHE T 31 41.59 -1.88 -3.01
N ASP T 32 41.25 -0.60 -2.86
CA ASP T 32 41.38 0.34 -3.97
C ASP T 32 42.82 0.47 -4.43
N THR T 33 43.71 0.70 -3.47
CA THR T 33 45.13 0.83 -3.76
C THR T 33 45.63 -0.39 -4.52
N ALA T 34 45.33 -1.57 -4.00
CA ALA T 34 45.76 -2.83 -4.60
C ALA T 34 45.28 -3.01 -6.03
N ILE T 35 44.04 -2.61 -6.29
CA ILE T 35 43.48 -2.72 -7.62
C ILE T 35 44.09 -1.71 -8.58
N THR T 36 44.18 -0.45 -8.15
CA THR T 36 44.76 0.59 -9.01
C THR T 36 46.18 0.21 -9.36
N SER T 37 46.90 -0.29 -8.36
CA SER T 37 48.28 -0.70 -8.50
C SER T 37 48.40 -1.82 -9.51
N TRP T 38 47.58 -2.84 -9.38
CA TRP T 38 47.62 -3.97 -10.31
C TRP T 38 47.24 -3.51 -11.72
N TYR T 39 46.15 -2.74 -11.79
CA TYR T 39 45.63 -2.21 -13.04
C TYR T 39 46.64 -1.34 -13.80
N GLU T 40 47.25 -0.39 -13.10
CA GLU T 40 48.23 0.50 -13.74
C GLU T 40 49.46 -0.26 -14.24
N ASN T 41 49.91 -1.23 -13.46
CA ASN T 41 51.07 -2.05 -13.82
C ASN T 41 50.78 -2.91 -15.04
N HIS T 42 49.59 -3.49 -15.10
CA HIS T 42 49.20 -4.32 -16.23
C HIS T 42 49.18 -3.47 -17.51
N ASN T 43 48.94 -2.16 -17.33
CA ASN T 43 48.87 -1.24 -18.46
C ASN T 43 50.08 -0.29 -18.55
N LYS T 44 51.25 -0.78 -18.15
CA LYS T 44 52.46 0.04 -18.19
C LYS T 44 52.84 0.35 -19.65
N GLY T 45 53.17 1.62 -19.90
CA GLY T 45 53.53 2.07 -21.24
C GLY T 45 52.37 2.71 -21.98
N LYS T 46 51.14 2.40 -21.55
CA LYS T 46 49.93 2.92 -22.18
C LYS T 46 49.33 4.13 -21.48
N LEU T 47 49.51 4.21 -20.17
CA LEU T 47 48.98 5.34 -19.40
C LEU T 47 49.59 6.67 -19.80
N TRP T 48 48.86 7.76 -19.56
CA TRP T 48 49.37 9.09 -19.91
C TRP T 48 50.62 9.46 -19.13
N LYS T 49 50.67 9.10 -17.84
CA LYS T 49 51.82 9.42 -17.01
C LYS T 49 53.10 8.74 -17.55
N ASP T 50 52.93 7.58 -18.17
CA ASP T 50 54.04 6.84 -18.75
C ASP T 50 54.46 7.51 -20.06
N VAL T 51 53.47 7.98 -20.82
CA VAL T 51 53.73 8.64 -22.10
C VAL T 51 54.32 10.03 -21.90
N LYS T 52 53.90 10.69 -20.83
CA LYS T 52 54.39 12.03 -20.51
C LYS T 52 55.89 11.98 -20.24
N ALA T 53 56.34 10.89 -19.61
CA ALA T 53 57.75 10.68 -19.29
C ALA T 53 58.55 10.51 -20.59
N ARG T 54 57.96 9.79 -21.54
CA ARG T 54 58.58 9.54 -22.84
C ARG T 54 58.75 10.87 -23.57
N ILE T 55 57.65 11.60 -23.77
CA ILE T 55 57.67 12.90 -24.43
C ILE T 55 58.44 13.90 -23.55
N ALA T 56 59.74 14.05 -23.83
CA ALA T 56 60.59 14.96 -23.06
C ALA T 56 61.31 15.97 -23.96
N ALA T 57 60.92 16.00 -25.24
CA ALA T 57 61.50 16.91 -26.23
C ALA T 57 60.50 17.25 -27.34
N GLU U 1 34.40 59.32 16.47
CA GLU U 1 35.53 60.14 15.94
C GLU U 1 36.84 59.88 16.70
N VAL U 2 37.94 59.81 15.96
CA VAL U 2 39.25 59.59 16.55
C VAL U 2 39.85 60.90 17.06
N LYS U 3 40.49 60.83 18.22
CA LYS U 3 41.11 62.02 18.80
C LYS U 3 42.38 61.73 19.57
N LEU U 4 43.36 62.61 19.37
CA LEU U 4 44.66 62.50 20.04
C LEU U 4 44.82 63.69 20.99
N GLN U 5 44.93 63.41 22.28
CA GLN U 5 45.10 64.44 23.30
C GLN U 5 46.47 64.32 23.96
N GLU U 6 47.30 65.33 23.74
CA GLU U 6 48.65 65.36 24.28
C GLU U 6 48.72 66.04 25.64
N SER U 7 49.68 65.62 26.44
CA SER U 7 49.88 66.19 27.77
C SER U 7 51.31 65.89 28.22
N GLY U 8 51.77 66.60 29.24
CA GLY U 8 53.11 66.39 29.73
C GLY U 8 53.91 67.68 29.91
N ALA U 9 55.00 67.58 30.66
CA ALA U 9 55.87 68.71 30.96
C ALA U 9 56.36 69.46 29.72
N GLY U 10 55.93 70.70 29.57
CA GLY U 10 56.33 71.52 28.44
C GLY U 10 57.58 72.36 28.71
N LEU U 11 58.43 71.85 29.60
CA LEU U 11 59.67 72.52 29.98
C LEU U 11 60.52 71.51 30.73
N VAL U 12 61.68 71.20 30.17
CA VAL U 12 62.61 70.26 30.79
C VAL U 12 64.01 70.85 30.84
N GLN U 13 64.67 70.69 31.98
CA GLN U 13 66.01 71.20 32.17
C GLN U 13 67.00 70.38 31.35
N PRO U 14 68.00 71.05 30.74
CA PRO U 14 69.00 70.33 29.94
C PRO U 14 69.66 69.22 30.75
N SER U 15 69.78 68.05 30.10
CA SER U 15 70.36 66.82 30.67
C SER U 15 69.27 65.88 31.21
N GLN U 16 68.09 66.43 31.52
CA GLN U 16 66.97 65.64 32.05
C GLN U 16 66.20 64.93 30.93
N SER U 17 65.17 64.16 31.33
CA SER U 17 64.35 63.42 30.38
C SER U 17 63.04 64.11 30.03
N LEU U 18 62.66 64.01 28.76
CA LEU U 18 61.39 64.57 28.27
C LEU U 18 60.35 63.46 28.30
N SER U 19 59.21 63.73 28.92
CA SER U 19 58.14 62.73 28.99
C SER U 19 56.80 63.30 28.53
N LEU U 20 56.37 62.87 27.35
CA LEU U 20 55.11 63.30 26.77
C LEU U 20 54.17 62.12 26.64
N THR U 21 52.88 62.39 26.82
CA THR U 21 51.87 61.35 26.72
C THR U 21 50.76 61.74 25.76
N CYS U 22 50.44 60.82 24.83
CA CYS U 22 49.39 61.02 23.84
C CYS U 22 48.21 60.10 24.14
N SER U 23 47.05 60.69 24.47
CA SER U 23 45.83 59.94 24.79
C SER U 23 44.89 59.79 23.60
N VAL U 24 44.72 58.56 23.12
CA VAL U 24 43.86 58.28 21.98
C VAL U 24 42.48 57.79 22.36
N THR U 25 41.45 58.37 21.76
CA THR U 25 40.07 57.99 22.01
C THR U 25 39.32 57.87 20.70
N GLY U 26 38.34 56.97 20.66
CA GLY U 26 37.56 56.77 19.45
C GLY U 26 38.14 55.64 18.60
N TYR U 27 39.39 55.27 18.89
CA TYR U 27 40.08 54.20 18.18
C TYR U 27 40.98 53.47 19.18
N SER U 28 41.44 52.30 18.81
CA SER U 28 42.31 51.52 19.69
C SER U 28 43.74 51.42 19.19
N ILE U 29 44.68 51.67 20.10
CA ILE U 29 46.12 51.62 19.80
C ILE U 29 46.50 50.25 19.26
N THR U 30 45.90 49.22 19.85
CA THR U 30 46.16 47.84 19.48
C THR U 30 45.43 47.36 18.20
N SER U 31 44.36 48.07 17.83
CA SER U 31 43.57 47.74 16.64
C SER U 31 44.36 47.44 15.37
N GLY U 32 45.21 48.37 14.94
CA GLY U 32 45.98 48.08 13.74
C GLY U 32 46.96 49.02 13.06
N TYR U 33 46.94 50.33 13.33
CA TYR U 33 47.87 51.22 12.63
C TYR U 33 49.19 51.57 13.34
N TYR U 34 49.79 52.70 12.95
CA TYR U 34 51.06 53.15 13.53
C TYR U 34 50.90 54.47 14.29
N TRP U 35 51.44 54.50 15.50
CA TRP U 35 51.34 55.66 16.39
C TRP U 35 52.66 56.39 16.54
N ASN U 36 52.79 57.51 15.82
CA ASN U 36 54.01 58.32 15.78
C ASN U 36 54.17 59.51 16.71
N TRP U 37 55.39 60.05 16.63
CA TRP U 37 55.82 61.22 17.37
C TRP U 37 56.65 62.02 16.38
N ILE U 38 56.36 63.31 16.28
CA ILE U 38 57.06 64.19 15.38
C ILE U 38 57.24 65.56 16.06
N ARG U 39 58.25 66.32 15.64
CA ARG U 39 58.53 67.62 16.26
C ARG U 39 58.76 68.76 15.27
N LEU U 40 58.24 69.93 15.59
CA LEU U 40 58.41 71.12 14.75
C LEU U 40 59.39 72.08 15.43
N PHE U 41 60.59 72.14 14.89
CA PHE U 41 61.63 73.01 15.45
C PHE U 41 61.30 74.49 15.26
N PRO U 42 61.83 75.35 16.15
CA PRO U 42 61.60 76.80 16.10
C PRO U 42 62.18 77.40 14.80
N GLY U 43 61.30 77.61 13.82
CA GLY U 43 61.72 78.15 12.55
C GLY U 43 61.19 77.30 11.40
N ASN U 44 60.12 76.55 11.68
CA ASN U 44 59.45 75.68 10.72
C ASN U 44 60.32 74.66 9.98
N LYS U 45 60.44 73.48 10.58
CA LYS U 45 61.22 72.38 10.02
C LYS U 45 60.81 71.11 10.76
N LEU U 46 60.07 70.25 10.08
CA LEU U 46 59.56 69.01 10.66
C LEU U 46 60.52 67.83 10.60
N GLU U 47 60.54 67.05 11.67
CA GLU U 47 61.38 65.87 11.78
C GLU U 47 60.59 64.73 12.40
N TRP U 48 60.61 63.58 11.74
CA TRP U 48 59.92 62.40 12.22
C TRP U 48 60.80 61.74 13.31
N VAL U 49 60.23 61.52 14.49
CA VAL U 49 60.94 60.94 15.62
C VAL U 49 60.93 59.40 15.67
N GLY U 50 59.74 58.81 15.54
CA GLY U 50 59.62 57.37 15.58
C GLY U 50 58.19 56.95 15.85
N TYR U 51 57.94 55.65 16.04
CA TYR U 51 56.59 55.16 16.33
C TYR U 51 56.55 53.85 17.10
N ILE U 52 55.33 53.36 17.25
CA ILE U 52 55.07 52.08 17.89
C ILE U 52 53.82 51.54 17.18
N SER U 53 53.97 50.37 16.55
CA SER U 53 52.86 49.77 15.83
C SER U 53 51.83 49.22 16.80
N ASN U 54 50.71 48.73 16.26
CA ASN U 54 49.62 48.18 17.05
C ASN U 54 50.03 46.92 17.81
N VAL U 55 51.07 46.27 17.33
CA VAL U 55 51.58 45.05 17.96
C VAL U 55 52.56 45.39 19.08
N GLY U 56 53.45 46.35 18.80
CA GLY U 56 54.43 46.78 19.80
C GLY U 56 55.80 47.04 19.21
N ASP U 57 55.92 46.87 17.89
CA ASP U 57 57.18 47.09 17.17
C ASP U 57 57.59 48.56 17.18
N ASN U 58 58.83 48.83 17.59
CA ASN U 58 59.32 50.20 17.62
C ASN U 58 60.20 50.50 16.41
N ASN U 59 59.97 51.67 15.81
CA ASN U 59 60.76 52.12 14.66
C ASN U 59 61.05 53.59 14.93
N TYR U 60 62.31 53.88 15.27
CA TYR U 60 62.74 55.22 15.58
C TYR U 60 63.60 55.83 14.47
N ASN U 61 63.85 57.13 14.58
CA ASN U 61 64.70 57.84 13.64
C ASN U 61 66.11 57.57 14.16
N PRO U 62 67.02 57.08 13.28
CA PRO U 62 68.40 56.78 13.68
C PRO U 62 69.14 57.97 14.31
N SER U 63 68.60 59.17 14.11
CA SER U 63 69.15 60.39 14.66
C SER U 63 68.95 60.46 16.18
N LEU U 64 67.88 59.83 16.64
CA LEU U 64 67.54 59.84 18.07
C LEU U 64 67.37 58.44 18.67
N LYS U 65 67.63 57.39 17.88
CA LYS U 65 67.46 56.00 18.32
C LYS U 65 68.11 55.56 19.64
N ASP U 66 69.05 56.36 20.14
CA ASP U 66 69.77 56.04 21.36
C ASP U 66 69.27 56.77 22.61
N ARG U 67 68.31 57.68 22.42
CA ARG U 67 67.76 58.45 23.52
C ARG U 67 66.27 58.25 23.77
N LEU U 68 65.49 58.09 22.69
CA LEU U 68 64.05 57.90 22.82
C LEU U 68 63.55 56.52 23.23
N SER U 69 62.30 56.49 23.68
CA SER U 69 61.63 55.27 24.13
C SER U 69 60.12 55.47 24.02
N ILE U 70 59.57 55.08 22.87
CA ILE U 70 58.14 55.22 22.61
C ILE U 70 57.39 53.99 23.13
N THR U 71 56.83 54.11 24.32
CA THR U 71 56.09 53.02 24.94
C THR U 71 54.58 53.25 24.80
N ARG U 72 53.79 52.37 25.38
CA ARG U 72 52.33 52.49 25.31
C ARG U 72 51.67 51.79 26.50
N ASP U 73 50.41 52.12 26.73
CA ASP U 73 49.63 51.51 27.80
C ASP U 73 48.29 51.11 27.20
N THR U 74 48.20 49.85 26.77
CA THR U 74 47.00 49.30 26.15
C THR U 74 45.74 49.48 27.02
N SER U 75 45.92 49.31 28.34
CA SER U 75 44.82 49.44 29.29
C SER U 75 44.26 50.86 29.42
N LYS U 76 45.08 51.85 29.04
CA LYS U 76 44.65 53.25 29.12
C LYS U 76 44.52 53.83 27.71
N ASN U 77 44.89 53.02 26.72
CA ASN U 77 44.85 53.38 25.30
C ASN U 77 45.57 54.69 25.02
N GLN U 78 46.88 54.66 25.23
CA GLN U 78 47.72 55.84 25.03
C GLN U 78 49.18 55.47 24.91
N PHE U 79 49.90 56.18 24.04
CA PHE U 79 51.32 55.92 23.87
C PHE U 79 52.15 57.11 24.35
N PHE U 80 53.40 56.85 24.71
CA PHE U 80 54.28 57.88 25.23
C PHE U 80 55.57 58.08 24.45
N LEU U 81 56.26 59.17 24.79
CA LEU U 81 57.54 59.54 24.20
C LEU U 81 58.47 59.89 25.36
N LYS U 82 59.73 59.49 25.24
CA LYS U 82 60.71 59.77 26.27
C LYS U 82 62.06 60.05 25.63
N LEU U 83 62.48 61.30 25.66
CA LEU U 83 63.77 61.69 25.08
C LEU U 83 64.74 62.03 26.22
N ASN U 84 65.67 61.10 26.48
CA ASN U 84 66.67 61.25 27.53
C ASN U 84 67.74 62.29 27.19
N SER U 85 68.36 62.84 28.24
CA SER U 85 69.43 63.84 28.14
C SER U 85 69.23 64.90 27.04
N VAL U 86 68.28 65.80 27.27
CA VAL U 86 67.96 66.85 26.32
C VAL U 86 68.95 68.00 26.22
N THR U 87 68.97 68.62 25.05
CA THR U 87 69.83 69.74 24.72
C THR U 87 68.92 70.86 24.23
N THR U 88 69.44 72.09 24.16
CA THR U 88 68.61 73.20 23.68
C THR U 88 68.18 72.96 22.23
N GLU U 89 68.84 72.00 21.57
CA GLU U 89 68.50 71.65 20.20
C GLU U 89 67.18 70.89 20.16
N ASP U 90 66.86 70.21 21.26
CA ASP U 90 65.61 69.44 21.39
C ASP U 90 64.38 70.32 21.57
N THR U 91 64.57 71.64 21.64
CA THR U 91 63.48 72.59 21.81
C THR U 91 62.63 72.63 20.55
N ALA U 92 61.35 72.26 20.70
CA ALA U 92 60.39 72.25 19.59
C ALA U 92 59.00 71.94 20.11
N THR U 93 58.00 72.04 19.22
CA THR U 93 56.63 71.71 19.57
C THR U 93 56.42 70.27 19.09
N TYR U 94 56.19 69.37 20.03
CA TYR U 94 56.00 67.96 19.70
C TYR U 94 54.56 67.56 19.40
N TYR U 95 54.38 66.80 18.33
CA TYR U 95 53.05 66.34 17.91
C TYR U 95 52.99 64.82 17.81
N CYS U 96 51.93 64.22 18.34
CA CYS U 96 51.75 62.77 18.20
C CYS U 96 50.77 62.64 17.04
N ALA U 97 50.91 61.57 16.26
CA ALA U 97 50.04 61.38 15.12
C ALA U 97 49.91 59.94 14.69
N ARG U 98 48.71 59.58 14.24
CA ARG U 98 48.44 58.23 13.78
C ARG U 98 48.75 58.20 12.30
N SER U 99 49.43 57.14 11.86
CA SER U 99 49.74 56.97 10.45
C SER U 99 49.14 55.65 9.99
N GLU U 100 48.27 55.74 8.98
CA GLU U 100 47.63 54.57 8.45
C GLU U 100 48.45 54.00 7.31
N TYR U 101 48.30 52.70 7.07
CA TYR U 101 49.03 52.06 5.99
C TYR U 101 48.13 51.24 5.08
N TYR U 102 48.25 51.51 3.79
CA TYR U 102 47.53 50.82 2.72
C TYR U 102 48.60 50.36 1.75
N SER U 103 48.54 49.11 1.32
CA SER U 103 49.53 48.51 0.41
C SER U 103 49.78 49.23 -0.93
N VAL U 104 48.87 50.09 -1.36
CA VAL U 104 49.04 50.81 -2.61
C VAL U 104 49.44 52.27 -2.43
N THR U 105 48.85 52.93 -1.44
CA THR U 105 49.16 54.34 -1.20
C THR U 105 50.28 54.57 -0.17
N GLY U 106 50.70 53.51 0.50
CA GLY U 106 51.75 53.61 1.50
C GLY U 106 51.28 54.17 2.83
N TYR U 107 52.10 55.03 3.43
CA TYR U 107 51.78 55.64 4.72
C TYR U 107 51.23 57.05 4.58
N ALA U 108 50.44 57.47 5.56
CA ALA U 108 49.85 58.81 5.59
C ALA U 108 49.35 59.12 7.00
N MET U 109 49.82 60.24 7.58
CA MET U 109 49.41 60.65 8.92
C MET U 109 48.15 61.49 8.86
N ASP U 110 47.04 60.86 9.23
CA ASP U 110 45.72 61.49 9.18
C ASP U 110 45.17 62.12 10.47
N TYR U 111 45.66 61.68 11.62
CA TYR U 111 45.19 62.23 12.89
C TYR U 111 46.31 62.80 13.75
N TRP U 112 46.35 64.12 13.81
CA TRP U 112 47.36 64.82 14.58
C TRP U 112 46.88 65.33 15.93
N GLY U 113 47.76 65.26 16.92
CA GLY U 113 47.42 65.75 18.23
C GLY U 113 47.56 67.27 18.26
N GLN U 114 47.00 67.88 19.31
CA GLN U 114 47.02 69.33 19.52
C GLN U 114 48.42 69.93 19.46
N GLY U 115 49.40 69.19 19.95
CA GLY U 115 50.77 69.67 19.95
C GLY U 115 51.16 70.22 21.30
N THR U 116 52.37 69.90 21.73
CA THR U 116 52.88 70.37 23.01
C THR U 116 54.23 71.06 22.80
N THR U 117 54.29 72.33 23.18
CA THR U 117 55.52 73.11 23.05
C THR U 117 56.44 72.80 24.22
N VAL U 118 57.58 72.19 23.94
CA VAL U 118 58.54 71.87 24.99
C VAL U 118 59.76 72.77 24.83
N THR U 119 60.31 73.21 25.95
CA THR U 119 61.46 74.10 25.93
C THR U 119 62.52 73.66 26.91
N VAL U 120 63.72 73.43 26.39
CA VAL U 120 64.86 73.04 27.23
C VAL U 120 65.37 74.33 27.85
N SER U 121 65.23 74.44 29.17
CA SER U 121 65.63 75.63 29.90
C SER U 121 66.02 75.33 31.35
N SER U 122 66.97 76.10 31.85
CA SER U 122 67.43 75.93 33.21
C SER U 122 66.49 76.68 34.14
N ALA U 123 65.48 77.31 33.54
CA ALA U 123 64.47 78.07 34.29
C ALA U 123 63.67 77.14 35.20
N TRP U 124 63.27 77.68 36.35
CA TRP U 124 62.51 76.92 37.34
C TRP U 124 60.99 77.08 37.19
N ARG U 125 60.29 75.96 37.35
CA ARG U 125 58.83 75.92 37.26
C ARG U 125 58.25 75.10 38.40
N HIS U 126 57.14 75.58 38.97
CA HIS U 126 56.47 74.91 40.08
C HIS U 126 55.95 73.53 39.64
N PRO U 127 56.48 72.45 40.22
CA PRO U 127 56.05 71.09 39.88
C PRO U 127 54.60 70.76 40.30
N ASP V 1 69.47 58.63 4.87
CA ASP V 1 68.50 59.73 5.14
C ASP V 1 68.22 60.57 3.90
N ILE V 2 67.07 60.34 3.28
CA ILE V 2 66.65 61.07 2.09
C ILE V 2 66.30 62.50 2.49
N GLU V 3 66.69 63.47 1.68
CA GLU V 3 66.42 64.86 1.99
C GLU V 3 65.56 65.58 0.95
N LEU V 4 64.56 66.30 1.44
CA LEU V 4 63.65 67.05 0.57
C LEU V 4 63.91 68.55 0.66
N THR V 5 63.64 69.24 -0.46
CA THR V 5 63.83 70.68 -0.53
C THR V 5 62.67 71.31 -1.29
N GLN V 6 61.82 72.03 -0.58
CA GLN V 6 60.67 72.69 -1.18
C GLN V 6 61.06 73.97 -1.89
N THR V 7 60.16 74.43 -2.77
CA THR V 7 60.38 75.65 -3.54
C THR V 7 59.06 76.16 -4.12
N PRO V 8 58.82 77.48 -4.05
CA PRO V 8 59.70 78.50 -3.46
C PRO V 8 59.57 78.61 -1.95
N VAL V 9 60.65 78.31 -1.23
CA VAL V 9 60.67 78.36 0.23
C VAL V 9 60.22 79.76 0.68
N SER V 10 58.99 79.83 1.19
CA SER V 10 58.39 81.07 1.67
C SER V 10 58.03 82.04 0.53
N LEU V 11 56.77 82.00 0.12
CA LEU V 11 56.27 82.84 -0.95
C LEU V 11 55.08 83.67 -0.45
N ALA V 12 54.54 84.52 -1.32
CA ALA V 12 53.40 85.36 -0.99
C ALA V 12 52.56 85.60 -2.23
N ALA V 13 51.28 85.90 -2.02
CA ALA V 13 50.35 86.16 -3.12
C ALA V 13 49.05 86.73 -2.62
N SER V 14 48.25 87.27 -3.54
CA SER V 14 46.97 87.88 -3.20
C SER V 14 45.85 86.83 -3.23
N LEU V 15 44.76 87.11 -2.51
CA LEU V 15 43.62 86.19 -2.45
C LEU V 15 42.92 86.07 -3.81
N GLY V 16 43.24 84.99 -4.53
CA GLY V 16 42.61 84.78 -5.82
C GLY V 16 43.44 83.99 -6.82
N ASP V 17 44.71 84.34 -6.97
CA ASP V 17 45.59 83.67 -7.93
C ASP V 17 45.97 82.23 -7.55
N ARG V 18 46.23 81.41 -8.56
CA ARG V 18 46.61 80.01 -8.37
C ARG V 18 48.10 79.81 -8.15
N VAL V 19 48.45 79.53 -6.90
CA VAL V 19 49.85 79.30 -6.50
C VAL V 19 50.24 77.84 -6.72
N THR V 20 51.53 77.60 -6.96
CA THR V 20 52.03 76.25 -7.20
C THR V 20 53.39 75.98 -6.54
N ILE V 21 53.35 75.27 -5.41
CA ILE V 21 54.56 74.91 -4.68
C ILE V 21 55.10 73.62 -5.29
N SER V 22 56.30 73.20 -4.87
CA SER V 22 56.89 71.98 -5.41
C SER V 22 58.04 71.44 -4.56
N CYS V 23 58.13 70.12 -4.46
CA CYS V 23 59.19 69.47 -3.68
C CYS V 23 60.17 68.75 -4.59
N ARG V 24 61.25 68.24 -4.00
CA ARG V 24 62.29 67.54 -4.73
C ARG V 24 63.12 66.73 -3.74
N ALA V 25 63.40 65.47 -4.08
CA ALA V 25 64.18 64.60 -3.21
C ALA V 25 65.51 64.17 -3.82
N SER V 26 66.39 63.65 -2.97
CA SER V 26 67.71 63.18 -3.40
C SER V 26 67.56 61.89 -4.19
N GLN V 27 66.90 60.91 -3.59
CA GLN V 27 66.65 59.62 -4.23
C GLN V 27 65.34 59.65 -5.01
N ASP V 28 65.03 58.54 -5.68
CA ASP V 28 63.80 58.42 -6.45
C ASP V 28 62.73 57.74 -5.62
N ILE V 29 61.68 58.49 -5.28
CA ILE V 29 60.56 57.94 -4.53
C ILE V 29 59.44 57.71 -5.55
N ASN V 30 58.81 56.54 -5.51
CA ASN V 30 57.73 56.20 -6.45
C ASN V 30 56.73 57.35 -6.61
N ASN V 31 55.85 57.48 -5.61
CA ASN V 31 54.83 58.53 -5.56
C ASN V 31 54.45 58.68 -4.09
N PHE V 32 55.29 58.08 -3.25
CA PHE V 32 55.11 58.09 -1.80
C PHE V 32 55.43 59.46 -1.19
N LEU V 33 54.58 60.44 -1.48
CA LEU V 33 54.76 61.78 -0.97
C LEU V 33 53.45 62.37 -0.46
N ASN V 34 53.49 62.86 0.78
CA ASN V 34 52.30 63.45 1.40
C ASN V 34 52.51 64.94 1.67
N TRP V 35 51.43 65.72 1.57
CA TRP V 35 51.47 67.16 1.82
C TRP V 35 50.69 67.50 3.09
N TYR V 36 51.25 68.39 3.91
CA TYR V 36 50.61 68.80 5.16
C TYR V 36 50.42 70.31 5.29
N GLN V 37 49.25 70.70 5.79
CA GLN V 37 48.92 72.11 6.01
C GLN V 37 49.17 72.42 7.47
N GLN V 38 49.91 73.50 7.73
CA GLN V 38 50.22 73.89 9.11
C GLN V 38 49.73 75.30 9.42
N LYS V 39 48.53 75.40 9.96
CA LYS V 39 47.93 76.68 10.34
C LYS V 39 48.82 77.43 11.32
N PRO V 40 48.74 78.78 11.33
CA PRO V 40 49.53 79.63 12.22
C PRO V 40 49.27 79.38 13.71
N ASP V 41 48.09 78.85 14.02
CA ASP V 41 47.69 78.55 15.40
C ASP V 41 48.26 77.25 15.97
N GLY V 42 49.24 76.68 15.27
CA GLY V 42 49.87 75.44 15.73
C GLY V 42 49.14 74.17 15.36
N THR V 43 48.08 74.28 14.57
CA THR V 43 47.30 73.12 14.14
C THR V 43 47.87 72.55 12.84
N ILE V 44 47.87 71.23 12.72
CA ILE V 44 48.39 70.56 11.52
C ILE V 44 47.49 69.42 11.04
N LYS V 45 47.02 69.55 9.80
CA LYS V 45 46.16 68.55 9.17
C LYS V 45 46.77 67.98 7.90
N LEU V 46 46.30 66.82 7.49
CA LEU V 46 46.78 66.18 6.27
C LEU V 46 46.01 66.75 5.09
N LEU V 47 46.73 67.07 4.02
CA LEU V 47 46.11 67.61 2.83
C LEU V 47 46.04 66.61 1.71
N ILE V 48 47.21 66.12 1.30
CA ILE V 48 47.34 65.18 0.21
C ILE V 48 48.28 64.05 0.59
N TYR V 49 47.95 62.83 0.17
CA TYR V 49 48.78 61.68 0.44
C TYR V 49 49.01 60.92 -0.87
N TYR V 50 50.08 60.13 -0.91
CA TYR V 50 50.45 59.37 -2.11
C TYR V 50 50.27 60.21 -3.38
N THR V 51 51.07 61.26 -3.47
CA THR V 51 51.11 62.22 -4.58
C THR V 51 49.87 63.04 -4.96
N SER V 52 48.72 62.39 -5.18
CA SER V 52 47.52 63.11 -5.60
C SER V 52 46.23 62.90 -4.80
N ARG V 53 46.18 61.85 -3.99
CA ARG V 53 44.98 61.54 -3.21
C ARG V 53 44.63 62.60 -2.17
N LEU V 54 43.40 63.09 -2.23
CA LEU V 54 42.92 64.09 -1.29
C LEU V 54 42.41 63.44 0.00
N HIS V 55 42.75 64.06 1.13
CA HIS V 55 42.31 63.55 2.42
C HIS V 55 40.91 64.06 2.69
N ALA V 56 40.22 63.43 3.65
CA ALA V 56 38.86 63.82 3.99
C ALA V 56 38.77 65.28 4.43
N GLY V 57 37.83 66.01 3.83
CA GLY V 57 37.62 67.39 4.18
C GLY V 57 38.40 68.44 3.42
N VAL V 58 39.38 68.04 2.63
CA VAL V 58 40.17 69.01 1.86
C VAL V 58 39.48 69.31 0.52
N PRO V 59 39.26 70.60 0.22
CA PRO V 59 38.62 71.09 -1.01
C PRO V 59 39.22 70.54 -2.30
N SER V 60 38.40 70.50 -3.36
CA SER V 60 38.83 69.99 -4.66
C SER V 60 39.86 70.90 -5.32
N ARG V 61 39.93 72.14 -4.85
CA ARG V 61 40.87 73.12 -5.37
C ARG V 61 42.32 72.84 -4.94
N PHE V 62 42.60 71.57 -4.65
CA PHE V 62 43.93 71.14 -4.24
C PHE V 62 44.43 69.99 -5.11
N SER V 63 45.30 70.30 -6.06
CA SER V 63 45.87 69.30 -6.96
C SER V 63 47.17 68.74 -6.40
N GLY V 64 47.64 67.65 -6.99
CA GLY V 64 48.88 67.03 -6.52
C GLY V 64 49.56 66.24 -7.62
N SER V 65 50.26 66.95 -8.50
CA SER V 65 50.98 66.33 -9.61
C SER V 65 52.39 65.90 -9.21
N GLY V 66 52.98 65.01 -9.98
CA GLY V 66 54.33 64.55 -9.69
C GLY V 66 54.63 63.08 -9.93
N SER V 67 55.93 62.76 -9.92
CA SER V 67 56.42 61.40 -10.13
C SER V 67 57.95 61.38 -10.05
N GLY V 68 58.52 60.22 -9.76
CA GLY V 68 59.96 60.08 -9.68
C GLY V 68 60.67 60.86 -8.58
N THR V 69 60.84 62.16 -8.78
CA THR V 69 61.52 63.01 -7.81
C THR V 69 60.95 64.43 -7.75
N ASP V 70 60.16 64.81 -8.76
CA ASP V 70 59.55 66.14 -8.82
C ASP V 70 58.07 66.05 -8.45
N TYR V 71 57.63 66.93 -7.56
CA TYR V 71 56.23 66.94 -7.11
C TYR V 71 55.68 68.35 -6.97
N SER V 72 54.36 68.47 -7.08
CA SER V 72 53.71 69.78 -6.99
C SER V 72 52.39 69.77 -6.21
N LEU V 73 51.98 70.95 -5.76
CA LEU V 73 50.74 71.14 -5.01
C LEU V 73 50.09 72.43 -5.52
N THR V 74 49.20 72.30 -6.50
CA THR V 74 48.52 73.44 -7.07
C THR V 74 47.22 73.77 -6.35
N ILE V 75 46.81 75.03 -6.41
CA ILE V 75 45.56 75.49 -5.79
C ILE V 75 44.77 76.30 -6.83
N SER V 76 43.83 77.12 -6.39
CA SER V 76 43.02 77.94 -7.29
C SER V 76 42.78 79.33 -6.71
N ASN V 77 42.61 79.38 -5.40
CA ASN V 77 42.38 80.63 -4.66
C ASN V 77 42.55 80.38 -3.16
N LEU V 78 42.44 81.44 -2.36
CA LEU V 78 42.60 81.32 -0.91
C LEU V 78 41.42 81.93 -0.14
N GLU V 79 40.23 81.35 -0.31
CA GLU V 79 39.02 81.81 0.36
C GLU V 79 38.40 80.72 1.24
N PRO V 80 38.21 81.00 2.55
CA PRO V 80 38.52 82.26 3.26
C PRO V 80 40.02 82.62 3.28
N GLU V 81 40.85 81.69 3.75
CA GLU V 81 42.30 81.90 3.79
C GLU V 81 43.04 80.59 4.05
N ASP V 82 44.02 80.32 3.19
CA ASP V 82 44.83 79.12 3.32
C ASP V 82 46.23 79.55 3.71
N ILE V 83 46.31 80.61 4.51
CA ILE V 83 47.57 81.14 4.99
C ILE V 83 48.18 80.22 6.04
N ALA V 84 49.19 79.46 5.63
CA ALA V 84 49.87 78.52 6.49
C ALA V 84 51.08 77.93 5.76
N THR V 85 51.98 77.32 6.53
CA THR V 85 53.17 76.70 5.95
C THR V 85 52.85 75.29 5.46
N TYR V 86 53.16 75.02 4.19
CA TYR V 86 52.90 73.71 3.61
C TYR V 86 54.16 72.85 3.59
N PHE V 87 54.05 71.63 4.13
CA PHE V 87 55.17 70.70 4.19
C PHE V 87 54.92 69.48 3.29
N CYS V 88 55.97 68.71 3.04
CA CYS V 88 55.88 67.50 2.24
C CYS V 88 56.83 66.44 2.80
N GLN V 89 56.37 65.20 2.84
CA GLN V 89 57.18 64.10 3.36
C GLN V 89 57.18 62.92 2.40
N HIS V 90 58.10 62.00 2.63
CA HIS V 90 58.23 60.80 1.81
C HIS V 90 58.09 59.61 2.75
N HIS V 91 57.97 58.40 2.19
CA HIS V 91 57.84 57.21 3.01
C HIS V 91 58.16 55.86 2.33
N ILE V 92 59.02 55.86 1.31
CA ILE V 92 59.38 54.61 0.62
C ILE V 92 60.17 53.71 1.57
N LYS V 93 60.87 54.34 2.50
CA LYS V 93 61.67 53.65 3.51
C LYS V 93 61.97 54.60 4.67
N PHE V 94 62.34 54.02 5.80
CA PHE V 94 62.66 54.78 7.00
C PHE V 94 64.12 55.24 7.01
N PRO V 95 64.40 56.41 7.61
CA PRO V 95 63.43 57.29 8.26
C PRO V 95 62.68 58.20 7.27
N TRP V 96 61.54 58.69 7.70
CA TRP V 96 60.74 59.59 6.87
C TRP V 96 61.33 60.99 7.03
N THR V 97 61.15 61.83 6.01
CA THR V 97 61.69 63.18 6.05
C THR V 97 60.72 64.20 5.46
N PHE V 98 60.71 65.39 6.06
CA PHE V 98 59.84 66.48 5.61
C PHE V 98 60.63 67.56 4.86
N GLY V 99 59.90 68.46 4.22
CA GLY V 99 60.51 69.54 3.47
C GLY V 99 60.92 70.70 4.34
N ALA V 100 61.38 71.76 3.70
CA ALA V 100 61.83 72.96 4.39
C ALA V 100 60.64 73.83 4.84
N GLY V 101 59.53 73.70 4.13
CA GLY V 101 58.35 74.48 4.45
C GLY V 101 58.16 75.58 3.42
N THR V 102 56.92 76.02 3.27
CA THR V 102 56.60 77.07 2.31
C THR V 102 55.45 77.92 2.82
N LYS V 103 55.79 79.04 3.45
CA LYS V 103 54.79 79.97 3.98
C LYS V 103 53.98 80.56 2.83
N LEU V 104 52.69 80.77 3.06
CA LEU V 104 51.83 81.34 2.02
C LEU V 104 51.13 82.59 2.55
N GLU V 105 51.91 83.63 2.78
CA GLU V 105 51.39 84.90 3.28
C GLU V 105 50.68 85.70 2.19
N ILE V 106 49.73 86.53 2.61
CA ILE V 106 48.97 87.36 1.68
C ILE V 106 49.40 88.83 1.76
N LYS V 107 49.87 89.36 0.63
CA LYS V 107 50.33 90.74 0.54
C LYS V 107 50.37 91.22 -0.91
N ALA W 1 57.35 31.21 -55.07
CA ALA W 1 58.61 31.88 -55.52
C ALA W 1 59.81 30.93 -55.44
N LYS W 2 60.90 31.32 -56.10
CA LYS W 2 62.13 30.52 -56.13
C LYS W 2 62.97 30.64 -54.85
N GLU W 3 64.14 29.99 -54.86
CA GLU W 3 65.10 29.98 -53.73
C GLU W 3 64.68 29.15 -52.51
N SER W 4 63.57 28.43 -52.63
CA SER W 4 63.05 27.58 -51.56
C SER W 4 62.27 26.41 -52.16
N THR W 5 62.29 26.34 -53.50
CA THR W 5 61.59 25.31 -54.25
C THR W 5 62.56 24.34 -54.96
N GLY W 6 62.05 23.62 -55.95
CA GLY W 6 62.88 22.68 -56.68
C GLY W 6 62.10 21.75 -57.58
N PHE W 7 61.22 22.31 -58.42
CA PHE W 7 60.43 21.50 -59.34
C PHE W 7 61.30 20.94 -60.47
N LYS W 8 61.08 19.66 -60.77
CA LYS W 8 61.80 18.97 -61.82
C LYS W 8 60.76 18.08 -62.49
N PRO W 9 60.84 17.92 -63.83
CA PRO W 9 59.89 17.07 -64.56
C PRO W 9 59.79 15.66 -63.99
N GLY W 10 58.77 14.92 -64.44
CA GLY W 10 58.59 13.56 -63.95
C GLY W 10 57.61 12.74 -64.78
N SER W 11 56.98 11.76 -64.14
CA SER W 11 56.01 10.89 -64.81
C SER W 11 54.61 11.50 -64.92
N ALA W 12 54.12 11.58 -66.14
CA ALA W 12 52.78 12.12 -66.42
C ALA W 12 51.67 11.10 -66.15
N LYS W 13 52.02 9.81 -66.18
CA LYS W 13 51.07 8.73 -65.92
C LYS W 13 50.91 8.58 -64.41
N LYS W 14 52.04 8.63 -63.71
CA LYS W 14 52.09 8.52 -62.26
C LYS W 14 51.32 9.69 -61.65
N GLY W 15 51.41 10.85 -62.30
CA GLY W 15 50.73 12.04 -61.84
C GLY W 15 49.27 12.08 -62.28
N ALA W 16 48.94 11.33 -63.33
CA ALA W 16 47.57 11.29 -63.85
C ALA W 16 46.61 10.60 -62.89
N THR W 17 47.10 9.56 -62.20
CA THR W 17 46.30 8.83 -61.23
C THR W 17 46.42 9.49 -59.86
N LEU W 18 47.52 10.20 -59.67
CA LEU W 18 47.79 10.91 -58.42
C LEU W 18 46.77 12.06 -58.32
N PHE W 19 46.38 12.59 -59.47
CA PHE W 19 45.41 13.66 -59.55
C PHE W 19 44.04 13.04 -59.34
N LYS W 20 43.82 11.90 -59.98
CA LYS W 20 42.57 11.16 -59.91
C LYS W 20 42.19 10.78 -58.48
N THR W 21 43.17 10.33 -57.72
CA THR W 21 42.94 9.89 -56.35
C THR W 21 42.96 10.97 -55.27
N ARG W 22 43.75 12.02 -55.49
N ARG W 22 43.73 12.03 -55.49
CA ARG W 22 43.85 13.08 -54.50
CA ARG W 22 43.85 13.08 -54.50
C ARG W 22 43.39 14.46 -54.95
C ARG W 22 43.39 14.46 -54.94
N CYS W 23 42.91 14.57 -56.18
CA CYS W 23 42.48 15.88 -56.68
C CYS W 23 41.14 16.00 -57.41
N GLN W 24 40.81 15.05 -58.29
CA GLN W 24 39.56 15.19 -59.04
C GLN W 24 38.23 15.12 -58.32
N GLN W 25 38.26 14.81 -57.02
CA GLN W 25 37.03 14.77 -56.24
C GLN W 25 36.39 16.17 -56.30
N CYS W 26 37.21 17.18 -56.02
CA CYS W 26 36.77 18.57 -55.99
C CYS W 26 37.12 19.35 -57.26
N HIS W 27 38.02 18.81 -58.09
CA HIS W 27 38.46 19.51 -59.30
C HIS W 27 38.26 18.76 -60.62
N THR W 28 38.14 19.56 -61.69
CA THR W 28 38.03 19.06 -63.07
C THR W 28 39.13 19.88 -63.76
N ILE W 29 40.00 19.23 -64.51
CA ILE W 29 41.10 19.92 -65.15
C ILE W 29 40.99 20.10 -66.67
N GLU W 30 39.94 19.53 -67.25
CA GLU W 30 39.71 19.61 -68.69
C GLU W 30 39.12 20.96 -69.10
N GLU W 31 39.37 21.36 -70.34
CA GLU W 31 38.84 22.60 -70.88
C GLU W 31 37.34 22.38 -71.08
N GLY W 32 36.53 23.22 -70.44
CA GLY W 32 35.10 23.07 -70.53
C GLY W 32 34.60 22.22 -69.38
N GLY W 33 35.42 22.08 -68.35
CA GLY W 33 35.06 21.31 -67.17
C GLY W 33 34.39 22.23 -66.17
N PRO W 34 33.25 21.80 -65.60
CA PRO W 34 32.52 22.61 -64.62
C PRO W 34 33.21 22.78 -63.27
N ASN W 35 32.75 23.75 -62.49
CA ASN W 35 33.30 23.99 -61.17
C ASN W 35 32.55 23.10 -60.19
N LYS W 36 33.26 22.61 -59.18
CA LYS W 36 32.69 21.74 -58.17
C LYS W 36 33.02 22.32 -56.78
N VAL W 37 33.46 21.48 -55.85
CA VAL W 37 33.85 21.97 -54.53
C VAL W 37 34.96 22.98 -54.77
N GLY W 38 35.84 22.64 -55.70
CA GLY W 38 36.95 23.50 -56.08
C GLY W 38 36.80 23.96 -57.52
N PRO W 39 37.51 25.04 -57.91
CA PRO W 39 37.44 25.58 -59.28
C PRO W 39 38.11 24.70 -60.33
N ASN W 40 37.67 24.87 -61.58
CA ASN W 40 38.23 24.13 -62.72
C ASN W 40 39.69 24.53 -62.86
N LEU W 41 40.54 23.55 -63.16
CA LEU W 41 41.97 23.81 -63.25
C LEU W 41 42.60 23.94 -64.63
N HIS W 42 41.81 23.93 -65.70
CA HIS W 42 42.39 24.06 -67.03
C HIS W 42 42.97 25.45 -67.28
N GLY W 43 44.22 25.47 -67.77
CA GLY W 43 44.90 26.72 -68.05
C GLY W 43 45.29 27.49 -66.81
N ILE W 44 45.24 26.82 -65.67
CA ILE W 44 45.58 27.45 -64.40
C ILE W 44 47.01 27.98 -64.35
N PHE W 45 47.92 27.29 -65.02
CA PHE W 45 49.32 27.69 -65.05
C PHE W 45 49.62 29.03 -65.72
N GLY W 46 48.60 29.63 -66.32
CA GLY W 46 48.78 30.92 -66.95
C GLY W 46 48.37 32.05 -66.02
N ARG W 47 47.07 32.12 -65.74
CA ARG W 47 46.47 33.15 -64.89
C ARG W 47 46.91 33.24 -63.43
N HIS W 48 46.40 34.28 -62.76
CA HIS W 48 46.69 34.54 -61.34
C HIS W 48 45.70 33.79 -60.43
N SER W 49 46.02 33.73 -59.14
CA SER W 49 45.19 33.02 -58.17
C SER W 49 43.81 33.62 -57.92
N GLY W 50 42.79 32.76 -57.95
CA GLY W 50 41.44 33.19 -57.72
C GLY W 50 40.80 33.94 -58.86
N GLN W 51 40.94 33.42 -60.08
CA GLN W 51 40.37 34.08 -61.25
C GLN W 51 39.39 33.27 -62.09
N VAL W 52 39.25 31.97 -61.80
CA VAL W 52 38.31 31.14 -62.54
C VAL W 52 36.93 31.77 -62.42
N LYS W 53 36.31 32.03 -63.56
CA LYS W 53 34.99 32.65 -63.60
C LYS W 53 33.89 31.74 -63.05
N GLY W 54 32.97 32.33 -62.30
CA GLY W 54 31.85 31.58 -61.74
C GLY W 54 32.16 30.74 -60.50
N TYR W 55 33.27 31.04 -59.83
CA TYR W 55 33.63 30.30 -58.63
C TYR W 55 33.85 31.24 -57.45
N SER W 56 33.11 30.98 -56.37
CA SER W 56 33.23 31.79 -55.17
C SER W 56 34.50 31.41 -54.41
N TYR W 57 35.51 32.28 -54.51
CA TYR W 57 36.80 32.08 -53.86
C TYR W 57 36.87 32.66 -52.47
N THR W 58 37.92 32.27 -51.77
CA THR W 58 38.21 32.76 -50.44
C THR W 58 38.99 34.07 -50.65
N ASP W 59 38.82 35.03 -49.75
CA ASP W 59 39.56 36.28 -49.90
C ASP W 59 41.06 36.03 -49.84
N ALA W 60 41.48 35.06 -49.03
CA ALA W 60 42.90 34.73 -48.90
C ALA W 60 43.50 34.17 -50.19
N ASN W 61 42.67 33.50 -51.00
CA ASN W 61 43.13 32.93 -52.26
C ASN W 61 43.27 34.02 -53.33
N ILE W 62 42.32 34.94 -53.36
CA ILE W 62 42.35 36.04 -54.32
C ILE W 62 43.48 36.98 -53.92
N ASN W 63 43.58 37.26 -52.62
CA ASN W 63 44.62 38.14 -52.09
C ASN W 63 46.00 37.50 -52.07
N LYS W 64 46.13 36.31 -52.64
CA LYS W 64 47.45 35.67 -52.67
C LYS W 64 48.22 36.22 -53.86
N ASN W 65 47.46 36.59 -54.90
CA ASN W 65 47.98 37.16 -56.13
C ASN W 65 49.28 36.50 -56.57
N VAL W 66 49.17 35.26 -57.06
CA VAL W 66 50.34 34.52 -57.53
C VAL W 66 50.14 34.03 -58.95
N LYS W 67 51.19 34.18 -59.77
CA LYS W 67 51.15 33.69 -61.14
C LYS W 67 51.48 32.21 -60.97
N TRP W 68 50.49 31.35 -61.20
CA TRP W 68 50.70 29.93 -61.02
C TRP W 68 51.72 29.31 -61.98
N ASP W 69 52.93 29.07 -61.46
CA ASP W 69 53.97 28.42 -62.24
C ASP W 69 54.29 27.11 -61.52
N GLU W 70 55.10 26.26 -62.13
CA GLU W 70 55.46 24.98 -61.54
C GLU W 70 55.97 25.06 -60.10
N ASP W 71 56.89 25.99 -59.85
CA ASP W 71 57.48 26.18 -58.52
C ASP W 71 56.50 26.64 -57.44
N SER W 72 55.59 27.52 -57.84
CA SER W 72 54.58 28.03 -56.92
C SER W 72 53.57 26.93 -56.58
N MET W 73 53.15 26.19 -57.61
CA MET W 73 52.20 25.10 -57.45
C MET W 73 52.82 24.03 -56.55
N SER W 74 54.12 23.82 -56.69
CA SER W 74 54.82 22.83 -55.87
C SER W 74 54.84 23.23 -54.40
N GLU W 75 55.16 24.49 -54.13
CA GLU W 75 55.21 24.99 -52.76
C GLU W 75 53.82 24.98 -52.12
N TYR W 76 52.81 25.22 -52.96
CA TYR W 76 51.42 25.24 -52.54
C TYR W 76 50.95 23.84 -52.19
N LEU W 77 51.17 22.90 -53.11
CA LEU W 77 50.75 21.52 -52.92
C LEU W 77 51.41 20.81 -51.75
N THR W 78 52.50 21.38 -51.25
CA THR W 78 53.25 20.82 -50.13
C THR W 78 52.45 21.02 -48.84
N ASN W 79 51.92 22.23 -48.67
CA ASN W 79 51.12 22.57 -47.50
C ASN W 79 50.31 23.81 -47.85
N PRO W 80 49.12 23.60 -48.47
CA PRO W 80 48.19 24.64 -48.91
C PRO W 80 47.92 25.75 -47.92
N LYS W 82 49.61 26.69 -45.44
CA LYS W 82 50.83 27.33 -44.94
C LYS W 82 51.14 28.43 -45.97
N TYR W 83 50.95 28.08 -47.24
CA TYR W 83 51.19 28.97 -48.37
C TYR W 83 50.10 30.02 -48.46
N ILE W 84 48.86 29.58 -48.28
CA ILE W 84 47.72 30.48 -48.33
C ILE W 84 46.87 30.34 -47.05
N PRO W 85 47.26 31.03 -45.97
CA PRO W 85 46.53 30.98 -44.70
C PRO W 85 45.08 31.44 -44.85
N GLY W 86 44.15 30.53 -44.61
CA GLY W 86 42.74 30.84 -44.71
C GLY W 86 42.03 30.24 -45.90
N THR W 87 42.76 29.52 -46.75
CA THR W 87 42.14 28.91 -47.93
C THR W 87 41.16 27.83 -47.48
N LYS W 88 40.03 27.74 -48.18
CA LYS W 88 39.02 26.73 -47.86
C LYS W 88 39.32 25.39 -48.52
N MET W 89 40.53 25.24 -49.06
CA MET W 89 40.92 23.98 -49.69
C MET W 89 41.25 22.95 -48.61
N ALA W 90 40.49 21.86 -48.59
CA ALA W 90 40.69 20.80 -47.62
C ALA W 90 41.65 19.78 -48.23
N PHE W 91 42.93 19.89 -47.85
CA PHE W 91 43.95 18.99 -48.36
C PHE W 91 45.20 19.27 -47.54
N ALA W 92 45.72 18.22 -46.90
CA ALA W 92 46.91 18.35 -46.08
C ALA W 92 48.14 18.67 -46.90
N GLY W 93 48.28 18.02 -48.06
CA GLY W 93 49.42 18.26 -48.93
C GLY W 93 50.23 17.05 -49.37
N LEU W 94 50.88 17.19 -50.53
CA LEU W 94 51.74 16.16 -51.10
C LEU W 94 53.11 16.41 -50.51
N LYS W 95 53.38 15.75 -49.39
CA LYS W 95 54.65 15.92 -48.66
C LYS W 95 55.93 15.40 -49.32
N LYS W 96 55.82 14.45 -50.23
CA LYS W 96 57.00 13.90 -50.91
C LYS W 96 57.32 14.67 -52.18
N GLU W 97 58.56 15.16 -52.26
CA GLU W 97 59.03 15.95 -53.40
C GLU W 97 58.76 15.38 -54.79
N LYS W 98 58.95 14.08 -54.97
CA LYS W 98 58.72 13.47 -56.28
C LYS W 98 57.23 13.35 -56.61
N ASP W 99 56.40 13.21 -55.58
CA ASP W 99 54.96 13.10 -55.77
C ASP W 99 54.39 14.35 -56.43
N ARG W 100 54.70 15.51 -55.87
CA ARG W 100 54.21 16.75 -56.45
C ARG W 100 54.83 17.05 -57.82
N ASN W 101 56.05 16.57 -58.04
CA ASN W 101 56.72 16.76 -59.33
C ASN W 101 55.95 15.99 -60.39
N ASP W 102 55.64 14.72 -60.10
CA ASP W 102 54.91 13.87 -61.03
C ASP W 102 53.48 14.40 -61.27
N LEU W 103 52.86 14.95 -60.25
CA LEU W 103 51.51 15.50 -60.37
C LEU W 103 51.51 16.77 -61.22
N ILE W 104 52.44 17.68 -60.93
CA ILE W 104 52.54 18.94 -61.66
C ILE W 104 52.86 18.69 -63.14
N THR W 105 53.60 17.62 -63.42
CA THR W 105 53.96 17.26 -64.78
C THR W 105 52.67 16.98 -65.55
N TYR W 106 51.84 16.09 -65.01
CA TYR W 106 50.56 15.76 -65.63
C TYR W 106 49.70 17.00 -65.72
N MET W 107 49.69 17.79 -64.65
CA MET W 107 48.90 19.01 -64.59
C MET W 107 49.22 19.98 -65.71
N THR W 108 50.51 20.29 -65.88
CA THR W 108 50.97 21.21 -66.91
C THR W 108 50.47 20.81 -68.29
N LYS W 109 50.41 19.50 -68.54
CA LYS W 109 49.93 18.98 -69.82
C LYS W 109 48.43 19.15 -70.02
N ALA W 110 47.65 18.66 -69.05
CA ALA W 110 46.19 18.76 -69.13
C ALA W 110 45.70 20.19 -68.91
N ALA W 111 46.55 21.03 -68.33
CA ALA W 111 46.23 22.43 -68.06
C ALA W 111 46.13 23.22 -69.36
N LYS W 112 47.15 23.11 -70.22
CA LYS W 112 47.14 23.83 -71.49
C LYS W 112 46.40 23.04 -72.57
#